data_9FAU
#
_entry.id   9FAU
#
_cell.length_a   1.00
_cell.length_b   1.00
_cell.length_c   1.00
_cell.angle_alpha   90.00
_cell.angle_beta   90.00
_cell.angle_gamma   90.00
#
_symmetry.space_group_name_H-M   'P 1'
#
loop_
_entity.id
_entity.type
_entity.pdbx_description
1 polymer 'Gamma-aminobutyric acid receptor subunit beta-3'
2 polymer 'Isoform 2 of Gamma-aminobutyric acid receptor subunit gamma-2'
3 polymer Neuroligin-2
4 polymer 'LHFPL tetraspan subfamily member 4 protein'
5 polymer Megabody25
6 branched alpha-D-mannopyranose-(1-3)-[alpha-D-mannopyranose-(1-6)]alpha-D-mannopyranose-(1-6)-[alpha-D-mannopyranose-(1-3)]beta-D-mannopyranose-(1-4)-2-acetamido-2-deoxy-beta-D-glucopyranose-(1-4)-2-acetamido-2-deoxy-beta-D-glucopyranose
7 branched beta-D-mannopyranose-(1-4)-2-acetamido-2-deoxy-beta-D-glucopyranose-(1-4)-2-acetamido-2-deoxy-beta-D-glucopyranose
8 branched 2-acetamido-2-deoxy-beta-D-glucopyranose-(1-4)-2-acetamido-2-deoxy-beta-D-glucopyranose
9 branched alpha-D-mannopyranose-(1-3)-alpha-D-mannopyranose-(1-6)-[alpha-D-mannopyranose-(1-3)]beta-D-mannopyranose-(1-4)-2-acetamido-2-deoxy-beta-D-glucopyranose-(1-4)-2-acetamido-2-deoxy-beta-D-glucopyranose
10 branched alpha-D-mannopyranose-(1-3)-[alpha-D-mannopyranose-(1-6)]beta-D-mannopyranose-(1-4)-2-acetamido-2-deoxy-beta-D-glucopyranose-(1-4)-2-acetamido-2-deoxy-beta-D-glucopyranose
11 non-polymer HEXANE
12 non-polymer DECANE
13 non-polymer '(1R)-2-{[(S)-{[(2S)-2,3-dihydroxypropyl]oxy}(hydroxy)phosphoryl]oxy}-1-[(hexadecanoyloxy)methyl]ethyl (9Z)-octadec-9-enoate'
14 non-polymer 1,2-DILAUROYL-SN-GLYCERO-3-PHOSPHATE
15 non-polymer 2-acetamido-2-deoxy-beta-D-glucopyranose
16 non-polymer HEXADECANE
17 non-polymer 'PALMITIC ACID'
18 non-polymer CHOLESTEROL
#
loop_
_entity_poly.entity_id
_entity_poly.type
_entity_poly.pdbx_seq_one_letter_code
_entity_poly.pdbx_strand_id
1 'polypeptide(L)'
;MSFVKETVDKLLKGYDIRLRPDFGGPPVCVGMNIDIASIDMVSEVNMDYTLTMYFQQYWRDKRLAYSGIPLNLTLDNRVA
DQLWVPDTYFLNDKKSFVHGVTVKNRMIRLHPDGTVLYGLRITTTAACMMDLRRYPLDEQNCTLEIESYGYTTDDIEFYW
RGGDKAVTGVERIELPQFSIVEHRLVSRNVVFATGAYPRLSLSFRLKRNIGYFILQTYMPSILITILSWVSFWINYDASA
ARVALGITTVLTMTTINTHLRETLPKIPYVKAIDMYLMGCFVFVFLALLEYAFVNYIFFGRGPQRQKKLAEKTAKAKNDR
SKSESNRVDAHGNILLTSLEVHNEMNEVSGGIGDTRNSAISFDNSGIQYRKQSMPREGHGRFLGDRSLPHKKTHLRRRSS
QLKIKIPDLTDVNAIDRWSRIVFPFTFSLFNLVYWLYYV
;
B,E,A,D
2 'polypeptide(L)'
;DVTVILNNLLEGYDNKLRPDIGVKPTLIHTDMYVNSIGPVNAINMEYTIDIFFAQTWYDRRLKFNSTIKVLRLNSNMVGK
IWIPDTFFRNSKKADAHWITTPNRMLRIWNDGRVLYTLRLTIDAECQLQLHNFPMDEHSCPLEFSSYGYPREEIVYQWKR
SSVEVGDTRSWRLYQFSFVGLRNTTEVVKTTSGDYVVMSVYFDLSRRMGYFTIQTYIPCTLIVVLSWVSFWINKDAVPAR
TSLGITTVLTMTTLSTIARKSLPKVSYVTAMDLFVSVCFIFVFSALVEYGTLHYFVSNRKPSKDKDKKKKNPAPTIDIRP
RSATIQMNNATHLQERDEEYGYECLDGKDCASFF(P1L)(P1L)FED(P1L)RTGAWRHGRIHIRIAKMDSYARIFFPTA
FCLFNLVYWVSYLYLG
;
C
3 'polypeptide(L)' DSRDYSTELSVTVAVGASLLFLNILAFAALYYK H
4 'polypeptide(L)'
;MRNSRAIGVLWAIFTICFAIINVVVFIQPYWVGDSVSTPKPGYFGLFHYCVGSGLAGRELTCRGSFTDFSTIPSSAFKAA
AFFVLLSMVLILGCITCFSLFFFCNTATVYKICAWMQLLAALCLVLGCMIFPDGWDAETIRDMCGAKTGKYSLGDCSVRW
AYILAIIGILNALILSFLAFVLGNRQTD
;
L
5 'polypeptide(L)'
;QVQLVESGGGLVQTKTTTSVIDTTNDAQNLLTQAQTIVNTLKDYCPILIAKSSSSNGGTNNANTPSWQTAGGGKNSCATF
GAEFSAASDMINNAQKIVQETQQLSANQPKNITQPHNLNLNSPSSLTALAQKMLKNAQSQAEILKLANQVESDFNKLSSG
HLKDYIGKCDASAISSANMTMQNQKNNWGNGCAGVEETQSLLKTSAADFNNQTPQINQAQNLANTLIQELGNNTYEQLSR
LLTNDNGTNSKTSAQAINQAVNNLNERAKTLAGGTTNSPAYQATLLALRSVLGLWNSMGYAVICGGYTKSPGENNQKDFH
YTDENGNGTTINCGGSTNSNGTHSYNGTNTLKADKNVSLSIEQYEKIHEAYQILSKALKQAGLAPLNSKGEKLEAHVTTS
KYGSLRLSCAASGHTFNYPIMGWFRQAPGKEREFVGAISWSGGSTSYADSVKDRFTISRDNAKNTVYLEMNNLKPEDTAV
YYCAAKGRYSGGLYYPTNYDYWGQGTQVTVSSHHHHHHEPEA
;
K,O,F
#
loop_
_chem_comp.id
_chem_comp.type
_chem_comp.name
_chem_comp.formula
BMA D-saccharide, beta linking beta-D-mannopyranose 'C6 H12 O6'
CLR non-polymer CHOLESTEROL 'C27 H46 O'
D10 non-polymer DECANE 'C10 H22'
HEX non-polymer HEXANE 'C6 H14'
MAN D-saccharide, alpha linking alpha-D-mannopyranose 'C6 H12 O6'
NAG D-saccharide, beta linking 2-acetamido-2-deoxy-beta-D-glucopyranose 'C8 H15 N O6'
PGW non-polymer '(1R)-2-{[(S)-{[(2S)-2,3-dihydroxypropyl]oxy}(hydroxy)phosphoryl]oxy}-1-[(hexadecanoyloxy)methyl]ethyl (9Z)-octadec-9-enoate' 'C40 H77 O10 P'
PLM non-polymer 'PALMITIC ACID' 'C16 H32 O2'
PX2 non-polymer 1,2-DILAUROYL-SN-GLYCERO-3-PHOSPHATE 'C27 H52 O8 P -1'
R16 non-polymer HEXADECANE 'C16 H34'
#
# COMPACT_ATOMS: atom_id res chain seq x y z
N MET A 1 4.34 -13.45 55.02
CA MET A 1 4.12 -12.79 53.74
C MET A 1 5.34 -11.97 53.36
N SER A 2 5.99 -11.37 54.36
CA SER A 2 7.25 -10.66 54.13
C SER A 2 8.41 -11.61 53.81
N PHE A 3 8.23 -12.92 54.03
CA PHE A 3 9.28 -13.87 53.69
C PHE A 3 9.58 -13.84 52.20
N VAL A 4 8.54 -13.73 51.37
CA VAL A 4 8.75 -13.65 49.93
C VAL A 4 9.51 -12.39 49.57
N LYS A 5 9.17 -11.26 50.20
CA LYS A 5 9.88 -10.01 49.94
C LYS A 5 11.35 -10.13 50.30
N GLU A 6 11.65 -10.69 51.47
CA GLU A 6 13.04 -10.86 51.87
C GLU A 6 13.76 -11.82 50.93
N THR A 7 13.09 -12.87 50.48
CA THR A 7 13.71 -13.84 49.59
C THR A 7 14.07 -13.19 48.25
N VAL A 8 13.14 -12.44 47.66
CA VAL A 8 13.43 -11.83 46.36
C VAL A 8 14.49 -10.74 46.51
N ASP A 9 14.47 -10.01 47.63
CA ASP A 9 15.52 -9.02 47.87
C ASP A 9 16.89 -9.69 47.98
N LYS A 10 16.97 -10.81 48.69
CA LYS A 10 18.23 -11.53 48.81
C LYS A 10 18.69 -12.07 47.45
N LEU A 11 17.75 -12.58 46.66
CA LEU A 11 18.09 -13.10 45.34
C LEU A 11 18.65 -12.01 44.45
N LEU A 12 17.97 -10.86 44.38
CA LEU A 12 18.43 -9.78 43.51
C LEU A 12 19.64 -9.04 44.06
N LYS A 13 19.93 -9.18 45.35
CA LYS A 13 21.09 -8.51 45.93
C LYS A 13 22.38 -9.09 45.38
N GLY A 14 23.31 -8.22 45.01
CA GLY A 14 24.59 -8.65 44.50
C GLY A 14 24.51 -9.50 43.25
N TYR A 15 23.58 -9.20 42.36
CA TYR A 15 23.37 -9.95 41.13
C TYR A 15 23.96 -9.15 39.97
N ASP A 16 24.94 -9.75 39.28
CA ASP A 16 25.58 -9.12 38.14
C ASP A 16 24.83 -9.47 36.87
N ILE A 17 24.24 -8.46 36.23
CA ILE A 17 23.45 -8.68 35.01
C ILE A 17 24.30 -8.97 33.79
N ARG A 18 25.60 -8.68 33.84
CA ARG A 18 26.49 -8.87 32.70
C ARG A 18 27.13 -10.24 32.65
N LEU A 19 26.89 -11.10 33.64
CA LEU A 19 27.54 -12.40 33.77
C LEU A 19 26.51 -13.50 33.55
N ARG A 20 26.76 -14.39 32.59
CA ARG A 20 25.84 -15.46 32.31
C ARG A 20 25.87 -16.50 33.43
N PRO A 21 24.84 -17.35 33.54
CA PRO A 21 24.93 -18.47 34.49
C PRO A 21 26.09 -19.40 34.14
N ASP A 22 26.86 -19.77 35.16
CA ASP A 22 28.07 -20.58 34.97
C ASP A 22 29.00 -19.92 33.96
N PHE A 23 29.49 -18.73 34.29
CA PHE A 23 30.30 -17.96 33.35
C PHE A 23 31.58 -18.70 32.99
N GLY A 24 32.26 -19.27 33.98
CA GLY A 24 33.42 -20.10 33.77
C GLY A 24 33.13 -21.58 33.57
N GLY A 25 31.89 -21.99 33.77
CA GLY A 25 31.52 -23.39 33.69
C GLY A 25 31.14 -23.81 32.27
N PRO A 26 30.49 -24.95 32.13
CA PRO A 26 30.04 -25.38 30.81
C PRO A 26 29.01 -24.41 30.27
N PRO A 27 28.72 -24.47 28.97
CA PRO A 27 27.78 -23.50 28.39
C PRO A 27 26.38 -23.65 28.94
N VAL A 28 25.65 -22.54 29.00
CA VAL A 28 24.27 -22.56 29.46
C VAL A 28 23.38 -23.10 28.35
N CYS A 29 22.49 -24.01 28.72
CA CYS A 29 21.60 -24.68 27.78
C CYS A 29 20.22 -24.04 27.90
N VAL A 30 19.71 -23.53 26.78
CA VAL A 30 18.47 -22.76 26.73
C VAL A 30 17.46 -23.52 25.90
N GLY A 31 16.31 -23.83 26.50
CA GLY A 31 15.20 -24.39 25.76
C GLY A 31 14.32 -23.27 25.24
N MET A 32 13.70 -23.50 24.09
CA MET A 32 12.85 -22.51 23.44
C MET A 32 11.49 -23.12 23.10
N ASN A 33 10.47 -22.27 23.11
CA ASN A 33 9.10 -22.67 22.86
C ASN A 33 8.40 -21.52 22.15
N ILE A 34 7.53 -21.86 21.21
CA ILE A 34 6.82 -20.87 20.41
C ILE A 34 5.35 -21.26 20.34
N ASP A 35 4.47 -20.26 20.40
CA ASP A 35 3.05 -20.46 20.12
C ASP A 35 2.69 -19.42 19.07
N ILE A 36 2.37 -19.88 17.86
CA ILE A 36 2.07 -18.98 16.75
C ILE A 36 0.64 -18.49 16.93
N ALA A 37 0.48 -17.20 17.25
CA ALA A 37 -0.85 -16.64 17.38
C ALA A 37 -1.52 -16.47 16.03
N SER A 38 -0.79 -15.97 15.04
CA SER A 38 -1.34 -15.75 13.71
C SER A 38 -0.23 -15.39 12.75
N ILE A 39 -0.33 -15.91 11.52
CA ILE A 39 0.50 -15.47 10.40
C ILE A 39 -0.36 -14.50 9.61
N ASP A 40 -0.10 -13.21 9.78
CA ASP A 40 -1.05 -12.19 9.35
C ASP A 40 -1.13 -12.12 7.83
N MET A 41 -0.02 -11.80 7.16
CA MET A 41 0.01 -11.66 5.72
C MET A 41 1.28 -12.31 5.18
N VAL A 42 1.21 -12.75 3.92
CA VAL A 42 2.32 -13.38 3.23
C VAL A 42 2.43 -12.67 1.88
N SER A 43 3.29 -11.67 1.80
CA SER A 43 3.36 -10.78 0.64
C SER A 43 4.36 -11.31 -0.38
N GLU A 44 3.88 -11.61 -1.58
CA GLU A 44 4.76 -11.99 -2.67
C GLU A 44 5.52 -10.78 -3.23
N VAL A 45 4.93 -9.59 -3.12
CA VAL A 45 5.59 -8.39 -3.65
C VAL A 45 6.90 -8.14 -2.90
N ASN A 46 6.84 -8.13 -1.58
CA ASN A 46 8.02 -7.88 -0.75
C ASN A 46 8.77 -9.15 -0.37
N MET A 47 8.18 -10.33 -0.62
CA MET A 47 8.80 -11.61 -0.26
C MET A 47 9.11 -11.67 1.23
N ASP A 48 8.09 -11.37 2.03
CA ASP A 48 8.18 -11.46 3.48
C ASP A 48 6.83 -11.91 4.01
N TYR A 49 6.75 -12.09 5.33
CA TYR A 49 5.51 -12.48 5.98
C TYR A 49 5.55 -12.03 7.43
N THR A 50 4.44 -11.47 7.89
CA THR A 50 4.30 -11.06 9.28
C THR A 50 3.79 -12.24 10.11
N LEU A 51 4.26 -12.30 11.35
CA LEU A 51 3.99 -13.44 12.21
C LEU A 51 3.98 -12.97 13.67
N THR A 52 2.89 -13.23 14.36
CA THR A 52 2.76 -12.96 15.79
C THR A 52 2.93 -14.24 16.57
N MET A 53 3.67 -14.17 17.67
CA MET A 53 3.99 -15.36 18.43
C MET A 53 4.19 -15.03 19.90
N TYR A 54 3.98 -16.04 20.74
CA TYR A 54 4.43 -16.04 22.13
C TYR A 54 5.73 -16.83 22.14
N PHE A 55 6.83 -16.15 22.43
CA PHE A 55 8.17 -16.70 22.38
C PHE A 55 8.68 -16.85 23.80
N GLN A 56 8.97 -18.08 24.21
CA GLN A 56 9.35 -18.40 25.58
C GLN A 56 10.70 -19.09 25.61
N GLN A 57 11.52 -18.73 26.60
CA GLN A 57 12.85 -19.29 26.79
C GLN A 57 12.98 -19.80 28.22
N TYR A 58 13.57 -20.97 28.37
CA TYR A 58 13.76 -21.62 29.66
C TYR A 58 15.25 -21.84 29.87
N TRP A 59 15.74 -21.45 31.06
CA TRP A 59 17.14 -21.72 31.36
C TRP A 59 17.34 -21.81 32.87
N ARG A 60 18.32 -22.62 33.28
CA ARG A 60 18.61 -22.85 34.68
C ARG A 60 19.65 -21.84 35.15
N ASP A 61 19.35 -21.13 36.24
CA ASP A 61 20.24 -20.14 36.82
C ASP A 61 20.36 -20.43 38.31
N LYS A 62 21.58 -20.74 38.76
CA LYS A 62 21.77 -21.08 40.17
C LYS A 62 21.66 -19.85 41.06
N ARG A 63 21.94 -18.66 40.52
CA ARG A 63 21.87 -17.44 41.30
C ARG A 63 20.45 -17.17 41.79
N LEU A 64 19.46 -17.41 40.93
CA LEU A 64 18.05 -17.21 41.28
C LEU A 64 17.44 -18.47 41.86
N ALA A 65 18.08 -19.02 42.88
CA ALA A 65 17.64 -20.24 43.56
C ALA A 65 17.23 -19.89 44.99
N TYR A 66 16.03 -20.33 45.38
CA TYR A 66 15.48 -20.05 46.69
C TYR A 66 14.87 -21.33 47.27
N SER A 67 14.50 -21.25 48.55
CA SER A 67 13.93 -22.39 49.24
C SER A 67 12.98 -21.89 50.32
N GLY A 68 12.13 -22.79 50.81
CA GLY A 68 11.14 -22.45 51.81
C GLY A 68 9.87 -21.84 51.27
N ILE A 69 9.73 -21.70 49.95
CA ILE A 69 8.55 -21.12 49.32
C ILE A 69 8.04 -22.13 48.29
N PRO A 70 7.19 -23.09 48.67
CA PRO A 70 6.78 -24.13 47.70
C PRO A 70 5.73 -23.63 46.71
N LEU A 71 6.16 -22.74 45.83
CA LEU A 71 5.31 -22.24 44.76
C LEU A 71 6.19 -21.52 43.74
N ASN A 72 5.79 -21.53 42.48
CA ASN A 72 6.56 -20.85 41.43
C ASN A 72 6.20 -19.36 41.45
N LEU A 73 7.17 -18.48 41.58
CA LEU A 73 7.02 -17.03 41.68
C LEU A 73 6.91 -16.41 40.30
N THR A 74 5.82 -15.68 40.07
CA THR A 74 5.61 -14.89 38.87
C THR A 74 5.76 -13.42 39.25
N LEU A 75 6.91 -12.85 38.94
CA LEU A 75 7.22 -11.47 39.31
C LEU A 75 6.77 -10.51 38.22
N ASP A 76 6.80 -9.22 38.56
CA ASP A 76 6.45 -8.19 37.59
C ASP A 76 7.46 -8.19 36.45
N ASN A 77 6.98 -7.85 35.24
CA ASN A 77 7.80 -7.94 34.04
C ASN A 77 9.00 -6.99 34.07
N ARG A 78 8.99 -5.97 34.93
CA ARG A 78 10.11 -5.05 34.98
C ARG A 78 11.39 -5.70 35.52
N VAL A 79 11.27 -6.84 36.21
CA VAL A 79 12.44 -7.52 36.75
C VAL A 79 13.33 -8.08 35.64
N ALA A 80 12.80 -8.23 34.43
CA ALA A 80 13.62 -8.67 33.30
C ALA A 80 14.76 -7.71 33.03
N ASP A 81 14.55 -6.41 33.28
CA ASP A 81 15.63 -5.44 33.12
C ASP A 81 16.73 -5.63 34.16
N GLN A 82 16.44 -6.30 35.27
CA GLN A 82 17.44 -6.56 36.31
C GLN A 82 18.08 -7.93 36.17
N LEU A 83 17.37 -8.92 35.66
CA LEU A 83 17.91 -10.25 35.49
C LEU A 83 18.67 -10.37 34.17
N TRP A 84 19.53 -11.38 34.09
CA TRP A 84 20.21 -11.71 32.86
C TRP A 84 19.28 -12.52 31.97
N VAL A 85 19.35 -12.26 30.66
CA VAL A 85 18.57 -13.00 29.68
C VAL A 85 19.43 -13.29 28.46
N PRO A 86 19.07 -14.31 27.67
CA PRO A 86 19.84 -14.59 26.46
C PRO A 86 19.74 -13.45 25.46
N ASP A 87 20.79 -13.29 24.66
CA ASP A 87 20.81 -12.32 23.57
C ASP A 87 20.29 -12.93 22.28
N THR A 88 19.11 -13.53 22.35
CA THR A 88 18.49 -14.15 21.18
C THR A 88 18.05 -13.09 20.19
N TYR A 89 18.03 -13.46 18.91
CA TYR A 89 17.50 -12.57 17.88
C TYR A 89 17.17 -13.39 16.65
N PHE A 90 16.23 -12.86 15.86
CA PHE A 90 15.79 -13.49 14.63
C PHE A 90 16.67 -12.98 13.49
N LEU A 91 17.40 -13.89 12.86
CA LEU A 91 18.40 -13.51 11.86
C LEU A 91 17.78 -12.98 10.58
N ASN A 92 16.61 -13.48 10.17
CA ASN A 92 15.99 -13.10 8.91
C ASN A 92 14.84 -12.11 9.08
N ASP A 93 14.73 -11.46 10.23
CA ASP A 93 13.67 -10.48 10.44
C ASP A 93 14.00 -9.18 9.72
N LYS A 94 12.97 -8.50 9.22
CA LYS A 94 13.09 -7.19 8.62
C LYS A 94 12.59 -6.08 9.54
N LYS A 95 11.63 -6.37 10.40
CA LYS A 95 11.09 -5.41 11.36
C LYS A 95 10.26 -6.15 12.39
N SER A 96 10.47 -5.86 13.68
CA SER A 96 9.77 -6.57 14.73
C SER A 96 9.73 -5.70 15.99
N PHE A 97 8.80 -6.04 16.88
CA PHE A 97 8.61 -5.29 18.11
C PHE A 97 7.88 -6.17 19.11
N VAL A 98 7.96 -5.77 20.38
CA VAL A 98 7.23 -6.40 21.47
C VAL A 98 6.03 -5.55 21.80
N HIS A 99 4.85 -6.17 21.85
CA HIS A 99 3.62 -5.44 22.10
C HIS A 99 3.65 -4.81 23.48
N GLY A 100 3.10 -3.60 23.58
CA GLY A 100 3.21 -2.79 24.79
C GLY A 100 1.89 -2.23 25.30
N VAL A 101 0.81 -3.02 25.20
CA VAL A 101 -0.50 -2.66 25.72
C VAL A 101 -1.06 -3.87 26.46
N THR A 102 -1.64 -3.69 27.66
CA THR A 102 -1.71 -2.44 28.43
C THR A 102 -0.36 -2.08 29.00
N VAL A 103 0.44 -3.11 29.32
CA VAL A 103 1.83 -2.96 29.71
C VAL A 103 2.67 -3.78 28.75
N LYS A 104 3.97 -3.83 28.97
CA LYS A 104 4.85 -4.61 28.10
C LYS A 104 4.45 -6.09 28.17
N ASN A 105 4.23 -6.69 27.00
CA ASN A 105 3.78 -8.07 26.90
C ASN A 105 4.98 -8.99 27.12
N ARG A 106 5.40 -9.04 28.39
CA ARG A 106 6.60 -9.73 28.83
C ARG A 106 6.28 -10.44 30.13
N MET A 107 7.03 -11.50 30.42
CA MET A 107 6.78 -12.32 31.59
C MET A 107 8.07 -12.94 32.10
N ILE A 108 8.28 -12.86 33.41
CA ILE A 108 9.37 -13.51 34.11
C ILE A 108 8.76 -14.43 35.16
N ARG A 109 9.21 -15.67 35.20
CA ARG A 109 8.78 -16.64 36.20
C ARG A 109 10.00 -17.39 36.72
N LEU A 110 10.09 -17.51 38.05
CA LEU A 110 11.17 -18.21 38.71
C LEU A 110 10.63 -19.51 39.31
N HIS A 111 11.53 -20.48 39.48
CA HIS A 111 11.22 -21.76 40.08
C HIS A 111 12.20 -22.05 41.20
N PRO A 112 11.80 -22.83 42.23
CA PRO A 112 12.68 -22.99 43.40
C PRO A 112 14.02 -23.63 43.08
N ASP A 113 14.06 -24.55 42.12
CA ASP A 113 15.34 -25.17 41.74
C ASP A 113 16.30 -24.17 41.12
N GLY A 114 15.79 -23.08 40.57
CA GLY A 114 16.59 -22.07 39.88
C GLY A 114 16.19 -21.81 38.45
N THR A 115 15.22 -22.54 37.91
CA THR A 115 14.82 -22.36 36.52
C THR A 115 14.13 -21.01 36.34
N VAL A 116 14.38 -20.40 35.18
CA VAL A 116 13.80 -19.11 34.79
C VAL A 116 13.08 -19.31 33.47
N LEU A 117 11.83 -18.86 33.43
CA LEU A 117 11.00 -18.83 32.23
C LEU A 117 10.80 -17.38 31.84
N TYR A 118 11.10 -17.06 30.58
CA TYR A 118 11.08 -15.70 30.07
C TYR A 118 10.26 -15.67 28.80
N GLY A 119 9.11 -15.01 28.85
CA GLY A 119 8.18 -14.98 27.73
C GLY A 119 8.00 -13.58 27.18
N LEU A 120 7.82 -13.49 25.87
CA LEU A 120 7.56 -12.23 25.19
C LEU A 120 6.48 -12.46 24.14
N ARG A 121 5.72 -11.39 23.83
CA ARG A 121 4.78 -11.39 22.72
C ARG A 121 5.38 -10.57 21.60
N ILE A 122 5.74 -11.23 20.49
CA ILE A 122 6.53 -10.62 19.42
C ILE A 122 5.78 -10.73 18.12
N THR A 123 5.63 -9.60 17.43
CA THR A 123 5.21 -9.55 16.04
C THR A 123 6.43 -9.21 15.20
N THR A 124 6.74 -10.07 14.23
CA THR A 124 7.95 -9.94 13.42
C THR A 124 7.64 -10.15 11.95
N THR A 125 8.28 -9.35 11.10
CA THR A 125 8.18 -9.47 9.65
C THR A 125 9.46 -10.13 9.15
N ALA A 126 9.37 -11.39 8.77
CA ALA A 126 10.51 -12.19 8.34
C ALA A 126 10.54 -12.30 6.82
N ALA A 127 11.74 -12.48 6.29
CA ALA A 127 11.97 -12.57 4.85
C ALA A 127 11.79 -14.01 4.40
N CYS A 128 11.11 -14.19 3.27
CA CYS A 128 10.87 -15.51 2.67
C CYS A 128 11.03 -15.38 1.17
N MET A 129 12.20 -15.77 0.67
CA MET A 129 12.42 -15.78 -0.77
C MET A 129 11.54 -16.85 -1.41
N MET A 130 10.97 -16.51 -2.56
CA MET A 130 9.91 -17.31 -3.18
C MET A 130 10.28 -17.65 -4.61
N ASP A 131 10.14 -18.92 -4.97
CA ASP A 131 10.32 -19.37 -6.36
C ASP A 131 8.96 -19.36 -7.04
N LEU A 132 8.59 -18.18 -7.55
CA LEU A 132 7.29 -17.97 -8.16
C LEU A 132 7.30 -18.30 -9.66
N ARG A 133 8.23 -19.13 -10.12
CA ARG A 133 8.24 -19.53 -11.52
C ARG A 133 6.99 -20.32 -11.88
N ARG A 134 6.54 -21.20 -10.98
CA ARG A 134 5.37 -22.04 -11.20
C ARG A 134 4.10 -21.42 -10.64
N TYR A 135 4.07 -20.10 -10.49
CA TYR A 135 2.91 -19.44 -9.92
C TYR A 135 1.72 -19.59 -10.87
N PRO A 136 0.50 -19.83 -10.35
CA PRO A 136 0.04 -20.00 -8.96
C PRO A 136 0.09 -21.45 -8.47
N LEU A 137 0.77 -22.33 -9.22
CA LEU A 137 0.92 -23.74 -8.86
C LEU A 137 2.21 -24.00 -8.08
N ASP A 138 2.65 -23.03 -7.29
CA ASP A 138 3.94 -23.07 -6.61
C ASP A 138 3.78 -23.58 -5.18
N GLU A 139 4.92 -23.86 -4.56
CA GLU A 139 4.98 -24.31 -3.18
C GLU A 139 6.19 -23.67 -2.52
N GLN A 140 5.96 -22.87 -1.48
CA GLN A 140 6.99 -22.06 -0.85
C GLN A 140 7.48 -22.71 0.42
N ASN A 141 8.70 -22.37 0.87
CA ASN A 141 9.27 -22.87 2.15
C ASN A 141 9.78 -21.65 2.90
N CYS A 142 9.04 -21.10 3.84
CA CYS A 142 9.32 -19.89 4.60
C CYS A 142 9.84 -20.29 5.98
N THR A 143 10.99 -19.76 6.35
CA THR A 143 11.70 -20.16 7.56
C THR A 143 11.88 -18.97 8.50
N LEU A 144 11.99 -19.29 9.79
CA LEU A 144 12.36 -18.33 10.83
C LEU A 144 13.62 -18.88 11.50
N GLU A 145 14.67 -18.07 11.51
CA GLU A 145 15.99 -18.46 12.02
C GLU A 145 16.24 -17.73 13.32
N ILE A 146 16.47 -18.50 14.39
CA ILE A 146 16.70 -17.96 15.74
C ILE A 146 18.15 -18.22 16.09
N GLU A 147 18.87 -17.18 16.52
CA GLU A 147 20.30 -17.30 16.76
C GLU A 147 20.72 -16.35 17.88
N SER A 148 21.76 -16.74 18.60
CA SER A 148 22.37 -15.86 19.59
C SER A 148 23.26 -14.85 18.91
N TYR A 149 23.24 -13.61 19.41
CA TYR A 149 23.95 -12.52 18.74
C TYR A 149 25.44 -12.56 19.06
N GLY A 150 25.80 -12.48 20.34
CA GLY A 150 27.19 -12.36 20.74
C GLY A 150 27.84 -13.67 21.13
N TYR A 151 27.14 -14.48 21.91
CA TYR A 151 27.72 -15.71 22.44
C TYR A 151 27.84 -16.77 21.34
N THR A 152 28.73 -17.73 21.59
CA THR A 152 28.98 -18.85 20.69
C THR A 152 28.61 -20.15 21.38
N THR A 153 28.82 -21.26 20.68
CA THR A 153 28.47 -22.57 21.23
C THR A 153 29.30 -22.94 22.45
N ASP A 154 30.45 -22.30 22.64
CA ASP A 154 31.24 -22.51 23.85
C ASP A 154 30.61 -21.88 25.09
N ASP A 155 29.62 -20.99 24.91
CA ASP A 155 28.98 -20.27 26.01
C ASP A 155 27.49 -20.56 26.12
N ILE A 156 26.78 -20.69 25.00
CA ILE A 156 25.33 -20.89 25.00
C ILE A 156 24.98 -21.95 23.97
N GLU A 157 24.04 -22.82 24.33
CA GLU A 157 23.48 -23.82 23.43
C GLU A 157 21.97 -23.69 23.43
N PHE A 158 21.36 -24.02 22.29
CA PHE A 158 19.92 -23.93 22.08
C PHE A 158 19.32 -25.31 21.88
N TYR A 159 18.08 -25.47 22.30
CA TYR A 159 17.30 -26.65 21.94
C TYR A 159 15.82 -26.31 21.96
N TRP A 160 15.05 -27.14 21.25
CA TRP A 160 13.60 -27.02 21.23
C TRP A 160 13.05 -27.77 22.44
N ARG A 161 12.56 -27.03 23.44
CA ARG A 161 11.99 -27.68 24.61
C ARG A 161 10.69 -28.39 24.23
N GLY A 162 10.58 -29.65 24.62
CA GLY A 162 9.47 -30.48 24.21
C GLY A 162 9.65 -31.13 22.85
N GLY A 163 10.80 -30.97 22.20
CA GLY A 163 11.03 -31.60 20.93
C GLY A 163 10.09 -31.10 19.86
N ASP A 164 9.54 -32.03 19.08
CA ASP A 164 8.68 -31.67 17.95
C ASP A 164 7.41 -30.95 18.37
N LYS A 165 7.02 -31.06 19.65
CA LYS A 165 5.88 -30.34 20.19
C LYS A 165 6.26 -28.95 20.72
N ALA A 166 7.39 -28.41 20.28
CA ALA A 166 7.84 -27.10 20.75
C ALA A 166 7.14 -25.93 20.06
N VAL A 167 6.40 -26.18 18.98
CA VAL A 167 5.67 -25.14 18.26
C VAL A 167 4.22 -25.59 18.12
N THR A 168 3.28 -24.69 18.43
CA THR A 168 1.85 -24.97 18.43
C THR A 168 1.12 -23.88 17.67
N GLY A 169 -0.17 -24.14 17.41
CA GLY A 169 -1.02 -23.20 16.71
C GLY A 169 -0.99 -23.32 15.21
N VAL A 170 -0.04 -24.07 14.65
CA VAL A 170 0.13 -24.14 13.19
C VAL A 170 -1.13 -24.71 12.55
N GLU A 171 -1.72 -25.75 13.16
CA GLU A 171 -2.98 -26.27 12.65
C GLU A 171 -4.09 -25.23 12.73
N ARG A 172 -4.03 -24.33 13.72
CA ARG A 172 -5.05 -23.30 13.84
C ARG A 172 -4.88 -22.17 12.84
N ILE A 173 -3.67 -21.97 12.31
CA ILE A 173 -3.41 -20.88 11.37
C ILE A 173 -4.28 -21.03 10.13
N GLU A 174 -4.80 -19.91 9.64
CA GLU A 174 -5.54 -19.84 8.39
C GLU A 174 -5.01 -18.67 7.59
N LEU A 175 -4.90 -18.85 6.28
CA LEU A 175 -4.40 -17.83 5.36
C LEU A 175 -5.34 -17.70 4.17
N PRO A 176 -5.36 -16.54 3.51
CA PRO A 176 -6.28 -16.36 2.38
C PRO A 176 -5.81 -17.01 1.09
N GLN A 177 -4.49 -17.23 0.93
CA GLN A 177 -3.91 -17.72 -0.30
C GLN A 177 -3.15 -19.03 -0.15
N PHE A 178 -2.82 -19.45 1.07
CA PHE A 178 -1.91 -20.57 1.30
C PHE A 178 -2.50 -21.53 2.31
N SER A 179 -1.98 -22.76 2.29
CA SER A 179 -2.25 -23.78 3.28
C SER A 179 -0.93 -24.30 3.79
N ILE A 180 -0.79 -24.38 5.12
CA ILE A 180 0.45 -24.84 5.75
C ILE A 180 0.44 -26.36 5.70
N VAL A 181 1.09 -26.94 4.69
CA VAL A 181 1.06 -28.38 4.52
C VAL A 181 1.85 -29.07 5.62
N GLU A 182 3.01 -28.51 5.99
CA GLU A 182 3.89 -29.14 6.95
C GLU A 182 4.74 -28.07 7.61
N HIS A 183 5.19 -28.36 8.84
CA HIS A 183 6.13 -27.53 9.55
C HIS A 183 7.21 -28.42 10.16
N ARG A 184 8.43 -27.89 10.22
CA ARG A 184 9.59 -28.62 10.70
C ARG A 184 10.42 -27.75 11.64
N LEU A 185 11.06 -28.40 12.60
CA LEU A 185 11.97 -27.76 13.55
C LEU A 185 13.35 -28.38 13.39
N VAL A 186 14.38 -27.54 13.31
CA VAL A 186 15.75 -27.97 13.11
C VAL A 186 16.65 -27.23 14.10
N SER A 187 17.75 -27.88 14.49
CA SER A 187 18.77 -27.29 15.36
C SER A 187 20.14 -27.56 14.76
N ARG A 188 20.93 -26.51 14.60
CA ARG A 188 22.23 -26.59 13.93
C ARG A 188 23.24 -25.74 14.69
N ASN A 189 24.51 -25.85 14.26
CA ASN A 189 25.63 -25.06 14.79
C ASN A 189 26.35 -24.44 13.59
N VAL A 190 25.92 -23.24 13.20
CA VAL A 190 26.55 -22.55 12.08
C VAL A 190 27.97 -22.18 12.45
N VAL A 191 28.90 -22.34 11.51
CA VAL A 191 30.32 -22.13 11.73
C VAL A 191 30.74 -20.81 11.09
N PHE A 192 31.53 -20.02 11.83
CA PHE A 192 32.06 -18.75 11.36
C PHE A 192 33.53 -18.70 11.73
N ALA A 193 34.21 -17.63 11.28
CA ALA A 193 35.62 -17.46 11.63
C ALA A 193 35.81 -17.30 13.13
N THR A 194 34.93 -16.54 13.78
CA THR A 194 35.01 -16.37 15.23
C THR A 194 34.78 -17.69 15.95
N GLY A 195 33.81 -18.47 15.47
CA GLY A 195 33.53 -19.75 16.09
C GLY A 195 32.18 -20.27 15.62
N ALA A 196 31.77 -21.38 16.23
CA ALA A 196 30.50 -22.02 15.91
C ALA A 196 29.40 -21.44 16.78
N TYR A 197 28.36 -20.90 16.15
CA TYR A 197 27.22 -20.29 16.83
C TYR A 197 26.02 -21.24 16.80
N PRO A 198 25.17 -21.26 17.83
CA PRO A 198 23.98 -22.11 17.77
C PRO A 198 22.92 -21.51 16.88
N ARG A 199 21.99 -22.36 16.43
CA ARG A 199 20.88 -21.89 15.62
C ARG A 199 19.70 -22.85 15.75
N LEU A 200 18.50 -22.27 15.79
CA LEU A 200 17.26 -23.01 15.67
C LEU A 200 16.54 -22.49 14.43
N SER A 201 15.77 -23.37 13.78
CA SER A 201 15.05 -23.02 12.57
C SER A 201 13.65 -23.60 12.61
N LEU A 202 12.66 -22.77 12.31
CA LEU A 202 11.26 -23.18 12.23
C LEU A 202 10.81 -22.92 10.80
N SER A 203 10.58 -23.99 10.04
CA SER A 203 10.26 -23.91 8.62
C SER A 203 8.81 -24.32 8.40
N PHE A 204 8.14 -23.61 7.50
CA PHE A 204 6.79 -23.91 7.06
C PHE A 204 6.80 -24.12 5.56
N ARG A 205 6.10 -25.15 5.09
CA ARG A 205 5.88 -25.36 3.67
C ARG A 205 4.45 -24.96 3.35
N LEU A 206 4.30 -24.02 2.40
CA LEU A 206 3.03 -23.42 2.07
C LEU A 206 2.65 -23.83 0.65
N LYS A 207 1.42 -24.34 0.49
CA LYS A 207 0.88 -24.70 -0.81
C LYS A 207 -0.23 -23.71 -1.17
N ARG A 208 -0.11 -23.09 -2.33
CA ARG A 208 -1.11 -22.13 -2.77
C ARG A 208 -2.34 -22.86 -3.32
N ASN A 209 -3.51 -22.33 -2.99
CA ASN A 209 -4.78 -22.89 -3.43
C ASN A 209 -5.26 -22.12 -4.65
N ILE A 210 -5.69 -22.83 -5.69
CA ILE A 210 -6.14 -22.24 -6.94
C ILE A 210 -7.59 -22.67 -7.19
N GLY A 211 -8.53 -21.86 -6.71
CA GLY A 211 -9.91 -21.93 -7.16
C GLY A 211 -10.29 -20.68 -7.93
N TYR A 212 -9.90 -19.52 -7.39
CA TYR A 212 -10.25 -18.26 -8.03
C TYR A 212 -9.46 -18.06 -9.32
N PHE A 213 -8.21 -18.51 -9.34
CA PHE A 213 -7.43 -18.47 -10.58
C PHE A 213 -8.10 -19.30 -11.65
N ILE A 214 -8.52 -20.52 -11.30
CA ILE A 214 -9.20 -21.38 -12.26
C ILE A 214 -10.50 -20.72 -12.73
N LEU A 215 -11.19 -20.01 -11.83
CA LEU A 215 -12.47 -19.44 -12.19
C LEU A 215 -12.32 -18.26 -13.13
N GLN A 216 -11.38 -17.34 -12.85
CA GLN A 216 -11.31 -16.08 -13.60
C GLN A 216 -10.26 -16.05 -14.70
N THR A 217 -9.11 -16.72 -14.55
CA THR A 217 -8.05 -16.69 -15.56
C THR A 217 -8.17 -17.86 -16.53
N TYR A 218 -8.11 -19.08 -16.02
CA TYR A 218 -8.04 -20.25 -16.89
C TYR A 218 -9.36 -20.49 -17.59
N MET A 219 -10.49 -20.32 -16.88
CA MET A 219 -11.78 -20.65 -17.49
C MET A 219 -12.14 -19.67 -18.60
N PRO A 220 -12.21 -18.36 -18.37
CA PRO A 220 -12.61 -17.47 -19.47
C PRO A 220 -11.59 -17.44 -20.60
N SER A 221 -10.31 -17.67 -20.30
CA SER A 221 -9.32 -17.77 -21.36
C SER A 221 -9.63 -18.93 -22.30
N ILE A 222 -9.93 -20.10 -21.73
CA ILE A 222 -10.29 -21.26 -22.54
C ILE A 222 -11.57 -21.00 -23.31
N LEU A 223 -12.56 -20.39 -22.64
CA LEU A 223 -13.85 -20.15 -23.31
C LEU A 223 -13.71 -19.16 -24.46
N ILE A 224 -12.89 -18.11 -24.28
CA ILE A 224 -12.69 -17.15 -25.36
C ILE A 224 -11.86 -17.76 -26.48
N THR A 225 -10.89 -18.60 -26.15
CA THR A 225 -10.15 -19.30 -27.19
C THR A 225 -11.07 -20.20 -28.00
N ILE A 226 -12.05 -20.83 -27.33
CA ILE A 226 -13.03 -21.64 -28.04
C ILE A 226 -13.93 -20.75 -28.89
N LEU A 227 -14.32 -19.58 -28.36
CA LEU A 227 -15.19 -18.68 -29.10
C LEU A 227 -14.50 -18.17 -30.35
N SER A 228 -13.18 -18.02 -30.31
CA SER A 228 -12.43 -17.59 -31.49
C SER A 228 -12.57 -18.57 -32.65
N TRP A 229 -12.88 -19.84 -32.38
CA TRP A 229 -13.01 -20.84 -33.43
C TRP A 229 -14.36 -20.81 -34.12
N VAL A 230 -15.32 -20.01 -33.64
CA VAL A 230 -16.62 -19.93 -34.30
C VAL A 230 -16.46 -19.29 -35.68
N SER A 231 -15.43 -18.47 -35.87
CA SER A 231 -15.19 -17.86 -37.17
C SER A 231 -14.90 -18.92 -38.23
N PHE A 232 -14.34 -20.07 -37.83
CA PHE A 232 -14.07 -21.12 -38.80
C PHE A 232 -15.36 -21.64 -39.42
N TRP A 233 -16.41 -21.79 -38.61
CA TRP A 233 -17.70 -22.24 -39.11
C TRP A 233 -18.54 -21.11 -39.69
N ILE A 234 -18.26 -19.86 -39.31
CA ILE A 234 -18.95 -18.74 -39.96
C ILE A 234 -18.57 -18.71 -41.44
N ASN A 235 -19.51 -18.26 -42.26
CA ASN A 235 -19.36 -18.30 -43.72
C ASN A 235 -18.15 -17.47 -44.17
N TYR A 236 -17.49 -17.96 -45.22
CA TYR A 236 -16.28 -17.31 -45.70
C TYR A 236 -16.57 -15.95 -46.32
N ASP A 237 -17.71 -15.79 -46.99
CA ASP A 237 -18.02 -14.51 -47.62
C ASP A 237 -18.26 -13.42 -46.58
N ALA A 238 -18.88 -13.77 -45.45
CA ALA A 238 -19.15 -12.77 -44.43
C ALA A 238 -17.86 -12.33 -43.76
N SER A 239 -17.38 -11.16 -44.16
CA SER A 239 -16.10 -10.63 -43.69
C SER A 239 -16.23 -9.79 -42.43
N ALA A 240 -17.26 -8.93 -42.36
CA ALA A 240 -17.41 -8.07 -41.19
C ALA A 240 -17.59 -8.90 -39.93
N ALA A 241 -18.43 -9.94 -40.00
CA ALA A 241 -18.69 -10.76 -38.82
C ALA A 241 -17.42 -11.47 -38.35
N ARG A 242 -16.71 -12.13 -39.27
CA ARG A 242 -15.51 -12.87 -38.88
C ARG A 242 -14.42 -11.95 -38.36
N VAL A 243 -14.19 -10.82 -39.04
CA VAL A 243 -13.15 -9.90 -38.60
C VAL A 243 -13.49 -9.30 -37.24
N ALA A 244 -14.74 -8.89 -37.04
CA ALA A 244 -15.15 -8.34 -35.76
C ALA A 244 -15.01 -9.38 -34.65
N LEU A 245 -15.42 -10.61 -34.93
CA LEU A 245 -15.32 -11.67 -33.92
C LEU A 245 -13.87 -11.91 -33.53
N GLY A 246 -12.99 -12.07 -34.52
CA GLY A 246 -11.59 -12.35 -34.21
C GLY A 246 -10.93 -11.21 -33.46
N ILE A 247 -11.12 -9.98 -33.94
CA ILE A 247 -10.42 -8.86 -33.33
C ILE A 247 -11.00 -8.56 -31.95
N THR A 248 -12.30 -8.78 -31.74
CA THR A 248 -12.86 -8.60 -30.41
C THR A 248 -12.41 -9.70 -29.46
N THR A 249 -12.20 -10.92 -29.95
CA THR A 249 -11.60 -11.94 -29.11
C THR A 249 -10.19 -11.55 -28.69
N VAL A 250 -9.41 -10.99 -29.62
CA VAL A 250 -8.07 -10.51 -29.28
C VAL A 250 -8.16 -9.40 -28.24
N LEU A 251 -9.10 -8.48 -28.42
CA LEU A 251 -9.27 -7.39 -27.45
C LEU A 251 -9.66 -7.93 -26.08
N THR A 252 -10.54 -8.93 -26.04
CA THR A 252 -10.96 -9.48 -24.75
C THR A 252 -9.80 -10.20 -24.07
N MET A 253 -8.98 -10.92 -24.83
CA MET A 253 -7.80 -11.56 -24.25
C MET A 253 -6.84 -10.51 -23.70
N THR A 254 -6.66 -9.41 -24.43
CA THR A 254 -5.81 -8.32 -23.94
C THR A 254 -6.37 -7.73 -22.66
N THR A 255 -7.69 -7.54 -22.60
CA THR A 255 -8.33 -7.01 -21.40
C THR A 255 -8.11 -7.94 -20.22
N ILE A 256 -8.26 -9.25 -20.44
CA ILE A 256 -8.06 -10.21 -19.36
C ILE A 256 -6.63 -10.14 -18.87
N ASN A 257 -5.67 -10.11 -19.79
CA ASN A 257 -4.26 -10.07 -19.40
C ASN A 257 -3.96 -8.82 -18.58
N THR A 258 -4.41 -7.66 -19.08
CA THR A 258 -4.11 -6.40 -18.40
C THR A 258 -4.75 -6.35 -17.01
N HIS A 259 -6.05 -6.64 -16.93
CA HIS A 259 -6.74 -6.56 -15.65
C HIS A 259 -6.19 -7.59 -14.67
N LEU A 260 -5.75 -8.75 -15.13
CA LEU A 260 -5.11 -9.72 -14.21
C LEU A 260 -3.98 -9.01 -13.49
N ARG A 261 -3.09 -8.34 -14.21
CA ARG A 261 -1.89 -7.69 -13.62
C ARG A 261 -2.33 -6.49 -12.78
N GLU A 262 -3.62 -6.12 -12.81
CA GLU A 262 -4.18 -5.05 -11.94
C GLU A 262 -4.60 -5.71 -10.64
N THR A 263 -4.40 -7.03 -10.52
CA THR A 263 -4.78 -7.71 -9.27
C THR A 263 -3.62 -8.51 -8.76
N LEU A 264 -2.87 -9.14 -9.65
CA LEU A 264 -1.77 -10.03 -9.24
C LEU A 264 -0.64 -9.19 -8.62
N PRO A 265 0.13 -9.74 -7.66
CA PRO A 265 1.26 -9.04 -7.09
C PRO A 265 2.21 -8.87 -8.24
N LYS A 266 2.96 -7.76 -8.30
CA LYS A 266 3.71 -7.51 -9.55
C LYS A 266 4.70 -8.64 -9.79
N ILE A 267 5.42 -9.12 -8.78
CA ILE A 267 6.10 -10.42 -9.04
C ILE A 267 6.88 -10.29 -10.35
N PRO A 268 7.74 -9.30 -10.63
CA PRO A 268 8.15 -9.10 -12.01
C PRO A 268 9.19 -9.98 -12.59
N TYR A 269 8.72 -11.17 -12.96
CA TYR A 269 9.53 -12.13 -13.76
C TYR A 269 8.46 -13.06 -14.39
N VAL A 270 8.82 -13.99 -15.29
CA VAL A 270 7.89 -14.86 -15.98
C VAL A 270 7.25 -15.85 -15.01
N LYS A 271 5.98 -16.18 -15.28
CA LYS A 271 5.21 -17.09 -14.46
C LYS A 271 4.35 -17.97 -15.36
N ALA A 272 3.89 -19.09 -14.79
CA ALA A 272 3.12 -20.06 -15.57
C ALA A 272 1.82 -19.44 -16.06
N ILE A 273 1.19 -18.59 -15.24
CA ILE A 273 -0.03 -17.91 -15.65
C ILE A 273 0.25 -17.01 -16.84
N ASP A 274 1.42 -16.35 -16.84
CA ASP A 274 1.79 -15.50 -17.97
C ASP A 274 2.01 -16.32 -19.23
N MET A 275 2.66 -17.49 -19.09
CA MET A 275 2.85 -18.36 -20.25
C MET A 275 1.53 -18.83 -20.82
N TYR A 276 0.59 -19.21 -19.94
CA TYR A 276 -0.72 -19.66 -20.42
C TYR A 276 -1.46 -18.54 -21.13
N LEU A 277 -1.42 -17.32 -20.56
CA LEU A 277 -2.09 -16.20 -21.19
C LEU A 277 -1.47 -15.88 -22.55
N MET A 278 -0.14 -15.93 -22.64
CA MET A 278 0.52 -15.69 -23.92
C MET A 278 0.16 -16.75 -24.95
N GLY A 279 0.06 -18.01 -24.51
CA GLY A 279 -0.35 -19.06 -25.43
C GLY A 279 -1.74 -18.84 -25.96
N CYS A 280 -2.68 -18.49 -25.08
CA CYS A 280 -4.04 -18.21 -25.54
C CYS A 280 -4.08 -17.01 -26.47
N PHE A 281 -3.29 -15.98 -26.17
CA PHE A 281 -3.22 -14.81 -27.03
C PHE A 281 -2.71 -15.18 -28.41
N VAL A 282 -1.68 -16.03 -28.48
CA VAL A 282 -1.15 -16.48 -29.76
C VAL A 282 -2.19 -17.30 -30.51
N PHE A 283 -2.96 -18.11 -29.78
CA PHE A 283 -3.98 -18.92 -30.45
C PHE A 283 -5.06 -18.05 -31.09
N VAL A 284 -5.57 -17.07 -30.35
CA VAL A 284 -6.59 -16.19 -30.93
C VAL A 284 -5.99 -15.35 -32.05
N PHE A 285 -4.73 -14.95 -31.92
CA PHE A 285 -4.07 -14.21 -32.98
C PHE A 285 -3.99 -15.03 -34.26
N LEU A 286 -3.60 -16.30 -34.16
CA LEU A 286 -3.55 -17.17 -35.33
C LEU A 286 -4.94 -17.40 -35.91
N ALA A 287 -5.95 -17.53 -35.03
CA ALA A 287 -7.32 -17.70 -35.51
C ALA A 287 -7.76 -16.51 -36.33
N LEU A 288 -7.45 -15.29 -35.88
CA LEU A 288 -7.78 -14.11 -36.66
C LEU A 288 -6.98 -14.07 -37.96
N LEU A 289 -5.69 -14.40 -37.90
CA LEU A 289 -4.84 -14.37 -39.09
C LEU A 289 -5.28 -15.37 -40.14
N GLU A 290 -5.97 -16.44 -39.74
CA GLU A 290 -6.43 -17.45 -40.69
C GLU A 290 -7.40 -16.84 -41.72
N TYR A 291 -8.29 -15.96 -41.26
CA TYR A 291 -9.24 -15.37 -42.19
C TYR A 291 -8.55 -14.45 -43.19
N ALA A 292 -7.38 -13.91 -42.84
CA ALA A 292 -6.63 -13.13 -43.81
C ALA A 292 -6.25 -13.97 -45.02
N PHE A 293 -5.69 -15.15 -44.78
CA PHE A 293 -5.36 -16.07 -45.86
C PHE A 293 -6.62 -16.46 -46.64
N VAL A 294 -7.70 -16.78 -45.92
CA VAL A 294 -8.92 -17.22 -46.59
C VAL A 294 -9.44 -16.11 -47.52
N ASN A 295 -9.54 -14.89 -46.99
CA ASN A 295 -10.08 -13.78 -47.76
C ASN A 295 -9.19 -13.48 -48.96
N TYR A 296 -7.87 -13.45 -48.77
CA TYR A 296 -6.99 -13.14 -49.89
C TYR A 296 -7.10 -14.19 -50.99
N ILE A 297 -7.10 -15.48 -50.62
CA ILE A 297 -7.08 -16.52 -51.64
C ILE A 297 -8.42 -16.60 -52.35
N PHE A 298 -9.54 -16.53 -51.63
CA PHE A 298 -10.84 -16.84 -52.22
C PHE A 298 -11.67 -15.61 -52.58
N PHE A 299 -11.21 -14.40 -52.25
CA PHE A 299 -11.80 -13.16 -52.77
C PHE A 299 -10.78 -12.31 -53.52
N GLY A 300 -9.61 -12.06 -52.92
CA GLY A 300 -8.66 -11.17 -53.54
C GLY A 300 -8.10 -11.70 -54.84
N ARG A 301 -7.57 -12.92 -54.82
CA ARG A 301 -7.00 -13.54 -56.02
C ARG A 301 -6.68 -15.01 -55.75
N ASP A 411 -18.45 -29.06 -49.82
CA ASP A 411 -17.67 -28.19 -50.68
C ASP A 411 -17.31 -26.89 -49.96
N VAL A 412 -16.46 -27.01 -48.95
CA VAL A 412 -15.96 -25.88 -48.16
C VAL A 412 -14.46 -25.80 -48.40
N ASN A 413 -13.92 -24.59 -48.27
CA ASN A 413 -12.50 -24.34 -48.56
C ASN A 413 -11.60 -25.17 -47.66
N ALA A 414 -10.46 -25.61 -48.21
CA ALA A 414 -9.57 -26.51 -47.50
C ALA A 414 -9.00 -25.90 -46.22
N ILE A 415 -8.67 -24.60 -46.26
CA ILE A 415 -8.07 -23.98 -45.10
C ILE A 415 -9.04 -23.99 -43.92
N ASP A 416 -10.30 -23.66 -44.14
CA ASP A 416 -11.30 -23.74 -43.08
C ASP A 416 -11.67 -25.16 -42.72
N ARG A 417 -11.63 -26.10 -43.67
CA ARG A 417 -11.90 -27.49 -43.31
C ARG A 417 -10.84 -28.03 -42.37
N TRP A 418 -9.57 -27.68 -42.60
CA TRP A 418 -8.47 -28.17 -41.78
C TRP A 418 -8.25 -27.35 -40.51
N SER A 419 -8.63 -26.07 -40.50
CA SER A 419 -8.50 -25.29 -39.28
C SER A 419 -9.39 -25.83 -38.18
N ARG A 420 -10.61 -26.25 -38.53
CA ARG A 420 -11.55 -26.78 -37.55
C ARG A 420 -10.98 -28.01 -36.86
N ILE A 421 -10.13 -28.76 -37.55
CA ILE A 421 -9.50 -29.94 -36.95
C ILE A 421 -8.25 -29.53 -36.18
N VAL A 422 -7.40 -28.70 -36.79
CA VAL A 422 -6.08 -28.43 -36.23
C VAL A 422 -6.17 -27.60 -34.96
N PHE A 423 -6.98 -26.53 -34.98
CA PHE A 423 -6.98 -25.60 -33.86
C PHE A 423 -7.44 -26.24 -32.56
N PRO A 424 -8.57 -26.96 -32.49
CA PRO A 424 -8.88 -27.69 -31.24
C PRO A 424 -7.83 -28.71 -30.86
N PHE A 425 -7.30 -29.45 -31.84
CA PHE A 425 -6.29 -30.45 -31.54
C PHE A 425 -5.02 -29.81 -30.99
N THR A 426 -4.56 -28.75 -31.64
CA THR A 426 -3.35 -28.07 -31.18
C THR A 426 -3.56 -27.42 -29.82
N PHE A 427 -4.74 -26.84 -29.57
CA PHE A 427 -5.01 -26.27 -28.26
C PHE A 427 -5.02 -27.34 -27.18
N SER A 428 -5.61 -28.50 -27.47
CA SER A 428 -5.60 -29.59 -26.50
C SER A 428 -4.18 -30.08 -26.24
N LEU A 429 -3.36 -30.17 -27.29
CA LEU A 429 -1.97 -30.57 -27.11
C LEU A 429 -1.21 -29.56 -26.27
N PHE A 430 -1.43 -28.27 -26.52
CA PHE A 430 -0.78 -27.23 -25.72
C PHE A 430 -1.21 -27.31 -24.26
N ASN A 431 -2.50 -27.54 -24.02
CA ASN A 431 -2.98 -27.70 -22.65
C ASN A 431 -2.33 -28.89 -21.97
N LEU A 432 -2.23 -30.01 -22.69
CA LEU A 432 -1.62 -31.21 -22.12
C LEU A 432 -0.16 -30.95 -21.76
N VAL A 433 0.58 -30.32 -22.68
CA VAL A 433 2.00 -30.04 -22.42
C VAL A 433 2.15 -29.09 -21.24
N TYR A 434 1.32 -28.04 -21.19
CA TYR A 434 1.40 -27.06 -20.11
C TYR A 434 1.13 -27.72 -18.76
N TRP A 435 0.05 -28.50 -18.67
CA TRP A 435 -0.31 -29.08 -17.38
C TRP A 435 0.69 -30.15 -16.95
N LEU A 436 1.22 -30.93 -17.91
CA LEU A 436 2.26 -31.90 -17.55
C LEU A 436 3.51 -31.19 -17.06
N TYR A 437 3.92 -30.10 -17.74
CA TYR A 437 5.13 -29.40 -17.34
C TYR A 437 4.98 -28.77 -15.96
N TYR A 438 3.83 -28.16 -15.68
CA TYR A 438 3.63 -27.39 -14.46
C TYR A 438 2.95 -28.18 -13.35
N VAL A 439 2.70 -29.47 -13.55
CA VAL A 439 2.21 -30.34 -12.48
C VAL A 439 2.92 -31.68 -12.58
N MET B 1 45.12 17.34 27.77
CA MET B 1 44.18 16.22 27.87
C MET B 1 43.43 16.29 29.20
N SER B 2 44.15 16.03 30.31
CA SER B 2 43.55 16.20 31.63
C SER B 2 43.21 17.67 31.87
N PHE B 3 44.09 18.57 31.44
CA PHE B 3 43.79 20.00 31.53
C PHE B 3 42.56 20.35 30.70
N VAL B 4 42.44 19.75 29.51
CA VAL B 4 41.27 20.01 28.67
C VAL B 4 40.00 19.55 29.37
N LYS B 5 40.04 18.34 29.96
CA LYS B 5 38.87 17.84 30.68
C LYS B 5 38.51 18.73 31.86
N GLU B 6 39.52 19.16 32.62
CA GLU B 6 39.27 20.03 33.76
C GLU B 6 38.65 21.36 33.32
N THR B 7 39.16 21.93 32.23
CA THR B 7 38.58 23.18 31.72
C THR B 7 37.14 22.98 31.26
N VAL B 8 36.86 21.85 30.60
CA VAL B 8 35.50 21.58 30.16
C VAL B 8 34.56 21.45 31.35
N ASP B 9 34.99 20.72 32.39
CA ASP B 9 34.14 20.56 33.56
C ASP B 9 33.95 21.88 34.30
N LYS B 10 34.98 22.72 34.34
CA LYS B 10 34.84 24.05 34.93
C LYS B 10 33.82 24.88 34.14
N LEU B 11 33.86 24.77 32.81
CA LEU B 11 32.84 25.44 31.99
C LEU B 11 31.45 24.91 32.31
N LEU B 12 31.33 23.60 32.51
CA LEU B 12 30.03 23.02 32.84
C LEU B 12 29.49 23.55 34.16
N LYS B 13 30.36 23.68 35.17
CA LYS B 13 29.93 24.37 36.38
C LYS B 13 29.63 25.83 36.09
N GLY B 14 28.77 26.42 36.92
CA GLY B 14 28.40 27.81 36.76
C GLY B 14 27.65 28.08 35.48
N TYR B 15 26.66 27.24 35.18
CA TYR B 15 25.89 27.34 33.93
C TYR B 15 24.46 26.88 34.20
N ASP B 16 23.51 27.80 34.07
CA ASP B 16 22.09 27.49 34.18
C ASP B 16 21.52 27.37 32.77
N ILE B 17 21.11 26.15 32.40
CA ILE B 17 20.62 25.91 31.05
C ILE B 17 19.33 26.65 30.78
N ARG B 18 18.53 26.91 31.82
CA ARG B 18 17.24 27.56 31.64
C ARG B 18 17.35 29.03 31.23
N LEU B 19 18.53 29.65 31.37
CA LEU B 19 18.72 31.06 31.09
C LEU B 19 19.44 31.22 29.76
N ARG B 20 18.90 32.08 28.90
CA ARG B 20 19.53 32.37 27.62
C ARG B 20 20.80 33.20 27.83
N PRO B 21 21.71 33.19 26.85
CA PRO B 21 22.84 34.12 26.92
C PRO B 21 22.36 35.56 26.90
N ASP B 22 22.98 36.39 27.76
CA ASP B 22 22.62 37.80 27.89
C ASP B 22 21.13 37.94 28.21
N PHE B 23 20.74 37.40 29.37
CA PHE B 23 19.34 37.37 29.76
C PHE B 23 18.78 38.78 29.90
N GLY B 24 19.53 39.67 30.55
CA GLY B 24 19.12 41.05 30.71
C GLY B 24 19.59 41.97 29.60
N GLY B 25 20.56 41.51 28.81
CA GLY B 25 21.14 42.33 27.78
C GLY B 25 20.30 42.37 26.52
N PRO B 26 20.85 42.98 25.48
CA PRO B 26 20.16 43.01 24.18
C PRO B 26 19.98 41.61 23.62
N PRO B 27 19.20 41.44 22.55
CA PRO B 27 18.96 40.10 22.02
C PRO B 27 20.24 39.43 21.52
N VAL B 28 20.27 38.11 21.63
CA VAL B 28 21.38 37.31 21.13
C VAL B 28 21.19 37.09 19.63
N CYS B 29 22.26 37.28 18.87
CA CYS B 29 22.26 37.06 17.43
C CYS B 29 22.60 35.61 17.14
N VAL B 30 21.70 34.93 16.44
CA VAL B 30 21.85 33.51 16.12
C VAL B 30 21.93 33.41 14.60
N GLY B 31 23.15 33.36 14.08
CA GLY B 31 23.32 33.15 12.65
C GLY B 31 22.96 31.73 12.27
N MET B 32 22.53 31.56 11.02
CA MET B 32 22.12 30.26 10.52
C MET B 32 22.55 30.08 9.08
N ASN B 33 22.82 28.83 8.73
CA ASN B 33 22.97 28.47 7.32
C ASN B 33 22.72 26.98 7.15
N ILE B 34 22.30 26.61 5.94
CA ILE B 34 21.83 25.27 5.63
C ILE B 34 22.69 24.73 4.50
N ASP B 35 22.84 23.41 4.47
CA ASP B 35 23.46 22.69 3.35
C ASP B 35 22.47 21.62 2.91
N ILE B 36 21.79 21.86 1.79
CA ILE B 36 20.80 20.92 1.29
C ILE B 36 21.50 19.67 0.79
N ALA B 37 20.90 18.51 1.06
CA ALA B 37 21.38 17.23 0.54
C ALA B 37 20.54 16.71 -0.62
N SER B 38 19.22 16.81 -0.53
CA SER B 38 18.33 16.37 -1.59
C SER B 38 16.91 16.79 -1.24
N ILE B 39 16.04 16.78 -2.26
CA ILE B 39 14.60 16.81 -2.10
C ILE B 39 14.10 15.46 -2.58
N ASP B 40 13.60 14.64 -1.66
CA ASP B 40 13.28 13.26 -1.99
C ASP B 40 12.01 13.17 -2.83
N MET B 41 10.93 13.79 -2.35
CA MET B 41 9.61 13.66 -2.96
C MET B 41 8.89 14.99 -2.93
N VAL B 42 8.03 15.19 -3.91
CA VAL B 42 7.20 16.40 -4.03
C VAL B 42 5.82 15.91 -4.43
N SER B 43 4.89 15.85 -3.47
CA SER B 43 3.58 15.25 -3.67
C SER B 43 2.55 16.34 -3.94
N GLU B 44 1.88 16.24 -5.08
CA GLU B 44 0.74 17.10 -5.37
C GLU B 44 -0.49 16.68 -4.58
N VAL B 45 -0.63 15.38 -4.30
CA VAL B 45 -1.79 14.90 -3.55
C VAL B 45 -1.75 15.43 -2.12
N ASN B 46 -0.60 15.30 -1.46
CA ASN B 46 -0.44 15.73 -0.08
C ASN B 46 -0.07 17.20 0.06
N MET B 47 0.38 17.85 -1.02
CA MET B 47 0.77 19.25 -0.99
C MET B 47 1.92 19.48 -0.02
N ASP B 48 2.98 18.68 -0.17
CA ASP B 48 4.16 18.81 0.67
C ASP B 48 5.35 18.20 -0.04
N TYR B 49 6.54 18.51 0.47
CA TYR B 49 7.78 17.98 -0.06
C TYR B 49 8.68 17.57 1.09
N THR B 50 9.57 16.62 0.81
CA THR B 50 10.54 16.10 1.78
C THR B 50 11.90 16.69 1.50
N LEU B 51 12.57 17.17 2.55
CA LEU B 51 13.81 17.91 2.43
C LEU B 51 14.80 17.37 3.46
N THR B 52 15.98 16.96 2.98
CA THR B 52 17.08 16.52 3.84
C THR B 52 18.19 17.56 3.80
N MET B 53 18.73 17.90 4.96
CA MET B 53 19.66 19.02 5.02
C MET B 53 20.50 18.96 6.27
N TYR B 54 21.57 19.74 6.25
CA TYR B 54 22.41 20.00 7.42
CA TYR B 54 22.41 20.01 7.41
C TYR B 54 22.10 21.42 7.90
N PHE B 55 21.61 21.52 9.13
CA PHE B 55 21.19 22.78 9.72
C PHE B 55 22.29 23.22 10.68
N GLN B 56 22.94 24.35 10.36
CA GLN B 56 24.07 24.87 11.13
C GLN B 56 23.66 26.18 11.77
N GLN B 57 23.88 26.29 13.09
CA GLN B 57 23.57 27.48 13.86
C GLN B 57 24.83 27.97 14.56
N TYR B 58 24.97 29.30 14.62
CA TYR B 58 26.12 29.96 15.22
CA TYR B 58 26.12 29.96 15.22
C TYR B 58 25.61 30.98 16.23
N TRP B 59 26.17 30.97 17.43
CA TRP B 59 25.81 32.00 18.40
C TRP B 59 26.97 32.21 19.37
N ARG B 60 26.72 32.98 20.42
CA ARG B 60 27.74 33.37 21.38
C ARG B 60 27.19 33.25 22.79
N ASP B 61 28.05 32.79 23.71
CA ASP B 61 27.66 32.64 25.11
C ASP B 61 28.90 32.87 25.95
N LYS B 62 28.92 34.00 26.68
CA LYS B 62 30.07 34.30 27.54
C LYS B 62 30.17 33.32 28.69
N ARG B 63 29.06 32.67 29.07
CA ARG B 63 29.10 31.70 30.15
C ARG B 63 30.02 30.53 29.84
N LEU B 64 30.13 30.16 28.56
CA LEU B 64 30.96 29.05 28.13
C LEU B 64 32.31 29.49 27.57
N ALA B 65 32.68 30.75 27.75
CA ALA B 65 33.97 31.22 27.28
C ALA B 65 35.09 30.63 28.12
N TYR B 66 36.23 30.34 27.47
CA TYR B 66 37.39 29.78 28.15
C TYR B 66 38.65 30.35 27.51
N SER B 67 39.80 29.88 27.99
CA SER B 67 41.09 30.33 27.48
C SER B 67 42.14 29.30 27.87
N GLY B 68 43.32 29.44 27.26
CA GLY B 68 44.44 28.56 27.54
C GLY B 68 44.48 27.27 26.75
N ILE B 69 43.50 27.03 25.89
CA ILE B 69 43.46 25.83 25.05
C ILE B 69 43.27 26.30 23.60
N PRO B 70 44.35 26.66 22.89
CA PRO B 70 44.18 27.21 21.54
C PRO B 70 43.87 26.14 20.50
N LEU B 71 42.61 25.73 20.43
CA LEU B 71 42.15 24.78 19.41
C LEU B 71 40.63 24.74 19.48
N ASN B 72 40.02 24.13 18.46
CA ASN B 72 38.58 24.00 18.37
C ASN B 72 38.15 22.73 19.11
N LEU B 73 37.39 22.89 20.18
CA LEU B 73 36.88 21.76 20.93
C LEU B 73 35.66 21.22 20.18
N THR B 74 35.89 20.20 19.35
CA THR B 74 34.82 19.55 18.59
C THR B 74 34.25 18.43 19.44
N LEU B 75 33.33 18.79 20.33
CA LEU B 75 32.78 17.85 21.35
C LEU B 75 31.85 16.84 20.70
N ASP B 76 31.18 16.01 21.51
CA ASP B 76 30.28 14.94 21.02
C ASP B 76 28.83 15.39 21.11
N ASN B 77 27.91 14.66 20.48
CA ASN B 77 26.45 14.98 20.54
C ASN B 77 26.06 15.20 22.00
N ARG B 78 26.48 14.31 22.90
CA ARG B 78 26.17 14.38 24.34
C ARG B 78 26.34 15.81 24.85
N VAL B 79 27.50 16.42 24.63
CA VAL B 79 27.83 17.77 25.17
C VAL B 79 26.60 18.69 25.08
N ALA B 80 25.83 18.62 23.99
CA ALA B 80 24.65 19.47 23.77
C ALA B 80 23.68 19.38 24.95
N ASP B 81 23.50 18.18 25.51
CA ASP B 81 22.52 17.95 26.61
C ASP B 81 22.68 18.99 27.72
N GLN B 82 23.89 19.52 27.92
CA GLN B 82 24.16 20.43 29.05
C GLN B 82 24.09 21.90 28.61
N LEU B 83 24.26 22.18 27.32
CA LEU B 83 24.34 23.58 26.83
C LEU B 83 22.99 24.09 26.34
N TRP B 84 22.69 25.37 26.56
CA TRP B 84 21.51 26.01 26.00
C TRP B 84 21.63 26.09 24.49
N VAL B 85 20.51 25.89 23.81
CA VAL B 85 20.45 25.98 22.35
C VAL B 85 19.21 26.80 21.99
N PRO B 86 19.16 27.44 20.81
CA PRO B 86 17.94 28.16 20.44
C PRO B 86 16.76 27.22 20.27
N ASP B 87 15.57 27.74 20.56
CA ASP B 87 14.33 26.99 20.36
C ASP B 87 13.82 27.16 18.93
N THR B 88 14.64 26.83 17.93
CA THR B 88 14.23 27.02 16.53
C THR B 88 13.30 25.92 16.09
N TYR B 89 12.34 26.24 15.21
CA TYR B 89 11.37 25.24 14.68
C TYR B 89 11.02 25.61 13.29
N PHE B 90 10.44 24.70 12.52
CA PHE B 90 10.02 24.98 11.12
C PHE B 90 8.52 25.13 11.10
N LEU B 91 8.04 26.35 10.91
CA LEU B 91 6.60 26.62 11.00
C LEU B 91 5.78 25.87 9.94
N ASN B 92 6.39 25.28 8.92
CA ASN B 92 5.56 24.66 7.86
C ASN B 92 5.76 23.15 7.87
N ASP B 93 6.53 22.61 8.82
CA ASP B 93 6.86 21.16 8.82
C ASP B 93 5.64 20.35 9.21
N LYS B 94 5.51 19.14 8.66
CA LYS B 94 4.39 18.24 9.00
C LYS B 94 4.98 17.04 9.73
N LYS B 95 6.25 16.72 9.48
CA LYS B 95 6.91 15.61 10.16
C LYS B 95 8.41 15.81 9.99
N SER B 96 9.14 15.83 11.09
CA SER B 96 10.57 16.09 11.07
C SER B 96 11.26 15.21 12.11
N PHE B 97 12.50 14.83 11.81
CA PHE B 97 13.28 14.02 12.73
C PHE B 97 14.76 14.25 12.43
N VAL B 98 15.60 13.88 13.39
CA VAL B 98 17.05 13.95 13.28
C VAL B 98 17.55 12.53 13.12
N HIS B 99 18.34 12.29 12.07
CA HIS B 99 18.86 10.95 11.78
C HIS B 99 19.70 10.44 12.95
N GLY B 100 19.49 9.16 13.28
CA GLY B 100 20.02 8.59 14.50
C GLY B 100 20.78 7.28 14.33
N VAL B 101 21.56 7.16 13.26
CA VAL B 101 22.37 5.98 12.99
C VAL B 101 23.74 6.46 12.47
N THR B 102 24.85 5.92 12.99
CA THR B 102 24.96 5.01 14.13
C THR B 102 24.67 5.73 15.44
N VAL B 103 25.09 6.99 15.50
CA VAL B 103 24.82 7.87 16.64
C VAL B 103 23.88 8.97 16.17
N LYS B 104 23.46 9.84 17.09
CA LYS B 104 22.58 10.94 16.75
C LYS B 104 23.38 11.97 15.95
N ASN B 105 22.91 12.27 14.74
CA ASN B 105 23.65 13.15 13.82
C ASN B 105 23.52 14.60 14.27
N ARG B 106 24.22 14.90 15.36
CA ARG B 106 24.35 16.23 15.94
C ARG B 106 25.83 16.58 15.98
N MET B 107 26.11 17.82 16.35
CA MET B 107 27.50 18.25 16.51
C MET B 107 27.53 19.57 17.28
N ILE B 108 28.47 19.69 18.22
CA ILE B 108 28.74 20.95 18.90
C ILE B 108 30.23 21.20 18.86
N ARG B 109 30.61 22.42 18.50
CA ARG B 109 32.00 22.85 18.46
C ARG B 109 32.13 24.17 19.19
N LEU B 110 33.08 24.23 20.13
CA LEU B 110 33.40 25.42 20.90
C LEU B 110 34.76 25.96 20.46
N HIS B 111 34.92 27.26 20.59
CA HIS B 111 36.11 27.99 20.18
C HIS B 111 36.70 28.68 21.40
N PRO B 112 37.95 29.16 21.32
CA PRO B 112 38.52 29.88 22.48
C PRO B 112 37.69 31.08 22.91
N ASP B 113 37.08 31.79 21.97
CA ASP B 113 36.13 32.85 22.32
C ASP B 113 34.82 32.20 22.76
N GLY B 114 33.81 33.02 23.03
CA GLY B 114 32.54 32.52 23.53
C GLY B 114 31.62 31.90 22.49
N THR B 115 32.04 31.85 21.22
CA THR B 115 31.15 31.37 20.18
C THR B 115 30.90 29.87 20.28
N VAL B 116 29.71 29.46 19.84
CA VAL B 116 29.29 28.07 19.81
C VAL B 116 28.71 27.78 18.43
N LEU B 117 29.09 26.64 17.86
CA LEU B 117 28.55 26.15 16.60
C LEU B 117 27.79 24.85 16.86
N TYR B 118 26.58 24.75 16.31
CA TYR B 118 25.67 23.66 16.61
C TYR B 118 25.06 23.17 15.31
N GLY B 119 25.35 21.92 14.95
CA GLY B 119 24.92 21.34 13.70
C GLY B 119 24.01 20.14 13.91
N LEU B 120 23.03 19.99 13.03
CA LEU B 120 22.11 18.85 13.06
C LEU B 120 21.90 18.36 11.64
N ARG B 121 21.70 17.05 11.47
CA ARG B 121 21.25 16.52 10.18
C ARG B 121 19.77 16.18 10.29
N ILE B 122 18.95 16.84 9.47
CA ILE B 122 17.50 16.85 9.65
C ILE B 122 16.82 16.50 8.34
N THR B 123 15.82 15.62 8.43
CA THR B 123 14.86 15.38 7.35
C THR B 123 13.50 15.88 7.81
N THR B 124 12.86 16.69 6.96
CA THR B 124 11.55 17.26 7.27
C THR B 124 10.60 17.01 6.10
N THR B 125 9.31 16.98 6.40
CA THR B 125 8.25 16.93 5.40
C THR B 125 7.48 18.24 5.52
N ALA B 126 7.76 19.18 4.61
CA ALA B 126 7.26 20.54 4.70
C ALA B 126 6.09 20.75 3.74
N ALA B 127 5.05 21.41 4.24
CA ALA B 127 3.89 21.70 3.41
C ALA B 127 4.25 22.73 2.34
N CYS B 128 3.74 22.51 1.12
CA CYS B 128 3.95 23.41 -0.01
C CYS B 128 2.65 23.47 -0.79
N MET B 129 1.82 24.46 -0.48
CA MET B 129 0.57 24.65 -1.22
C MET B 129 0.87 24.92 -2.69
N MET B 130 0.16 24.22 -3.57
CA MET B 130 0.41 24.26 -5.00
C MET B 130 -0.82 24.80 -5.73
N ASP B 131 -0.57 25.65 -6.73
CA ASP B 131 -1.62 26.18 -7.61
C ASP B 131 -1.60 25.31 -8.86
N LEU B 132 -2.37 24.22 -8.82
CA LEU B 132 -2.39 23.23 -9.89
C LEU B 132 -3.51 23.48 -10.90
N ARG B 133 -4.08 24.69 -10.91
CA ARG B 133 -5.10 25.01 -11.91
C ARG B 133 -4.54 24.98 -13.33
N ARG B 134 -3.23 25.22 -13.49
CA ARG B 134 -2.56 25.18 -14.78
C ARG B 134 -1.74 23.90 -14.95
N TYR B 135 -2.06 22.85 -14.19
CA TYR B 135 -1.32 21.60 -14.29
C TYR B 135 -1.52 20.99 -15.67
N PRO B 136 -0.48 20.38 -16.28
CA PRO B 136 0.92 20.21 -15.85
C PRO B 136 1.83 21.37 -16.24
N LEU B 137 1.27 22.41 -16.84
CA LEU B 137 2.05 23.59 -17.26
C LEU B 137 2.09 24.64 -16.16
N ASP B 138 2.54 24.22 -14.97
CA ASP B 138 2.49 25.03 -13.76
C ASP B 138 3.89 25.29 -13.23
N GLU B 139 4.00 26.33 -12.41
CA GLU B 139 5.22 26.68 -11.70
C GLU B 139 4.87 26.90 -10.24
N GLN B 140 5.58 26.21 -9.35
CA GLN B 140 5.25 26.18 -7.93
C GLN B 140 6.34 26.90 -7.12
N ASN B 141 5.91 27.54 -6.04
CA ASN B 141 6.79 28.20 -5.09
C ASN B 141 6.65 27.46 -3.76
N CYS B 142 7.69 26.74 -3.35
CA CYS B 142 7.72 26.04 -2.09
C CYS B 142 8.61 26.82 -1.12
N THR B 143 8.30 26.70 0.17
CA THR B 143 8.97 27.51 1.19
C THR B 143 9.25 26.68 2.43
N LEU B 144 10.28 27.11 3.16
CA LEU B 144 10.63 26.58 4.48
C LEU B 144 10.80 27.77 5.40
N GLU B 145 9.99 27.83 6.45
CA GLU B 145 9.92 28.96 7.37
C GLU B 145 10.55 28.56 8.69
N ILE B 146 11.56 29.30 9.12
CA ILE B 146 12.32 29.01 10.33
C ILE B 146 12.03 30.11 11.34
N GLU B 147 11.60 29.73 12.54
CA GLU B 147 11.16 30.72 13.54
C GLU B 147 11.43 30.25 14.97
N SER B 148 11.42 31.17 15.94
CA SER B 148 11.60 30.79 17.37
C SER B 148 10.22 30.42 17.94
N TYR B 149 10.17 29.49 18.89
CA TYR B 149 8.85 29.01 19.40
C TYR B 149 8.35 29.90 20.50
N GLY B 150 9.24 30.52 21.25
CA GLY B 150 8.69 31.29 22.37
C GLY B 150 9.51 32.50 22.71
N TYR B 151 10.43 32.86 21.86
CA TYR B 151 11.24 34.05 22.11
C TYR B 151 10.95 35.11 21.05
N THR B 152 10.79 36.35 21.50
CA THR B 152 10.50 37.47 20.62
C THR B 152 11.82 38.04 20.09
N THR B 153 11.70 39.06 19.23
CA THR B 153 12.88 39.73 18.71
C THR B 153 13.65 40.48 19.79
N ASP B 154 13.02 40.75 20.95
CA ASP B 154 13.74 41.39 22.05
C ASP B 154 14.78 40.46 22.65
N ASP B 155 14.62 39.15 22.51
CA ASP B 155 15.52 38.15 23.10
C ASP B 155 16.43 37.47 22.09
N ILE B 156 15.92 37.13 20.91
CA ILE B 156 16.66 36.36 19.91
C ILE B 156 16.46 37.02 18.55
N GLU B 157 17.54 37.08 17.76
CA GLU B 157 17.53 37.72 16.45
C GLU B 157 18.24 36.81 15.46
N PHE B 158 17.52 36.38 14.43
CA PHE B 158 18.06 35.48 13.41
C PHE B 158 18.70 36.28 12.27
N TYR B 159 19.57 35.60 11.53
CA TYR B 159 20.13 36.15 10.30
C TYR B 159 20.82 35.03 9.54
N TRP B 160 20.78 35.12 8.22
CA TRP B 160 21.51 34.19 7.36
C TRP B 160 23.00 34.50 7.43
N ARG B 161 23.80 33.52 7.83
CA ARG B 161 25.24 33.70 7.94
C ARG B 161 25.85 33.59 6.55
N GLY B 162 26.37 34.70 6.04
CA GLY B 162 26.93 34.77 4.70
C GLY B 162 26.02 35.35 3.65
N GLY B 163 24.82 35.80 4.02
CA GLY B 163 23.91 36.37 3.04
C GLY B 163 23.44 35.35 2.04
N ASP B 164 23.47 35.72 0.76
CA ASP B 164 23.00 34.84 -0.30
C ASP B 164 23.83 33.57 -0.42
N LYS B 165 25.03 33.54 0.13
CA LYS B 165 25.88 32.36 0.14
C LYS B 165 25.58 31.44 1.32
N ALA B 166 24.57 31.76 2.15
CA ALA B 166 24.30 30.95 3.34
C ALA B 166 23.91 29.53 2.96
N VAL B 167 22.91 29.39 2.08
CA VAL B 167 22.42 28.08 1.69
C VAL B 167 23.29 27.55 0.56
N THR B 168 23.82 26.34 0.74
CA THR B 168 24.72 25.70 -0.20
C THR B 168 24.15 24.34 -0.60
N GLY B 169 24.60 23.86 -1.75
CA GLY B 169 24.21 22.54 -2.21
C GLY B 169 22.91 22.50 -2.97
N VAL B 170 22.42 23.63 -3.47
CA VAL B 170 21.19 23.63 -4.26
C VAL B 170 21.40 22.87 -5.56
N GLU B 171 22.62 22.91 -6.11
CA GLU B 171 22.92 22.16 -7.33
C GLU B 171 22.75 20.66 -7.14
N ARG B 172 22.92 20.15 -5.91
CA ARG B 172 22.70 18.73 -5.66
C ARG B 172 21.24 18.35 -5.83
N ILE B 173 20.32 19.30 -5.74
CA ILE B 173 18.89 18.99 -5.84
C ILE B 173 18.58 18.62 -7.29
N GLU B 174 18.09 17.39 -7.48
CA GLU B 174 17.63 16.93 -8.79
C GLU B 174 16.37 16.11 -8.59
N LEU B 175 15.36 16.40 -9.39
CA LEU B 175 14.08 15.71 -9.36
C LEU B 175 13.72 15.26 -10.77
N PRO B 176 12.95 14.17 -10.92
CA PRO B 176 12.65 13.69 -12.27
C PRO B 176 11.72 14.62 -13.04
N GLN B 177 10.64 15.06 -12.40
CA GLN B 177 9.63 15.88 -13.07
C GLN B 177 9.89 17.37 -12.91
N PHE B 178 10.34 17.80 -11.73
CA PHE B 178 10.54 19.22 -11.43
C PHE B 178 11.98 19.62 -11.69
N SER B 179 12.17 20.90 -12.02
CA SER B 179 13.47 21.52 -12.14
C SER B 179 13.45 22.83 -11.39
N ILE B 180 14.42 23.02 -10.49
CA ILE B 180 14.52 24.26 -9.73
C ILE B 180 15.08 25.35 -10.63
N VAL B 181 14.40 26.50 -10.67
CA VAL B 181 14.80 27.62 -11.50
C VAL B 181 15.39 28.75 -10.69
N GLU B 182 14.98 28.93 -9.43
CA GLU B 182 15.46 30.03 -8.61
C GLU B 182 15.26 29.66 -7.15
N HIS B 183 16.16 30.19 -6.30
CA HIS B 183 16.04 30.06 -4.87
C HIS B 183 16.33 31.41 -4.22
N ARG B 184 15.63 31.71 -3.14
CA ARG B 184 15.72 32.99 -2.46
C ARG B 184 15.78 32.80 -0.96
N LEU B 185 16.54 33.70 -0.32
CA LEU B 185 16.67 33.79 1.13
C LEU B 185 16.07 35.11 1.57
N VAL B 186 15.20 35.08 2.58
CA VAL B 186 14.69 36.32 3.16
C VAL B 186 14.60 36.19 4.66
N SER B 187 14.57 37.34 5.34
CA SER B 187 14.48 37.43 6.79
C SER B 187 13.54 38.58 7.14
N ARG B 188 12.70 38.36 8.14
CA ARG B 188 11.68 39.35 8.50
C ARG B 188 11.28 39.16 9.95
N ASN B 189 10.33 39.97 10.40
CA ASN B 189 9.75 39.87 11.74
C ASN B 189 8.24 39.74 11.59
N VAL B 190 7.68 38.65 12.14
CA VAL B 190 6.25 38.39 12.12
C VAL B 190 5.67 38.74 13.47
N VAL B 191 4.55 39.45 13.47
CA VAL B 191 3.97 40.04 14.67
C VAL B 191 2.73 39.24 15.07
N PHE B 192 2.64 38.90 16.35
CA PHE B 192 1.47 38.27 16.94
C PHE B 192 1.03 39.10 18.14
N ALA B 193 -0.12 38.72 18.71
CA ALA B 193 -0.58 39.37 19.93
C ALA B 193 0.38 39.12 21.07
N THR B 194 0.95 37.91 21.15
CA THR B 194 1.90 37.60 22.21
C THR B 194 3.16 38.44 22.07
N GLY B 195 3.65 38.63 20.84
CA GLY B 195 4.83 39.45 20.61
C GLY B 195 5.32 39.31 19.20
N ALA B 196 6.32 40.13 18.88
CA ALA B 196 6.95 40.07 17.56
C ALA B 196 8.10 39.08 17.57
N TYR B 197 8.08 38.18 16.58
CA TYR B 197 9.03 37.08 16.49
C TYR B 197 9.89 37.26 15.25
N PRO B 198 11.15 36.81 15.27
CA PRO B 198 11.95 36.83 14.05
C PRO B 198 11.58 35.67 13.14
N ARG B 199 12.08 35.71 11.91
CA ARG B 199 11.84 34.61 10.99
C ARG B 199 12.85 34.67 9.86
N LEU B 200 13.33 33.49 9.47
CA LEU B 200 14.06 33.30 8.22
C LEU B 200 13.22 32.44 7.29
N SER B 201 13.48 32.54 6.00
CA SER B 201 12.68 31.82 5.02
C SER B 201 13.50 31.48 3.79
N LEU B 202 13.37 30.23 3.37
CA LEU B 202 14.04 29.66 2.20
C LEU B 202 12.98 29.29 1.18
N SER B 203 13.00 29.92 0.02
CA SER B 203 12.01 29.68 -1.02
C SER B 203 12.67 29.11 -2.26
N PHE B 204 12.03 28.10 -2.86
CA PHE B 204 12.43 27.54 -4.14
C PHE B 204 11.29 27.69 -5.13
N ARG B 205 11.65 27.86 -6.41
CA ARG B 205 10.70 27.94 -7.51
C ARG B 205 10.92 26.77 -8.45
N LEU B 206 10.03 25.78 -8.39
CA LEU B 206 10.11 24.59 -9.24
C LEU B 206 9.24 24.76 -10.47
N LYS B 207 9.73 24.28 -11.60
CA LYS B 207 8.99 24.26 -12.86
C LYS B 207 8.89 22.82 -13.33
N ARG B 208 7.69 22.40 -13.71
CA ARG B 208 7.44 21.01 -14.09
C ARG B 208 7.90 20.74 -15.50
N ASN B 209 8.50 19.56 -15.71
CA ASN B 209 8.84 19.10 -17.04
C ASN B 209 7.60 18.48 -17.69
N ILE B 210 7.43 18.73 -18.98
CA ILE B 210 6.18 18.45 -19.67
C ILE B 210 6.29 17.30 -20.67
N GLY B 211 7.49 16.82 -20.98
CA GLY B 211 7.66 15.86 -22.07
C GLY B 211 6.85 14.58 -21.87
N TYR B 212 6.77 14.10 -20.63
CA TYR B 212 5.95 12.93 -20.34
C TYR B 212 4.48 13.20 -20.69
N PHE B 213 3.99 14.37 -20.34
CA PHE B 213 2.59 14.69 -20.62
C PHE B 213 2.35 14.88 -22.11
N ILE B 214 3.29 15.51 -22.83
CA ILE B 214 3.15 15.63 -24.27
C ILE B 214 3.12 14.25 -24.92
N LEU B 215 3.90 13.31 -24.38
CA LEU B 215 3.94 11.98 -24.95
C LEU B 215 2.70 11.16 -24.63
N GLN B 216 2.13 11.34 -23.44
CA GLN B 216 1.06 10.46 -22.95
C GLN B 216 -0.35 11.01 -23.15
N THR B 217 -0.56 12.32 -23.00
CA THR B 217 -1.90 12.90 -23.02
C THR B 217 -2.24 13.54 -24.35
N TYR B 218 -1.45 14.51 -24.79
CA TYR B 218 -1.86 15.38 -25.89
C TYR B 218 -1.79 14.66 -27.22
N MET B 219 -0.70 13.93 -27.48
CA MET B 219 -0.55 13.28 -28.78
C MET B 219 -1.58 12.18 -29.02
N PRO B 220 -1.82 11.24 -28.09
CA PRO B 220 -2.86 10.23 -28.36
C PRO B 220 -4.25 10.83 -28.53
N SER B 221 -4.59 11.85 -27.76
CA SER B 221 -5.90 12.48 -27.89
C SER B 221 -6.04 13.14 -29.26
N ILE B 222 -4.99 13.83 -29.72
CA ILE B 222 -5.03 14.47 -31.03
C ILE B 222 -5.16 13.42 -32.13
N LEU B 223 -4.41 12.32 -32.01
CA LEU B 223 -4.47 11.27 -33.03
C LEU B 223 -5.85 10.62 -33.06
N ILE B 224 -6.45 10.40 -31.90
CA ILE B 224 -7.79 9.81 -31.86
C ILE B 224 -8.82 10.77 -32.43
N THR B 225 -8.65 12.07 -32.18
CA THR B 225 -9.56 13.06 -32.76
C THR B 225 -9.44 13.06 -34.28
N ILE B 226 -8.22 12.94 -34.81
CA ILE B 226 -8.04 12.85 -36.25
C ILE B 226 -8.70 11.58 -36.78
N LEU B 227 -8.53 10.46 -36.07
CA LEU B 227 -9.17 9.22 -36.48
C LEU B 227 -10.69 9.34 -36.47
N SER B 228 -11.22 10.16 -35.57
CA SER B 228 -12.65 10.45 -35.60
C SER B 228 -13.01 11.26 -36.84
N TRP B 229 -12.15 12.21 -37.21
CA TRP B 229 -12.38 12.97 -38.44
C TRP B 229 -12.38 12.10 -39.68
N VAL B 230 -11.66 10.98 -39.64
CA VAL B 230 -11.59 10.07 -40.80
C VAL B 230 -12.99 9.63 -41.26
N SER B 231 -13.98 9.62 -40.36
CA SER B 231 -15.32 9.20 -40.74
C SER B 231 -15.94 10.05 -41.85
N PHE B 232 -15.55 11.31 -41.96
CA PHE B 232 -16.17 12.19 -42.94
C PHE B 232 -15.79 11.86 -44.38
N TRP B 233 -14.67 11.18 -44.59
CA TRP B 233 -14.22 10.80 -45.93
C TRP B 233 -14.73 9.42 -46.36
N ILE B 234 -15.55 8.77 -45.53
CA ILE B 234 -16.16 7.48 -45.88
C ILE B 234 -17.55 7.78 -46.43
N ASN B 235 -18.02 6.90 -47.33
CA ASN B 235 -19.30 7.10 -47.98
C ASN B 235 -20.43 7.10 -46.95
N TYR B 236 -21.43 7.95 -47.19
CA TYR B 236 -22.52 8.12 -46.24
C TYR B 236 -23.36 6.86 -46.06
N ASP B 237 -23.37 5.97 -47.05
CA ASP B 237 -24.13 4.73 -46.96
C ASP B 237 -23.37 3.60 -46.27
N ALA B 238 -22.10 3.81 -45.91
CA ALA B 238 -21.34 2.82 -45.15
C ALA B 238 -21.65 2.98 -43.66
N SER B 239 -22.89 2.65 -43.32
CA SER B 239 -23.41 2.96 -41.99
C SER B 239 -22.68 2.16 -40.91
N ALA B 240 -22.51 0.86 -41.12
CA ALA B 240 -21.84 0.04 -40.12
C ALA B 240 -20.41 0.54 -39.88
N ALA B 241 -19.69 0.82 -40.96
CA ALA B 241 -18.31 1.28 -40.84
C ALA B 241 -18.23 2.61 -40.10
N ARG B 242 -19.05 3.58 -40.51
CA ARG B 242 -18.95 4.91 -39.92
C ARG B 242 -19.40 4.91 -38.46
N VAL B 243 -20.48 4.19 -38.14
CA VAL B 243 -20.94 4.14 -36.76
C VAL B 243 -19.93 3.42 -35.89
N ALA B 244 -19.35 2.31 -36.37
CA ALA B 244 -18.34 1.60 -35.60
C ALA B 244 -17.14 2.49 -35.36
N LEU B 245 -16.69 3.21 -36.39
CA LEU B 245 -15.55 4.10 -36.22
C LEU B 245 -15.83 5.17 -35.17
N GLY B 246 -16.98 5.84 -35.28
CA GLY B 246 -17.29 6.91 -34.34
C GLY B 246 -17.41 6.41 -32.91
N ILE B 247 -18.16 5.33 -32.72
CA ILE B 247 -18.43 4.86 -31.36
C ILE B 247 -17.17 4.26 -30.74
N THR B 248 -16.33 3.59 -31.55
CA THR B 248 -15.09 3.06 -31.00
C THR B 248 -14.09 4.17 -30.72
N THR B 249 -14.10 5.26 -31.50
CA THR B 249 -13.28 6.41 -31.15
C THR B 249 -13.73 7.01 -29.82
N VAL B 250 -15.05 7.09 -29.61
CA VAL B 250 -15.56 7.58 -28.33
C VAL B 250 -15.11 6.67 -27.20
N LEU B 251 -15.19 5.36 -27.41
CA LEU B 251 -14.76 4.40 -26.38
C LEU B 251 -13.28 4.55 -26.08
N THR B 252 -12.46 4.75 -27.12
CA THR B 252 -11.02 4.90 -26.91
C THR B 252 -10.72 6.19 -26.16
N MET B 253 -11.43 7.27 -26.49
CA MET B 253 -11.26 8.52 -25.76
C MET B 253 -11.63 8.33 -24.29
N THR B 254 -12.74 7.64 -24.02
CA THR B 254 -13.12 7.36 -22.64
C THR B 254 -12.06 6.53 -21.93
N THR B 255 -11.50 5.53 -22.63
CA THR B 255 -10.47 4.69 -22.04
C THR B 255 -9.25 5.50 -21.65
N ILE B 256 -8.77 6.33 -22.59
CA ILE B 256 -7.59 7.15 -22.33
C ILE B 256 -7.85 8.11 -21.18
N ASN B 257 -9.01 8.78 -21.20
CA ASN B 257 -9.33 9.75 -20.17
C ASN B 257 -9.38 9.10 -18.79
N THR B 258 -10.07 7.97 -18.68
CA THR B 258 -10.25 7.35 -17.37
C THR B 258 -8.93 6.79 -16.85
N HIS B 259 -8.15 6.12 -17.70
CA HIS B 259 -6.89 5.56 -17.24
C HIS B 259 -5.90 6.66 -16.89
N LEU B 260 -5.90 7.76 -17.65
CA LEU B 260 -5.06 8.90 -17.30
C LEU B 260 -5.46 9.49 -15.95
N ARG B 261 -6.76 9.62 -15.71
CA ARG B 261 -7.23 10.13 -14.43
C ARG B 261 -6.83 9.21 -13.29
N GLU B 262 -6.84 7.89 -13.54
CA GLU B 262 -6.39 6.94 -12.52
C GLU B 262 -4.90 7.10 -12.25
N THR B 263 -4.08 7.24 -13.30
CA THR B 263 -2.64 7.30 -13.12
C THR B 263 -2.23 8.59 -12.42
N LEU B 264 -2.75 9.73 -12.88
CA LEU B 264 -2.31 11.01 -12.37
C LEU B 264 -2.71 11.18 -10.91
N PRO B 265 -2.05 12.06 -10.17
CA PRO B 265 -2.42 12.26 -8.76
C PRO B 265 -3.82 12.81 -8.64
N LYS B 266 -4.45 12.55 -7.50
CA LYS B 266 -5.83 12.94 -7.26
C LYS B 266 -5.87 14.35 -6.68
N ILE B 267 -6.19 15.32 -7.53
CA ILE B 267 -6.40 16.70 -7.14
C ILE B 267 -7.82 17.08 -7.55
N PRO B 268 -8.84 16.94 -6.61
CA PRO B 268 -10.24 17.16 -7.00
C PRO B 268 -10.65 18.63 -7.21
N TYR B 269 -9.96 19.30 -8.13
CA TYR B 269 -10.52 20.48 -8.79
C TYR B 269 -10.04 20.47 -10.24
N VAL B 270 -10.57 21.41 -11.02
CA VAL B 270 -10.46 21.36 -12.48
C VAL B 270 -9.09 21.90 -12.90
N LYS B 271 -8.40 21.15 -13.75
CA LYS B 271 -7.08 21.49 -14.27
C LYS B 271 -7.17 21.76 -15.78
N ALA B 272 -6.02 22.07 -16.39
CA ALA B 272 -5.94 22.35 -17.83
C ALA B 272 -6.03 21.07 -18.66
N ILE B 273 -5.41 20.00 -18.17
CA ILE B 273 -5.46 18.72 -18.86
C ILE B 273 -6.91 18.23 -18.92
N ASP B 274 -7.69 18.54 -17.90
CA ASP B 274 -9.11 18.18 -17.91
C ASP B 274 -9.85 18.89 -19.03
N MET B 275 -9.59 20.19 -19.22
CA MET B 275 -10.22 20.91 -20.34
C MET B 275 -9.80 20.31 -21.67
N TYR B 276 -8.52 19.96 -21.83
CA TYR B 276 -8.08 19.41 -23.10
C TYR B 276 -8.78 18.09 -23.40
N LEU B 277 -8.83 17.20 -22.40
CA LEU B 277 -9.46 15.90 -22.60
C LEU B 277 -10.96 16.05 -22.86
N MET B 278 -11.62 16.95 -22.13
CA MET B 278 -13.05 17.17 -22.35
C MET B 278 -13.31 17.74 -23.74
N GLY B 279 -12.42 18.63 -24.21
CA GLY B 279 -12.58 19.16 -25.55
C GLY B 279 -12.48 18.07 -26.61
N CYS B 280 -11.49 17.19 -26.47
CA CYS B 280 -11.37 16.08 -27.42
C CYS B 280 -12.58 15.16 -27.36
N PHE B 281 -13.10 14.91 -26.15
CA PHE B 281 -14.29 14.09 -26.00
C PHE B 281 -15.47 14.73 -26.70
N VAL B 282 -15.65 16.04 -26.53
CA VAL B 282 -16.75 16.73 -27.18
C VAL B 282 -16.59 16.71 -28.69
N PHE B 283 -15.35 16.78 -29.18
CA PHE B 283 -15.12 16.75 -30.62
C PHE B 283 -15.53 15.40 -31.22
N VAL B 284 -15.14 14.31 -30.57
CA VAL B 284 -15.52 12.99 -31.11
C VAL B 284 -17.04 12.79 -31.00
N PHE B 285 -17.63 13.26 -29.91
CA PHE B 285 -19.08 13.19 -29.76
C PHE B 285 -19.79 13.96 -30.87
N LEU B 286 -19.29 15.15 -31.19
CA LEU B 286 -19.88 15.95 -32.24
C LEU B 286 -19.70 15.29 -33.60
N ALA B 287 -18.58 14.60 -33.81
CA ALA B 287 -18.39 13.88 -35.06
C ALA B 287 -19.44 12.78 -35.23
N LEU B 288 -19.66 11.99 -34.18
CA LEU B 288 -20.68 10.94 -34.27
C LEU B 288 -22.07 11.54 -34.47
N LEU B 289 -22.38 12.63 -33.76
CA LEU B 289 -23.66 13.29 -33.94
C LEU B 289 -23.82 13.83 -35.36
N GLU B 290 -22.73 14.34 -35.94
CA GLU B 290 -22.77 14.83 -37.31
C GLU B 290 -23.10 13.70 -38.28
N TYR B 291 -22.50 12.52 -38.07
CA TYR B 291 -22.89 11.40 -38.91
C TYR B 291 -24.36 11.06 -38.72
N ALA B 292 -24.86 11.15 -37.49
CA ALA B 292 -26.28 10.90 -37.26
C ALA B 292 -27.14 11.85 -38.07
N PHE B 293 -26.77 13.14 -38.08
CA PHE B 293 -27.48 14.13 -38.89
C PHE B 293 -27.45 13.74 -40.36
N VAL B 294 -26.28 13.34 -40.86
CA VAL B 294 -26.14 12.98 -42.26
C VAL B 294 -27.04 11.81 -42.61
N ASN B 295 -27.00 10.76 -41.78
CA ASN B 295 -27.78 9.56 -42.05
C ASN B 295 -29.27 9.85 -42.03
N TYR B 296 -29.73 10.66 -41.09
CA TYR B 296 -31.15 10.99 -41.05
C TYR B 296 -31.55 11.80 -42.28
N ILE B 297 -30.79 12.85 -42.60
CA ILE B 297 -31.23 13.78 -43.64
C ILE B 297 -31.17 13.12 -45.01
N PHE B 298 -30.07 12.46 -45.33
CA PHE B 298 -29.84 12.00 -46.71
C PHE B 298 -30.28 10.56 -46.93
N PHE B 299 -29.72 9.61 -46.19
CA PHE B 299 -30.05 8.21 -46.40
C PHE B 299 -31.52 7.93 -46.08
N GLY B 300 -32.02 8.52 -45.00
CA GLY B 300 -33.41 8.35 -44.62
C GLY B 300 -34.33 9.28 -45.42
N ARG B 301 -35.58 9.33 -44.98
CA ARG B 301 -36.56 10.19 -45.63
C ARG B 301 -36.18 11.66 -45.49
N GLY B 302 -35.76 12.06 -44.30
CA GLY B 302 -35.37 13.44 -44.05
C GLY B 302 -36.52 14.42 -44.21
N ASP B 411 -21.48 15.84 -55.93
CA ASP B 411 -21.55 14.41 -55.69
C ASP B 411 -21.47 14.07 -54.20
N VAL B 412 -20.62 14.79 -53.47
CA VAL B 412 -20.53 14.61 -52.03
C VAL B 412 -21.63 15.43 -51.37
N ASN B 413 -22.23 14.87 -50.32
CA ASN B 413 -23.32 15.55 -49.64
C ASN B 413 -22.81 16.82 -48.95
N ALA B 414 -23.74 17.74 -48.69
CA ALA B 414 -23.37 19.06 -48.20
C ALA B 414 -22.75 18.99 -46.81
N ILE B 415 -23.34 18.19 -45.92
CA ILE B 415 -22.92 18.19 -44.52
C ILE B 415 -21.50 17.63 -44.39
N ASP B 416 -21.22 16.51 -45.07
CA ASP B 416 -19.89 15.92 -44.99
C ASP B 416 -18.84 16.84 -45.58
N ARG B 417 -19.15 17.45 -46.74
CA ARG B 417 -18.20 18.36 -47.38
C ARG B 417 -17.87 19.54 -46.49
N TRP B 418 -18.89 20.11 -45.83
CA TRP B 418 -18.64 21.23 -44.94
CA TRP B 418 -18.66 21.22 -44.93
C TRP B 418 -17.94 20.78 -43.66
N SER B 419 -18.29 19.59 -43.16
CA SER B 419 -17.68 19.09 -41.94
C SER B 419 -16.18 18.84 -42.14
N ARG B 420 -15.80 18.35 -43.31
CA ARG B 420 -14.39 18.06 -43.61
C ARG B 420 -13.51 19.27 -43.36
N ILE B 421 -14.02 20.47 -43.67
CA ILE B 421 -13.27 21.70 -43.46
C ILE B 421 -13.47 22.24 -42.05
N VAL B 422 -14.71 22.18 -41.54
CA VAL B 422 -15.00 22.87 -40.28
C VAL B 422 -14.33 22.17 -39.10
N PHE B 423 -14.37 20.83 -39.06
CA PHE B 423 -13.87 20.12 -37.88
C PHE B 423 -12.38 20.34 -37.65
N PRO B 424 -11.49 20.15 -38.63
CA PRO B 424 -10.07 20.47 -38.39
C PRO B 424 -9.82 21.92 -38.03
N PHE B 425 -10.53 22.85 -38.67
CA PHE B 425 -10.32 24.26 -38.37
C PHE B 425 -10.77 24.59 -36.95
N THR B 426 -11.92 24.06 -36.53
CA THR B 426 -12.39 24.30 -35.18
C THR B 426 -11.43 23.69 -34.15
N PHE B 427 -10.90 22.50 -34.43
CA PHE B 427 -9.94 21.90 -33.52
C PHE B 427 -8.67 22.72 -33.44
N SER B 428 -8.20 23.26 -34.58
CA SER B 428 -7.03 24.12 -34.56
C SER B 428 -7.27 25.38 -33.75
N LEU B 429 -8.45 25.99 -33.90
CA LEU B 429 -8.78 27.17 -33.10
C LEU B 429 -8.81 26.84 -31.62
N PHE B 430 -9.40 25.70 -31.27
CA PHE B 430 -9.44 25.29 -29.87
C PHE B 430 -8.04 25.07 -29.31
N ASN B 431 -7.17 24.43 -30.10
CA ASN B 431 -5.80 24.22 -29.65
C ASN B 431 -5.06 25.53 -29.46
N LEU B 432 -5.23 26.48 -30.40
CA LEU B 432 -4.57 27.77 -30.26
C LEU B 432 -5.05 28.50 -29.02
N VAL B 433 -6.37 28.49 -28.79
CA VAL B 433 -6.93 29.16 -27.62
C VAL B 433 -6.39 28.53 -26.34
N TYR B 434 -6.36 27.19 -26.30
CA TYR B 434 -5.87 26.49 -25.12
C TYR B 434 -4.41 26.82 -24.83
N TRP B 435 -3.56 26.75 -25.86
CA TRP B 435 -2.14 27.00 -25.65
C TRP B 435 -1.89 28.44 -25.27
N LEU B 436 -2.58 29.40 -25.90
CA LEU B 436 -2.40 30.80 -25.53
C LEU B 436 -2.86 31.05 -24.10
N TYR B 437 -3.97 30.42 -23.70
CA TYR B 437 -4.51 30.69 -22.36
C TYR B 437 -3.66 30.03 -21.27
N TYR B 438 -3.03 28.89 -21.56
CA TYR B 438 -2.27 28.14 -20.57
C TYR B 438 -0.76 28.20 -20.81
N VAL B 439 -0.29 29.13 -21.64
CA VAL B 439 1.14 29.40 -21.78
C VAL B 439 1.35 30.90 -21.85
N MET C 1 34.93 -13.53 38.77
CA MET C 1 33.65 -12.85 38.54
C MET C 1 33.68 -11.45 39.15
N SER C 2 33.81 -11.36 40.47
CA SER C 2 33.95 -10.06 41.11
C SER C 2 35.24 -9.38 40.69
N PHE C 3 36.29 -10.16 40.42
CA PHE C 3 37.54 -9.61 39.89
C PHE C 3 37.29 -8.94 38.55
N VAL C 4 36.56 -9.61 37.67
CA VAL C 4 36.21 -9.03 36.37
C VAL C 4 35.37 -7.78 36.56
N LYS C 5 34.41 -7.83 37.49
CA LYS C 5 33.52 -6.71 37.74
C LYS C 5 34.29 -5.46 38.19
N GLU C 6 35.16 -5.63 39.19
CA GLU C 6 35.88 -4.46 39.70
C GLU C 6 36.90 -3.97 38.70
N THR C 7 37.51 -4.88 37.92
CA THR C 7 38.42 -4.44 36.88
C THR C 7 37.70 -3.64 35.79
N VAL C 8 36.50 -4.06 35.41
CA VAL C 8 35.73 -3.32 34.42
C VAL C 8 35.33 -1.96 34.98
N ASP C 9 34.96 -1.91 36.26
CA ASP C 9 34.63 -0.63 36.88
C ASP C 9 35.84 0.30 36.90
N LYS C 10 37.02 -0.24 37.19
CA LYS C 10 38.24 0.55 37.14
C LYS C 10 38.53 1.04 35.74
N LEU C 11 38.30 0.19 34.73
CA LEU C 11 38.47 0.60 33.35
C LEU C 11 37.55 1.76 33.00
N LEU C 12 36.30 1.70 33.48
CA LEU C 12 35.40 2.85 33.32
C LEU C 12 35.96 4.08 34.02
N LYS C 13 36.50 3.91 35.22
CA LYS C 13 36.97 5.05 35.99
C LYS C 13 38.15 5.72 35.30
N GLY C 14 38.19 7.05 35.38
CA GLY C 14 39.24 7.80 34.73
C GLY C 14 39.10 7.94 33.23
N TYR C 15 37.93 7.61 32.68
CA TYR C 15 37.69 7.62 31.24
C TYR C 15 36.86 8.85 30.87
N ASP C 16 37.37 9.64 29.93
CA ASP C 16 36.65 10.79 29.39
C ASP C 16 35.94 10.35 28.11
N ILE C 17 34.62 10.45 28.11
CA ILE C 17 33.84 9.94 26.98
C ILE C 17 33.68 10.97 25.87
N ARG C 18 33.83 12.26 26.17
CA ARG C 18 33.75 13.30 25.16
C ARG C 18 35.05 13.46 24.38
N LEU C 19 36.12 12.74 24.74
CA LEU C 19 37.43 12.90 24.14
C LEU C 19 37.80 11.63 23.41
N ARG C 20 38.20 11.76 22.14
CA ARG C 20 38.58 10.60 21.36
C ARG C 20 39.95 10.10 21.82
N PRO C 21 40.31 8.85 21.49
CA PRO C 21 41.67 8.38 21.78
C PRO C 21 42.72 9.24 21.09
N ASP C 22 43.78 9.57 21.82
CA ASP C 22 44.91 10.34 21.32
C ASP C 22 44.43 11.67 20.71
N PHE C 23 43.88 12.51 21.58
CA PHE C 23 43.33 13.78 21.15
C PHE C 23 44.41 14.66 20.53
N GLY C 24 45.52 14.85 21.23
CA GLY C 24 46.66 15.59 20.69
C GLY C 24 47.59 14.78 19.83
N GLY C 25 47.47 13.45 19.83
CA GLY C 25 48.32 12.59 19.06
C GLY C 25 47.84 12.42 17.64
N PRO C 26 48.39 11.46 16.91
CA PRO C 26 47.94 11.20 15.54
C PRO C 26 46.47 10.77 15.53
N PRO C 27 45.83 10.77 14.37
CA PRO C 27 44.40 10.44 14.33
C PRO C 27 44.14 8.97 14.66
N VAL C 28 42.95 8.71 15.19
CA VAL C 28 42.52 7.33 15.37
C VAL C 28 42.35 6.71 13.98
N CYS C 29 42.44 5.38 13.92
CA CYS C 29 42.32 4.64 12.67
C CYS C 29 41.27 3.55 12.88
N VAL C 30 40.18 3.62 12.10
CA VAL C 30 39.01 2.75 12.27
C VAL C 30 38.86 1.90 11.03
N GLY C 31 38.81 0.59 11.22
CA GLY C 31 38.59 -0.36 10.14
C GLY C 31 37.15 -0.81 10.12
N MET C 32 36.50 -0.62 8.97
CA MET C 32 35.11 -0.98 8.78
C MET C 32 35.00 -2.34 8.11
N ASN C 33 33.94 -3.07 8.47
CA ASN C 33 33.70 -4.39 7.92
C ASN C 33 32.20 -4.62 7.87
N ILE C 34 31.67 -4.87 6.68
CA ILE C 34 30.24 -5.03 6.45
C ILE C 34 29.98 -6.47 6.05
N ASP C 35 28.96 -7.08 6.65
CA ASP C 35 28.46 -8.39 6.25
C ASP C 35 27.01 -8.21 5.83
N ILE C 36 26.79 -8.21 4.51
CA ILE C 36 25.44 -8.00 3.98
C ILE C 36 24.58 -9.22 4.30
N ALA C 37 23.33 -8.97 4.67
CA ALA C 37 22.34 -10.02 4.87
C ALA C 37 21.34 -10.12 3.73
N SER C 38 20.87 -8.99 3.20
CA SER C 38 19.96 -8.97 2.06
C SER C 38 19.78 -7.56 1.54
N ILE C 39 19.45 -7.42 0.26
CA ILE C 39 18.95 -6.17 -0.32
C ILE C 39 17.48 -6.38 -0.60
N ASP C 40 16.63 -5.64 0.12
CA ASP C 40 15.19 -5.74 -0.02
C ASP C 40 14.77 -4.97 -1.27
N MET C 41 13.47 -4.68 -1.38
CA MET C 41 12.92 -4.08 -2.60
C MET C 41 13.63 -2.79 -2.98
N VAL C 42 13.85 -2.62 -4.28
CA VAL C 42 14.52 -1.46 -4.85
C VAL C 42 13.48 -0.68 -5.65
N SER C 43 13.28 0.57 -5.28
CA SER C 43 12.15 1.36 -5.77
C SER C 43 12.62 2.33 -6.85
N GLU C 44 12.03 2.23 -8.04
CA GLU C 44 12.23 3.25 -9.06
C GLU C 44 11.42 4.51 -8.74
N VAL C 45 10.28 4.36 -8.07
CA VAL C 45 9.46 5.52 -7.72
C VAL C 45 10.20 6.42 -6.73
N ASN C 46 10.75 5.83 -5.67
CA ASN C 46 11.45 6.57 -4.64
C ASN C 46 12.93 6.73 -4.91
N MET C 47 13.50 5.94 -5.81
CA MET C 47 14.93 5.97 -6.13
C MET C 47 15.76 5.68 -4.87
N ASP C 48 15.51 4.50 -4.30
CA ASP C 48 16.23 4.08 -3.10
C ASP C 48 16.21 2.56 -3.03
N TYR C 49 17.09 2.03 -2.17
CA TYR C 49 17.16 0.60 -1.90
C TYR C 49 17.31 0.40 -0.40
N THR C 50 16.65 -0.64 0.13
CA THR C 50 16.72 -0.97 1.54
C THR C 50 17.69 -2.13 1.73
N LEU C 51 18.67 -1.92 2.62
CA LEU C 51 19.80 -2.83 2.80
C LEU C 51 19.92 -3.20 4.27
N THR C 52 20.07 -4.50 4.54
CA THR C 52 20.30 -5.01 5.88
C THR C 52 21.70 -5.58 5.98
N MET C 53 22.39 -5.26 7.08
CA MET C 53 23.78 -5.66 7.20
C MET C 53 24.18 -5.73 8.66
N TYR C 54 25.32 -6.38 8.89
CA TYR C 54 26.04 -6.34 10.16
C TYR C 54 27.26 -5.46 9.94
N PHE C 55 27.28 -4.32 10.61
CA PHE C 55 28.29 -3.29 10.44
C PHE C 55 29.24 -3.30 11.64
N GLN C 56 30.54 -3.43 11.37
CA GLN C 56 31.54 -3.62 12.40
C GLN C 56 32.63 -2.55 12.26
N GLN C 57 32.96 -1.92 13.39
CA GLN C 57 34.02 -0.94 13.46
C GLN C 57 35.08 -1.43 14.44
N TYR C 58 36.34 -1.43 14.00
CA TYR C 58 37.46 -1.98 14.74
C TYR C 58 38.48 -0.87 14.93
N TRP C 59 38.87 -0.60 16.18
CA TRP C 59 39.85 0.45 16.44
C TRP C 59 40.59 0.11 17.72
N ARG C 60 41.51 1.01 18.10
CA ARG C 60 42.38 0.81 19.26
C ARG C 60 42.24 2.00 20.20
N ASP C 61 42.04 1.71 21.48
CA ASP C 61 41.91 2.73 22.52
C ASP C 61 42.79 2.31 23.69
N LYS C 62 43.89 3.04 23.90
CA LYS C 62 44.80 2.70 24.99
C LYS C 62 44.18 2.94 26.35
N ARG C 63 43.19 3.83 26.43
CA ARG C 63 42.52 4.10 27.71
C ARG C 63 41.84 2.84 28.22
N LEU C 64 41.15 2.12 27.34
CA LEU C 64 40.44 0.90 27.69
C LEU C 64 41.33 -0.33 27.55
N ALA C 65 42.51 -0.27 28.18
CA ALA C 65 43.50 -1.34 28.15
C ALA C 65 43.68 -1.88 29.55
N TYR C 66 43.65 -3.21 29.68
CA TYR C 66 43.77 -3.90 30.96
C TYR C 66 44.80 -5.03 30.86
N SER C 67 45.48 -5.27 31.98
CA SER C 67 46.42 -6.37 32.13
C SER C 67 45.83 -7.39 33.08
N GLY C 68 46.05 -8.67 32.80
CA GLY C 68 45.35 -9.73 33.50
C GLY C 68 43.97 -9.94 32.90
N ILE C 69 43.28 -10.94 33.42
CA ILE C 69 41.97 -11.34 32.89
C ILE C 69 42.18 -11.72 31.43
N PRO C 70 42.80 -12.86 31.13
CA PRO C 70 43.15 -13.20 29.74
C PRO C 70 41.97 -13.19 28.78
N LEU C 71 40.77 -13.58 29.24
CA LEU C 71 39.61 -13.59 28.35
C LEU C 71 39.27 -12.16 27.93
N ASN C 72 38.81 -12.04 26.67
CA ASN C 72 38.36 -10.75 26.08
C ASN C 72 36.95 -10.44 26.57
N LEU C 73 36.75 -9.32 27.25
CA LEU C 73 35.45 -8.99 27.84
C LEU C 73 34.40 -8.71 26.76
N THR C 74 33.13 -8.63 27.17
CA THR C 74 32.05 -8.36 26.22
C THR C 74 30.98 -7.54 26.94
N LEU C 75 31.05 -6.22 26.78
CA LEU C 75 30.02 -5.30 27.23
C LEU C 75 28.81 -5.39 26.30
N ASP C 76 27.61 -5.31 26.89
CA ASP C 76 26.39 -5.63 26.14
C ASP C 76 25.45 -4.44 25.90
N ASN C 77 24.90 -3.83 26.96
CA ASN C 77 23.88 -2.78 26.80
C ASN C 77 24.08 -1.53 27.64
N ARG C 78 24.68 -1.61 28.83
CA ARG C 78 24.61 -0.52 29.81
C ARG C 78 25.95 0.19 29.97
N VAL C 79 27.00 -0.55 30.33
CA VAL C 79 28.33 0.06 30.42
C VAL C 79 28.86 0.36 29.03
N ALA C 80 28.32 -0.32 27.99
CA ALA C 80 28.68 0.00 26.62
C ALA C 80 28.37 1.45 26.27
N ASP C 81 27.33 2.02 26.87
CA ASP C 81 27.01 3.43 26.68
C ASP C 81 28.06 4.36 27.29
N GLN C 82 28.95 3.85 28.14
CA GLN C 82 29.97 4.65 28.80
C GLN C 82 31.34 4.48 28.13
N LEU C 83 31.35 4.34 26.80
CA LEU C 83 32.58 4.27 26.02
C LEU C 83 32.46 5.17 24.80
N TRP C 84 33.59 5.72 24.38
CA TRP C 84 33.64 6.51 23.16
C TRP C 84 33.58 5.59 21.95
N VAL C 85 32.74 5.94 20.98
CA VAL C 85 32.65 5.22 19.72
C VAL C 85 32.70 6.26 18.59
N PRO C 86 33.15 5.92 17.39
CA PRO C 86 33.17 6.91 16.31
C PRO C 86 31.76 7.37 15.94
N ASP C 87 31.66 8.62 15.51
CA ASP C 87 30.38 9.18 15.07
C ASP C 87 30.14 8.89 13.58
N THR C 88 30.26 7.62 13.21
CA THR C 88 30.06 7.21 11.83
C THR C 88 28.60 7.33 11.46
N TYR C 89 28.33 7.72 10.21
CA TYR C 89 26.97 7.81 9.73
C TYR C 89 26.96 7.60 8.23
N PHE C 90 25.78 7.23 7.72
CA PHE C 90 25.59 6.98 6.30
C PHE C 90 25.07 8.25 5.65
N LEU C 91 25.84 8.78 4.70
CA LEU C 91 25.54 10.09 4.13
C LEU C 91 24.20 10.11 3.41
N ASN C 92 23.91 9.07 2.64
CA ASN C 92 22.75 9.05 1.74
C ASN C 92 21.58 8.27 2.30
N ASP C 93 21.62 7.85 3.56
CA ASP C 93 20.49 7.10 4.11
C ASP C 93 19.29 8.02 4.31
N LYS C 94 18.10 7.45 4.11
CA LYS C 94 16.84 8.14 4.28
C LYS C 94 16.09 7.71 5.53
N LYS C 95 16.28 6.47 5.97
CA LYS C 95 15.70 5.97 7.21
C LYS C 95 16.42 4.69 7.61
N SER C 96 16.87 4.62 8.86
CA SER C 96 17.63 3.47 9.32
C SER C 96 17.47 3.33 10.82
N PHE C 97 17.74 2.12 11.31
CA PHE C 97 17.56 1.80 12.72
C PHE C 97 18.36 0.56 13.06
N VAL C 98 18.66 0.41 14.34
CA VAL C 98 19.27 -0.81 14.87
C VAL C 98 18.14 -1.70 15.37
N HIS C 99 18.18 -2.97 14.98
CA HIS C 99 17.10 -3.90 15.33
C HIS C 99 17.02 -4.07 16.85
N GLY C 100 15.79 -4.18 17.34
CA GLY C 100 15.53 -4.14 18.77
C GLY C 100 15.16 -5.46 19.41
N VAL C 101 14.46 -6.33 18.68
CA VAL C 101 13.97 -7.59 19.23
C VAL C 101 15.04 -8.66 19.01
N THR C 102 15.29 -9.54 20.00
CA THR C 102 14.72 -9.55 21.35
C THR C 102 15.41 -8.49 22.20
N VAL C 103 16.70 -8.29 21.96
CA VAL C 103 17.50 -7.27 22.62
C VAL C 103 18.16 -6.43 21.55
N LYS C 104 18.73 -5.30 21.98
CA LYS C 104 19.39 -4.39 21.06
C LYS C 104 20.54 -5.09 20.36
N ASN C 105 20.48 -5.14 19.02
CA ASN C 105 21.46 -5.89 18.23
C ASN C 105 22.75 -5.10 18.12
N ARG C 106 23.43 -5.00 19.26
CA ARG C 106 24.67 -4.26 19.43
C ARG C 106 25.62 -5.11 20.23
N MET C 107 26.92 -4.92 20.00
CA MET C 107 27.94 -5.68 20.71
C MET C 107 29.20 -4.85 20.78
N ILE C 108 29.86 -4.88 21.94
CA ILE C 108 31.15 -4.25 22.16
C ILE C 108 32.05 -5.28 22.82
N ARG C 109 33.21 -5.54 22.20
CA ARG C 109 34.18 -6.52 22.70
C ARG C 109 35.52 -5.82 22.83
N LEU C 110 36.13 -5.92 24.01
CA LEU C 110 37.42 -5.31 24.30
C LEU C 110 38.48 -6.40 24.45
N HIS C 111 39.53 -6.31 23.66
CA HIS C 111 40.67 -7.21 23.77
C HIS C 111 41.63 -6.65 24.81
N PRO C 112 42.50 -7.48 25.41
CA PRO C 112 43.37 -6.98 26.48
C PRO C 112 44.41 -5.97 26.02
N ASP C 113 44.64 -5.82 24.71
CA ASP C 113 45.60 -4.86 24.20
C ASP C 113 44.99 -3.50 23.91
N GLY C 114 43.86 -3.16 24.54
CA GLY C 114 43.20 -1.90 24.31
C GLY C 114 42.35 -1.83 23.06
N THR C 115 42.26 -2.93 22.30
CA THR C 115 41.52 -2.91 21.06
C THR C 115 40.02 -3.06 21.33
N VAL C 116 39.21 -2.35 20.54
CA VAL C 116 37.76 -2.32 20.67
C VAL C 116 37.14 -2.74 19.35
N LEU C 117 36.13 -3.60 19.44
CA LEU C 117 35.37 -4.10 18.30
C LEU C 117 33.90 -3.83 18.57
N TYR C 118 33.27 -3.06 17.69
CA TYR C 118 31.90 -2.56 17.88
C TYR C 118 31.05 -3.03 16.72
N GLY C 119 30.12 -3.95 16.99
CA GLY C 119 29.26 -4.53 15.98
C GLY C 119 27.82 -4.08 16.17
N LEU C 120 27.13 -3.86 15.06
CA LEU C 120 25.76 -3.41 15.05
C LEU C 120 25.02 -4.17 13.95
N ARG C 121 23.72 -4.38 14.14
CA ARG C 121 22.86 -4.92 13.08
C ARG C 121 21.95 -3.80 12.61
N ILE C 122 22.13 -3.36 11.36
CA ILE C 122 21.52 -2.14 10.87
C ILE C 122 20.74 -2.44 9.59
N THR C 123 19.50 -1.97 9.53
CA THR C 123 18.72 -1.87 8.30
C THR C 123 18.65 -0.39 7.93
N THR C 124 18.87 -0.08 6.66
CA THR C 124 18.97 1.31 6.21
C THR C 124 18.42 1.44 4.80
N THR C 125 17.58 2.44 4.59
CA THR C 125 17.08 2.79 3.27
C THR C 125 17.94 3.91 2.70
N ALA C 126 18.65 3.63 1.61
CA ALA C 126 19.62 4.54 1.02
C ALA C 126 19.16 5.01 -0.35
N ALA C 127 19.46 6.27 -0.64
CA ALA C 127 19.08 6.90 -1.90
C ALA C 127 19.95 6.37 -3.03
N CYS C 128 19.31 6.00 -4.15
CA CYS C 128 20.00 5.50 -5.34
C CYS C 128 19.30 6.13 -6.55
N MET C 129 19.81 7.28 -6.99
CA MET C 129 19.28 7.91 -8.19
C MET C 129 19.56 7.03 -9.40
N MET C 130 18.55 6.87 -10.25
CA MET C 130 18.57 5.93 -11.36
C MET C 130 18.40 6.65 -12.69
N ASP C 131 19.13 6.16 -13.71
CA ASP C 131 19.03 6.69 -15.06
C ASP C 131 18.04 5.83 -15.83
N LEU C 132 16.76 6.18 -15.71
CA LEU C 132 15.68 5.43 -16.35
C LEU C 132 15.38 5.98 -17.74
N ARG C 133 16.43 6.12 -18.55
CA ARG C 133 16.31 6.56 -19.94
C ARG C 133 16.33 5.39 -20.91
N ARG C 134 16.99 4.29 -20.56
CA ARG C 134 16.98 3.06 -21.34
C ARG C 134 16.13 1.98 -20.68
N TYR C 135 15.19 2.38 -19.83
CA TYR C 135 14.34 1.42 -19.15
C TYR C 135 13.49 0.67 -20.18
N PRO C 136 13.32 -0.67 -20.04
CA PRO C 136 13.81 -1.61 -19.03
C PRO C 136 15.18 -2.21 -19.37
N LEU C 137 15.87 -1.65 -20.34
CA LEU C 137 17.19 -2.11 -20.76
C LEU C 137 18.32 -1.38 -20.04
N ASP C 138 18.07 -0.91 -18.83
CA ASP C 138 18.99 -0.04 -18.12
C ASP C 138 19.91 -0.83 -17.18
N GLU C 139 21.04 -0.22 -16.86
CA GLU C 139 21.99 -0.74 -15.87
C GLU C 139 22.25 0.37 -14.87
N GLN C 140 22.11 0.04 -13.58
CA GLN C 140 22.14 1.02 -12.50
C GLN C 140 23.37 0.82 -11.64
N ASN C 141 23.72 1.89 -10.92
CA ASN C 141 24.86 1.93 -10.00
C ASN C 141 24.35 2.52 -8.69
N CYS C 142 24.20 1.68 -7.67
CA CYS C 142 23.82 2.13 -6.34
C CYS C 142 25.06 2.16 -5.45
N THR C 143 25.00 3.00 -4.42
CA THR C 143 26.14 3.21 -3.54
C THR C 143 25.68 3.40 -2.11
N LEU C 144 26.55 3.04 -1.17
CA LEU C 144 26.41 3.35 0.25
C LEU C 144 27.64 4.11 0.68
N GLU C 145 27.43 5.31 1.21
CA GLU C 145 28.50 6.24 1.56
C GLU C 145 28.58 6.33 3.09
N ILE C 146 29.75 6.02 3.63
CA ILE C 146 30.01 6.02 5.08
C ILE C 146 30.99 7.15 5.36
N GLU C 147 30.68 7.95 6.38
CA GLU C 147 31.49 9.14 6.66
C GLU C 147 31.41 9.49 8.13
N SER C 148 32.46 10.13 8.63
CA SER C 148 32.46 10.71 9.97
C SER C 148 31.73 12.04 9.96
N TYR C 149 30.94 12.28 11.01
CA TYR C 149 30.04 13.43 11.04
C TYR C 149 30.73 14.71 11.47
N GLY C 150 31.58 14.66 12.49
CA GLY C 150 32.18 15.86 13.07
C GLY C 150 33.69 15.92 12.98
N TYR C 151 34.34 14.76 12.85
CA TYR C 151 35.79 14.67 12.86
C TYR C 151 36.34 14.63 11.45
N THR C 152 37.36 15.45 11.19
CA THR C 152 38.01 15.49 9.90
C THR C 152 39.11 14.43 9.82
N THR C 153 39.83 14.40 8.70
CA THR C 153 40.87 13.41 8.51
C THR C 153 42.03 13.58 9.50
N ASP C 154 42.21 14.78 10.04
CA ASP C 154 43.28 15.01 11.01
C ASP C 154 43.00 14.39 12.37
N ASP C 155 41.75 14.03 12.64
CA ASP C 155 41.35 13.41 13.91
C ASP C 155 41.02 11.93 13.77
N ILE C 156 40.34 11.54 12.70
CA ILE C 156 39.98 10.14 12.46
C ILE C 156 40.27 9.81 11.00
N GLU C 157 40.88 8.64 10.78
CA GLU C 157 41.00 8.03 9.46
C GLU C 157 40.19 6.75 9.46
N PHE C 158 39.51 6.50 8.34
CA PHE C 158 38.75 5.28 8.11
C PHE C 158 39.50 4.42 7.09
N TYR C 159 39.25 3.12 7.14
CA TYR C 159 39.77 2.21 6.13
C TYR C 159 38.91 0.95 6.08
N TRP C 160 39.11 0.17 5.02
CA TRP C 160 38.47 -1.13 4.86
C TRP C 160 39.36 -2.19 5.51
N ARG C 161 38.92 -2.74 6.64
CA ARG C 161 39.66 -3.81 7.28
C ARG C 161 39.59 -5.06 6.43
N GLY C 162 40.75 -5.66 6.16
CA GLY C 162 40.83 -6.81 5.28
C GLY C 162 40.92 -6.48 3.81
N GLY C 163 41.04 -5.21 3.45
CA GLY C 163 41.15 -4.85 2.04
C GLY C 163 39.88 -5.16 1.29
N ASP C 164 40.03 -5.73 0.09
CA ASP C 164 38.89 -6.06 -0.74
C ASP C 164 37.99 -7.13 -0.14
N LYS C 165 38.47 -7.87 0.87
CA LYS C 165 37.67 -8.84 1.59
C LYS C 165 36.88 -8.22 2.74
N ALA C 166 36.89 -6.89 2.86
CA ALA C 166 36.20 -6.24 3.96
C ALA C 166 34.69 -6.49 3.90
N VAL C 167 34.11 -6.41 2.70
CA VAL C 167 32.68 -6.60 2.49
C VAL C 167 32.45 -8.04 2.05
N THR C 168 31.54 -8.72 2.74
CA THR C 168 31.20 -10.10 2.45
C THR C 168 29.69 -10.25 2.41
N GLY C 169 29.24 -11.38 1.87
CA GLY C 169 27.81 -11.65 1.74
C GLY C 169 27.15 -11.07 0.52
N VAL C 170 27.92 -10.66 -0.50
CA VAL C 170 27.33 -10.11 -1.71
C VAL C 170 26.55 -11.18 -2.45
N GLU C 171 27.07 -12.42 -2.43
CA GLU C 171 26.41 -13.51 -3.14
C GLU C 171 25.04 -13.84 -2.56
N ARG C 172 24.78 -13.46 -1.30
CA ARG C 172 23.51 -13.77 -0.65
CA ARG C 172 23.51 -13.79 -0.67
C ARG C 172 22.34 -12.99 -1.24
N ILE C 173 22.60 -11.97 -2.04
CA ILE C 173 21.53 -11.08 -2.52
C ILE C 173 20.79 -11.75 -3.67
N GLU C 174 19.46 -11.71 -3.61
CA GLU C 174 18.60 -12.44 -4.55
C GLU C 174 17.46 -11.53 -5.02
N LEU C 175 17.80 -10.33 -5.48
CA LEU C 175 16.79 -9.41 -5.98
C LEU C 175 16.05 -10.05 -7.17
N PRO C 176 14.72 -9.86 -7.28
CA PRO C 176 14.01 -10.57 -8.36
C PRO C 176 14.24 -9.98 -9.72
N GLN C 177 14.19 -8.66 -9.87
CA GLN C 177 14.30 -7.99 -11.16
C GLN C 177 15.70 -7.48 -11.46
N PHE C 178 16.67 -7.71 -10.59
CA PHE C 178 18.02 -7.21 -10.76
C PHE C 178 19.03 -8.32 -10.50
N SER C 179 20.16 -8.24 -11.18
CA SER C 179 21.29 -9.13 -10.97
C SER C 179 22.53 -8.28 -10.70
N ILE C 180 23.26 -8.61 -9.65
CA ILE C 180 24.44 -7.83 -9.28
C ILE C 180 25.60 -8.32 -10.15
N VAL C 181 26.10 -7.44 -11.01
CA VAL C 181 27.18 -7.80 -11.91
C VAL C 181 28.54 -7.60 -11.25
N GLU C 182 28.70 -6.57 -10.45
CA GLU C 182 29.98 -6.26 -9.82
C GLU C 182 29.73 -5.39 -8.60
N HIS C 183 30.70 -5.38 -7.69
CA HIS C 183 30.70 -4.49 -6.56
C HIS C 183 32.12 -3.99 -6.33
N ARG C 184 32.22 -2.79 -5.74
CA ARG C 184 33.51 -2.15 -5.52
C ARG C 184 33.55 -1.46 -4.17
N LEU C 185 34.75 -1.36 -3.63
CA LEU C 185 35.04 -0.70 -2.36
C LEU C 185 36.02 0.43 -2.62
N VAL C 186 35.70 1.63 -2.14
CA VAL C 186 36.49 2.83 -2.44
C VAL C 186 36.66 3.64 -1.16
N SER C 187 37.82 4.28 -1.02
CA SER C 187 38.14 5.14 0.11
C SER C 187 38.67 6.46 -0.41
N ARG C 188 38.14 7.57 0.11
CA ARG C 188 38.45 8.91 -0.36
C ARG C 188 38.48 9.88 0.81
N ASN C 189 38.90 11.11 0.52
CA ASN C 189 38.92 12.21 1.49
C ASN C 189 38.17 13.39 0.87
N VAL C 190 36.86 13.46 1.08
CA VAL C 190 36.07 14.57 0.55
C VAL C 190 36.45 15.84 1.29
N VAL C 191 36.66 16.92 0.53
CA VAL C 191 37.15 18.19 1.07
C VAL C 191 35.97 19.15 1.19
N PHE C 192 35.68 19.55 2.42
CA PHE C 192 34.70 20.59 2.74
C PHE C 192 35.44 21.85 3.16
N ALA C 193 34.68 22.90 3.48
CA ALA C 193 35.28 24.13 3.96
C ALA C 193 36.03 23.91 5.27
N THR C 194 35.46 23.11 6.16
CA THR C 194 36.14 22.79 7.41
C THR C 194 37.45 22.05 7.16
N GLY C 195 37.43 21.09 6.24
CA GLY C 195 38.62 20.32 5.96
C GLY C 195 38.27 19.06 5.19
N ALA C 196 39.23 18.13 5.18
CA ALA C 196 39.06 16.86 4.47
C ALA C 196 38.47 15.84 5.44
N TYR C 197 37.23 15.39 5.14
CA TYR C 197 36.57 14.34 5.92
C TYR C 197 36.85 12.98 5.29
N PRO C 198 36.94 11.89 6.05
CA PRO C 198 37.08 10.57 5.42
C PRO C 198 35.77 10.15 4.76
N ARG C 199 35.89 9.23 3.81
CA ARG C 199 34.71 8.66 3.19
C ARG C 199 35.02 7.28 2.62
N LEU C 200 34.08 6.37 2.81
CA LEU C 200 34.07 5.05 2.19
C LEU C 200 32.82 4.89 1.34
N SER C 201 32.98 4.19 0.23
CA SER C 201 31.88 3.93 -0.69
C SER C 201 31.85 2.44 -1.01
N LEU C 202 30.68 1.84 -0.82
CA LEU C 202 30.40 0.47 -1.22
C LEU C 202 29.41 0.55 -2.37
N SER C 203 29.87 0.23 -3.57
CA SER C 203 29.09 0.42 -4.79
C SER C 203 28.70 -0.94 -5.35
N PHE C 204 27.47 -1.03 -5.85
CA PHE C 204 26.95 -2.20 -6.55
C PHE C 204 26.47 -1.78 -7.94
N ARG C 205 26.71 -2.63 -8.93
CA ARG C 205 26.19 -2.46 -10.27
C ARG C 205 25.11 -3.52 -10.51
N LEU C 206 23.93 -3.05 -10.91
CA LEU C 206 22.75 -3.90 -11.08
C LEU C 206 22.32 -3.88 -12.54
N LYS C 207 21.98 -5.06 -13.05
CA LYS C 207 21.48 -5.24 -14.42
C LYS C 207 20.07 -5.79 -14.33
N ARG C 208 19.13 -5.14 -15.02
CA ARG C 208 17.73 -5.54 -14.94
C ARG C 208 17.48 -6.79 -15.78
N ASN C 209 16.47 -7.55 -15.36
CA ASN C 209 16.01 -8.71 -16.10
C ASN C 209 14.93 -8.27 -17.09
N ILE C 210 14.99 -8.79 -18.31
CA ILE C 210 14.28 -8.22 -19.46
C ILE C 210 13.18 -9.14 -19.99
N GLY C 211 13.21 -10.43 -19.63
CA GLY C 211 12.24 -11.37 -20.19
C GLY C 211 10.81 -11.04 -19.84
N TYR C 212 10.59 -10.47 -18.66
CA TYR C 212 9.25 -10.02 -18.27
C TYR C 212 8.70 -9.04 -19.29
N PHE C 213 9.51 -8.05 -19.66
CA PHE C 213 9.06 -7.02 -20.59
C PHE C 213 8.92 -7.60 -21.99
N ILE C 214 9.84 -8.50 -22.39
CA ILE C 214 9.70 -9.17 -23.68
C ILE C 214 8.38 -9.92 -23.74
N LEU C 215 7.98 -10.55 -22.64
CA LEU C 215 6.76 -11.34 -22.65
C LEU C 215 5.52 -10.45 -22.71
N GLN C 216 5.45 -9.39 -21.89
CA GLN C 216 4.19 -8.68 -21.71
C GLN C 216 4.09 -7.32 -22.39
N THR C 217 5.17 -6.77 -22.95
CA THR C 217 5.13 -5.45 -23.59
C THR C 217 5.48 -5.51 -25.06
N TYR C 218 6.62 -6.09 -25.41
CA TYR C 218 7.09 -6.05 -26.79
C TYR C 218 6.32 -7.01 -27.68
N MET C 219 6.03 -8.22 -27.17
CA MET C 219 5.35 -9.21 -28.02
C MET C 219 3.91 -8.81 -28.33
N PRO C 220 3.06 -8.40 -27.36
CA PRO C 220 1.69 -8.03 -27.73
C PRO C 220 1.61 -6.87 -28.70
N SER C 221 2.49 -5.87 -28.55
CA SER C 221 2.47 -4.73 -29.47
C SER C 221 2.82 -5.17 -30.89
N ILE C 222 3.83 -6.03 -31.03
CA ILE C 222 4.21 -6.53 -32.35
C ILE C 222 3.07 -7.34 -32.96
N LEU C 223 2.44 -8.19 -32.16
CA LEU C 223 1.32 -8.99 -32.68
C LEU C 223 0.15 -8.11 -33.09
N ILE C 224 -0.14 -7.06 -32.31
CA ILE C 224 -1.24 -6.16 -32.66
C ILE C 224 -0.92 -5.41 -33.95
N THR C 225 0.32 -4.98 -34.13
CA THR C 225 0.70 -4.31 -35.39
C THR C 225 0.56 -5.27 -36.57
N ILE C 226 1.00 -6.52 -36.39
CA ILE C 226 0.88 -7.50 -37.46
C ILE C 226 -0.59 -7.75 -37.79
N LEU C 227 -1.44 -7.75 -36.77
CA LEU C 227 -2.88 -7.86 -37.00
C LEU C 227 -3.40 -6.65 -37.77
N SER C 228 -2.93 -5.46 -37.42
CA SER C 228 -3.35 -4.25 -38.13
C SER C 228 -2.99 -4.30 -39.59
N TRP C 229 -1.87 -4.95 -39.92
CA TRP C 229 -1.49 -5.08 -41.33
C TRP C 229 -2.44 -5.97 -42.13
N VAL C 230 -3.33 -6.72 -41.49
CA VAL C 230 -4.23 -7.63 -42.21
C VAL C 230 -5.22 -6.87 -43.09
N SER C 231 -5.47 -5.60 -42.78
CA SER C 231 -6.40 -4.81 -43.59
C SER C 231 -5.94 -4.70 -45.03
N PHE C 232 -4.61 -4.66 -45.26
CA PHE C 232 -4.11 -4.49 -46.61
C PHE C 232 -4.42 -5.70 -47.48
N TRP C 233 -4.52 -6.89 -46.88
CA TRP C 233 -4.89 -8.09 -47.60
C TRP C 233 -6.38 -8.33 -47.64
N ILE C 234 -7.13 -7.82 -46.65
CA ILE C 234 -8.58 -7.85 -46.74
C ILE C 234 -9.02 -7.00 -47.94
N ASN C 235 -10.12 -7.41 -48.57
CA ASN C 235 -10.63 -6.72 -49.75
C ASN C 235 -10.96 -5.27 -49.42
N TYR C 236 -10.78 -4.40 -50.42
CA TYR C 236 -10.91 -2.97 -50.19
C TYR C 236 -12.35 -2.52 -50.02
N ASP C 237 -13.31 -3.24 -50.60
CA ASP C 237 -14.71 -2.87 -50.48
C ASP C 237 -15.35 -3.38 -49.19
N ALA C 238 -14.64 -4.17 -48.40
CA ALA C 238 -15.15 -4.63 -47.10
C ALA C 238 -14.96 -3.51 -46.08
N SER C 239 -15.82 -2.50 -46.19
CA SER C 239 -15.66 -1.27 -45.42
C SER C 239 -15.81 -1.53 -43.93
N ALA C 240 -16.90 -2.20 -43.54
CA ALA C 240 -17.13 -2.46 -42.12
C ALA C 240 -16.01 -3.30 -41.54
N ALA C 241 -15.58 -4.34 -42.26
CA ALA C 241 -14.54 -5.22 -41.77
C ALA C 241 -13.23 -4.46 -41.56
N ARG C 242 -12.77 -3.73 -42.59
CA ARG C 242 -11.48 -3.05 -42.48
C ARG C 242 -11.52 -1.94 -41.44
N VAL C 243 -12.62 -1.17 -41.39
CA VAL C 243 -12.71 -0.09 -40.41
C VAL C 243 -12.73 -0.64 -38.99
N ALA C 244 -13.51 -1.70 -38.76
CA ALA C 244 -13.57 -2.31 -37.44
C ALA C 244 -12.22 -2.86 -37.04
N LEU C 245 -11.52 -3.53 -37.98
CA LEU C 245 -10.20 -4.06 -37.69
C LEU C 245 -9.23 -2.96 -37.28
N GLY C 246 -9.15 -1.90 -38.08
CA GLY C 246 -8.19 -0.84 -37.78
C GLY C 246 -8.50 -0.14 -36.47
N ILE C 247 -9.77 0.22 -36.26
CA ILE C 247 -10.10 1.00 -35.07
C ILE C 247 -10.00 0.14 -33.82
N THR C 248 -10.30 -1.16 -33.92
CA THR C 248 -10.16 -2.03 -32.77
C THR C 248 -8.69 -2.32 -32.47
N THR C 249 -7.84 -2.37 -33.50
CA THR C 249 -6.40 -2.46 -33.23
C THR C 249 -5.90 -1.22 -32.51
N VAL C 250 -6.40 -0.03 -32.92
CA VAL C 250 -6.03 1.20 -32.22
C VAL C 250 -6.50 1.15 -30.78
N LEU C 251 -7.74 0.68 -30.56
CA LEU C 251 -8.27 0.58 -29.20
C LEU C 251 -7.43 -0.38 -28.36
N THR C 252 -7.04 -1.52 -28.93
CA THR C 252 -6.21 -2.47 -28.19
C THR C 252 -4.85 -1.89 -27.86
N MET C 253 -4.26 -1.14 -28.79
CA MET C 253 -2.97 -0.51 -28.52
C MET C 253 -3.09 0.49 -27.37
N THR C 254 -4.14 1.33 -27.39
CA THR C 254 -4.34 2.28 -26.30
C THR C 254 -4.59 1.56 -24.98
N THR C 255 -5.35 0.47 -25.01
CA THR C 255 -5.61 -0.30 -23.79
C THR C 255 -4.30 -0.85 -23.22
N ILE C 256 -3.46 -1.42 -24.09
CA ILE C 256 -2.18 -1.96 -23.65
C ILE C 256 -1.33 -0.86 -23.04
N ASN C 257 -1.21 0.27 -23.73
CA ASN C 257 -0.36 1.36 -23.24
C ASN C 257 -0.85 1.88 -21.91
N THR C 258 -2.16 2.08 -21.77
CA THR C 258 -2.72 2.65 -20.56
C THR C 258 -2.55 1.71 -19.37
N HIS C 259 -2.94 0.45 -19.53
CA HIS C 259 -2.81 -0.47 -18.41
C HIS C 259 -1.35 -0.77 -18.10
N LEU C 260 -0.47 -0.71 -19.11
CA LEU C 260 0.95 -0.89 -18.86
C LEU C 260 1.51 0.25 -18.03
N ARG C 261 1.17 1.50 -18.36
CA ARG C 261 1.67 2.61 -17.55
C ARG C 261 0.98 2.68 -16.19
N GLU C 262 -0.20 2.06 -16.05
CA GLU C 262 -0.81 1.92 -14.73
C GLU C 262 -0.07 0.91 -13.87
N THR C 263 0.26 -0.26 -14.43
CA THR C 263 0.90 -1.28 -13.62
C THR C 263 2.38 -0.97 -13.36
N LEU C 264 3.04 -0.26 -14.28
CA LEU C 264 4.45 0.06 -14.09
C LEU C 264 4.62 1.15 -13.04
N PRO C 265 5.85 1.36 -12.56
CA PRO C 265 6.10 2.52 -11.70
C PRO C 265 5.80 3.82 -12.43
N LYS C 266 5.57 4.87 -11.65
CA LYS C 266 5.16 6.16 -12.22
C LYS C 266 6.21 6.69 -13.20
N ILE C 267 7.39 7.04 -12.68
CA ILE C 267 8.54 7.45 -13.48
C ILE C 267 8.12 8.60 -14.39
N PRO C 268 7.95 9.82 -13.86
CA PRO C 268 7.35 10.90 -14.67
C PRO C 268 8.33 11.58 -15.61
N TYR C 269 8.93 10.79 -16.50
CA TYR C 269 9.71 11.32 -17.62
C TYR C 269 9.94 10.19 -18.61
N VAL C 270 10.49 10.57 -19.77
CA VAL C 270 10.49 9.68 -20.93
C VAL C 270 11.41 8.48 -20.69
N LYS C 271 10.98 7.33 -21.23
CA LYS C 271 11.75 6.09 -21.20
C LYS C 271 11.89 5.56 -22.62
N ALA C 272 12.39 4.34 -22.79
CA ALA C 272 12.50 3.71 -24.11
C ALA C 272 11.26 2.89 -24.46
N ILE C 273 10.66 2.27 -23.45
CA ILE C 273 9.45 1.49 -23.67
C ILE C 273 8.33 2.39 -24.17
N ASP C 274 8.31 3.63 -23.70
CA ASP C 274 7.31 4.59 -24.18
C ASP C 274 7.52 4.90 -25.66
N MET C 275 8.77 5.06 -26.09
CA MET C 275 9.03 5.31 -27.50
C MET C 275 8.60 4.13 -28.36
N TYR C 276 8.89 2.91 -27.90
CA TYR C 276 8.49 1.73 -28.67
C TYR C 276 6.96 1.64 -28.79
N LEU C 277 6.26 1.87 -27.68
CA LEU C 277 4.81 1.80 -27.70
C LEU C 277 4.21 2.90 -28.57
N MET C 278 4.79 4.10 -28.53
CA MET C 278 4.30 5.19 -29.36
C MET C 278 4.55 4.90 -30.83
N GLY C 279 5.68 4.26 -31.14
CA GLY C 279 5.93 3.86 -32.53
C GLY C 279 4.89 2.87 -33.03
N CYS C 280 4.57 1.87 -32.21
CA CYS C 280 3.53 0.91 -32.61
C CYS C 280 2.17 1.60 -32.77
N PHE C 281 1.85 2.52 -31.86
CA PHE C 281 0.60 3.26 -31.96
C PHE C 281 0.54 4.07 -33.25
N VAL C 282 1.64 4.74 -33.60
CA VAL C 282 1.69 5.51 -34.83
C VAL C 282 1.55 4.60 -36.04
N PHE C 283 2.11 3.39 -35.97
CA PHE C 283 2.00 2.46 -37.09
C PHE C 283 0.55 2.05 -37.32
N VAL C 284 -0.17 1.69 -36.25
CA VAL C 284 -1.56 1.28 -36.44
C VAL C 284 -2.42 2.46 -36.90
N PHE C 285 -2.13 3.66 -36.37
CA PHE C 285 -2.85 4.85 -36.83
C PHE C 285 -2.61 5.11 -38.31
N LEU C 286 -1.36 4.94 -38.75
CA LEU C 286 -1.05 5.12 -40.16
C LEU C 286 -1.73 4.06 -41.03
N ALA C 287 -1.87 2.83 -40.52
CA ALA C 287 -2.59 1.81 -41.26
C ALA C 287 -4.05 2.20 -41.46
N LEU C 288 -4.69 2.71 -40.41
CA LEU C 288 -6.08 3.14 -40.55
C LEU C 288 -6.21 4.31 -41.52
N LEU C 289 -5.27 5.26 -41.45
CA LEU C 289 -5.27 6.37 -42.41
C LEU C 289 -5.06 5.86 -43.83
N GLU C 290 -4.24 4.82 -44.00
CA GLU C 290 -4.02 4.25 -45.32
C GLU C 290 -5.32 3.68 -45.88
N TYR C 291 -6.08 2.97 -45.03
CA TYR C 291 -7.38 2.49 -45.51
C TYR C 291 -8.29 3.66 -45.86
N ALA C 292 -8.25 4.74 -45.07
CA ALA C 292 -9.09 5.90 -45.37
C ALA C 292 -8.75 6.47 -46.74
N PHE C 293 -7.46 6.57 -47.04
CA PHE C 293 -7.01 7.03 -48.35
C PHE C 293 -7.53 6.10 -49.45
N VAL C 294 -7.43 4.79 -49.23
CA VAL C 294 -7.89 3.83 -50.23
C VAL C 294 -9.38 4.02 -50.49
N ASN C 295 -10.16 4.13 -49.41
CA ASN C 295 -11.61 4.22 -49.55
C ASN C 295 -12.01 5.50 -50.27
N TYR C 296 -11.34 6.62 -49.96
CA TYR C 296 -11.67 7.85 -50.67
C TYR C 296 -11.29 7.77 -52.14
N ILE C 297 -10.08 7.28 -52.44
CA ILE C 297 -9.58 7.32 -53.80
C ILE C 297 -10.37 6.36 -54.68
N PHE C 298 -10.35 5.06 -54.36
CA PHE C 298 -11.16 4.06 -55.02
C PHE C 298 -12.36 3.68 -54.16
N PHE C 299 -13.50 3.46 -54.83
CA PHE C 299 -14.81 3.11 -54.29
C PHE C 299 -15.51 4.34 -53.70
N GLY C 300 -14.85 5.49 -53.60
CA GLY C 300 -15.41 6.71 -53.06
C GLY C 300 -15.31 7.86 -54.04
N ARG C 301 -15.09 9.05 -53.48
CA ARG C 301 -15.01 10.32 -54.21
C ARG C 301 -16.09 10.46 -55.30
N ASP C 411 -5.17 -7.61 -60.00
CA ASP C 411 -5.64 -6.25 -60.23
C ASP C 411 -5.86 -5.51 -58.93
N VAL C 412 -5.11 -5.89 -57.88
CA VAL C 412 -5.22 -5.21 -56.60
C VAL C 412 -4.72 -3.78 -56.74
N ASN C 413 -5.38 -2.85 -56.05
CA ASN C 413 -5.03 -1.45 -56.16
C ASN C 413 -3.61 -1.18 -55.67
N ALA C 414 -2.97 -0.21 -56.32
CA ALA C 414 -1.56 0.07 -56.09
C ALA C 414 -1.30 0.54 -54.67
N ILE C 415 -2.28 1.20 -54.04
CA ILE C 415 -2.06 1.68 -52.68
C ILE C 415 -1.87 0.50 -51.73
N ASP C 416 -2.73 -0.52 -51.83
CA ASP C 416 -2.57 -1.69 -50.97
C ASP C 416 -1.34 -2.49 -51.36
N ARG C 417 -1.05 -2.57 -52.67
CA ARG C 417 0.16 -3.28 -53.09
C ARG C 417 1.41 -2.63 -52.52
N TRP C 418 1.41 -1.31 -52.43
CA TRP C 418 2.54 -0.60 -51.83
CA TRP C 418 2.55 -0.61 -51.83
C TRP C 418 2.56 -0.76 -50.31
N SER C 419 1.37 -0.71 -49.69
CA SER C 419 1.27 -0.84 -48.25
C SER C 419 1.80 -2.19 -47.78
N ARG C 420 1.43 -3.26 -48.49
CA ARG C 420 1.78 -4.62 -48.07
C ARG C 420 3.29 -4.79 -47.96
N ILE C 421 4.05 -4.14 -48.84
CA ILE C 421 5.50 -4.27 -48.83
C ILE C 421 6.18 -3.21 -47.95
N VAL C 422 5.59 -2.02 -47.83
CA VAL C 422 6.29 -0.94 -47.14
C VAL C 422 6.06 -1.01 -45.63
N PHE C 423 4.85 -1.39 -45.19
CA PHE C 423 4.58 -1.38 -43.76
C PHE C 423 5.43 -2.39 -42.99
N PRO C 424 5.50 -3.67 -43.38
CA PRO C 424 6.45 -4.57 -42.69
C PRO C 424 7.89 -4.12 -42.80
N PHE C 425 8.27 -3.60 -43.95
CA PHE C 425 9.65 -3.15 -44.15
C PHE C 425 9.98 -1.97 -43.24
N THR C 426 9.07 -0.99 -43.18
CA THR C 426 9.27 0.16 -42.32
C THR C 426 9.28 -0.24 -40.85
N PHE C 427 8.41 -1.17 -40.45
CA PHE C 427 8.40 -1.62 -39.07
C PHE C 427 9.69 -2.37 -38.73
N SER C 428 10.22 -3.14 -39.67
CA SER C 428 11.49 -3.82 -39.45
C SER C 428 12.62 -2.82 -39.27
N LEU C 429 12.65 -1.77 -40.10
CA LEU C 429 13.67 -0.74 -39.91
C LEU C 429 13.50 -0.02 -38.57
N PHE C 430 12.26 0.23 -38.15
CA PHE C 430 12.03 0.86 -36.86
C PHE C 430 12.57 -0.02 -35.73
N ASN C 431 12.29 -1.32 -35.79
CA ASN C 431 12.81 -2.24 -34.79
C ASN C 431 14.33 -2.27 -34.81
N LEU C 432 14.93 -2.30 -36.00
CA LEU C 432 16.39 -2.32 -36.10
C LEU C 432 16.99 -1.08 -35.46
N VAL C 433 16.45 0.10 -35.77
CA VAL C 433 16.96 1.34 -35.22
C VAL C 433 16.79 1.36 -33.71
N TYR C 434 15.62 0.95 -33.22
CA TYR C 434 15.36 0.96 -31.78
C TYR C 434 16.32 0.04 -31.04
N TRP C 435 16.43 -1.21 -31.48
CA TRP C 435 17.29 -2.17 -30.80
C TRP C 435 18.75 -1.78 -30.87
N LEU C 436 19.24 -1.33 -32.03
CA LEU C 436 20.63 -0.89 -32.11
C LEU C 436 20.90 0.33 -31.25
N TYR C 437 19.97 1.29 -31.21
CA TYR C 437 20.18 2.49 -30.42
C TYR C 437 20.19 2.19 -28.92
N TYR C 438 19.30 1.30 -28.47
CA TYR C 438 19.09 1.11 -27.03
C TYR C 438 19.85 -0.08 -26.45
N VAL C 439 20.38 -0.98 -27.28
CA VAL C 439 21.20 -2.09 -26.79
C VAL C 439 22.67 -1.67 -26.80
N MET D 1 19.55 38.38 36.99
CA MET D 1 20.06 37.12 36.44
C MET D 1 20.20 36.11 37.58
N SER D 2 21.11 36.38 38.51
CA SER D 2 21.28 35.49 39.67
C SER D 2 20.01 35.48 40.51
N PHE D 3 19.51 36.68 40.88
CA PHE D 3 18.29 36.76 41.66
C PHE D 3 17.11 36.17 40.90
N VAL D 4 17.12 36.26 39.57
CA VAL D 4 16.10 35.58 38.78
C VAL D 4 16.20 34.07 38.97
N LYS D 5 17.42 33.54 38.97
CA LYS D 5 17.59 32.11 39.17
C LYS D 5 17.10 31.68 40.56
N GLU D 6 17.45 32.44 41.60
CA GLU D 6 16.94 32.08 42.93
C GLU D 6 15.43 32.24 43.01
N THR D 7 14.85 33.20 42.30
CA THR D 7 13.39 33.33 42.28
C THR D 7 12.75 32.10 41.66
N VAL D 8 13.31 31.61 40.55
CA VAL D 8 12.77 30.40 39.91
C VAL D 8 12.95 29.20 40.83
N ASP D 9 14.10 29.12 41.52
CA ASP D 9 14.34 28.02 42.43
C ASP D 9 13.34 28.03 43.58
N LYS D 10 13.06 29.21 44.14
CA LYS D 10 12.07 29.31 45.20
C LYS D 10 10.67 28.96 44.69
N LEU D 11 10.35 29.35 43.46
CA LEU D 11 9.04 29.02 42.90
C LEU D 11 8.88 27.52 42.76
N LEU D 12 9.87 26.84 42.20
CA LEU D 12 9.77 25.39 42.01
C LEU D 12 9.95 24.61 43.30
N LYS D 13 10.58 25.20 44.32
CA LYS D 13 10.79 24.49 45.58
C LYS D 13 9.46 24.32 46.31
N GLY D 14 9.26 23.12 46.86
CA GLY D 14 8.06 22.84 47.62
C GLY D 14 6.78 22.92 46.82
N TYR D 15 6.86 22.67 45.51
CA TYR D 15 5.70 22.69 44.62
C TYR D 15 5.47 21.27 44.13
N ASP D 16 4.37 20.66 44.59
CA ASP D 16 4.06 19.28 44.27
C ASP D 16 3.21 19.22 43.00
N ILE D 17 3.70 18.52 41.98
CA ILE D 17 2.92 18.33 40.76
C ILE D 17 1.65 17.53 41.06
N ARG D 18 1.72 16.62 42.03
CA ARG D 18 0.59 15.76 42.34
C ARG D 18 -0.61 16.53 42.91
N LEU D 19 -0.39 17.75 43.39
CA LEU D 19 -1.45 18.59 43.94
C LEU D 19 -1.85 19.63 42.91
N ARG D 20 -3.13 19.65 42.54
CA ARG D 20 -3.64 20.67 41.65
C ARG D 20 -3.77 22.00 42.40
N PRO D 21 -3.87 23.12 41.67
CA PRO D 21 -4.11 24.40 42.36
C PRO D 21 -5.46 24.39 43.06
N ASP D 22 -5.46 24.83 44.31
CA ASP D 22 -6.67 24.87 45.14
C ASP D 22 -7.29 23.47 45.23
N PHE D 23 -6.54 22.56 45.86
CA PHE D 23 -6.97 21.17 45.96
C PHE D 23 -8.31 21.04 46.68
N GLY D 24 -8.44 21.71 47.82
CA GLY D 24 -9.68 21.76 48.57
C GLY D 24 -10.58 22.94 48.24
N GLY D 25 -10.14 23.85 47.37
CA GLY D 25 -10.90 25.04 47.07
C GLY D 25 -11.85 24.84 45.91
N PRO D 26 -12.41 25.94 45.40
CA PRO D 26 -13.29 25.86 44.22
C PRO D 26 -12.52 25.35 43.01
N PRO D 27 -13.22 24.96 41.94
CA PRO D 27 -12.51 24.38 40.79
C PRO D 27 -11.62 25.38 40.09
N VAL D 28 -10.55 24.86 39.49
CA VAL D 28 -9.64 25.68 38.71
C VAL D 28 -10.22 25.87 37.31
N CYS D 29 -10.20 27.12 36.83
CA CYS D 29 -10.75 27.47 35.53
C CYS D 29 -9.62 27.50 34.50
N VAL D 30 -9.77 26.73 33.44
CA VAL D 30 -8.77 26.62 32.38
C VAL D 30 -9.35 27.24 31.11
N GLY D 31 -8.70 28.29 30.62
CA GLY D 31 -9.08 28.92 29.37
C GLY D 31 -8.27 28.35 28.23
N MET D 32 -8.96 27.86 27.20
CA MET D 32 -8.32 27.17 26.08
C MET D 32 -8.41 28.02 24.82
N ASN D 33 -7.28 28.13 24.12
CA ASN D 33 -7.20 28.81 22.84
C ASN D 33 -6.56 27.89 21.82
N ILE D 34 -6.94 28.06 20.56
CA ILE D 34 -6.41 27.29 19.46
C ILE D 34 -6.05 28.26 18.34
N ASP D 35 -4.87 28.05 17.74
CA ASP D 35 -4.47 28.74 16.51
C ASP D 35 -4.11 27.64 15.52
N ILE D 36 -5.05 27.30 14.65
CA ILE D 36 -4.91 26.14 13.78
C ILE D 36 -4.12 26.52 12.54
N ALA D 37 -3.05 25.77 12.26
CA ALA D 37 -2.22 26.07 11.09
C ALA D 37 -2.91 25.65 9.80
N SER D 38 -3.50 24.44 9.78
CA SER D 38 -4.15 23.93 8.59
C SER D 38 -4.75 22.56 8.91
N ILE D 39 -5.64 22.12 8.05
CA ILE D 39 -6.17 20.75 8.07
C ILE D 39 -5.46 20.03 6.93
N ASP D 40 -4.51 19.16 7.30
CA ASP D 40 -3.58 18.60 6.30
C ASP D 40 -4.30 17.71 5.30
N MET D 41 -5.23 16.88 5.76
CA MET D 41 -5.90 15.94 4.87
C MET D 41 -7.24 15.54 5.46
N VAL D 42 -8.14 15.10 4.58
CA VAL D 42 -9.47 14.63 4.96
C VAL D 42 -9.76 13.39 4.12
N SER D 43 -9.77 12.21 4.77
CA SER D 43 -9.99 10.93 4.06
C SER D 43 -11.34 10.32 4.44
N GLU D 44 -12.15 10.01 3.44
CA GLU D 44 -13.48 9.39 3.69
C GLU D 44 -13.29 7.90 4.01
N VAL D 45 -12.31 7.24 3.39
CA VAL D 45 -12.11 5.78 3.59
C VAL D 45 -11.83 5.52 5.08
N ASN D 46 -10.88 6.23 5.67
CA ASN D 46 -10.52 5.97 7.08
C ASN D 46 -11.42 6.83 7.97
N MET D 47 -12.26 7.69 7.37
CA MET D 47 -13.23 8.49 8.16
C MET D 47 -12.50 9.37 9.18
N ASP D 48 -11.65 10.30 8.73
CA ASP D 48 -10.86 11.13 9.66
C ASP D 48 -10.20 12.31 8.98
N TYR D 49 -9.76 13.28 9.77
CA TYR D 49 -9.04 14.43 9.23
C TYR D 49 -7.85 14.73 10.12
N THR D 50 -6.78 15.24 9.52
CA THR D 50 -5.55 15.58 10.21
C THR D 50 -5.49 17.09 10.41
N LEU D 51 -5.29 17.51 11.66
CA LEU D 51 -5.30 18.92 12.04
C LEU D 51 -4.00 19.23 12.76
N THR D 52 -3.30 20.29 12.35
CA THR D 52 -2.10 20.71 13.08
C THR D 52 -2.50 21.98 13.77
N MET D 53 -1.93 22.29 14.94
CA MET D 53 -2.45 23.49 15.60
C MET D 53 -1.64 23.87 16.83
N TYR D 54 -1.86 25.07 17.32
CA TYR D 54 -1.19 25.52 18.58
CA TYR D 54 -1.20 25.52 18.57
C TYR D 54 -2.15 25.60 19.80
N PHE D 55 -2.20 24.49 20.53
CA PHE D 55 -3.13 24.45 21.69
C PHE D 55 -2.53 25.19 22.83
N GLN D 56 -3.26 26.14 23.39
CA GLN D 56 -2.82 26.92 24.55
C GLN D 56 -3.81 26.75 25.68
N GLN D 57 -3.29 26.48 26.88
CA GLN D 57 -4.09 26.38 28.09
C GLN D 57 -3.60 27.42 29.09
N TYR D 58 -4.52 28.17 29.67
CA TYR D 58 -4.23 29.31 30.53
C TYR D 58 -4.93 29.09 31.87
N TRP D 59 -4.17 29.14 32.96
CA TRP D 59 -4.76 28.87 34.28
C TRP D 59 -3.96 29.58 35.36
N ARG D 60 -4.64 29.86 36.47
CA ARG D 60 -4.06 30.57 37.60
C ARG D 60 -3.62 29.58 38.67
N ASP D 61 -2.50 29.92 39.33
CA ASP D 61 -1.96 29.07 40.40
C ASP D 61 -1.24 29.98 41.39
N LYS D 62 -1.74 30.03 42.62
CA LYS D 62 -1.14 30.89 43.64
C LYS D 62 0.27 30.44 44.00
N ARG D 63 0.53 29.13 43.90
CA ARG D 63 1.82 28.60 44.34
C ARG D 63 2.98 29.11 43.50
N LEU D 64 2.73 29.52 42.25
CA LEU D 64 3.78 29.92 41.32
C LEU D 64 3.86 31.42 41.13
N ALA D 65 3.43 32.20 42.12
CA ALA D 65 3.48 33.66 42.05
C ALA D 65 4.83 34.18 42.56
N TYR D 66 5.28 35.27 41.96
CA TYR D 66 6.52 35.93 42.35
C TYR D 66 6.31 37.44 42.31
N SER D 67 7.35 38.17 42.67
CA SER D 67 7.28 39.63 42.71
C SER D 67 8.69 40.19 42.58
N GLY D 68 8.77 41.49 42.26
CA GLY D 68 10.03 42.15 42.06
C GLY D 68 10.66 41.95 40.69
N ILE D 69 10.00 41.21 39.80
CA ILE D 69 10.51 40.94 38.46
C ILE D 69 9.38 41.26 37.47
N PRO D 70 9.14 42.54 37.15
CA PRO D 70 7.95 42.87 36.34
C PRO D 70 7.95 42.26 34.95
N LEU D 71 9.10 41.98 34.37
CA LEU D 71 9.13 41.42 33.02
C LEU D 71 8.55 40.00 33.04
N ASN D 72 7.91 39.63 31.93
CA ASN D 72 7.20 38.37 31.84
C ASN D 72 8.17 37.25 31.51
N LEU D 73 8.11 36.17 32.30
CA LEU D 73 9.06 35.07 32.22
C LEU D 73 8.55 34.00 31.27
N THR D 74 9.42 33.57 30.34
CA THR D 74 9.17 32.46 29.43
C THR D 74 10.24 31.41 29.71
N LEU D 75 9.90 30.43 30.54
CA LEU D 75 10.86 29.41 30.92
C LEU D 75 11.05 28.40 29.80
N ASP D 76 12.09 27.57 29.96
CA ASP D 76 12.41 26.55 28.98
C ASP D 76 11.35 25.46 28.98
N ASN D 77 11.34 24.66 27.91
CA ASN D 77 10.36 23.60 27.76
C ASN D 77 10.55 22.47 28.77
N ARG D 78 11.73 22.37 29.39
CA ARG D 78 11.98 21.30 30.34
C ARG D 78 11.25 21.48 31.66
N VAL D 79 10.63 22.64 31.89
CA VAL D 79 9.90 22.89 33.13
C VAL D 79 8.50 22.28 33.13
N ALA D 80 8.06 21.73 31.97
CA ALA D 80 6.73 21.15 31.90
C ALA D 80 6.58 19.97 32.87
N ASP D 81 7.60 19.11 32.94
CA ASP D 81 7.55 18.01 33.90
C ASP D 81 7.63 18.52 35.33
N GLN D 82 8.35 19.62 35.56
CA GLN D 82 8.48 20.15 36.91
C GLN D 82 7.18 20.74 37.42
N LEU D 83 6.39 21.34 36.52
CA LEU D 83 5.15 22.00 36.87
C LEU D 83 3.95 21.11 36.57
N TRP D 84 2.88 21.30 37.34
CA TRP D 84 1.63 20.60 37.09
C TRP D 84 0.96 21.20 35.86
N VAL D 85 0.36 20.35 35.03
CA VAL D 85 -0.37 20.76 33.84
C VAL D 85 -1.74 20.09 33.90
N PRO D 86 -2.81 20.70 33.37
CA PRO D 86 -4.10 20.00 33.35
C PRO D 86 -4.05 18.76 32.47
N ASP D 87 -4.81 17.74 32.88
CA ASP D 87 -4.98 16.54 32.07
C ASP D 87 -6.11 16.79 31.07
N THR D 88 -5.73 16.88 29.80
CA THR D 88 -6.66 17.22 28.73
C THR D 88 -6.40 16.27 27.56
N TYR D 89 -7.48 15.72 27.00
CA TYR D 89 -7.38 14.76 25.91
C TYR D 89 -8.46 15.02 24.89
N PHE D 90 -8.18 14.67 23.63
CA PHE D 90 -9.15 14.78 22.55
C PHE D 90 -9.88 13.45 22.43
N LEU D 91 -11.21 13.50 22.60
CA LEU D 91 -11.99 12.27 22.69
C LEU D 91 -11.94 11.48 21.38
N ASN D 92 -12.11 12.16 20.24
CA ASN D 92 -12.19 11.51 18.95
C ASN D 92 -10.82 11.40 18.26
N ASP D 93 -9.74 11.40 19.02
CA ASP D 93 -8.40 11.29 18.45
C ASP D 93 -8.05 9.82 18.20
N LYS D 94 -7.43 9.57 17.05
CA LYS D 94 -6.97 8.21 16.68
C LYS D 94 -5.46 8.14 16.88
N LYS D 95 -4.73 9.21 16.55
CA LYS D 95 -3.25 9.28 16.74
C LYS D 95 -2.78 10.72 16.58
N SER D 96 -2.15 11.28 17.63
CA SER D 96 -1.68 12.67 17.61
C SER D 96 -0.24 12.75 18.16
N PHE D 97 0.49 13.85 17.89
CA PHE D 97 1.85 14.02 18.45
C PHE D 97 2.19 15.47 18.68
N VAL D 98 3.25 15.74 19.44
CA VAL D 98 3.77 17.12 19.66
C VAL D 98 5.09 17.20 18.89
N HIS D 99 5.23 18.14 17.95
CA HIS D 99 6.44 18.19 17.07
C HIS D 99 7.71 18.22 17.93
N GLY D 100 8.84 17.65 17.46
CA GLY D 100 10.04 17.54 18.32
C GLY D 100 11.35 17.90 17.65
N VAL D 101 11.35 18.76 16.65
CA VAL D 101 12.52 19.24 15.92
C VAL D 101 12.43 20.76 15.83
N THR D 102 13.51 21.50 16.11
CA THR D 102 14.80 21.03 16.64
C THR D 102 14.68 20.64 18.11
N VAL D 103 13.72 21.26 18.81
CA VAL D 103 13.38 20.92 20.18
C VAL D 103 11.87 20.74 20.24
N LYS D 104 11.40 20.20 21.38
CA LYS D 104 9.96 19.91 21.56
C LYS D 104 9.16 21.20 21.48
N ASN D 105 8.12 21.22 20.64
CA ASN D 105 7.34 22.46 20.47
C ASN D 105 6.47 22.65 21.70
N ARG D 106 7.07 22.96 22.85
CA ARG D 106 6.31 23.11 24.12
C ARG D 106 6.82 24.33 24.89
N MET D 107 5.93 25.22 25.29
CA MET D 107 6.34 26.46 25.95
C MET D 107 5.52 26.62 27.23
N ILE D 108 6.20 27.06 28.29
CA ILE D 108 5.57 27.42 29.55
C ILE D 108 5.95 28.86 29.85
N ARG D 109 4.95 29.71 30.09
CA ARG D 109 5.16 31.12 30.38
C ARG D 109 4.43 31.47 31.67
N LEU D 110 5.18 31.92 32.67
CA LEU D 110 4.63 32.36 33.94
C LEU D 110 4.45 33.87 33.96
N HIS D 111 3.62 34.33 34.88
CA HIS D 111 3.31 35.73 35.07
C HIS D 111 3.50 36.10 36.54
N PRO D 112 3.73 37.38 36.85
CA PRO D 112 3.98 37.75 38.25
C PRO D 112 2.83 37.44 39.19
N ASP D 113 1.60 37.36 38.68
CA ASP D 113 0.44 37.04 39.50
C ASP D 113 0.21 35.55 39.65
N GLY D 114 1.21 34.70 39.38
CA GLY D 114 1.08 33.27 39.52
C GLY D 114 0.41 32.58 38.34
N THR D 115 0.01 33.32 37.32
CA THR D 115 -0.68 32.72 36.19
C THR D 115 0.30 32.00 35.27
N VAL D 116 -0.21 30.98 34.59
CA VAL D 116 0.60 30.09 33.74
C VAL D 116 -0.10 29.92 32.40
N LEU D 117 0.69 29.96 31.34
CA LEU D 117 0.25 29.70 29.97
C LEU D 117 1.09 28.58 29.41
N TYR D 118 0.46 27.57 28.81
CA TYR D 118 1.18 26.39 28.27
C TYR D 118 0.80 26.22 26.82
N GLY D 119 1.78 26.13 25.93
CA GLY D 119 1.48 26.06 24.50
C GLY D 119 2.12 24.86 23.87
N LEU D 120 1.42 24.23 22.94
CA LEU D 120 1.94 23.01 22.30
C LEU D 120 1.58 23.00 20.82
N ARG D 121 2.51 22.55 19.97
CA ARG D 121 2.19 22.41 18.51
C ARG D 121 1.81 20.94 18.31
N ILE D 122 0.52 20.65 18.09
CA ILE D 122 0.07 19.24 18.03
C ILE D 122 -0.50 18.92 16.65
N THR D 123 -0.23 17.73 16.14
CA THR D 123 -0.85 17.30 14.88
C THR D 123 -1.72 16.12 15.24
N THR D 124 -3.04 16.30 15.17
CA THR D 124 -3.95 15.25 15.62
C THR D 124 -4.70 14.70 14.46
N THR D 125 -4.79 13.37 14.37
CA THR D 125 -5.64 12.76 13.34
C THR D 125 -6.99 12.44 13.98
N ALA D 126 -7.79 13.48 14.19
CA ALA D 126 -9.10 13.30 14.79
C ALA D 126 -10.05 12.61 13.80
N ALA D 127 -11.02 11.88 14.36
CA ALA D 127 -12.00 11.13 13.59
C ALA D 127 -13.35 11.82 13.65
N CYS D 128 -13.99 11.97 12.49
CA CYS D 128 -15.33 12.55 12.39
C CYS D 128 -16.19 11.69 11.49
N MET D 129 -17.44 11.48 11.91
CA MET D 129 -18.41 10.76 11.10
C MET D 129 -18.70 11.54 9.82
N MET D 130 -18.99 10.81 8.76
CA MET D 130 -19.29 11.40 7.46
C MET D 130 -20.55 10.75 6.89
N ASP D 131 -21.48 11.54 6.36
CA ASP D 131 -22.67 10.95 5.69
C ASP D 131 -22.44 10.86 4.19
N LEU D 132 -21.74 9.83 3.74
CA LEU D 132 -21.40 9.73 2.30
C LEU D 132 -22.59 9.18 1.55
N ARG D 133 -23.80 9.50 1.99
CA ARG D 133 -25.01 9.02 1.31
C ARG D 133 -25.29 9.98 0.17
N ARG D 134 -25.07 11.26 0.42
CA ARG D 134 -25.24 12.26 -0.62
C ARG D 134 -23.96 12.58 -1.38
N TYR D 135 -22.93 11.75 -1.25
CA TYR D 135 -21.67 11.99 -1.95
C TYR D 135 -21.89 11.93 -3.46
N PRO D 136 -21.25 12.80 -4.26
CA PRO D 136 -20.30 13.88 -3.95
C PRO D 136 -20.98 15.22 -3.63
N LEU D 137 -22.30 15.22 -3.46
CA LEU D 137 -23.07 16.42 -3.16
C LEU D 137 -23.34 16.54 -1.66
N ASP D 138 -22.42 16.08 -0.83
CA ASP D 138 -22.61 16.03 0.61
C ASP D 138 -22.06 17.30 1.26
N GLU D 139 -22.23 17.40 2.58
CA GLU D 139 -21.70 18.52 3.34
C GLU D 139 -21.33 18.05 4.74
N GLN D 140 -20.07 17.71 4.94
CA GLN D 140 -19.65 17.08 6.19
C GLN D 140 -19.63 18.09 7.33
N ASN D 141 -19.70 17.56 8.56
CA ASN D 141 -19.62 18.36 9.79
C ASN D 141 -18.67 17.58 10.68
N CYS D 142 -17.40 17.99 10.71
CA CYS D 142 -16.39 17.33 11.54
C CYS D 142 -16.16 18.12 12.81
N THR D 143 -15.71 17.43 13.86
CA THR D 143 -15.61 18.01 15.18
C THR D 143 -14.32 17.58 15.86
N LEU D 144 -13.88 18.41 16.79
CA LEU D 144 -12.80 18.08 17.72
C LEU D 144 -13.34 18.32 19.12
N GLU D 145 -13.35 17.27 19.94
CA GLU D 145 -13.92 17.29 21.28
C GLU D 145 -12.79 17.24 22.30
N ILE D 146 -12.66 18.30 23.10
CA ILE D 146 -11.63 18.42 24.12
C ILE D 146 -12.29 18.13 25.47
N GLU D 147 -11.68 17.26 26.27
CA GLU D 147 -12.28 16.81 27.52
C GLU D 147 -11.21 16.54 28.57
N SER D 148 -11.60 16.70 29.83
CA SER D 148 -10.76 16.33 30.95
C SER D 148 -10.90 14.83 31.23
N TYR D 149 -9.78 14.21 31.58
CA TYR D 149 -9.79 12.72 31.76
C TYR D 149 -10.17 12.32 33.18
N GLY D 150 -9.47 12.84 34.20
CA GLY D 150 -9.70 12.37 35.56
C GLY D 150 -10.61 13.24 36.38
N TYR D 151 -10.54 14.56 36.20
CA TYR D 151 -11.26 15.51 37.03
C TYR D 151 -12.68 15.73 36.51
N THR D 152 -13.58 16.03 37.44
CA THR D 152 -14.96 16.39 37.15
C THR D 152 -15.11 17.91 37.12
N THR D 153 -16.33 18.37 36.87
CA THR D 153 -16.60 19.81 36.88
C THR D 153 -16.39 20.43 38.25
N ASP D 154 -16.45 19.64 39.32
CA ASP D 154 -16.23 20.15 40.67
C ASP D 154 -14.78 20.51 40.94
N ASP D 155 -13.84 20.05 40.11
CA ASP D 155 -12.41 20.29 40.28
C ASP D 155 -11.81 21.13 39.17
N ILE D 156 -12.21 20.92 37.91
CA ILE D 156 -11.68 21.65 36.77
C ILE D 156 -12.85 22.11 35.90
N GLU D 157 -12.77 23.34 35.40
CA GLU D 157 -13.79 23.92 34.54
C GLU D 157 -13.13 24.45 33.29
N PHE D 158 -13.42 23.82 32.15
CA PHE D 158 -12.90 24.29 30.87
C PHE D 158 -13.77 25.41 30.33
N TYR D 159 -13.13 26.39 29.70
CA TYR D 159 -13.87 27.44 29.00
C TYR D 159 -13.02 27.97 27.86
N TRP D 160 -13.69 28.63 26.91
CA TRP D 160 -13.02 29.27 25.80
C TRP D 160 -12.56 30.66 26.23
N ARG D 161 -11.26 30.94 26.12
CA ARG D 161 -10.74 32.25 26.46
C ARG D 161 -10.95 33.19 25.29
N GLY D 162 -11.72 34.25 25.51
CA GLY D 162 -12.06 35.19 24.48
C GLY D 162 -13.39 34.95 23.78
N GLY D 163 -14.22 34.05 24.31
CA GLY D 163 -15.51 33.77 23.71
C GLY D 163 -15.41 33.14 22.33
N ASP D 164 -15.84 33.87 21.31
CA ASP D 164 -15.81 33.38 19.94
C ASP D 164 -14.47 33.62 19.25
N LYS D 165 -13.55 34.32 19.90
CA LYS D 165 -12.22 34.60 19.34
C LYS D 165 -11.18 33.57 19.76
N ALA D 166 -11.59 32.49 20.43
CA ALA D 166 -10.63 31.50 20.92
C ALA D 166 -9.90 30.82 19.77
N VAL D 167 -10.62 30.49 18.70
CA VAL D 167 -10.08 29.72 17.58
C VAL D 167 -9.77 30.68 16.44
N THR D 168 -8.56 30.57 15.89
CA THR D 168 -8.12 31.39 14.77
C THR D 168 -7.37 30.51 13.78
N GLY D 169 -7.38 30.93 12.52
CA GLY D 169 -6.77 30.18 11.42
C GLY D 169 -7.75 29.53 10.48
N VAL D 170 -9.06 29.75 10.67
CA VAL D 170 -10.04 29.22 9.73
C VAL D 170 -9.82 29.81 8.35
N GLU D 171 -9.50 31.11 8.29
CA GLU D 171 -9.09 31.72 7.04
C GLU D 171 -7.81 31.07 6.49
N ARG D 172 -6.92 30.64 7.38
CA ARG D 172 -5.66 30.06 6.92
C ARG D 172 -5.84 28.65 6.38
N ILE D 173 -6.91 27.96 6.76
CA ILE D 173 -7.14 26.63 6.20
C ILE D 173 -7.34 26.75 4.69
N GLU D 174 -6.75 25.82 3.95
CA GLU D 174 -6.94 25.74 2.50
C GLU D 174 -6.96 24.26 2.12
N LEU D 175 -8.17 23.71 1.92
CA LEU D 175 -8.35 22.34 1.49
C LEU D 175 -8.62 22.29 -0.01
N PRO D 176 -8.06 21.33 -0.76
CA PRO D 176 -8.26 21.34 -2.21
C PRO D 176 -9.69 21.02 -2.63
N GLN D 177 -10.28 19.97 -2.06
CA GLN D 177 -11.59 19.51 -2.50
C GLN D 177 -12.72 20.11 -1.67
N PHE D 178 -12.49 20.39 -0.40
CA PHE D 178 -13.49 20.93 0.49
C PHE D 178 -13.39 22.45 0.59
N SER D 179 -14.48 23.05 1.06
CA SER D 179 -14.57 24.49 1.29
C SER D 179 -15.32 24.70 2.59
N ILE D 180 -14.74 25.49 3.50
CA ILE D 180 -15.33 25.67 4.82
C ILE D 180 -16.47 26.67 4.74
N VAL D 181 -17.63 26.29 5.28
CA VAL D 181 -18.81 27.14 5.27
C VAL D 181 -19.04 27.82 6.61
N GLU D 182 -18.61 27.22 7.72
CA GLU D 182 -18.90 27.76 9.04
C GLU D 182 -18.10 26.98 10.07
N HIS D 183 -17.76 27.65 11.16
CA HIS D 183 -17.14 27.02 12.32
C HIS D 183 -17.89 27.44 13.57
N ARG D 184 -17.91 26.55 14.57
CA ARG D 184 -18.65 26.80 15.79
C ARG D 184 -17.89 26.27 16.99
N LEU D 185 -18.05 26.95 18.12
CA LEU D 185 -17.47 26.56 19.41
C LEU D 185 -18.61 26.35 20.41
N VAL D 186 -18.61 25.20 21.08
CA VAL D 186 -19.65 24.87 22.05
C VAL D 186 -18.98 24.32 23.30
N SER D 187 -19.28 24.92 24.44
CA SER D 187 -18.79 24.47 25.74
C SER D 187 -19.97 23.96 26.55
N ARG D 188 -19.80 22.82 27.21
CA ARG D 188 -20.90 22.23 27.98
C ARG D 188 -20.34 21.23 28.97
N ASN D 189 -21.24 20.55 29.68
CA ASN D 189 -20.88 19.55 30.69
C ASN D 189 -21.65 18.27 30.36
N VAL D 190 -20.94 17.22 29.99
CA VAL D 190 -21.59 15.93 29.79
C VAL D 190 -22.03 15.42 31.15
N VAL D 191 -23.33 15.17 31.31
CA VAL D 191 -23.93 14.86 32.59
C VAL D 191 -23.98 13.33 32.74
N PHE D 192 -23.32 12.82 33.77
CA PHE D 192 -23.34 11.42 34.14
C PHE D 192 -24.03 11.26 35.48
N ALA D 193 -24.57 10.06 35.72
CA ALA D 193 -25.18 9.78 37.01
C ALA D 193 -24.16 9.88 38.14
N THR D 194 -22.91 9.52 37.87
CA THR D 194 -21.86 9.64 38.88
C THR D 194 -21.46 11.09 39.08
N GLY D 195 -21.38 11.86 38.00
CA GLY D 195 -20.96 13.24 38.12
C GLY D 195 -21.10 13.95 36.79
N ALA D 196 -20.45 15.12 36.71
CA ALA D 196 -20.43 15.95 35.52
C ALA D 196 -18.99 16.24 35.14
N TYR D 197 -18.69 16.08 33.84
CA TYR D 197 -17.35 16.31 33.30
C TYR D 197 -17.42 17.47 32.30
N PRO D 198 -16.46 18.39 32.28
CA PRO D 198 -16.52 19.47 31.30
C PRO D 198 -16.12 19.00 29.91
N ARG D 199 -16.56 19.74 28.90
CA ARG D 199 -16.18 19.44 27.53
C ARG D 199 -16.28 20.70 26.69
N LEU D 200 -15.37 20.82 25.73
CA LEU D 200 -15.41 21.84 24.70
C LEU D 200 -15.42 21.14 23.34
N SER D 201 -15.97 21.82 22.33
CA SER D 201 -16.08 21.24 21.01
C SER D 201 -15.90 22.33 19.96
N LEU D 202 -14.99 22.07 19.02
CA LEU D 202 -14.77 22.93 17.87
C LEU D 202 -15.21 22.16 16.62
N SER D 203 -16.21 22.70 15.93
CA SER D 203 -16.83 22.01 14.79
C SER D 203 -16.66 22.85 13.53
N PHE D 204 -16.42 22.15 12.41
CA PHE D 204 -16.28 22.76 11.09
C PHE D 204 -17.30 22.11 10.15
N ARG D 205 -17.97 22.93 9.36
CA ARG D 205 -18.82 22.46 8.26
C ARG D 205 -18.05 22.62 6.95
N LEU D 206 -17.93 21.52 6.20
CA LEU D 206 -17.07 21.43 5.02
C LEU D 206 -17.91 21.00 3.82
N LYS D 207 -18.34 21.97 3.02
CA LYS D 207 -19.00 21.65 1.77
C LYS D 207 -17.98 21.09 0.79
N ARG D 208 -18.44 20.27 -0.15
CA ARG D 208 -17.59 19.68 -1.17
C ARG D 208 -17.80 20.39 -2.50
N ASN D 209 -16.70 20.60 -3.22
CA ASN D 209 -16.73 21.25 -4.52
C ASN D 209 -17.13 20.24 -5.58
N ILE D 210 -18.16 20.59 -6.35
CA ILE D 210 -18.81 19.65 -7.27
C ILE D 210 -18.45 19.90 -8.72
N GLY D 211 -17.66 20.93 -9.03
CA GLY D 211 -17.29 21.17 -10.41
C GLY D 211 -16.47 20.04 -11.00
N TYR D 212 -15.52 19.52 -10.21
CA TYR D 212 -14.68 18.41 -10.68
C TYR D 212 -15.53 17.18 -10.98
N PHE D 213 -16.46 16.86 -10.07
CA PHE D 213 -17.30 15.69 -10.29
C PHE D 213 -18.22 15.89 -11.49
N ILE D 214 -18.80 17.09 -11.63
CA ILE D 214 -19.67 17.36 -12.77
C ILE D 214 -18.89 17.27 -14.07
N LEU D 215 -17.59 17.60 -14.05
CA LEU D 215 -16.79 17.52 -15.27
C LEU D 215 -16.40 16.09 -15.60
N GLN D 216 -15.94 15.32 -14.61
CA GLN D 216 -15.39 13.97 -14.87
C GLN D 216 -16.44 12.87 -14.81
N THR D 217 -17.18 12.79 -13.70
CA THR D 217 -18.01 11.61 -13.46
C THR D 217 -19.35 11.70 -14.19
N TYR D 218 -19.99 12.87 -14.15
CA TYR D 218 -21.36 13.01 -14.65
C TYR D 218 -21.43 13.26 -16.15
N MET D 219 -20.62 14.18 -16.67
CA MET D 219 -20.76 14.59 -18.07
C MET D 219 -20.55 13.46 -19.07
N PRO D 220 -19.51 12.61 -18.95
CA PRO D 220 -19.38 11.52 -19.92
C PRO D 220 -20.57 10.56 -19.94
N SER D 221 -21.18 10.30 -18.78
CA SER D 221 -22.35 9.43 -18.77
C SER D 221 -23.51 10.05 -19.54
N ILE D 222 -23.73 11.35 -19.37
CA ILE D 222 -24.80 12.03 -20.10
C ILE D 222 -24.51 12.01 -21.59
N LEU D 223 -23.26 12.27 -21.97
CA LEU D 223 -22.90 12.25 -23.39
C LEU D 223 -23.07 10.85 -23.98
N ILE D 224 -22.72 9.82 -23.22
CA ILE D 224 -22.85 8.45 -23.71
C ILE D 224 -24.33 8.09 -23.87
N THR D 225 -25.17 8.53 -22.95
CA THR D 225 -26.60 8.28 -23.08
C THR D 225 -27.17 8.99 -24.31
N ILE D 226 -26.75 10.24 -24.52
CA ILE D 226 -27.20 10.97 -25.70
C ILE D 226 -26.73 10.29 -26.97
N LEU D 227 -25.52 9.72 -26.95
CA LEU D 227 -25.04 8.97 -28.09
C LEU D 227 -25.85 7.70 -28.30
N SER D 228 -26.25 7.04 -27.21
CA SER D 228 -27.09 5.86 -27.32
C SER D 228 -28.43 6.19 -27.96
N TRP D 229 -28.93 7.41 -27.72
CA TRP D 229 -30.18 7.81 -28.36
C TRP D 229 -30.05 7.97 -29.87
N VAL D 230 -28.82 8.00 -30.41
CA VAL D 230 -28.65 8.21 -31.85
C VAL D 230 -29.25 7.08 -32.66
N SER D 231 -29.40 5.89 -32.05
CA SER D 231 -29.89 4.73 -32.79
C SER D 231 -31.28 4.96 -33.37
N PHE D 232 -32.10 5.79 -32.73
CA PHE D 232 -33.48 5.95 -33.17
C PHE D 232 -33.57 6.71 -34.49
N TRP D 233 -32.55 7.49 -34.85
CA TRP D 233 -32.54 8.26 -36.09
C TRP D 233 -31.83 7.54 -37.23
N ILE D 234 -31.24 6.37 -36.98
CA ILE D 234 -30.62 5.58 -38.03
C ILE D 234 -31.69 4.69 -38.66
N ASN D 235 -31.48 4.33 -39.92
CA ASN D 235 -32.44 3.50 -40.65
C ASN D 235 -32.67 2.17 -39.92
N TYR D 236 -33.92 1.75 -39.88
CA TYR D 236 -34.30 0.59 -39.07
C TYR D 236 -33.66 -0.71 -39.55
N ASP D 237 -33.27 -0.78 -40.83
CA ASP D 237 -32.64 -1.98 -41.37
C ASP D 237 -31.13 -1.96 -41.24
N ALA D 238 -30.54 -0.93 -40.63
CA ALA D 238 -29.10 -0.88 -40.39
C ALA D 238 -28.79 -1.67 -39.11
N SER D 239 -28.92 -2.99 -39.23
CA SER D 239 -28.80 -3.86 -38.06
C SER D 239 -27.41 -3.80 -37.46
N ALA D 240 -26.38 -3.95 -38.28
CA ALA D 240 -25.02 -3.94 -37.76
C ALA D 240 -24.70 -2.61 -37.09
N ALA D 241 -25.05 -1.51 -37.74
CA ALA D 241 -24.75 -0.18 -37.19
C ALA D 241 -25.47 0.05 -35.87
N ARG D 242 -26.78 -0.19 -35.84
CA ARG D 242 -27.54 0.09 -34.62
C ARG D 242 -27.14 -0.83 -33.47
N VAL D 243 -26.94 -2.13 -33.75
CA VAL D 243 -26.56 -3.06 -32.71
C VAL D 243 -25.18 -2.72 -32.17
N ALA D 244 -24.23 -2.42 -33.07
CA ALA D 244 -22.89 -2.04 -32.63
C ALA D 244 -22.93 -0.78 -31.78
N LEU D 245 -23.72 0.20 -32.19
CA LEU D 245 -23.84 1.44 -31.43
C LEU D 245 -24.37 1.18 -30.03
N GLY D 246 -25.48 0.44 -29.93
CA GLY D 246 -26.07 0.19 -28.63
C GLY D 246 -25.16 -0.60 -27.71
N ILE D 247 -24.59 -1.70 -28.23
CA ILE D 247 -23.79 -2.56 -27.36
C ILE D 247 -22.47 -1.89 -27.01
N THR D 248 -21.91 -1.08 -27.90
CA THR D 248 -20.68 -0.36 -27.56
C THR D 248 -20.96 0.77 -26.57
N THR D 249 -22.13 1.39 -26.64
CA THR D 249 -22.49 2.35 -25.59
C THR D 249 -22.60 1.66 -24.24
N VAL D 250 -23.20 0.47 -24.22
CA VAL D 250 -23.27 -0.30 -22.98
C VAL D 250 -21.87 -0.65 -22.47
N LEU D 251 -20.99 -1.06 -23.39
CA LEU D 251 -19.62 -1.39 -23.00
C LEU D 251 -18.89 -0.18 -22.45
N THR D 252 -19.07 0.99 -23.06
CA THR D 252 -18.43 2.20 -22.57
C THR D 252 -18.97 2.58 -21.19
N MET D 253 -20.27 2.44 -20.98
CA MET D 253 -20.84 2.71 -19.67
C MET D 253 -20.25 1.78 -18.62
N THR D 254 -20.13 0.50 -18.93
CA THR D 254 -19.52 -0.45 -18.00
C THR D 254 -18.06 -0.10 -17.75
N THR D 255 -17.34 0.31 -18.78
CA THR D 255 -15.93 0.67 -18.62
C THR D 255 -15.80 1.87 -17.68
N ILE D 256 -16.65 2.88 -17.86
CA ILE D 256 -16.63 4.04 -16.97
C ILE D 256 -16.92 3.61 -15.54
N ASN D 257 -17.98 2.81 -15.35
CA ASN D 257 -18.37 2.41 -14.00
C ASN D 257 -17.28 1.60 -13.32
N THR D 258 -16.50 0.81 -14.04
CA THR D 258 -15.52 -0.04 -13.35
C THR D 258 -14.25 0.71 -13.02
N HIS D 259 -13.82 1.64 -13.86
CA HIS D 259 -12.54 2.35 -13.64
C HIS D 259 -12.89 3.68 -12.99
N LEU D 260 -13.96 3.72 -12.22
CA LEU D 260 -14.47 4.92 -11.50
C LEU D 260 -13.99 4.63 -10.09
N ARG D 261 -13.02 3.74 -9.95
CA ARG D 261 -12.49 3.19 -8.67
C ARG D 261 -11.92 4.39 -7.91
N GLU D 262 -11.59 5.44 -8.63
CA GLU D 262 -11.15 6.63 -7.89
C GLU D 262 -12.31 7.06 -6.99
N THR D 263 -13.58 7.00 -7.40
CA THR D 263 -14.67 7.55 -6.54
C THR D 263 -15.15 6.61 -5.44
N LEU D 264 -14.37 6.41 -4.36
CA LEU D 264 -14.76 5.66 -3.11
C LEU D 264 -15.20 4.19 -3.24
N PRO D 265 -14.65 3.33 -4.13
CA PRO D 265 -14.86 1.87 -4.17
C PRO D 265 -14.38 1.10 -2.96
N LYS D 266 -13.24 1.48 -2.39
CA LYS D 266 -12.60 0.67 -1.32
C LYS D 266 -13.56 0.55 -0.15
N ILE D 267 -14.27 1.60 0.20
CA ILE D 267 -15.31 1.42 1.25
C ILE D 267 -16.63 1.43 0.49
N PRO D 268 -17.47 0.39 0.62
CA PRO D 268 -18.70 0.30 -0.15
C PRO D 268 -19.97 0.77 0.56
N TYR D 269 -20.62 1.77 -0.02
CA TYR D 269 -21.89 2.27 0.54
C TYR D 269 -22.62 2.75 -0.66
N VAL D 270 -23.94 2.75 -0.65
CA VAL D 270 -24.66 3.30 -1.82
C VAL D 270 -24.70 4.84 -1.73
N LYS D 271 -24.00 5.55 -2.62
CA LYS D 271 -23.93 7.02 -2.62
C LYS D 271 -24.90 7.54 -3.69
N ALA D 272 -24.66 8.70 -4.28
CA ALA D 272 -25.63 9.31 -5.23
C ALA D 272 -25.12 9.10 -6.63
N ILE D 273 -23.82 9.16 -6.79
CA ILE D 273 -23.14 8.87 -8.04
C ILE D 273 -23.46 7.45 -8.51
N ASP D 274 -23.55 6.51 -7.57
CA ASP D 274 -23.91 5.13 -7.93
C ASP D 274 -25.31 5.08 -8.52
N MET D 275 -26.26 5.78 -7.90
CA MET D 275 -27.62 5.81 -8.44
C MET D 275 -27.66 6.43 -9.84
N TYR D 276 -26.92 7.52 -10.04
CA TYR D 276 -26.88 8.16 -11.35
C TYR D 276 -26.31 7.23 -12.41
N LEU D 277 -25.20 6.56 -12.10
CA LEU D 277 -24.60 5.64 -13.05
C LEU D 277 -25.54 4.48 -13.36
N MET D 278 -26.23 3.98 -12.33
CA MET D 278 -27.18 2.90 -12.55
C MET D 278 -28.31 3.34 -13.47
N GLY D 279 -28.81 4.57 -13.27
CA GLY D 279 -29.85 5.08 -14.14
C GLY D 279 -29.39 5.19 -15.59
N CYS D 280 -28.18 5.71 -15.80
CA CYS D 280 -27.66 5.81 -17.15
C CYS D 280 -27.49 4.43 -17.79
N PHE D 281 -27.02 3.46 -17.01
CA PHE D 281 -26.89 2.10 -17.52
C PHE D 281 -28.23 1.52 -17.93
N VAL D 282 -29.26 1.73 -17.11
CA VAL D 282 -30.59 1.25 -17.44
C VAL D 282 -31.11 1.92 -18.71
N PHE D 283 -30.81 3.21 -18.87
CA PHE D 283 -31.27 3.92 -20.06
C PHE D 283 -30.63 3.36 -21.33
N VAL D 284 -29.32 3.11 -21.31
CA VAL D 284 -28.69 2.56 -22.51
C VAL D 284 -29.18 1.13 -22.78
N PHE D 285 -29.40 0.36 -21.72
CA PHE D 285 -29.94 -0.98 -21.89
C PHE D 285 -31.31 -0.95 -22.54
N LEU D 286 -32.18 -0.04 -22.10
CA LEU D 286 -33.49 0.11 -22.72
C LEU D 286 -33.36 0.59 -24.16
N ALA D 287 -32.35 1.42 -24.44
CA ALA D 287 -32.14 1.88 -25.82
C ALA D 287 -31.84 0.71 -26.74
N LEU D 288 -31.00 -0.23 -26.29
CA LEU D 288 -30.71 -1.41 -27.12
C LEU D 288 -31.93 -2.33 -27.23
N LEU D 289 -32.65 -2.51 -26.12
CA LEU D 289 -33.87 -3.32 -26.16
C LEU D 289 -34.90 -2.73 -27.11
N GLU D 290 -34.91 -1.40 -27.28
CA GLU D 290 -35.82 -0.78 -28.21
C GLU D 290 -35.57 -1.24 -29.64
N TYR D 291 -34.29 -1.29 -30.06
CA TYR D 291 -34.00 -1.81 -31.39
C TYR D 291 -34.30 -3.29 -31.49
N ALA D 292 -34.14 -4.04 -30.39
CA ALA D 292 -34.56 -5.44 -30.41
C ALA D 292 -36.03 -5.56 -30.79
N PHE D 293 -36.87 -4.78 -30.11
CA PHE D 293 -38.30 -4.76 -30.42
C PHE D 293 -38.55 -4.34 -31.87
N VAL D 294 -37.85 -3.29 -32.32
CA VAL D 294 -38.05 -2.77 -33.67
C VAL D 294 -37.74 -3.85 -34.70
N ASN D 295 -36.59 -4.49 -34.56
CA ASN D 295 -36.16 -5.50 -35.52
C ASN D 295 -37.15 -6.65 -35.56
N TYR D 296 -37.51 -7.20 -34.39
CA TYR D 296 -38.41 -8.34 -34.41
C TYR D 296 -39.78 -7.98 -34.98
N ILE D 297 -40.32 -6.82 -34.60
CA ILE D 297 -41.68 -6.48 -35.01
C ILE D 297 -41.72 -6.17 -36.50
N PHE D 298 -40.80 -5.36 -37.01
CA PHE D 298 -40.95 -4.79 -38.35
C PHE D 298 -40.14 -5.51 -39.42
N PHE D 299 -39.00 -6.12 -39.08
CA PHE D 299 -38.20 -6.81 -40.09
C PHE D 299 -38.64 -8.25 -40.28
N GLY D 300 -38.91 -8.96 -39.18
CA GLY D 300 -39.38 -10.33 -39.24
C GLY D 300 -40.89 -10.42 -39.15
N ARG D 301 -41.38 -11.02 -38.08
CA ARG D 301 -42.82 -11.15 -37.84
C ARG D 301 -43.15 -10.85 -36.38
N ASP D 411 -42.68 7.78 -43.12
CA ASP D 411 -42.97 6.36 -42.99
C ASP D 411 -42.11 5.71 -41.89
N VAL D 412 -41.67 6.53 -40.93
CA VAL D 412 -40.87 6.01 -39.83
C VAL D 412 -41.75 5.12 -38.95
N ASN D 413 -41.17 4.03 -38.47
CA ASN D 413 -41.92 3.10 -37.64
C ASN D 413 -42.34 3.75 -36.33
N ALA D 414 -43.48 3.31 -35.81
CA ALA D 414 -44.07 3.95 -34.64
C ALA D 414 -43.17 3.84 -33.42
N ILE D 415 -42.47 2.72 -33.28
CA ILE D 415 -41.62 2.51 -32.10
C ILE D 415 -40.51 3.55 -32.07
N ASP D 416 -39.81 3.73 -33.20
CA ASP D 416 -38.80 4.77 -33.27
C ASP D 416 -39.42 6.16 -33.11
N ARG D 417 -40.61 6.36 -33.68
CA ARG D 417 -41.27 7.66 -33.64
C ARG D 417 -41.49 8.11 -32.19
N TRP D 418 -42.10 7.25 -31.38
CA TRP D 418 -42.33 7.60 -29.97
CA TRP D 418 -42.31 7.65 -29.98
C TRP D 418 -41.06 7.50 -29.13
N SER D 419 -40.10 6.67 -29.53
CA SER D 419 -38.85 6.57 -28.79
C SER D 419 -38.08 7.88 -28.84
N ARG D 420 -38.02 8.49 -30.03
CA ARG D 420 -37.29 9.76 -30.19
C ARG D 420 -37.81 10.84 -29.24
N ILE D 421 -39.11 10.82 -28.96
CA ILE D 421 -39.70 11.83 -28.09
C ILE D 421 -39.67 11.43 -26.61
N VAL D 422 -39.76 10.14 -26.31
CA VAL D 422 -39.93 9.71 -24.92
C VAL D 422 -38.59 9.49 -24.24
N PHE D 423 -37.56 9.00 -24.95
CA PHE D 423 -36.28 8.76 -24.29
C PHE D 423 -35.65 10.06 -23.78
N PRO D 424 -35.52 11.12 -24.57
CA PRO D 424 -35.01 12.39 -24.00
C PRO D 424 -35.89 12.94 -22.90
N PHE D 425 -37.21 12.87 -23.06
CA PHE D 425 -38.12 13.39 -22.04
C PHE D 425 -37.99 12.60 -20.74
N THR D 426 -37.92 11.27 -20.85
CA THR D 426 -37.80 10.45 -19.65
C THR D 426 -36.46 10.69 -18.96
N PHE D 427 -35.38 10.83 -19.74
CA PHE D 427 -34.08 11.10 -19.13
C PHE D 427 -34.07 12.47 -18.45
N SER D 428 -34.71 13.46 -19.07
CA SER D 428 -34.80 14.78 -18.45
C SER D 428 -35.58 14.71 -17.15
N LEU D 429 -36.69 13.96 -17.13
CA LEU D 429 -37.46 13.81 -15.90
C LEU D 429 -36.64 13.11 -14.82
N PHE D 430 -35.91 12.06 -15.19
CA PHE D 430 -35.06 11.37 -14.22
C PHE D 430 -34.00 12.30 -13.66
N ASN D 431 -33.37 13.10 -14.52
CA ASN D 431 -32.37 14.06 -14.05
C ASN D 431 -32.99 15.08 -13.12
N LEU D 432 -34.16 15.59 -13.46
CA LEU D 432 -34.83 16.58 -12.62
C LEU D 432 -35.13 15.99 -11.23
N VAL D 433 -35.67 14.78 -11.20
CA VAL D 433 -36.00 14.14 -9.92
C VAL D 433 -34.73 13.91 -9.12
N TYR D 434 -33.67 13.42 -9.76
CA TYR D 434 -32.42 13.15 -9.07
C TYR D 434 -31.83 14.42 -8.46
N TRP D 435 -31.70 15.47 -9.27
CA TRP D 435 -31.08 16.70 -8.78
C TRP D 435 -31.93 17.35 -7.70
N LEU D 436 -33.26 17.37 -7.87
CA LEU D 436 -34.11 17.96 -6.83
C LEU D 436 -34.03 17.17 -5.53
N TYR D 437 -34.03 15.84 -5.62
CA TYR D 437 -33.99 15.03 -4.40
C TYR D 437 -32.65 15.17 -3.69
N TYR D 438 -31.55 15.20 -4.43
CA TYR D 438 -30.23 15.23 -3.83
C TYR D 438 -29.69 16.64 -3.59
N VAL D 439 -30.45 17.68 -3.96
CA VAL D 439 -30.06 19.06 -3.68
C VAL D 439 -31.27 19.83 -3.19
N ASP E 1 -0.54 16.76 54.63
CA ASP E 1 -1.75 15.95 54.81
C ASP E 1 -1.81 14.91 53.68
N VAL E 2 -2.33 15.31 52.52
CA VAL E 2 -2.40 14.38 51.40
C VAL E 2 -1.00 13.97 50.96
N THR E 3 -0.06 14.91 50.94
CA THR E 3 1.29 14.60 50.51
C THR E 3 1.99 13.65 51.48
N VAL E 4 1.78 13.85 52.79
CA VAL E 4 2.38 12.93 53.76
C VAL E 4 1.75 11.55 53.63
N ILE E 5 0.45 11.49 53.32
CA ILE E 5 -0.17 10.19 53.02
C ILE E 5 0.49 9.55 51.80
N LEU E 6 0.77 10.36 50.78
CA LEU E 6 1.37 9.82 49.55
C LEU E 6 2.75 9.23 49.84
N ASN E 7 3.58 9.93 50.60
CA ASN E 7 4.92 9.41 50.86
C ASN E 7 4.89 8.27 51.89
N ASN E 8 3.84 8.22 52.73
CA ASN E 8 3.73 7.12 53.68
C ASN E 8 3.32 5.83 53.00
N LEU E 9 2.36 5.90 52.06
CA LEU E 9 1.83 4.66 51.47
C LEU E 9 2.87 3.96 50.61
N LEU E 10 3.82 4.71 50.04
CA LEU E 10 4.80 4.11 49.16
C LEU E 10 5.80 3.24 49.92
N GLU E 11 6.04 3.57 51.19
CA GLU E 11 7.11 2.91 51.93
C GLU E 11 6.84 1.43 52.07
N GLY E 12 7.88 0.62 51.85
CA GLY E 12 7.68 -0.80 51.64
C GLY E 12 7.02 -0.99 50.29
N TYR E 13 6.10 -1.95 50.21
CA TYR E 13 5.29 -2.17 49.02
C TYR E 13 6.16 -2.49 47.80
N ASP E 14 6.85 -3.62 47.86
CA ASP E 14 7.57 -4.09 46.69
C ASP E 14 6.58 -4.36 45.56
N ASN E 15 6.68 -3.58 44.48
CA ASN E 15 5.69 -3.66 43.41
C ASN E 15 5.82 -4.96 42.61
N LYS E 16 6.93 -5.68 42.78
CA LYS E 16 7.13 -6.92 42.05
C LYS E 16 6.07 -7.96 42.38
N LEU E 17 5.60 -7.97 43.63
CA LEU E 17 4.68 -8.99 44.12
C LEU E 17 3.24 -8.49 44.03
N ARG E 18 2.34 -9.36 43.60
CA ARG E 18 0.93 -9.02 43.52
C ARG E 18 0.31 -8.99 44.92
N PRO E 19 -0.86 -8.37 45.08
CA PRO E 19 -1.56 -8.50 46.36
C PRO E 19 -1.98 -9.93 46.62
N ASP E 20 -1.79 -10.38 47.86
CA ASP E 20 -2.13 -11.74 48.27
C ASP E 20 -1.41 -12.77 47.40
N ILE E 21 -0.09 -12.63 47.35
CA ILE E 21 0.71 -13.48 46.46
C ILE E 21 0.63 -14.95 46.88
N GLY E 22 0.69 -15.21 48.19
CA GLY E 22 0.68 -16.55 48.73
C GLY E 22 -0.63 -17.01 49.33
N VAL E 23 -1.66 -16.17 49.35
CA VAL E 23 -2.89 -16.46 50.07
C VAL E 23 -3.97 -16.97 49.13
N LYS E 24 -4.36 -16.15 48.16
CA LYS E 24 -5.49 -16.46 47.30
C LYS E 24 -5.30 -15.74 45.97
N PRO E 25 -6.06 -16.12 44.94
CA PRO E 25 -5.98 -15.39 43.68
C PRO E 25 -6.47 -13.96 43.83
N THR E 26 -5.88 -13.06 43.06
CA THR E 26 -6.31 -11.67 42.99
C THR E 26 -7.51 -11.58 42.05
N LEU E 27 -8.64 -11.11 42.58
CA LEU E 27 -9.85 -10.96 41.79
C LEU E 27 -9.92 -9.54 41.23
N ILE E 28 -10.06 -9.45 39.90
CA ILE E 28 -10.10 -8.17 39.20
C ILE E 28 -11.46 -8.04 38.52
N HIS E 29 -12.18 -6.99 38.87
CA HIS E 29 -13.47 -6.69 38.27
C HIS E 29 -13.26 -5.73 37.10
N THR E 30 -13.63 -6.17 35.90
CA THR E 30 -13.39 -5.42 34.67
C THR E 30 -14.70 -4.87 34.12
N ASP E 31 -14.64 -3.64 33.61
CA ASP E 31 -15.74 -3.01 32.91
C ASP E 31 -15.18 -2.31 31.68
N MET E 32 -16.01 -2.22 30.64
CA MET E 32 -15.60 -1.67 29.36
C MET E 32 -16.73 -0.86 28.76
N TYR E 33 -16.41 0.33 28.28
CA TYR E 33 -17.35 1.20 27.57
C TYR E 33 -16.85 1.38 26.15
N VAL E 34 -17.63 0.88 25.19
CA VAL E 34 -17.23 0.93 23.78
C VAL E 34 -17.69 2.27 23.21
N ASN E 35 -16.74 3.16 22.97
CA ASN E 35 -17.07 4.44 22.35
C ASN E 35 -17.63 4.23 20.95
N SER E 36 -16.98 3.38 20.16
CA SER E 36 -17.43 3.06 18.82
C SER E 36 -16.54 1.97 18.25
N ILE E 37 -17.11 1.20 17.32
CA ILE E 37 -16.38 0.19 16.56
C ILE E 37 -16.03 0.81 15.22
N GLY E 38 -14.74 1.05 14.98
CA GLY E 38 -14.29 1.68 13.76
C GLY E 38 -14.58 0.84 12.53
N PRO E 39 -14.17 1.32 11.36
CA PRO E 39 -14.44 0.57 10.13
C PRO E 39 -13.75 -0.78 10.14
N VAL E 40 -14.46 -1.80 9.64
CA VAL E 40 -13.96 -3.16 9.60
C VAL E 40 -13.11 -3.30 8.33
N ASN E 41 -11.80 -3.18 8.47
CA ASN E 41 -10.90 -3.30 7.32
C ASN E 41 -10.77 -4.76 6.93
N ALA E 42 -11.68 -5.24 6.09
CA ALA E 42 -11.69 -6.65 5.70
C ALA E 42 -10.48 -7.03 4.87
N ILE E 43 -9.80 -6.07 4.25
CA ILE E 43 -8.68 -6.40 3.38
C ILE E 43 -7.53 -7.00 4.20
N ASN E 44 -7.33 -6.51 5.42
CA ASN E 44 -6.31 -7.00 6.32
C ASN E 44 -6.87 -7.87 7.46
N MET E 45 -8.18 -8.14 7.44
CA MET E 45 -8.82 -8.97 8.48
C MET E 45 -8.62 -8.34 9.86
N GLU E 46 -9.12 -7.11 10.00
CA GLU E 46 -8.97 -6.36 11.24
C GLU E 46 -10.10 -5.35 11.33
N TYR E 47 -10.32 -4.84 12.54
CA TYR E 47 -11.31 -3.80 12.78
C TYR E 47 -10.84 -2.94 13.95
N THR E 48 -11.06 -1.63 13.84
CA THR E 48 -10.66 -0.69 14.88
C THR E 48 -11.79 -0.52 15.89
N ILE E 49 -11.41 -0.48 17.16
CA ILE E 49 -12.36 -0.30 18.26
C ILE E 49 -11.75 0.65 19.27
N ASP E 50 -12.57 1.57 19.77
CA ASP E 50 -12.18 2.53 20.80
C ASP E 50 -12.94 2.21 22.07
N ILE E 51 -12.21 2.01 23.18
CA ILE E 51 -12.83 1.60 24.44
C ILE E 51 -12.25 2.41 25.60
N PHE E 52 -13.08 2.60 26.61
CA PHE E 52 -12.65 3.02 27.93
C PHE E 52 -12.69 1.78 28.82
N PHE E 53 -11.52 1.29 29.22
CA PHE E 53 -11.36 0.03 29.92
C PHE E 53 -10.96 0.33 31.36
N ALA E 54 -11.79 -0.12 32.31
CA ALA E 54 -11.55 0.09 33.73
C ALA E 54 -11.46 -1.26 34.42
N GLN E 55 -10.53 -1.37 35.36
CA GLN E 55 -10.37 -2.58 36.15
C GLN E 55 -10.12 -2.21 37.60
N THR E 56 -10.79 -2.92 38.50
CA THR E 56 -10.75 -2.64 39.93
C THR E 56 -10.26 -3.88 40.67
N TRP E 57 -9.39 -3.66 41.66
CA TRP E 57 -8.93 -4.75 42.50
C TRP E 57 -8.70 -4.23 43.92
N TYR E 58 -8.31 -5.14 44.81
CA TYR E 58 -8.14 -4.85 46.23
C TYR E 58 -6.69 -5.12 46.61
N ASP E 59 -6.04 -4.13 47.23
CA ASP E 59 -4.68 -4.27 47.74
C ASP E 59 -4.68 -3.85 49.21
N ARG E 60 -4.32 -4.78 50.09
CA ARG E 60 -4.35 -4.48 51.52
C ARG E 60 -3.16 -3.64 51.96
N ARG E 61 -2.07 -3.67 51.22
CA ARG E 61 -0.90 -2.86 51.57
C ARG E 61 -1.20 -1.38 51.40
N LEU E 62 -2.14 -1.03 50.52
CA LEU E 62 -2.38 0.38 50.20
C LEU E 62 -3.40 1.01 51.13
N LYS E 63 -3.88 0.27 52.13
CA LYS E 63 -4.85 0.83 53.06
C LYS E 63 -4.26 2.02 53.82
N PHE E 64 -5.01 3.11 53.86
CA PHE E 64 -4.64 4.29 54.63
C PHE E 64 -5.89 4.86 55.29
N ASN E 65 -5.74 5.25 56.54
CA ASN E 65 -6.83 5.85 57.32
C ASN E 65 -6.60 7.35 57.39
N SER E 66 -7.55 8.11 56.84
CA SER E 66 -7.43 9.56 56.79
C SER E 66 -8.79 10.13 56.44
N THR E 67 -8.88 11.46 56.45
CA THR E 67 -10.15 12.12 56.18
C THR E 67 -10.58 11.91 54.74
N ILE E 68 -9.62 11.82 53.81
CA ILE E 68 -9.93 11.61 52.40
C ILE E 68 -9.99 10.11 52.12
N LYS E 69 -10.94 9.71 51.26
CA LYS E 69 -11.09 8.33 50.84
C LYS E 69 -11.25 8.19 49.33
N VAL E 70 -10.95 9.22 48.55
CA VAL E 70 -11.13 9.22 47.10
C VAL E 70 -9.82 9.65 46.44
N LEU E 71 -8.70 9.29 47.06
CA LEU E 71 -7.39 9.80 46.64
C LEU E 71 -7.09 9.39 45.20
N ARG E 72 -6.30 10.23 44.54
CA ARG E 72 -5.95 10.08 43.13
C ARG E 72 -4.44 10.16 42.97
N LEU E 73 -3.89 9.49 41.96
CA LEU E 73 -2.41 9.45 41.87
C LEU E 73 -1.93 9.93 40.49
N ASN E 74 -0.83 10.68 40.48
CA ASN E 74 -0.25 11.13 39.20
C ASN E 74 0.20 9.89 38.43
N SER E 75 0.28 9.98 37.10
CA SER E 75 0.61 8.78 36.31
C SER E 75 1.95 8.20 36.78
N ASN E 76 2.86 9.02 37.27
CA ASN E 76 4.20 8.48 37.63
C ASN E 76 4.06 7.51 38.81
N MET E 77 3.22 7.82 39.78
CA MET E 77 3.01 6.89 40.91
C MET E 77 2.32 5.62 40.39
N VAL E 78 1.48 5.76 39.37
CA VAL E 78 0.80 4.58 38.77
C VAL E 78 1.89 3.58 38.38
N GLY E 79 3.07 4.08 38.08
CA GLY E 79 4.16 3.20 37.65
C GLY E 79 4.97 2.73 38.82
N LYS E 80 4.68 3.26 39.99
CA LYS E 80 5.38 2.79 41.21
C LYS E 80 4.44 1.84 41.93
N ILE E 81 3.19 1.80 41.49
CA ILE E 81 2.26 0.84 42.07
C ILE E 81 2.21 -0.43 41.23
N TRP E 82 1.80 -1.54 41.87
CA TRP E 82 1.51 -2.75 41.12
C TRP E 82 0.18 -2.60 40.39
N ILE E 83 0.16 -3.03 39.13
CA ILE E 83 -1.05 -3.03 38.32
C ILE E 83 -1.12 -4.37 37.59
N PRO E 84 -2.30 -4.85 37.21
CA PRO E 84 -2.37 -6.16 36.55
C PRO E 84 -1.74 -6.14 35.17
N ASP E 85 -1.35 -7.33 34.70
CA ASP E 85 -0.69 -7.51 33.42
C ASP E 85 -1.66 -7.81 32.30
N THR E 86 -2.88 -7.24 32.36
CA THR E 86 -3.90 -7.52 31.37
C THR E 86 -3.43 -7.10 29.98
N PHE E 87 -3.75 -7.93 28.99
CA PHE E 87 -3.43 -7.65 27.60
C PHE E 87 -4.47 -8.30 26.72
N PHE E 88 -4.59 -7.79 25.51
CA PHE E 88 -5.57 -8.26 24.53
C PHE E 88 -4.88 -9.26 23.60
N ARG E 89 -5.41 -10.49 23.57
CA ARG E 89 -4.75 -11.57 22.86
C ARG E 89 -4.77 -11.38 21.36
N ASN E 90 -5.91 -10.94 20.82
CA ASN E 90 -6.11 -10.84 19.38
C ASN E 90 -5.76 -9.46 18.82
N SER E 91 -5.15 -8.59 19.62
CA SER E 91 -4.74 -7.28 19.12
C SER E 91 -3.63 -7.43 18.09
N LYS E 92 -3.66 -6.55 17.08
CA LYS E 92 -2.61 -6.46 16.07
C LYS E 92 -1.64 -5.33 16.41
N LYS E 93 -2.13 -4.11 16.55
CA LYS E 93 -1.31 -2.96 16.95
C LYS E 93 -2.21 -2.04 17.78
N ALA E 94 -2.29 -2.28 19.10
CA ALA E 94 -3.12 -1.47 20.02
C ALA E 94 -2.22 -0.42 20.68
N ASP E 95 -2.81 0.65 21.23
CA ASP E 95 -2.02 1.74 21.86
C ASP E 95 -2.92 2.69 22.64
N ALA E 96 -2.48 3.16 23.80
CA ALA E 96 -3.22 4.17 24.60
C ALA E 96 -2.88 5.55 24.03
N HIS E 97 -3.45 6.62 24.57
CA HIS E 97 -3.24 7.99 24.04
C HIS E 97 -2.38 8.79 25.02
N TRP E 98 -1.65 9.78 24.53
CA TRP E 98 -0.70 10.55 25.39
CA TRP E 98 -0.69 10.55 25.39
C TRP E 98 -0.72 12.10 25.30
N ILE E 99 -1.44 12.57 24.29
CA ILE E 99 -1.48 14.05 24.09
C ILE E 99 -2.90 14.50 24.45
N THR E 100 -3.04 15.50 25.32
CA THR E 100 -1.95 16.38 25.79
C THR E 100 -1.14 15.70 26.88
N THR E 101 -1.77 14.84 27.69
CA THR E 101 -1.11 14.20 28.86
C THR E 101 -1.44 12.75 28.80
N PRO E 102 -0.65 11.82 29.43
CA PRO E 102 -0.90 10.39 29.34
C PRO E 102 -2.31 10.06 29.80
N ASN E 103 -3.12 9.39 28.99
CA ASN E 103 -4.51 9.18 29.44
C ASN E 103 -4.60 7.95 30.36
N ARG E 104 -4.08 8.03 31.58
CA ARG E 104 -4.27 6.90 32.54
C ARG E 104 -4.62 7.48 33.92
N MET E 105 -5.72 7.01 34.52
CA MET E 105 -6.15 7.53 35.84
C MET E 105 -6.09 6.42 36.89
N LEU E 106 -5.50 6.68 38.05
CA LEU E 106 -5.52 5.65 39.13
C LEU E 106 -6.16 6.25 40.40
N ARG E 107 -7.23 5.65 40.92
CA ARG E 107 -7.88 6.18 42.12
C ARG E 107 -7.92 5.11 43.19
N ILE E 108 -7.47 5.46 44.39
CA ILE E 108 -7.35 4.54 45.51
C ILE E 108 -8.25 5.01 46.63
N TRP E 109 -8.98 4.06 47.23
CA TRP E 109 -9.85 4.33 48.37
C TRP E 109 -9.16 3.92 49.66
N ASN E 110 -9.71 4.39 50.77
CA ASN E 110 -9.10 4.12 52.07
C ASN E 110 -9.12 2.63 52.41
N ASP E 111 -10.12 1.89 51.90
CA ASP E 111 -10.25 0.46 52.19
C ASP E 111 -9.42 -0.42 51.27
N GLY E 112 -8.44 0.14 50.56
CA GLY E 112 -7.56 -0.63 49.71
C GLY E 112 -8.09 -0.90 48.32
N ARG E 113 -9.25 -0.36 47.95
CA ARG E 113 -9.75 -0.54 46.60
C ARG E 113 -9.01 0.37 45.64
N VAL E 114 -8.52 -0.20 44.54
CA VAL E 114 -7.80 0.53 43.51
C VAL E 114 -8.56 0.36 42.20
N LEU E 115 -8.82 1.49 41.53
CA LEU E 115 -9.49 1.52 40.23
C LEU E 115 -8.52 2.13 39.22
N TYR E 116 -8.30 1.47 38.08
CA TYR E 116 -7.36 1.95 37.02
C TYR E 116 -8.10 2.01 35.72
N THR E 117 -8.14 3.18 35.07
CA THR E 117 -8.93 3.36 33.83
C THR E 117 -8.03 3.79 32.70
N LEU E 118 -8.16 3.16 31.54
CA LEU E 118 -7.34 3.48 30.36
C LEU E 118 -8.21 3.66 29.12
N ARG E 119 -7.85 4.58 28.23
CA ARG E 119 -8.51 4.73 26.93
C ARG E 119 -7.64 4.05 25.88
N LEU E 120 -8.23 3.12 25.14
CA LEU E 120 -7.51 2.29 24.20
C LEU E 120 -8.15 2.37 22.83
N THR E 121 -7.31 2.32 21.79
CA THR E 121 -7.73 2.26 20.39
C THR E 121 -7.06 1.03 19.81
N ILE E 122 -7.76 -0.09 19.87
CA ILE E 122 -7.22 -1.38 19.45
C ILE E 122 -7.58 -1.62 17.99
N ASP E 123 -6.69 -2.32 17.29
CA ASP E 123 -6.94 -2.85 15.95
C ASP E 123 -6.92 -4.36 16.09
N ALA E 124 -8.06 -4.92 16.48
CA ALA E 124 -8.15 -6.35 16.78
C ALA E 124 -8.35 -7.16 15.52
N GLU E 125 -7.76 -8.35 15.50
CA GLU E 125 -7.91 -9.26 14.38
C GLU E 125 -9.29 -9.92 14.41
N CYS E 126 -9.89 -10.06 13.23
CA CYS E 126 -11.21 -10.70 13.09
C CYS E 126 -11.20 -11.47 11.76
N GLN E 127 -10.89 -12.76 11.85
CA GLN E 127 -10.92 -13.61 10.67
C GLN E 127 -12.33 -13.67 10.10
N LEU E 128 -12.44 -13.52 8.78
CA LEU E 128 -13.71 -13.43 8.08
C LEU E 128 -13.89 -14.64 7.17
N GLN E 129 -15.03 -15.32 7.32
CA GLN E 129 -15.41 -16.41 6.43
C GLN E 129 -16.23 -15.80 5.30
N LEU E 130 -15.54 -15.45 4.21
CA LEU E 130 -16.15 -14.73 3.10
C LEU E 130 -16.71 -15.66 2.03
N HIS E 131 -17.05 -16.90 2.40
CA HIS E 131 -17.63 -17.81 1.42
C HIS E 131 -19.02 -17.34 0.99
N ASN E 132 -19.81 -16.82 1.92
CA ASN E 132 -21.16 -16.35 1.66
C ASN E 132 -21.22 -14.86 1.30
N PHE E 133 -20.08 -14.26 0.98
CA PHE E 133 -20.06 -12.85 0.60
C PHE E 133 -20.89 -12.65 -0.66
N PRO E 134 -21.70 -11.57 -0.76
CA PRO E 134 -21.96 -10.45 0.14
C PRO E 134 -23.11 -10.68 1.12
N MET E 135 -23.52 -11.94 1.30
CA MET E 135 -24.63 -12.31 2.17
C MET E 135 -24.14 -12.87 3.50
N ASP E 136 -23.07 -12.30 4.05
CA ASP E 136 -22.35 -12.89 5.17
C ASP E 136 -22.61 -12.14 6.47
N GLU E 137 -22.41 -12.87 7.56
CA GLU E 137 -22.44 -12.35 8.92
C GLU E 137 -21.19 -12.85 9.63
N HIS E 138 -20.68 -12.03 10.55
CA HIS E 138 -19.47 -12.33 11.29
C HIS E 138 -19.68 -12.03 12.76
N SER E 139 -18.84 -12.66 13.59
CA SER E 139 -18.84 -12.47 15.04
C SER E 139 -17.40 -12.12 15.42
N CYS E 140 -17.08 -10.83 15.37
CA CYS E 140 -15.71 -10.40 15.60
C CYS E 140 -15.41 -10.41 17.10
N PRO E 141 -14.37 -11.09 17.58
CA PRO E 141 -14.10 -11.12 19.01
C PRO E 141 -13.12 -10.04 19.46
N LEU E 142 -13.16 -9.76 20.76
CA LEU E 142 -12.15 -8.98 21.46
C LEU E 142 -11.91 -9.69 22.77
N GLU E 143 -10.75 -10.35 22.90
CA GLU E 143 -10.45 -11.22 24.03
C GLU E 143 -9.20 -10.73 24.74
N PHE E 144 -9.21 -10.82 26.08
CA PHE E 144 -8.10 -10.36 26.89
C PHE E 144 -7.93 -11.26 28.10
N SER E 145 -6.72 -11.20 28.66
CA SER E 145 -6.36 -12.01 29.83
C SER E 145 -5.06 -11.47 30.39
N SER E 146 -4.70 -11.95 31.57
CA SER E 146 -3.37 -11.67 32.11
C SER E 146 -2.32 -12.45 31.34
N TYR E 147 -1.21 -11.77 31.01
CA TYR E 147 -0.20 -12.42 30.18
C TYR E 147 0.55 -13.50 30.95
N GLY E 148 0.94 -13.22 32.19
CA GLY E 148 1.84 -14.08 32.93
C GLY E 148 1.22 -14.85 34.07
N TYR E 149 0.18 -14.29 34.68
CA TYR E 149 -0.40 -14.87 35.88
C TYR E 149 -1.45 -15.92 35.49
N PRO E 150 -1.34 -17.18 35.90
CA PRO E 150 -2.36 -18.17 35.53
C PRO E 150 -3.62 -18.00 36.37
N ARG E 151 -4.56 -18.94 36.18
CA ARG E 151 -5.82 -18.90 36.90
CA ARG E 151 -5.82 -18.86 36.91
C ARG E 151 -5.63 -18.99 38.41
N GLU E 152 -4.55 -19.64 38.86
CA GLU E 152 -4.29 -19.76 40.29
C GLU E 152 -3.79 -18.47 40.92
N GLU E 153 -3.48 -17.44 40.13
CA GLU E 153 -2.91 -16.19 40.61
C GLU E 153 -3.80 -14.98 40.35
N ILE E 154 -4.42 -14.87 39.18
CA ILE E 154 -5.31 -13.78 38.84
C ILE E 154 -6.59 -14.35 38.24
N VAL E 155 -7.73 -13.82 38.67
CA VAL E 155 -9.04 -14.22 38.17
C VAL E 155 -9.81 -12.97 37.78
N TYR E 156 -10.30 -12.92 36.54
CA TYR E 156 -11.08 -11.80 36.05
C TYR E 156 -12.56 -12.08 36.21
N GLN E 157 -13.33 -11.00 36.36
CA GLN E 157 -14.78 -11.11 36.43
C GLN E 157 -15.41 -9.85 35.84
N TRP E 158 -16.48 -10.02 35.06
CA TRP E 158 -17.24 -8.89 34.55
C TRP E 158 -17.89 -8.17 35.73
N LYS E 159 -17.84 -6.84 35.73
CA LYS E 159 -18.37 -6.09 36.87
C LYS E 159 -19.86 -6.30 37.02
N ARG E 160 -20.65 -5.88 36.04
CA ARG E 160 -22.09 -6.07 36.09
C ARG E 160 -22.67 -5.76 34.72
N SER E 161 -23.45 -6.70 34.18
CA SER E 161 -24.22 -6.51 32.96
C SER E 161 -23.32 -6.38 31.74
N SER E 162 -22.26 -7.18 31.70
CA SER E 162 -21.37 -7.29 30.54
C SER E 162 -20.73 -5.92 30.31
N VAL E 163 -20.89 -5.30 29.14
CA VAL E 163 -20.24 -4.05 28.79
C VAL E 163 -21.31 -3.06 28.31
N GLU E 164 -20.98 -1.79 28.37
CA GLU E 164 -21.88 -0.70 28.00
C GLU E 164 -21.48 -0.17 26.62
N VAL E 165 -22.48 0.07 25.78
CA VAL E 165 -22.28 0.56 24.41
C VAL E 165 -23.00 1.90 24.28
N GLY E 166 -22.31 2.85 23.64
CA GLY E 166 -22.95 4.12 23.33
C GLY E 166 -23.97 3.99 22.23
N ASP E 167 -24.50 5.14 21.81
CA ASP E 167 -25.48 5.15 20.73
C ASP E 167 -24.85 4.65 19.44
N THR E 168 -25.49 3.65 18.83
CA THR E 168 -24.90 2.99 17.67
C THR E 168 -24.82 3.90 16.45
N ARG E 169 -25.62 4.96 16.40
CA ARG E 169 -25.58 5.85 15.24
C ARG E 169 -24.25 6.56 15.13
N SER E 170 -23.62 6.88 16.26
CA SER E 170 -22.32 7.56 16.24
C SER E 170 -21.19 6.65 15.77
N TRP E 171 -21.42 5.34 15.66
CA TRP E 171 -20.36 4.41 15.32
C TRP E 171 -20.01 4.51 13.84
N ARG E 172 -18.75 4.24 13.52
CA ARG E 172 -18.25 4.33 12.15
C ARG E 172 -18.42 3.01 11.41
N LEU E 173 -19.58 2.38 11.43
CA LEU E 173 -19.63 1.09 10.67
C LEU E 173 -20.42 1.35 9.39
N TYR E 174 -19.78 1.23 8.23
CA TYR E 174 -20.47 1.59 6.97
C TYR E 174 -20.75 0.34 6.16
N GLN E 175 -19.87 -0.65 6.17
CA GLN E 175 -20.12 -1.81 5.29
C GLN E 175 -20.97 -2.82 6.04
N PHE E 176 -20.89 -2.83 7.35
CA PHE E 176 -21.64 -3.81 8.16
C PHE E 176 -22.65 -3.13 9.08
N SER E 177 -23.63 -3.86 9.56
CA SER E 177 -24.63 -3.38 10.51
C SER E 177 -24.47 -4.16 11.81
N PHE E 178 -24.53 -3.44 12.93
CA PHE E 178 -24.39 -4.02 14.26
C PHE E 178 -25.64 -4.81 14.62
N VAL E 179 -25.44 -6.02 15.15
CA VAL E 179 -26.54 -6.93 15.49
C VAL E 179 -26.36 -7.36 16.95
N GLY E 180 -25.80 -6.48 17.78
CA GLY E 180 -25.64 -6.75 19.19
C GLY E 180 -24.28 -7.35 19.51
N LEU E 181 -24.14 -7.73 20.77
CA LEU E 181 -22.89 -8.28 21.29
C LEU E 181 -23.20 -9.30 22.37
N ARG E 182 -22.15 -9.98 22.81
CA ARG E 182 -22.26 -10.95 23.90
CA ARG E 182 -22.26 -10.96 23.89
C ARG E 182 -20.90 -11.09 24.56
N ASN E 183 -20.91 -11.65 25.76
CA ASN E 183 -19.71 -11.82 26.57
C ASN E 183 -19.53 -13.28 26.95
N THR E 184 -18.27 -13.67 27.14
CA THR E 184 -17.93 -15.04 27.47
C THR E 184 -16.65 -15.03 28.31
N THR E 185 -16.47 -16.10 29.09
CA THR E 185 -15.25 -16.28 29.87
C THR E 185 -14.92 -17.77 29.88
N GLU E 186 -13.64 -18.09 29.68
CA GLU E 186 -13.20 -19.47 29.63
C GLU E 186 -11.83 -19.57 30.28
N VAL E 187 -11.33 -20.80 30.37
CA VAL E 187 -10.00 -21.10 30.89
C VAL E 187 -9.21 -21.73 29.76
N VAL E 188 -8.44 -20.91 29.05
CA VAL E 188 -7.62 -21.39 27.94
C VAL E 188 -6.38 -22.06 28.50
N LYS E 189 -6.09 -23.26 28.01
CA LYS E 189 -4.94 -24.04 28.47
C LYS E 189 -3.75 -23.76 27.56
N THR E 190 -2.63 -23.39 28.16
CA THR E 190 -1.39 -23.11 27.44
C THR E 190 -0.23 -23.80 28.16
N THR E 191 0.94 -23.77 27.52
CA THR E 191 2.11 -24.43 28.11
C THR E 191 2.52 -23.75 29.42
N SER E 192 2.44 -22.42 29.47
CA SER E 192 2.80 -21.72 30.69
C SER E 192 1.83 -22.00 31.83
N GLY E 193 0.59 -22.36 31.53
CA GLY E 193 -0.38 -22.69 32.55
C GLY E 193 -1.79 -22.42 32.05
N ASP E 194 -2.72 -22.40 32.99
CA ASP E 194 -4.13 -22.14 32.72
C ASP E 194 -4.41 -20.67 32.98
N TYR E 195 -5.08 -20.01 32.02
CA TYR E 195 -5.32 -18.58 32.07
C TYR E 195 -6.79 -18.30 31.85
N VAL E 196 -7.33 -17.36 32.63
CA VAL E 196 -8.73 -16.96 32.51
C VAL E 196 -8.83 -15.94 31.38
N VAL E 197 -9.48 -16.31 30.28
CA VAL E 197 -9.61 -15.47 29.10
C VAL E 197 -11.05 -14.97 29.07
N MET E 198 -11.20 -13.64 29.11
CA MET E 198 -12.49 -13.01 28.92
C MET E 198 -12.60 -12.55 27.47
N SER E 199 -13.83 -12.47 26.97
CA SER E 199 -14.04 -12.14 25.56
C SER E 199 -15.39 -11.45 25.38
N VAL E 200 -15.43 -10.55 24.40
CA VAL E 200 -16.66 -9.86 23.99
C VAL E 200 -16.76 -10.01 22.48
N TYR E 201 -17.82 -10.64 22.01
CA TYR E 201 -18.08 -10.82 20.59
C TYR E 201 -19.08 -9.77 20.12
N PHE E 202 -18.78 -9.13 18.99
CA PHE E 202 -19.68 -8.19 18.34
C PHE E 202 -20.19 -8.83 17.04
N ASP E 203 -21.51 -8.84 16.88
CA ASP E 203 -22.13 -9.45 15.70
C ASP E 203 -22.33 -8.39 14.63
N LEU E 204 -21.90 -8.71 13.40
CA LEU E 204 -21.98 -7.81 12.26
C LEU E 204 -22.63 -8.54 11.10
N SER E 205 -23.46 -7.83 10.34
CA SER E 205 -24.12 -8.37 9.15
C SER E 205 -23.85 -7.46 7.97
N ARG E 206 -23.34 -8.02 6.87
CA ARG E 206 -22.97 -7.18 5.74
C ARG E 206 -24.21 -6.58 5.07
N ARG E 207 -24.04 -5.36 4.54
CA ARG E 207 -25.05 -4.70 3.74
C ARG E 207 -24.81 -5.02 2.28
N MET E 208 -25.90 -5.27 1.54
CA MET E 208 -25.84 -5.88 0.22
C MET E 208 -26.19 -4.95 -0.93
N GLY E 209 -26.69 -3.77 -0.60
CA GLY E 209 -27.10 -2.78 -1.61
C GLY E 209 -26.01 -2.44 -2.58
N TYR E 210 -24.83 -2.07 -2.11
CA TYR E 210 -23.75 -1.61 -3.01
C TYR E 210 -23.38 -2.71 -3.96
N PHE E 211 -23.32 -3.94 -3.51
CA PHE E 211 -22.83 -5.06 -4.33
C PHE E 211 -23.95 -5.46 -5.26
N THR E 212 -25.17 -5.28 -4.84
CA THR E 212 -26.31 -5.53 -5.71
C THR E 212 -26.25 -4.65 -6.94
N ILE E 213 -26.28 -3.32 -6.74
CA ILE E 213 -26.29 -2.40 -7.87
C ILE E 213 -25.00 -2.53 -8.68
N GLN E 214 -23.88 -2.86 -8.04
CA GLN E 214 -22.61 -2.89 -8.75
C GLN E 214 -22.50 -4.09 -9.68
N THR E 215 -22.93 -5.26 -9.22
CA THR E 215 -22.69 -6.52 -9.94
C THR E 215 -23.96 -7.24 -10.34
N TYR E 216 -24.91 -7.42 -9.41
CA TYR E 216 -26.00 -8.35 -9.66
C TYR E 216 -26.95 -7.83 -10.74
N ILE E 217 -27.21 -6.54 -10.75
CA ILE E 217 -28.15 -5.96 -11.72
C ILE E 217 -27.45 -5.82 -13.07
N PRO E 218 -26.26 -5.23 -13.17
CA PRO E 218 -25.59 -5.18 -14.49
C PRO E 218 -25.36 -6.54 -15.11
N CYS E 219 -25.01 -7.57 -14.33
CA CYS E 219 -24.78 -8.89 -14.90
C CYS E 219 -26.05 -9.45 -15.52
N THR E 220 -27.17 -9.33 -14.80
CA THR E 220 -28.44 -9.82 -15.33
C THR E 220 -28.87 -9.03 -16.57
N LEU E 221 -28.65 -7.72 -16.56
CA LEU E 221 -29.00 -6.91 -17.73
C LEU E 221 -28.15 -7.30 -18.93
N ILE E 222 -26.86 -7.57 -18.71
CA ILE E 222 -26.00 -8.00 -19.81
C ILE E 222 -26.42 -9.37 -20.33
N VAL E 223 -26.86 -10.25 -19.43
CA VAL E 223 -27.36 -11.56 -19.86
C VAL E 223 -28.62 -11.40 -20.72
N VAL E 224 -29.50 -10.47 -20.32
CA VAL E 224 -30.69 -10.20 -21.12
C VAL E 224 -30.30 -9.64 -22.49
N LEU E 225 -29.31 -8.75 -22.52
CA LEU E 225 -28.84 -8.22 -23.80
C LEU E 225 -28.22 -9.32 -24.64
N SER E 226 -27.64 -10.34 -24.01
CA SER E 226 -27.22 -11.53 -24.74
C SER E 226 -28.41 -12.25 -25.34
N TRP E 227 -29.50 -12.38 -24.57
CA TRP E 227 -30.69 -13.02 -25.08
C TRP E 227 -31.32 -12.25 -26.24
N VAL E 228 -31.06 -10.95 -26.32
CA VAL E 228 -31.60 -10.12 -27.42
C VAL E 228 -31.19 -10.67 -28.79
N SER E 229 -30.04 -11.35 -28.87
CA SER E 229 -29.58 -11.88 -30.15
C SER E 229 -30.59 -12.85 -30.75
N PHE E 230 -31.26 -13.64 -29.91
CA PHE E 230 -32.22 -14.61 -30.42
C PHE E 230 -33.38 -13.93 -31.13
N TRP E 231 -33.87 -12.83 -30.58
CA TRP E 231 -34.94 -12.08 -31.26
C TRP E 231 -34.41 -11.31 -32.46
N ILE E 232 -33.14 -10.91 -32.43
CA ILE E 232 -32.54 -10.31 -33.62
C ILE E 232 -32.54 -11.34 -34.74
N ASN E 233 -32.75 -10.87 -35.97
CA ASN E 233 -32.90 -11.75 -37.11
C ASN E 233 -31.61 -12.54 -37.37
N LYS E 234 -31.77 -13.78 -37.81
CA LYS E 234 -30.64 -14.68 -38.01
C LYS E 234 -29.75 -14.25 -39.17
N ASP E 235 -30.32 -13.58 -40.18
CA ASP E 235 -29.54 -13.20 -41.35
C ASP E 235 -28.60 -12.04 -41.06
N ALA E 236 -28.83 -11.28 -39.98
CA ALA E 236 -27.95 -10.18 -39.60
C ALA E 236 -26.71 -10.75 -38.91
N VAL E 237 -25.84 -11.34 -39.72
CA VAL E 237 -24.67 -12.05 -39.18
C VAL E 237 -23.72 -11.10 -38.45
N PRO E 238 -23.28 -9.97 -39.04
CA PRO E 238 -22.39 -9.08 -38.28
C PRO E 238 -23.04 -8.55 -37.02
N ALA E 239 -24.34 -8.24 -37.08
CA ALA E 239 -25.03 -7.71 -35.93
C ALA E 239 -25.04 -8.72 -34.78
N ARG E 240 -25.48 -9.95 -35.05
CA ARG E 240 -25.58 -10.92 -33.98
C ARG E 240 -24.22 -11.34 -33.46
N THR E 241 -23.23 -11.49 -34.36
CA THR E 241 -21.89 -11.86 -33.92
C THR E 241 -21.29 -10.77 -33.04
N SER E 242 -21.39 -9.51 -33.46
CA SER E 242 -20.87 -8.40 -32.67
C SER E 242 -21.58 -8.31 -31.34
N LEU E 243 -22.91 -8.50 -31.33
CA LEU E 243 -23.67 -8.44 -30.09
C LEU E 243 -23.19 -9.51 -29.10
N GLY E 244 -23.06 -10.75 -29.57
CA GLY E 244 -22.64 -11.82 -28.68
C GLY E 244 -21.23 -11.61 -28.14
N ILE E 245 -20.30 -11.29 -29.04
CA ILE E 245 -18.91 -11.18 -28.60
C ILE E 245 -18.72 -9.96 -27.71
N THR E 246 -19.44 -8.87 -27.98
CA THR E 246 -19.32 -7.69 -27.13
C THR E 246 -20.01 -7.89 -25.79
N THR E 247 -21.08 -8.69 -25.74
CA THR E 247 -21.63 -9.07 -24.44
C THR E 247 -20.64 -9.88 -23.64
N VAL E 248 -19.91 -10.79 -24.31
CA VAL E 248 -18.85 -11.54 -23.63
C VAL E 248 -17.79 -10.59 -23.10
N LEU E 249 -17.39 -9.62 -23.92
CA LEU E 249 -16.38 -8.65 -23.48
C LEU E 249 -16.87 -7.82 -22.29
N THR E 250 -18.15 -7.42 -22.31
CA THR E 250 -18.70 -6.63 -21.22
C THR E 250 -18.76 -7.45 -19.93
N MET E 251 -19.14 -8.73 -20.03
CA MET E 251 -19.11 -9.59 -18.86
C MET E 251 -17.69 -9.73 -18.32
N THR E 252 -16.72 -9.86 -19.23
CA THR E 252 -15.33 -9.94 -18.82
C THR E 252 -14.89 -8.68 -18.08
N THR E 253 -15.31 -7.51 -18.58
CA THR E 253 -14.98 -6.25 -17.92
C THR E 253 -15.62 -6.18 -16.54
N LEU E 254 -16.90 -6.58 -16.44
CA LEU E 254 -17.58 -6.53 -15.15
C LEU E 254 -17.01 -7.54 -14.16
N SER E 255 -16.36 -8.59 -14.64
CA SER E 255 -15.88 -9.64 -13.75
C SER E 255 -14.75 -9.19 -12.82
N THR E 256 -14.14 -8.03 -13.04
CA THR E 256 -12.96 -7.62 -12.27
C THR E 256 -13.30 -6.78 -11.04
N ILE E 257 -14.42 -6.05 -11.05
CA ILE E 257 -14.73 -5.17 -9.93
C ILE E 257 -15.18 -5.94 -8.68
N ALA E 258 -15.42 -7.24 -8.80
CA ALA E 258 -15.95 -8.01 -7.67
C ALA E 258 -14.99 -8.00 -6.49
N ARG E 259 -13.72 -8.32 -6.74
CA ARG E 259 -12.71 -8.40 -5.68
C ARG E 259 -11.96 -7.09 -5.53
N LYS E 260 -12.67 -5.98 -5.39
CA LYS E 260 -12.03 -4.66 -5.20
C LYS E 260 -12.19 -4.27 -3.74
N SER E 261 -12.99 -5.02 -2.98
CA SER E 261 -13.30 -4.65 -1.59
C SER E 261 -13.04 -5.81 -0.65
N LEU E 262 -12.42 -6.87 -1.13
CA LEU E 262 -12.18 -8.07 -0.31
C LEU E 262 -10.70 -8.39 -0.30
N PRO E 263 -10.19 -9.06 0.74
CA PRO E 263 -8.81 -9.55 0.70
C PRO E 263 -8.63 -10.52 -0.47
N LYS E 264 -7.42 -10.57 -1.00
CA LYS E 264 -7.12 -11.47 -2.11
C LYS E 264 -7.11 -12.89 -1.59
N VAL E 265 -8.23 -13.60 -1.79
CA VAL E 265 -8.41 -14.95 -1.29
C VAL E 265 -8.31 -15.92 -2.45
N SER E 266 -8.20 -17.21 -2.11
CA SER E 266 -8.04 -18.27 -3.09
C SER E 266 -9.35 -18.93 -3.50
N TYR E 267 -10.37 -18.89 -2.66
CA TYR E 267 -11.61 -19.61 -2.89
C TYR E 267 -12.64 -18.69 -3.57
N VAL E 268 -13.78 -19.27 -3.93
CA VAL E 268 -14.81 -18.60 -4.71
C VAL E 268 -15.91 -18.12 -3.78
N THR E 269 -16.38 -16.89 -3.99
CA THR E 269 -17.50 -16.32 -3.27
C THR E 269 -18.77 -16.43 -4.09
N ALA E 270 -19.90 -16.08 -3.46
CA ALA E 270 -21.19 -16.19 -4.12
C ALA E 270 -21.29 -15.26 -5.32
N MET E 271 -20.79 -14.03 -5.18
CA MET E 271 -20.83 -13.08 -6.29
C MET E 271 -19.96 -13.57 -7.44
N ASP E 272 -18.79 -14.13 -7.13
CA ASP E 272 -17.92 -14.68 -8.15
C ASP E 272 -18.61 -15.83 -8.89
N LEU E 273 -19.31 -16.69 -8.14
CA LEU E 273 -20.05 -17.78 -8.76
C LEU E 273 -21.15 -17.25 -9.68
N PHE E 274 -21.86 -16.21 -9.24
CA PHE E 274 -22.90 -15.61 -10.05
C PHE E 274 -22.33 -15.05 -11.35
N VAL E 275 -21.19 -14.35 -11.25
CA VAL E 275 -20.57 -13.78 -12.44
C VAL E 275 -20.11 -14.88 -13.39
N SER E 276 -19.54 -15.96 -12.85
CA SER E 276 -19.10 -17.07 -13.69
C SER E 276 -20.28 -17.69 -14.43
N VAL E 277 -21.40 -17.88 -13.73
CA VAL E 277 -22.57 -18.46 -14.38
C VAL E 277 -23.09 -17.54 -15.48
N CYS E 278 -23.10 -16.23 -15.24
CA CYS E 278 -23.54 -15.30 -16.28
C CYS E 278 -22.61 -15.34 -17.49
N PHE E 279 -21.30 -15.45 -17.24
CA PHE E 279 -20.34 -15.57 -18.33
C PHE E 279 -20.61 -16.83 -19.15
N ILE E 280 -20.90 -17.95 -18.47
CA ILE E 280 -21.21 -19.18 -19.19
C ILE E 280 -22.49 -19.01 -19.99
N PHE E 281 -23.47 -18.28 -19.46
CA PHE E 281 -24.72 -18.06 -20.18
C PHE E 281 -24.48 -17.30 -21.49
N VAL E 282 -23.72 -16.20 -21.43
CA VAL E 282 -23.51 -15.41 -22.63
C VAL E 282 -22.65 -16.19 -23.64
N PHE E 283 -21.67 -16.96 -23.15
CA PHE E 283 -20.90 -17.81 -24.04
C PHE E 283 -21.79 -18.84 -24.74
N SER E 284 -22.72 -19.44 -23.99
CA SER E 284 -23.64 -20.40 -24.57
C SER E 284 -24.52 -19.75 -25.62
N ALA E 285 -24.97 -18.52 -25.38
CA ALA E 285 -25.79 -17.82 -26.37
C ALA E 285 -25.02 -17.61 -27.67
N LEU E 286 -23.77 -17.15 -27.57
CA LEU E 286 -22.99 -16.92 -28.79
C LEU E 286 -22.74 -18.24 -29.53
N VAL E 287 -22.44 -19.31 -28.78
CA VAL E 287 -22.25 -20.62 -29.40
C VAL E 287 -23.53 -21.09 -30.09
N GLU E 288 -24.67 -20.82 -29.47
CA GLU E 288 -25.95 -21.20 -30.08
C GLU E 288 -26.13 -20.50 -31.41
N TYR E 289 -25.83 -19.20 -31.46
CA TYR E 289 -25.95 -18.51 -32.74
C TYR E 289 -24.97 -19.07 -33.77
N GLY E 290 -23.75 -19.38 -33.35
CA GLY E 290 -22.79 -19.94 -34.29
C GLY E 290 -23.27 -21.24 -34.90
N THR E 291 -23.81 -22.14 -34.06
CA THR E 291 -24.33 -23.41 -34.55
C THR E 291 -25.50 -23.19 -35.51
N LEU E 292 -26.42 -22.29 -35.14
CA LEU E 292 -27.57 -22.02 -36.00
C LEU E 292 -27.12 -21.49 -37.35
N HIS E 293 -26.18 -20.54 -37.35
CA HIS E 293 -25.73 -19.94 -38.61
C HIS E 293 -25.04 -20.97 -39.48
N TYR E 294 -24.20 -21.83 -38.89
CA TYR E 294 -23.53 -22.84 -39.69
C TYR E 294 -24.54 -23.80 -40.33
N PHE E 295 -25.45 -24.35 -39.51
CA PHE E 295 -26.37 -25.34 -40.03
C PHE E 295 -27.40 -24.76 -40.99
N VAL E 296 -27.68 -23.46 -40.90
CA VAL E 296 -28.59 -22.84 -41.87
C VAL E 296 -27.86 -22.44 -43.15
N SER E 297 -26.61 -21.97 -43.03
CA SER E 297 -25.86 -21.56 -44.22
C SER E 297 -25.48 -22.76 -45.08
N ASN E 298 -25.17 -23.90 -44.45
CA ASN E 298 -24.87 -25.10 -45.23
C ASN E 298 -26.08 -25.52 -46.06
N ARG E 299 -27.15 -25.93 -45.38
CA ARG E 299 -28.41 -26.29 -46.06
C ARG E 299 -29.53 -26.40 -45.04
N CYS E 344 -38.37 -56.89 -28.13
CA CYS E 344 -38.67 -57.39 -26.76
C CYS E 344 -40.11 -57.02 -26.38
N LEU E 345 -40.63 -57.60 -25.30
CA LEU E 345 -42.06 -57.38 -24.92
C LEU E 345 -42.39 -55.94 -24.50
N ASP E 346 -43.56 -55.42 -24.86
CA ASP E 346 -44.12 -54.12 -24.38
C ASP E 346 -43.52 -52.95 -25.17
N GLY E 347 -42.74 -53.26 -26.20
CA GLY E 347 -42.17 -52.21 -27.04
C GLY E 347 -41.40 -52.83 -28.19
N LYS E 348 -40.98 -52.02 -29.15
CA LYS E 348 -40.34 -52.64 -30.32
C LYS E 348 -38.90 -52.19 -30.55
N ASP E 349 -37.96 -53.10 -30.74
CA ASP E 349 -36.58 -52.78 -31.22
C ASP E 349 -35.59 -52.34 -30.14
N CYS E 350 -35.98 -52.26 -28.87
CA CYS E 350 -34.95 -51.98 -27.84
C CYS E 350 -34.46 -50.53 -27.95
N ALA E 351 -33.94 -50.16 -29.12
CA ALA E 351 -33.36 -48.82 -29.30
C ALA E 351 -34.49 -47.86 -29.61
N SER E 352 -35.28 -48.17 -30.63
CA SER E 352 -36.43 -47.31 -30.87
C SER E 352 -37.09 -46.92 -29.55
N PHE E 353 -37.23 -47.86 -28.62
CA PHE E 353 -37.88 -47.57 -27.36
C PHE E 353 -37.01 -46.67 -26.49
N PHE E 354 -35.71 -46.83 -26.50
CA PHE E 354 -34.85 -46.04 -25.58
C PHE E 354 -34.14 -44.88 -26.27
O P1L E 355 -35.85 -43.34 -29.08
N P1L E 355 -34.29 -44.69 -27.58
CA P1L E 355 -33.68 -43.53 -28.27
CB P1L E 355 -32.49 -43.97 -29.08
SG P1L E 355 -30.98 -44.20 -28.12
C7 P1L E 355 -30.57 -42.92 -26.99
O7 P1L E 355 -31.42 -42.25 -26.46
C8 P1L E 355 -29.10 -42.73 -26.75
C9 P1L E 355 -28.82 -41.68 -25.73
C10 P1L E 355 -27.34 -41.57 -25.40
C11 P1L E 355 -27.04 -40.64 -24.25
C12 P1L E 355 -25.58 -40.26 -24.17
C13 P1L E 355 -25.20 -39.46 -22.96
C14 P1L E 355 -23.86 -38.79 -23.09
C15 P1L E 355 -23.31 -38.24 -21.80
C16 P1L E 355 -22.79 -39.29 -20.85
C17 P1L E 355 -22.21 -38.73 -19.58
C18 P1L E 355 -23.22 -38.07 -18.67
C19 P1L E 355 -22.63 -37.44 -17.43
C20 P1L E 355 -21.73 -38.36 -16.63
C P1L E 355 -34.70 -42.96 -29.25
C21 P1L E 355 -22.38 -39.63 -16.16
C22 P1L E 355 -21.46 -40.51 -15.33
O P1L E 356 -34.69 -40.42 -33.14
N P1L E 356 -34.32 -41.89 -29.96
CA P1L E 356 -35.21 -41.27 -30.98
CB P1L E 356 -35.47 -39.84 -30.59
SG P1L E 356 -33.91 -39.13 -30.05
C7 P1L E 356 -33.69 -38.57 -28.40
O7 P1L E 356 -33.89 -37.44 -28.06
C8 P1L E 356 -33.22 -39.65 -27.48
C9 P1L E 356 -31.89 -39.40 -26.88
C10 P1L E 356 -31.88 -38.24 -25.89
C11 P1L E 356 -30.56 -38.05 -25.19
C12 P1L E 356 -30.52 -36.87 -24.26
C13 P1L E 356 -29.19 -36.67 -23.61
C14 P1L E 356 -28.98 -35.29 -23.05
C15 P1L E 356 -27.56 -35.01 -22.66
C16 P1L E 356 -27.35 -33.66 -22.02
C17 P1L E 356 -25.90 -33.31 -21.82
C18 P1L E 356 -25.67 -32.00 -21.10
C19 P1L E 356 -24.23 -31.52 -21.17
C20 P1L E 356 -23.96 -30.27 -20.37
C P1L E 356 -34.51 -41.33 -32.33
C21 P1L E 356 -24.08 -30.44 -18.88
C22 P1L E 356 -23.59 -29.24 -18.10
N PHE E 357 -33.73 -42.40 -32.55
CA PHE E 357 -32.91 -42.51 -33.79
C PHE E 357 -33.85 -42.57 -34.99
N GLU E 358 -35.13 -42.82 -34.75
CA GLU E 358 -36.06 -42.77 -35.91
C GLU E 358 -35.99 -41.34 -36.48
N ASP E 359 -36.08 -41.19 -37.80
CA ASP E 359 -35.97 -39.86 -38.45
C ASP E 359 -34.54 -39.33 -38.30
O P1L E 360 -31.17 -40.70 -36.32
N P1L E 360 -33.94 -39.46 -37.12
CA P1L E 360 -32.58 -38.89 -36.90
CB P1L E 360 -32.75 -37.47 -36.38
SG P1L E 360 -33.37 -37.48 -34.68
C7 P1L E 360 -34.35 -36.14 -34.09
O7 P1L E 360 -34.96 -35.40 -34.83
C8 P1L E 360 -34.35 -36.01 -32.59
C9 P1L E 360 -32.99 -35.83 -31.99
C10 P1L E 360 -33.04 -35.29 -30.56
C11 P1L E 360 -31.69 -35.05 -29.94
C12 P1L E 360 -31.70 -33.99 -28.86
C13 P1L E 360 -30.34 -33.73 -28.25
C14 P1L E 360 -30.17 -32.34 -27.68
C15 P1L E 360 -30.78 -32.14 -26.32
C16 P1L E 360 -30.43 -30.82 -25.68
C17 P1L E 360 -30.54 -30.80 -24.17
C18 P1L E 360 -29.88 -29.62 -23.50
C19 P1L E 360 -29.74 -29.74 -22.00
C20 P1L E 360 -29.02 -28.58 -21.36
C P1L E 360 -31.83 -39.75 -35.88
C21 P1L E 360 -28.87 -28.63 -19.85
C22 P1L E 360 -27.88 -29.64 -19.33
N HIS E 371 -30.92 -31.15 -39.28
CA HIS E 371 -32.29 -31.59 -39.55
C HIS E 371 -33.25 -30.41 -39.32
N ILE E 372 -34.54 -30.69 -39.15
CA ILE E 372 -35.55 -29.63 -39.21
C ILE E 372 -35.44 -28.73 -37.98
N ARG E 373 -35.20 -29.32 -36.81
CA ARG E 373 -35.28 -28.57 -35.56
C ARG E 373 -34.20 -27.51 -35.44
N ILE E 374 -33.11 -27.64 -36.18
CA ILE E 374 -32.01 -26.69 -36.03
C ILE E 374 -32.44 -25.32 -36.53
N ALA E 375 -33.35 -25.26 -37.51
CA ALA E 375 -33.87 -23.99 -37.96
C ALA E 375 -34.68 -23.30 -36.86
N LYS E 376 -35.50 -24.07 -36.13
CA LYS E 376 -36.27 -23.55 -35.02
C LYS E 376 -35.47 -23.49 -33.71
N MET E 377 -34.16 -23.72 -33.79
CA MET E 377 -33.28 -23.51 -32.64
C MET E 377 -33.47 -22.14 -32.00
N ASP E 378 -33.69 -21.10 -32.81
CA ASP E 378 -33.93 -19.78 -32.24
C ASP E 378 -35.19 -19.76 -31.38
N SER E 379 -36.28 -20.33 -31.92
CA SER E 379 -37.53 -20.37 -31.16
C SER E 379 -37.37 -21.17 -29.88
N TYR E 380 -36.61 -22.27 -29.94
CA TYR E 380 -36.36 -23.06 -28.74
C TYR E 380 -35.57 -22.25 -27.72
N ALA E 381 -34.50 -21.57 -28.18
CA ALA E 381 -33.62 -20.87 -27.26
C ALA E 381 -34.32 -19.70 -26.60
N ARG E 382 -35.23 -19.03 -27.32
CA ARG E 382 -35.91 -17.85 -26.79
C ARG E 382 -36.59 -18.13 -25.46
N ILE E 383 -37.18 -19.33 -25.32
CA ILE E 383 -37.82 -19.72 -24.07
C ILE E 383 -36.92 -20.62 -23.21
N PHE E 384 -35.92 -21.27 -23.79
CA PHE E 384 -35.05 -22.14 -23.02
C PHE E 384 -34.13 -21.32 -22.11
N PHE E 385 -33.49 -20.29 -22.65
CA PHE E 385 -32.50 -19.55 -21.87
C PHE E 385 -33.13 -18.81 -20.69
N PRO E 386 -34.24 -18.07 -20.85
CA PRO E 386 -34.86 -17.44 -19.66
C PRO E 386 -35.27 -18.44 -18.59
N THR E 387 -35.78 -19.61 -18.98
CA THR E 387 -36.18 -20.60 -17.99
C THR E 387 -34.96 -21.12 -17.21
N ALA E 388 -33.87 -21.39 -17.92
CA ALA E 388 -32.66 -21.84 -17.25
C ALA E 388 -32.13 -20.78 -16.29
N PHE E 389 -32.11 -19.52 -16.73
CA PHE E 389 -31.59 -18.46 -15.87
C PHE E 389 -32.48 -18.24 -14.66
N CYS E 390 -33.79 -18.33 -14.83
CA CYS E 390 -34.71 -18.19 -13.71
C CYS E 390 -34.53 -19.34 -12.71
N LEU E 391 -34.36 -20.57 -13.22
CA LEU E 391 -34.12 -21.70 -12.33
C LEU E 391 -32.83 -21.52 -11.54
N PHE E 392 -31.78 -21.07 -12.23
CA PHE E 392 -30.50 -20.84 -11.55
C PHE E 392 -30.65 -19.77 -10.48
N ASN E 393 -31.34 -18.68 -10.80
CA ASN E 393 -31.53 -17.61 -9.82
C ASN E 393 -32.31 -18.12 -8.61
N LEU E 394 -33.38 -18.88 -8.85
CA LEU E 394 -34.19 -19.39 -7.75
C LEU E 394 -33.36 -20.27 -6.83
N VAL E 395 -32.66 -21.25 -7.40
CA VAL E 395 -31.90 -22.20 -6.58
C VAL E 395 -30.78 -21.46 -5.85
N TYR E 396 -30.06 -20.60 -6.56
CA TYR E 396 -28.94 -19.87 -5.97
C TYR E 396 -29.38 -19.01 -4.81
N TRP E 397 -30.40 -18.16 -5.03
CA TRP E 397 -30.83 -17.24 -4.00
C TRP E 397 -31.42 -17.99 -2.81
N VAL E 398 -32.23 -19.02 -3.05
CA VAL E 398 -32.82 -19.77 -1.95
C VAL E 398 -31.73 -20.44 -1.12
N SER E 399 -30.76 -21.07 -1.80
CA SER E 399 -29.70 -21.77 -1.08
C SER E 399 -28.85 -20.80 -0.26
N TYR E 400 -28.50 -19.65 -0.83
CA TYR E 400 -27.61 -18.73 -0.12
C TYR E 400 -28.32 -17.92 0.96
N LEU E 401 -29.63 -17.70 0.84
CA LEU E 401 -30.36 -16.92 1.83
C LEU E 401 -30.92 -17.79 2.95
N TYR E 402 -31.54 -18.91 2.61
CA TYR E 402 -32.27 -19.73 3.57
C TYR E 402 -31.46 -20.92 4.08
N LEU E 403 -30.92 -21.73 3.17
CA LEU E 403 -30.16 -22.91 3.55
C LEU E 403 -28.70 -22.57 3.79
N GLY E 404 -28.43 -21.62 4.67
CA GLY E 404 -27.07 -21.21 4.97
C GLY E 404 -27.01 -19.94 5.80
N ASP F 1 -31.02 -33.63 24.09
CA ASP F 1 -30.44 -34.07 22.84
C ASP F 1 -30.49 -35.59 22.72
N SER F 2 -29.64 -36.26 23.50
CA SER F 2 -29.56 -37.71 23.57
C SER F 2 -28.89 -38.36 22.36
N ARG F 3 -28.56 -37.57 21.33
CA ARG F 3 -27.95 -38.01 20.07
C ARG F 3 -28.55 -39.33 19.58
N ASP F 4 -29.87 -39.32 19.38
CA ASP F 4 -30.61 -40.44 18.82
C ASP F 4 -31.33 -39.99 17.56
N TYR F 5 -31.13 -40.73 16.46
CA TYR F 5 -31.70 -40.38 15.17
C TYR F 5 -32.61 -41.47 14.61
N SER F 6 -33.06 -42.42 15.46
CA SER F 6 -33.99 -43.44 14.99
C SER F 6 -35.30 -42.82 14.54
N THR F 7 -35.80 -41.82 15.29
CA THR F 7 -37.03 -41.15 14.90
C THR F 7 -36.87 -40.42 13.57
N GLU F 8 -35.72 -39.74 13.38
CA GLU F 8 -35.46 -39.05 12.12
C GLU F 8 -35.42 -40.04 10.97
N LEU F 9 -34.75 -41.18 11.15
CA LEU F 9 -34.70 -42.20 10.11
C LEU F 9 -36.09 -42.73 9.82
N SER F 10 -36.90 -42.96 10.86
CA SER F 10 -38.24 -43.50 10.66
C SER F 10 -39.11 -42.54 9.86
N VAL F 11 -39.11 -41.26 10.24
CA VAL F 11 -39.98 -40.31 9.53
C VAL F 11 -39.48 -40.09 8.11
N THR F 12 -38.16 -40.05 7.91
CA THR F 12 -37.63 -39.90 6.56
C THR F 12 -38.01 -41.09 5.69
N VAL F 13 -37.88 -42.31 6.22
CA VAL F 13 -38.26 -43.50 5.46
C VAL F 13 -39.76 -43.48 5.19
N ALA F 14 -40.56 -42.99 6.13
CA ALA F 14 -42.01 -42.94 5.94
C ALA F 14 -42.37 -42.03 4.78
N VAL F 15 -41.82 -40.81 4.78
CA VAL F 15 -42.17 -39.87 3.71
C VAL F 15 -41.63 -40.35 2.37
N GLY F 16 -40.42 -40.92 2.38
CA GLY F 16 -39.87 -41.46 1.14
C GLY F 16 -40.70 -42.61 0.59
N ALA F 17 -41.14 -43.50 1.47
CA ALA F 17 -41.99 -44.61 1.04
C ALA F 17 -43.33 -44.11 0.51
N SER F 18 -43.90 -43.08 1.15
CA SER F 18 -45.14 -42.51 0.64
C SER F 18 -44.95 -41.91 -0.75
N LEU F 19 -43.85 -41.17 -0.95
CA LEU F 19 -43.61 -40.57 -2.26
C LEU F 19 -43.41 -41.63 -3.33
N LEU F 20 -42.60 -42.66 -3.02
CA LEU F 20 -42.38 -43.73 -3.99
C LEU F 20 -43.67 -44.50 -4.24
N PHE F 21 -44.51 -44.67 -3.21
CA PHE F 21 -45.80 -45.32 -3.41
C PHE F 21 -46.68 -44.53 -4.36
N LEU F 22 -46.72 -43.20 -4.20
CA LEU F 22 -47.50 -42.38 -5.12
C LEU F 22 -46.98 -42.51 -6.54
N ASN F 23 -45.66 -42.46 -6.71
CA ASN F 23 -45.12 -42.45 -8.07
C ASN F 23 -45.28 -43.83 -8.74
N ILE F 24 -45.06 -44.92 -7.99
CA ILE F 24 -45.29 -46.25 -8.55
C ILE F 24 -46.78 -46.49 -8.78
N LEU F 25 -47.65 -45.86 -7.99
CA LEU F 25 -49.08 -45.94 -8.28
C LEU F 25 -49.39 -45.28 -9.62
N ALA F 26 -48.79 -44.12 -9.87
CA ALA F 26 -48.98 -43.47 -11.18
C ALA F 26 -48.43 -44.33 -12.31
N PHE F 27 -47.26 -44.92 -12.11
CA PHE F 27 -46.64 -45.76 -13.14
C PHE F 27 -47.53 -46.98 -13.43
N ALA F 28 -48.04 -47.63 -12.39
CA ALA F 28 -48.90 -48.79 -12.59
C ALA F 28 -50.20 -48.39 -13.28
N ALA F 29 -50.78 -47.25 -12.89
CA ALA F 29 -52.00 -46.79 -13.52
C ALA F 29 -51.78 -46.53 -15.00
N LEU F 30 -50.64 -45.93 -15.35
CA LEU F 30 -50.32 -45.72 -16.76
C LEU F 30 -50.11 -47.05 -17.48
N TYR F 31 -49.40 -47.98 -16.85
CA TYR F 31 -49.00 -49.21 -17.54
C TYR F 31 -50.17 -50.18 -17.71
N TYR F 32 -51.19 -50.09 -16.86
CA TYR F 32 -52.36 -50.95 -17.01
C TYR F 32 -53.04 -50.67 -18.34
N LYS F 33 -53.41 -51.74 -19.04
CA LYS F 33 -54.00 -51.67 -20.36
C LYS F 33 -53.05 -50.96 -21.33
N MET G 1 -56.34 -40.02 -23.59
CA MET G 1 -55.48 -38.85 -23.68
C MET G 1 -55.55 -38.04 -22.39
N ARG G 2 -56.72 -38.02 -21.77
CA ARG G 2 -56.88 -37.34 -20.48
C ARG G 2 -55.97 -37.97 -19.44
N ASN G 3 -55.96 -39.30 -19.37
CA ASN G 3 -55.09 -39.98 -18.41
C ASN G 3 -53.62 -39.72 -18.73
N SER G 4 -53.26 -39.70 -20.02
CA SER G 4 -51.89 -39.42 -20.40
C SER G 4 -51.46 -38.03 -19.95
N ARG G 5 -52.32 -37.02 -20.18
CA ARG G 5 -51.98 -35.67 -19.77
C ARG G 5 -51.87 -35.55 -18.24
N ALA G 6 -52.80 -36.18 -17.52
CA ALA G 6 -52.74 -36.14 -16.05
C ALA G 6 -51.48 -36.81 -15.54
N ILE G 7 -51.11 -37.95 -16.14
CA ILE G 7 -49.92 -38.66 -15.72
C ILE G 7 -48.68 -37.83 -16.04
N GLY G 8 -48.69 -37.11 -17.16
CA GLY G 8 -47.58 -36.24 -17.48
C GLY G 8 -47.42 -35.11 -16.47
N VAL G 9 -48.54 -34.51 -16.06
CA VAL G 9 -48.49 -33.45 -15.06
C VAL G 9 -47.97 -34.01 -13.74
N LEU G 10 -48.44 -35.19 -13.35
CA LEU G 10 -47.95 -35.81 -12.12
C LEU G 10 -46.46 -36.11 -12.21
N TRP G 11 -46.01 -36.58 -13.38
CA TRP G 11 -44.60 -36.85 -13.60
C TRP G 11 -43.76 -35.59 -13.44
N ALA G 12 -44.25 -34.47 -14.00
CA ALA G 12 -43.53 -33.21 -13.85
C ALA G 12 -43.46 -32.78 -12.39
N ILE G 13 -44.57 -32.93 -11.66
CA ILE G 13 -44.58 -32.53 -10.25
C ILE G 13 -43.60 -33.38 -9.44
N PHE G 14 -43.59 -34.69 -9.68
CA PHE G 14 -42.66 -35.55 -8.97
C PHE G 14 -41.21 -35.30 -9.38
N THR G 15 -40.98 -34.91 -10.63
CA THR G 15 -39.64 -34.52 -11.05
C THR G 15 -39.17 -33.29 -10.29
N ILE G 16 -40.05 -32.30 -10.14
CA ILE G 16 -39.69 -31.11 -9.37
C ILE G 16 -39.43 -31.48 -7.91
N CYS G 17 -40.23 -32.40 -7.37
CA CYS G 17 -39.99 -32.86 -5.99
C CYS G 17 -38.63 -33.53 -5.87
N PHE G 18 -38.26 -34.36 -6.84
CA PHE G 18 -36.95 -34.99 -6.81
C PHE G 18 -35.84 -33.95 -6.90
N ALA G 19 -36.03 -32.91 -7.72
CA ALA G 19 -35.01 -31.86 -7.80
C ALA G 19 -34.86 -31.14 -6.46
N ILE G 20 -35.98 -30.87 -5.79
CA ILE G 20 -35.93 -30.27 -4.45
C ILE G 20 -35.16 -31.17 -3.50
N ILE G 21 -35.44 -32.47 -3.55
CA ILE G 21 -34.74 -33.43 -2.68
C ILE G 21 -33.24 -33.42 -2.98
N ASN G 22 -32.87 -33.39 -4.26
CA ASN G 22 -31.46 -33.40 -4.63
C ASN G 22 -30.76 -32.16 -4.11
N VAL G 23 -31.39 -30.99 -4.25
CA VAL G 23 -30.79 -29.76 -3.75
C VAL G 23 -30.62 -29.83 -2.23
N VAL G 24 -31.65 -30.33 -1.54
CA VAL G 24 -31.60 -30.36 -0.08
C VAL G 24 -30.50 -31.30 0.41
N VAL G 25 -30.40 -32.50 -0.19
CA VAL G 25 -29.39 -33.45 0.27
C VAL G 25 -27.99 -32.95 -0.10
N PHE G 26 -27.85 -32.25 -1.22
CA PHE G 26 -26.55 -31.69 -1.56
C PHE G 26 -26.12 -30.64 -0.54
N ILE G 27 -27.04 -29.74 -0.18
CA ILE G 27 -26.64 -28.60 0.65
C ILE G 27 -26.48 -29.02 2.10
N GLN G 28 -27.44 -29.77 2.65
CA GLN G 28 -27.49 -29.98 4.09
C GLN G 28 -26.35 -30.89 4.53
N PRO G 29 -25.87 -30.75 5.77
CA PRO G 29 -24.73 -31.56 6.24
C PRO G 29 -25.08 -32.83 7.01
N TYR G 30 -26.37 -33.15 7.20
CA TYR G 30 -26.78 -34.22 8.10
C TYR G 30 -26.82 -35.57 7.38
N TRP G 31 -25.64 -35.99 6.88
CA TRP G 31 -25.49 -37.30 6.27
C TRP G 31 -25.11 -38.37 7.27
N VAL G 32 -24.20 -38.03 8.19
CA VAL G 32 -23.69 -38.96 9.20
C VAL G 32 -23.67 -38.24 10.53
N GLY G 33 -23.93 -38.97 11.61
CA GLY G 33 -24.08 -38.39 12.94
C GLY G 33 -23.27 -39.10 14.00
N ASP G 34 -23.53 -38.77 15.26
CA ASP G 34 -22.77 -39.24 16.40
C ASP G 34 -23.67 -40.02 17.35
N SER G 35 -23.08 -40.99 18.04
CA SER G 35 -23.77 -41.85 19.00
C SER G 35 -23.17 -41.65 20.39
N VAL G 36 -23.76 -42.34 21.37
CA VAL G 36 -23.30 -42.23 22.75
C VAL G 36 -21.87 -42.71 22.91
N SER G 37 -21.44 -43.66 22.06
CA SER G 37 -20.09 -44.20 22.09
C SER G 37 -19.11 -43.39 21.25
N THR G 38 -19.41 -42.11 20.98
CA THR G 38 -18.59 -41.26 20.13
C THR G 38 -17.64 -40.42 20.97
N PRO G 39 -16.39 -40.16 20.54
CA PRO G 39 -15.54 -39.25 21.34
C PRO G 39 -16.09 -37.85 21.48
N LYS G 40 -16.72 -37.32 20.44
CA LYS G 40 -17.27 -35.96 20.43
C LYS G 40 -18.53 -35.94 19.58
N PRO G 41 -19.42 -34.97 19.81
CA PRO G 41 -20.58 -34.83 18.92
C PRO G 41 -20.20 -34.16 17.61
N GLY G 42 -21.01 -34.41 16.59
CA GLY G 42 -20.81 -33.77 15.31
C GLY G 42 -21.54 -34.49 14.20
N TYR G 43 -21.40 -33.94 13.01
CA TYR G 43 -22.03 -34.48 11.81
C TYR G 43 -21.37 -33.88 10.59
N PHE G 44 -21.19 -34.70 9.55
CA PHE G 44 -20.54 -34.26 8.32
C PHE G 44 -21.36 -34.67 7.11
N GLY G 45 -21.42 -33.78 6.13
CA GLY G 45 -22.06 -33.99 4.86
C GLY G 45 -21.07 -34.29 3.76
N LEU G 46 -21.42 -33.89 2.54
CA LEU G 46 -20.53 -34.12 1.40
C LEU G 46 -19.26 -33.31 1.51
N PHE G 47 -19.38 -32.04 1.91
CA PHE G 47 -18.24 -31.14 2.03
C PHE G 47 -18.21 -30.39 3.36
N HIS G 48 -19.38 -30.14 3.94
CA HIS G 48 -19.50 -29.43 5.20
C HIS G 48 -19.43 -30.42 6.36
N TYR G 49 -18.92 -29.93 7.50
CA TYR G 49 -18.87 -30.78 8.69
C TYR G 49 -18.75 -29.91 9.92
N CYS G 50 -19.43 -30.32 10.99
CA CYS G 50 -19.42 -29.64 12.27
C CYS G 50 -19.04 -30.63 13.36
N VAL G 51 -18.21 -30.16 14.30
CA VAL G 51 -17.69 -30.99 15.38
C VAL G 51 -17.73 -30.18 16.67
N GLY G 52 -17.91 -30.86 17.79
CA GLY G 52 -17.98 -30.20 19.07
C GLY G 52 -16.66 -29.58 19.47
N SER G 53 -16.75 -28.63 20.40
CA SER G 53 -15.60 -27.92 20.95
C SER G 53 -15.57 -28.12 22.46
N GLY G 54 -14.42 -28.57 22.97
CA GLY G 54 -14.26 -28.77 24.39
C GLY G 54 -14.97 -30.02 24.88
N LEU G 55 -14.92 -30.20 26.20
CA LEU G 55 -15.58 -31.35 26.81
C LEU G 55 -17.08 -31.30 26.62
N ALA G 56 -17.67 -30.11 26.76
CA ALA G 56 -19.12 -29.97 26.59
C ALA G 56 -19.50 -30.15 25.13
N GLY G 57 -20.65 -30.78 24.90
CA GLY G 57 -21.15 -30.97 23.55
C GLY G 57 -21.73 -29.74 22.91
N ARG G 58 -22.09 -28.73 23.71
CA ARG G 58 -22.63 -27.49 23.19
C ARG G 58 -21.52 -26.66 22.54
N GLU G 59 -21.94 -25.66 21.76
CA GLU G 59 -21.03 -24.75 21.07
C GLU G 59 -20.09 -25.51 20.15
N LEU G 60 -20.69 -26.16 19.16
CA LEU G 60 -19.94 -26.93 18.17
C LEU G 60 -19.59 -26.06 16.96
N THR G 61 -18.34 -26.15 16.53
CA THR G 61 -17.85 -25.39 15.40
C THR G 61 -18.21 -26.07 14.09
N CYS G 62 -18.21 -25.29 13.01
CA CYS G 62 -18.56 -25.76 11.67
C CYS G 62 -17.50 -25.30 10.69
N ARG G 63 -17.21 -26.14 9.69
CA ARG G 63 -16.19 -25.82 8.70
C ARG G 63 -16.47 -26.62 7.43
N GLY G 64 -16.09 -26.03 6.30
CA GLY G 64 -16.18 -26.69 5.01
C GLY G 64 -17.20 -26.06 4.08
N SER G 65 -16.79 -25.86 2.82
CA SER G 65 -17.69 -25.34 1.80
C SER G 65 -17.23 -25.87 0.46
N PHE G 66 -18.19 -26.01 -0.47
CA PHE G 66 -17.87 -26.57 -1.78
C PHE G 66 -16.95 -25.63 -2.56
N THR G 67 -17.14 -24.32 -2.40
CA THR G 67 -16.30 -23.36 -3.12
C THR G 67 -14.84 -23.45 -2.70
N ASP G 68 -14.59 -23.82 -1.44
CA ASP G 68 -13.23 -23.92 -0.89
C ASP G 68 -12.88 -25.40 -0.79
N PHE G 69 -12.22 -25.92 -1.83
CA PHE G 69 -11.76 -27.31 -1.83
C PHE G 69 -10.63 -27.55 -0.84
N SER G 70 -9.96 -26.48 -0.36
CA SER G 70 -8.94 -26.66 0.66
C SER G 70 -9.51 -27.19 1.97
N THR G 71 -10.78 -26.92 2.25
CA THR G 71 -11.41 -27.34 3.50
C THR G 71 -12.09 -28.71 3.42
N ILE G 72 -12.33 -29.23 2.22
CA ILE G 72 -12.98 -30.54 2.10
C ILE G 72 -12.03 -31.61 2.65
N PRO G 73 -12.49 -32.54 3.51
CA PRO G 73 -11.53 -33.45 4.14
C PRO G 73 -10.77 -34.37 3.18
N SER G 74 -11.40 -34.80 2.07
CA SER G 74 -10.76 -35.83 1.25
C SER G 74 -11.26 -35.77 -0.19
N SER G 75 -10.45 -36.36 -1.07
CA SER G 75 -10.78 -36.40 -2.49
C SER G 75 -12.03 -37.23 -2.75
N ALA G 76 -12.29 -38.25 -1.92
CA ALA G 76 -13.54 -39.00 -2.05
C ALA G 76 -14.73 -38.09 -1.79
N PHE G 77 -14.64 -37.23 -0.77
CA PHE G 77 -15.70 -36.27 -0.51
C PHE G 77 -15.85 -35.30 -1.68
N LYS G 78 -14.73 -34.84 -2.24
CA LYS G 78 -14.78 -33.95 -3.39
C LYS G 78 -15.50 -34.60 -4.56
N ALA G 79 -15.15 -35.86 -4.86
CA ALA G 79 -15.77 -36.56 -5.98
C ALA G 79 -17.26 -36.78 -5.75
N ALA G 80 -17.64 -37.15 -4.52
CA ALA G 80 -19.05 -37.36 -4.22
C ALA G 80 -19.84 -36.07 -4.40
N ALA G 81 -19.29 -34.96 -3.90
CA ALA G 81 -19.96 -33.67 -4.07
C ALA G 81 -20.08 -33.31 -5.54
N PHE G 82 -19.03 -33.56 -6.33
CA PHE G 82 -19.06 -33.23 -7.75
C PHE G 82 -20.15 -34.04 -8.46
N PHE G 83 -20.25 -35.33 -8.12
CA PHE G 83 -21.25 -36.17 -8.79
C PHE G 83 -22.67 -35.77 -8.41
N VAL G 84 -22.90 -35.44 -7.13
CA VAL G 84 -24.23 -34.99 -6.73
C VAL G 84 -24.58 -33.67 -7.43
N LEU G 85 -23.58 -32.79 -7.58
CA LEU G 85 -23.81 -31.54 -8.29
C LEU G 85 -24.15 -31.79 -9.76
N LEU G 86 -23.48 -32.77 -10.38
CA LEU G 86 -23.83 -33.13 -11.75
C LEU G 86 -25.28 -33.63 -11.84
N SER G 87 -25.70 -34.42 -10.85
CA SER G 87 -27.09 -34.87 -10.82
C SER G 87 -28.05 -33.68 -10.74
N MET G 88 -27.72 -32.70 -9.89
CA MET G 88 -28.52 -31.48 -9.81
C MET G 88 -28.61 -30.78 -11.16
N VAL G 89 -27.47 -30.65 -11.83
CA VAL G 89 -27.44 -29.92 -13.10
C VAL G 89 -28.29 -30.64 -14.14
N LEU G 90 -28.22 -31.98 -14.18
CA LEU G 90 -28.99 -32.72 -15.17
C LEU G 90 -30.49 -32.64 -14.90
N ILE G 91 -30.91 -32.76 -13.64
CA ILE G 91 -32.34 -32.69 -13.36
C ILE G 91 -32.87 -31.28 -13.63
N LEU G 92 -32.05 -30.26 -13.35
CA LEU G 92 -32.46 -28.91 -13.72
C LEU G 92 -32.49 -28.75 -15.24
N GLY G 93 -31.66 -29.51 -15.95
CA GLY G 93 -31.78 -29.55 -17.40
C GLY G 93 -33.13 -30.05 -17.86
N CYS G 94 -33.64 -31.10 -17.20
CA CYS G 94 -35.03 -31.50 -17.45
C CYS G 94 -36.03 -30.39 -17.14
N ILE G 95 -35.87 -29.74 -16.00
CA ILE G 95 -36.88 -28.75 -15.62
C ILE G 95 -36.82 -27.54 -16.55
N THR G 96 -35.68 -27.35 -17.24
CA THR G 96 -35.62 -26.38 -18.33
C THR G 96 -36.31 -26.91 -19.59
N CYS G 97 -36.07 -28.19 -19.94
CA CYS G 97 -36.67 -28.77 -21.14
C CYS G 97 -38.19 -28.89 -21.01
N PHE G 98 -38.71 -28.76 -19.80
CA PHE G 98 -40.14 -28.56 -19.63
C PHE G 98 -40.61 -27.35 -20.44
N SER G 99 -39.74 -26.35 -20.60
CA SER G 99 -40.01 -25.26 -21.55
C SER G 99 -40.05 -25.79 -22.98
N LEU G 100 -39.10 -26.66 -23.34
CA LEU G 100 -39.04 -27.18 -24.70
C LEU G 100 -40.25 -28.04 -25.06
N PHE G 101 -41.02 -28.48 -24.07
CA PHE G 101 -42.29 -29.13 -24.38
C PHE G 101 -43.22 -28.26 -25.23
N PHE G 102 -43.07 -26.94 -25.15
CA PHE G 102 -43.95 -26.04 -25.91
C PHE G 102 -43.86 -26.31 -27.41
N PHE G 103 -42.64 -26.37 -27.96
CA PHE G 103 -42.42 -26.37 -29.39
C PHE G 103 -42.13 -27.78 -29.92
N CYS G 104 -41.12 -28.44 -29.37
CA CYS G 104 -40.71 -29.75 -29.86
C CYS G 104 -41.80 -30.79 -29.59
N ASN G 105 -41.69 -31.92 -30.29
CA ASN G 105 -42.70 -32.96 -30.17
C ASN G 105 -42.59 -33.67 -28.82
N THR G 106 -43.76 -34.07 -28.32
CA THR G 106 -43.85 -34.55 -26.94
C THR G 106 -43.02 -35.80 -26.72
N ALA G 107 -43.03 -36.73 -27.69
CA ALA G 107 -42.25 -37.95 -27.54
C ALA G 107 -40.77 -37.64 -27.44
N THR G 108 -40.28 -36.72 -28.27
CA THR G 108 -38.86 -36.37 -28.24
C THR G 108 -38.48 -35.72 -26.92
N VAL G 109 -39.31 -34.80 -26.43
CA VAL G 109 -38.97 -34.13 -25.16
C VAL G 109 -39.03 -35.11 -24.01
N TYR G 110 -40.02 -36.01 -24.02
CA TYR G 110 -40.13 -37.02 -22.97
C TYR G 110 -38.91 -37.93 -22.97
N LYS G 111 -38.45 -38.35 -24.15
CA LYS G 111 -37.26 -39.18 -24.21
C LYS G 111 -36.02 -38.42 -23.76
N ILE G 112 -35.96 -37.12 -24.07
CA ILE G 112 -34.80 -36.33 -23.67
C ILE G 112 -34.68 -36.29 -22.15
N CYS G 113 -35.77 -35.92 -21.46
CA CYS G 113 -35.73 -36.06 -20.01
C CYS G 113 -35.59 -37.48 -19.50
N ALA G 114 -36.10 -38.48 -20.20
CA ALA G 114 -35.91 -39.84 -19.72
C ALA G 114 -34.42 -40.15 -19.64
N TRP G 115 -33.69 -39.83 -20.70
CA TRP G 115 -32.25 -40.07 -20.71
C TRP G 115 -31.54 -39.17 -19.69
N MET G 116 -31.93 -37.90 -19.61
CA MET G 116 -31.25 -37.00 -18.68
C MET G 116 -31.48 -37.36 -17.23
N GLN G 117 -32.70 -37.76 -16.86
CA GLN G 117 -32.97 -38.25 -15.52
C GLN G 117 -32.23 -39.56 -15.24
N LEU G 118 -32.11 -40.44 -16.23
CA LEU G 118 -31.30 -41.64 -16.03
C LEU G 118 -29.85 -41.28 -15.74
N LEU G 119 -29.29 -40.32 -16.49
CA LEU G 119 -27.92 -39.89 -16.24
C LEU G 119 -27.77 -39.24 -14.87
N ALA G 120 -28.75 -38.41 -14.47
CA ALA G 120 -28.72 -37.82 -13.13
C ALA G 120 -28.76 -38.90 -12.06
N ALA G 121 -29.59 -39.92 -12.25
CA ALA G 121 -29.65 -41.03 -11.31
C ALA G 121 -28.31 -41.75 -11.22
N LEU G 122 -27.68 -42.02 -12.35
CA LEU G 122 -26.39 -42.69 -12.35
C LEU G 122 -25.34 -41.86 -11.64
N CYS G 123 -25.33 -40.55 -11.88
CA CYS G 123 -24.40 -39.68 -11.19
C CYS G 123 -24.63 -39.69 -9.69
N LEU G 124 -25.90 -39.67 -9.26
CA LEU G 124 -26.20 -39.72 -7.84
C LEU G 124 -25.79 -41.04 -7.21
N VAL G 125 -26.00 -42.16 -7.90
CA VAL G 125 -25.54 -43.46 -7.38
C VAL G 125 -24.02 -43.49 -7.25
N LEU G 126 -23.31 -42.97 -8.26
CA LEU G 126 -21.85 -42.94 -8.19
C LEU G 126 -21.39 -42.08 -7.01
N GLY G 127 -22.03 -40.93 -6.80
CA GLY G 127 -21.67 -40.09 -5.67
C GLY G 127 -21.92 -40.78 -4.34
N CYS G 128 -23.08 -41.43 -4.21
CA CYS G 128 -23.41 -42.09 -2.96
C CYS G 128 -22.50 -43.29 -2.71
N MET G 129 -22.03 -43.95 -3.77
CA MET G 129 -21.11 -45.07 -3.61
C MET G 129 -19.69 -44.61 -3.31
N ILE G 130 -19.29 -43.45 -3.81
CA ILE G 130 -17.93 -42.97 -3.60
C ILE G 130 -17.80 -42.23 -2.26
N PHE G 131 -18.90 -41.70 -1.73
CA PHE G 131 -18.82 -40.91 -0.50
C PHE G 131 -18.25 -41.69 0.69
N PRO G 132 -18.65 -42.94 0.97
CA PRO G 132 -18.09 -43.63 2.15
C PRO G 132 -16.60 -43.88 2.08
N ASP G 133 -15.99 -43.80 0.89
CA ASP G 133 -14.55 -44.03 0.78
C ASP G 133 -13.73 -43.01 1.58
N GLY G 134 -14.28 -41.84 1.84
CA GLY G 134 -13.56 -40.77 2.51
C GLY G 134 -13.62 -40.77 4.03
N TRP G 135 -14.24 -41.78 4.65
CA TRP G 135 -14.32 -41.82 6.10
C TRP G 135 -12.98 -42.12 6.77
N ASP G 136 -11.96 -42.51 6.01
CA ASP G 136 -10.63 -42.72 6.58
C ASP G 136 -9.91 -41.41 6.89
N ALA G 137 -10.47 -40.26 6.51
CA ALA G 137 -9.81 -38.98 6.74
C ALA G 137 -9.61 -38.74 8.23
N GLU G 138 -8.60 -37.91 8.54
CA GLU G 138 -8.22 -37.69 9.93
C GLU G 138 -9.35 -37.06 10.73
N THR G 139 -10.01 -36.04 10.17
CA THR G 139 -11.07 -35.36 10.90
C THR G 139 -12.26 -36.29 11.16
N ILE G 140 -12.66 -37.06 10.15
CA ILE G 140 -13.78 -37.98 10.31
C ILE G 140 -13.42 -39.06 11.34
N ARG G 141 -12.20 -39.58 11.26
CA ARG G 141 -11.77 -40.60 12.22
C ARG G 141 -11.76 -40.03 13.63
N ASP G 142 -11.27 -38.79 13.80
CA ASP G 142 -11.26 -38.18 15.13
C ASP G 142 -12.68 -37.98 15.65
N MET G 143 -13.60 -37.56 14.78
CA MET G 143 -14.96 -37.31 15.25
C MET G 143 -15.67 -38.60 15.62
N CYS G 144 -15.53 -39.64 14.79
CA CYS G 144 -16.30 -40.87 14.98
C CYS G 144 -15.62 -41.85 15.94
N GLY G 145 -14.39 -42.23 15.65
CA GLY G 145 -13.66 -43.18 16.46
C GLY G 145 -12.57 -43.86 15.65
N ALA G 146 -11.70 -44.57 16.36
CA ALA G 146 -10.62 -45.28 15.70
C ALA G 146 -11.14 -46.40 14.81
N LYS G 147 -12.27 -47.01 15.18
CA LYS G 147 -12.84 -48.09 14.39
C LYS G 147 -13.30 -47.62 13.01
N THR G 148 -13.58 -46.33 12.85
CA THR G 148 -14.06 -45.82 11.57
C THR G 148 -12.99 -45.98 10.49
N GLY G 149 -13.46 -46.23 9.28
CA GLY G 149 -12.54 -46.44 8.17
C GLY G 149 -13.29 -46.47 6.86
N LYS G 150 -12.59 -46.93 5.82
CA LYS G 150 -13.17 -47.04 4.49
C LYS G 150 -14.36 -47.97 4.49
N TYR G 151 -15.54 -47.43 4.17
CA TYR G 151 -16.79 -48.20 4.10
C TYR G 151 -17.08 -48.90 5.41
N SER G 152 -16.81 -48.21 6.52
CA SER G 152 -17.10 -48.73 7.86
C SER G 152 -17.57 -47.57 8.71
N LEU G 153 -18.89 -47.50 8.96
CA LEU G 153 -19.44 -46.40 9.74
C LEU G 153 -18.91 -46.39 11.17
N GLY G 154 -18.60 -47.56 11.72
CA GLY G 154 -18.04 -47.62 13.05
C GLY G 154 -19.02 -47.15 14.10
N ASP G 155 -18.54 -46.26 14.99
CA ASP G 155 -19.37 -45.79 16.09
C ASP G 155 -20.40 -44.76 15.63
N CYS G 156 -20.16 -44.09 14.51
CA CYS G 156 -21.11 -43.08 14.02
C CYS G 156 -22.35 -43.74 13.46
N SER G 157 -23.40 -42.94 13.28
CA SER G 157 -24.70 -43.40 12.79
C SER G 157 -25.13 -42.54 11.61
N VAL G 158 -25.83 -43.17 10.67
CA VAL G 158 -26.30 -42.45 9.50
C VAL G 158 -27.51 -41.59 9.87
N ARG G 159 -27.57 -40.38 9.33
CA ARG G 159 -28.65 -39.46 9.56
C ARG G 159 -29.57 -39.43 8.33
N TRP G 160 -30.55 -38.53 8.35
CA TRP G 160 -31.66 -38.60 7.39
C TRP G 160 -31.21 -38.34 5.95
N ALA G 161 -30.18 -37.52 5.74
CA ALA G 161 -29.86 -37.08 4.39
C ALA G 161 -29.39 -38.23 3.51
N TYR G 162 -28.65 -39.19 4.08
CA TYR G 162 -28.13 -40.29 3.27
C TYR G 162 -29.26 -41.17 2.75
N ILE G 163 -30.17 -41.58 3.65
CA ILE G 163 -31.32 -42.36 3.22
C ILE G 163 -32.22 -41.57 2.30
N LEU G 164 -32.29 -40.25 2.49
CA LEU G 164 -33.05 -39.42 1.56
C LEU G 164 -32.41 -39.44 0.18
N ALA G 165 -31.08 -39.46 0.12
CA ALA G 165 -30.40 -39.58 -1.17
C ALA G 165 -30.69 -40.92 -1.82
N ILE G 166 -30.74 -41.99 -1.03
CA ILE G 166 -31.09 -43.30 -1.58
C ILE G 166 -32.52 -43.27 -2.15
N ILE G 167 -33.44 -42.65 -1.41
CA ILE G 167 -34.81 -42.52 -1.88
C ILE G 167 -34.84 -41.72 -3.17
N GLY G 168 -34.01 -40.68 -3.25
CA GLY G 168 -33.91 -39.91 -4.48
C GLY G 168 -33.39 -40.71 -5.65
N ILE G 169 -32.42 -41.61 -5.38
CA ILE G 169 -31.93 -42.50 -6.43
C ILE G 169 -33.08 -43.36 -6.97
N LEU G 170 -33.84 -43.98 -6.07
CA LEU G 170 -34.96 -44.82 -6.51
C LEU G 170 -35.98 -44.00 -7.28
N ASN G 171 -36.30 -42.80 -6.79
CA ASN G 171 -37.26 -41.93 -7.44
C ASN G 171 -36.78 -41.55 -8.84
N ALA G 172 -35.49 -41.24 -8.97
CA ALA G 172 -34.96 -40.88 -10.28
C ALA G 172 -35.02 -42.03 -11.26
N LEU G 173 -34.68 -43.25 -10.82
CA LEU G 173 -34.77 -44.41 -11.72
C LEU G 173 -36.20 -44.60 -12.21
N ILE G 174 -37.16 -44.63 -11.27
CA ILE G 174 -38.54 -44.92 -11.67
C ILE G 174 -39.10 -43.78 -12.52
N LEU G 175 -38.72 -42.53 -12.21
CA LEU G 175 -39.18 -41.41 -13.01
C LEU G 175 -38.62 -41.46 -14.42
N SER G 176 -37.36 -41.87 -14.56
CA SER G 176 -36.80 -42.04 -15.90
C SER G 176 -37.56 -43.09 -16.70
N PHE G 177 -37.89 -44.21 -16.06
CA PHE G 177 -38.66 -45.23 -16.77
CA PHE G 177 -38.67 -45.23 -16.76
C PHE G 177 -40.05 -44.72 -17.14
N LEU G 178 -40.69 -43.98 -16.22
CA LEU G 178 -42.01 -43.42 -16.51
C LEU G 178 -41.93 -42.46 -17.70
N ALA G 179 -40.88 -41.63 -17.75
CA ALA G 179 -40.69 -40.72 -18.87
C ALA G 179 -40.49 -41.48 -20.17
N PHE G 180 -39.72 -42.57 -20.14
CA PHE G 180 -39.52 -43.38 -21.34
C PHE G 180 -40.84 -43.93 -21.84
N VAL G 181 -41.66 -44.47 -20.93
CA VAL G 181 -42.93 -45.07 -21.35
C VAL G 181 -43.87 -44.00 -21.88
N LEU G 182 -43.88 -42.82 -21.24
CA LEU G 182 -44.72 -41.73 -21.74
C LEU G 182 -44.28 -41.29 -23.14
N GLY G 183 -42.97 -41.20 -23.35
CA GLY G 183 -42.48 -40.83 -24.67
C GLY G 183 -42.85 -41.84 -25.74
N ASN G 184 -42.78 -43.13 -25.40
CA ASN G 184 -43.14 -44.17 -26.36
C ASN G 184 -44.65 -44.31 -26.53
N ARG G 185 -45.43 -43.84 -25.57
CA ARG G 185 -46.89 -43.83 -25.65
C ARG G 185 -47.33 -42.50 -26.27
N GLN G 186 -48.63 -42.41 -26.58
CA GLN G 186 -49.32 -41.18 -27.01
C GLN G 186 -48.66 -40.56 -28.24
N THR G 187 -48.13 -41.43 -29.12
CA THR G 187 -47.56 -41.01 -30.39
C THR G 187 -48.09 -41.79 -31.58
N ASP G 188 -48.89 -42.83 -31.36
CA ASP G 188 -49.43 -43.63 -32.46
C ASP G 188 -50.73 -43.03 -32.98
N GLN H 1 33.76 5.47 -16.47
CA GLN H 1 34.69 6.62 -16.66
C GLN H 1 34.06 7.66 -17.58
N VAL H 2 34.71 8.81 -17.70
CA VAL H 2 34.24 9.88 -18.58
C VAL H 2 35.45 10.64 -19.11
N GLN H 3 35.36 11.08 -20.35
CA GLN H 3 36.41 11.84 -21.02
C GLN H 3 35.85 13.20 -21.40
N LEU H 4 36.56 14.26 -21.03
CA LEU H 4 36.17 15.63 -21.31
C LEU H 4 37.14 16.23 -22.32
N VAL H 5 36.60 16.92 -23.32
CA VAL H 5 37.40 17.59 -24.34
C VAL H 5 36.91 19.02 -24.50
N GLU H 6 37.84 19.98 -24.48
CA GLU H 6 37.52 21.39 -24.61
C GLU H 6 37.69 21.86 -26.05
N SER H 7 36.94 22.90 -26.39
CA SER H 7 37.07 23.54 -27.70
C SER H 7 36.52 24.95 -27.61
N GLY H 8 36.89 25.76 -28.59
CA GLY H 8 36.42 27.13 -28.67
C GLY H 8 37.30 28.17 -28.04
N GLY H 9 38.53 27.83 -27.67
CA GLY H 9 39.44 28.78 -27.06
C GLY H 9 39.80 29.93 -27.97
N GLY H 403 35.66 40.10 -27.65
CA GLY H 403 34.24 40.28 -27.34
C GLY H 403 33.67 39.16 -26.51
N SER H 404 32.94 38.26 -27.17
CA SER H 404 32.30 37.11 -26.53
C SER H 404 33.00 35.85 -27.01
N LEU H 405 33.49 35.05 -26.06
CA LEU H 405 34.17 33.79 -26.33
C LEU H 405 33.35 32.65 -25.75
N ARG H 406 33.02 31.67 -26.60
CA ARG H 406 32.26 30.49 -26.20
C ARG H 406 33.22 29.32 -26.09
N LEU H 407 33.23 28.68 -24.92
CA LEU H 407 34.06 27.51 -24.65
C LEU H 407 33.15 26.32 -24.40
N SER H 408 33.26 25.30 -25.25
CA SER H 408 32.42 24.11 -25.19
C SER H 408 33.24 22.93 -24.70
N CYS H 409 32.77 22.29 -23.63
CA CYS H 409 33.38 21.09 -23.07
C CYS H 409 32.44 19.92 -23.32
N ALA H 410 32.89 18.95 -24.10
CA ALA H 410 32.10 17.79 -24.47
C ALA H 410 32.53 16.60 -23.63
N ALA H 411 31.55 15.91 -23.04
CA ALA H 411 31.77 14.78 -22.16
C ALA H 411 31.28 13.50 -22.85
N SER H 412 32.09 12.44 -22.77
CA SER H 412 31.75 11.14 -23.34
C SER H 412 32.02 10.06 -22.32
N GLY H 413 31.00 9.24 -22.03
CA GLY H 413 31.12 8.14 -21.10
C GLY H 413 29.96 8.13 -20.10
N HIS H 414 30.27 7.62 -18.90
CA HIS H 414 29.28 7.53 -17.82
C HIS H 414 29.09 8.91 -17.21
N THR H 415 28.30 9.73 -17.89
CA THR H 415 28.05 11.09 -17.43
C THR H 415 27.09 11.13 -16.24
N PHE H 416 26.17 10.16 -16.16
CA PHE H 416 25.17 10.19 -15.09
C PHE H 416 25.80 10.01 -13.72
N ASN H 417 26.80 9.12 -13.61
CA ASN H 417 27.46 8.91 -12.33
C ASN H 417 28.25 10.15 -11.87
N TYR H 418 28.54 11.08 -12.79
CA TYR H 418 29.30 12.29 -12.49
C TYR H 418 28.44 13.47 -12.95
N PRO H 419 27.38 13.80 -12.21
CA PRO H 419 26.42 14.78 -12.74
C PRO H 419 26.96 16.19 -12.85
N ILE H 420 27.62 16.71 -11.84
CA ILE H 420 27.95 18.13 -11.81
C ILE H 420 29.18 18.36 -12.67
N MET H 421 29.21 19.47 -13.41
CA MET H 421 30.41 19.90 -14.12
C MET H 421 30.81 21.30 -13.69
N GLY H 422 32.10 21.46 -13.37
CA GLY H 422 32.65 22.72 -12.94
C GLY H 422 33.75 23.21 -13.87
N TRP H 423 33.98 24.52 -13.85
CA TRP H 423 35.01 25.17 -14.64
C TRP H 423 36.07 25.75 -13.70
N PHE H 424 37.33 25.53 -14.07
CA PHE H 424 38.47 26.01 -13.30
C PHE H 424 39.43 26.73 -14.24
N ARG H 425 40.18 27.67 -13.69
CA ARG H 425 41.17 28.43 -14.44
C ARG H 425 42.49 28.42 -13.69
N GLN H 426 43.59 28.21 -14.42
CA GLN H 426 44.94 28.23 -13.87
C GLN H 426 45.78 29.17 -14.73
N ALA H 427 45.99 30.38 -14.23
CA ALA H 427 46.88 31.32 -14.89
C ALA H 427 48.33 30.90 -14.64
N PRO H 428 49.26 31.30 -15.51
CA PRO H 428 50.67 30.87 -15.33
C PRO H 428 51.25 31.38 -14.03
N GLY H 429 51.75 30.45 -13.22
CA GLY H 429 52.29 30.76 -11.91
C GLY H 429 51.27 30.90 -10.80
N LYS H 430 49.98 30.80 -11.12
CA LYS H 430 48.90 30.96 -10.15
C LYS H 430 48.16 29.62 -9.97
N GLU H 431 47.55 29.46 -8.81
CA GLU H 431 46.90 28.20 -8.46
C GLU H 431 45.58 28.06 -9.21
N ARG H 432 45.17 26.79 -9.39
CA ARG H 432 43.89 26.51 -10.00
C ARG H 432 42.76 27.08 -9.14
N GLU H 433 41.80 27.75 -9.79
CA GLU H 433 40.73 28.47 -9.11
C GLU H 433 39.39 28.16 -9.76
N PHE H 434 38.40 27.86 -8.93
CA PHE H 434 37.04 27.60 -9.38
C PHE H 434 36.42 28.88 -9.92
N VAL H 435 35.60 28.76 -10.97
CA VAL H 435 34.86 29.89 -11.53
C VAL H 435 33.35 29.65 -11.52
N GLY H 436 32.89 28.44 -11.86
CA GLY H 436 31.47 28.19 -11.90
C GLY H 436 31.16 26.71 -12.02
N ALA H 437 29.88 26.39 -11.87
CA ALA H 437 29.44 25.01 -11.84
C ALA H 437 27.98 24.92 -12.29
N ILE H 438 27.67 23.80 -12.96
CA ILE H 438 26.36 23.51 -13.50
C ILE H 438 25.95 22.10 -13.06
N SER H 439 24.68 21.95 -12.72
CA SER H 439 24.12 20.69 -12.26
C SER H 439 23.73 19.81 -13.45
N TRP H 440 23.03 18.71 -13.15
CA TRP H 440 22.73 17.71 -14.17
C TRP H 440 21.58 18.15 -15.06
N SER H 441 20.46 18.53 -14.44
CA SER H 441 19.24 18.83 -15.19
C SER H 441 19.18 20.26 -15.73
N GLY H 442 20.31 20.95 -15.83
CA GLY H 442 20.31 22.33 -16.25
C GLY H 442 19.82 23.26 -15.15
N GLY H 443 20.30 24.50 -15.21
CA GLY H 443 20.00 25.45 -14.17
C GLY H 443 20.82 25.18 -12.92
N SER H 444 20.44 25.85 -11.83
CA SER H 444 21.14 25.77 -10.56
C SER H 444 22.61 26.17 -10.73
N THR H 445 22.86 27.12 -11.61
CA THR H 445 24.22 27.57 -11.88
C THR H 445 24.80 28.27 -10.65
N SER H 446 26.07 28.00 -10.38
CA SER H 446 26.81 28.69 -9.33
C SER H 446 28.04 29.32 -9.96
N TYR H 447 28.45 30.48 -9.43
CA TYR H 447 29.58 31.22 -9.96
C TYR H 447 30.44 31.74 -8.81
N ALA H 448 31.71 31.95 -9.11
CA ALA H 448 32.62 32.57 -8.16
C ALA H 448 32.31 34.07 -8.06
N ASP H 449 32.77 34.67 -6.96
CA ASP H 449 32.52 36.08 -6.73
C ASP H 449 33.23 36.95 -7.76
N SER H 450 34.42 36.53 -8.20
CA SER H 450 35.21 37.35 -9.10
C SER H 450 34.57 37.49 -10.48
N VAL H 451 33.78 36.49 -10.91
CA VAL H 451 33.23 36.46 -12.27
C VAL H 451 31.70 36.46 -12.22
N LYS H 452 31.12 37.09 -11.20
CA LYS H 452 29.67 37.18 -11.12
C LYS H 452 29.15 38.23 -12.10
N ASP H 453 28.02 37.92 -12.72
CA ASP H 453 27.32 38.77 -13.68
C ASP H 453 28.15 39.06 -14.94
N ARG H 454 29.22 38.29 -15.18
CA ARG H 454 30.03 38.40 -16.38
C ARG H 454 30.05 37.10 -17.19
N PHE H 455 30.19 35.96 -16.52
CA PHE H 455 30.20 34.66 -17.16
C PHE H 455 28.91 33.93 -16.82
N THR H 456 28.40 33.16 -17.77
CA THR H 456 27.14 32.44 -17.61
C THR H 456 27.25 31.07 -18.24
N ILE H 457 27.29 30.03 -17.41
CA ILE H 457 27.44 28.65 -17.86
C ILE H 457 26.07 28.09 -18.21
N SER H 458 26.02 27.24 -19.23
CA SER H 458 24.78 26.61 -19.64
C SER H 458 25.09 25.27 -20.29
N ARG H 459 24.09 24.41 -20.33
CA ARG H 459 24.21 23.08 -20.94
C ARG H 459 22.91 22.73 -21.65
N ASP H 460 23.06 22.12 -22.83
CA ASP H 460 21.92 21.64 -23.62
C ASP H 460 21.81 20.12 -23.62
N ASN H 461 22.92 19.41 -23.46
CA ASN H 461 22.98 17.95 -23.46
C ASN H 461 22.51 17.35 -24.78
N ALA H 462 22.55 18.10 -25.87
CA ALA H 462 22.28 17.53 -27.19
C ALA H 462 23.30 16.46 -27.52
N LYS H 463 24.59 16.79 -27.36
CA LYS H 463 25.70 15.86 -27.52
C LYS H 463 26.53 15.78 -26.24
N ASN H 464 25.91 16.03 -25.08
CA ASN H 464 26.60 16.12 -23.80
C ASN H 464 27.72 17.17 -23.87
N THR H 465 27.28 18.42 -24.03
CA THR H 465 28.17 19.56 -24.14
C THR H 465 27.76 20.62 -23.13
N VAL H 466 28.75 21.24 -22.50
CA VAL H 466 28.57 22.31 -21.52
C VAL H 466 29.27 23.55 -22.05
N TYR H 467 28.54 24.66 -22.11
CA TYR H 467 29.04 25.91 -22.70
C TYR H 467 29.28 26.94 -21.59
N LEU H 468 30.50 27.45 -21.53
CA LEU H 468 30.82 28.49 -20.57
C LEU H 468 30.28 29.86 -20.97
N GLU H 469 30.32 30.18 -22.26
CA GLU H 469 29.79 31.45 -22.79
C GLU H 469 30.44 32.63 -22.07
N MET H 470 31.75 32.74 -22.29
CA MET H 470 32.56 33.71 -21.55
C MET H 470 32.39 35.10 -22.17
N ASN H 471 31.98 36.06 -21.35
CA ASN H 471 31.65 37.42 -21.79
C ASN H 471 32.31 38.43 -20.88
N ASN H 472 32.43 39.66 -21.38
CA ASN H 472 33.06 40.77 -20.66
C ASN H 472 34.48 40.38 -20.28
N LEU H 473 35.28 40.05 -21.30
CA LEU H 473 36.61 39.53 -21.07
C LEU H 473 37.55 40.66 -20.67
N LYS H 474 38.27 40.45 -19.56
CA LYS H 474 39.19 41.42 -18.98
C LYS H 474 40.62 40.87 -19.04
N PRO H 475 41.64 41.72 -19.06
CA PRO H 475 43.01 41.20 -19.18
C PRO H 475 43.42 40.28 -18.04
N GLU H 476 42.84 40.46 -16.84
CA GLU H 476 43.12 39.53 -15.76
C GLU H 476 42.52 38.15 -16.01
N ASP H 477 41.51 38.05 -16.88
CA ASP H 477 40.86 36.77 -17.16
C ASP H 477 41.60 36.04 -18.29
N THR H 478 42.86 35.74 -18.03
CA THR H 478 43.71 34.95 -18.92
C THR H 478 44.27 33.78 -18.12
N ALA H 479 44.06 32.57 -18.62
CA ALA H 479 44.44 31.37 -17.87
C ALA H 479 44.13 30.15 -18.73
N VAL H 480 44.65 29.00 -18.29
CA VAL H 480 44.28 27.72 -18.88
C VAL H 480 42.97 27.29 -18.25
N TYR H 481 41.93 27.14 -19.07
CA TYR H 481 40.60 26.79 -18.60
C TYR H 481 40.38 25.30 -18.75
N TYR H 482 39.89 24.68 -17.67
CA TYR H 482 39.60 23.25 -17.63
C TYR H 482 38.15 23.05 -17.20
N CYS H 483 37.55 21.98 -17.71
CA CYS H 483 36.25 21.52 -17.27
C CYS H 483 36.43 20.17 -16.58
N ALA H 484 35.79 20.02 -15.42
CA ALA H 484 35.94 18.84 -14.59
C ALA H 484 34.57 18.34 -14.16
N ALA H 485 34.51 17.06 -13.82
CA ALA H 485 33.28 16.38 -13.45
C ALA H 485 33.30 16.03 -11.97
N LYS H 486 32.15 16.14 -11.31
CA LYS H 486 32.00 15.90 -9.89
C LYS H 486 30.79 15.01 -9.66
N GLY H 487 30.97 14.03 -8.78
CA GLY H 487 29.97 13.04 -8.47
C GLY H 487 28.81 13.61 -7.67
N ARG H 488 27.83 12.75 -7.42
CA ARG H 488 26.65 13.17 -6.67
C ARG H 488 26.99 13.43 -5.20
N TYR H 489 27.93 12.66 -4.65
CA TYR H 489 28.39 12.81 -3.27
C TYR H 489 29.90 12.97 -3.31
N SER H 490 30.38 14.21 -3.42
CA SER H 490 31.81 14.50 -3.47
C SER H 490 32.19 15.63 -2.51
N GLY H 491 31.26 16.54 -2.23
CA GLY H 491 31.49 17.63 -1.30
C GLY H 491 31.28 18.99 -1.96
N GLY H 492 32.11 19.96 -1.56
CA GLY H 492 31.94 21.31 -2.04
C GLY H 492 32.37 21.48 -3.48
N LEU H 493 31.81 22.50 -4.12
CA LEU H 493 32.09 22.80 -5.52
C LEU H 493 33.43 23.49 -5.71
N TYR H 494 33.91 24.22 -4.70
CA TYR H 494 35.00 25.17 -4.87
C TYR H 494 36.38 24.54 -4.72
N TYR H 495 36.47 23.22 -4.55
CA TYR H 495 37.70 22.54 -4.18
C TYR H 495 38.13 21.60 -5.31
N PRO H 496 39.29 21.76 -5.95
CA PRO H 496 39.63 20.87 -7.07
C PRO H 496 39.74 19.40 -6.68
N THR H 497 40.07 19.10 -5.42
CA THR H 497 40.29 17.71 -5.03
C THR H 497 39.02 16.87 -5.15
N ASN H 498 37.86 17.50 -4.98
CA ASN H 498 36.59 16.78 -5.05
C ASN H 498 36.20 16.35 -6.46
N TYR H 499 36.91 16.83 -7.49
CA TYR H 499 36.58 16.55 -8.88
C TYR H 499 37.40 15.37 -9.37
N ASP H 500 36.73 14.41 -10.01
CA ASP H 500 37.37 13.16 -10.39
C ASP H 500 38.20 13.32 -11.65
N TYR H 501 37.55 13.67 -12.77
CA TYR H 501 38.17 13.67 -14.09
C TYR H 501 38.32 15.11 -14.59
N TRP H 502 39.49 15.42 -15.11
CA TRP H 502 39.82 16.72 -15.67
C TRP H 502 40.09 16.61 -17.15
N GLY H 503 39.67 17.62 -17.91
CA GLY H 503 39.91 17.66 -19.34
C GLY H 503 41.32 18.09 -19.67
N GLN H 504 41.61 18.11 -20.98
CA GLN H 504 42.94 18.45 -21.44
C GLN H 504 43.29 19.90 -21.09
N GLY H 505 42.34 20.81 -21.24
CA GLY H 505 42.55 22.22 -20.94
C GLY H 505 42.81 23.05 -22.19
N THR H 506 42.18 24.22 -22.25
CA THR H 506 42.29 25.12 -23.40
C THR H 506 42.89 26.45 -22.96
N GLN H 507 43.75 27.02 -23.80
CA GLN H 507 44.48 28.25 -23.49
C GLN H 507 43.77 29.44 -24.09
N VAL H 508 43.64 30.51 -23.31
CA VAL H 508 43.10 31.79 -23.76
C VAL H 508 44.04 32.88 -23.27
N THR H 509 44.54 33.70 -24.20
CA THR H 509 45.50 34.76 -23.91
C THR H 509 45.02 36.05 -24.56
N VAL H 510 44.20 36.81 -23.84
CA VAL H 510 43.76 38.13 -24.28
C VAL H 510 43.08 38.85 -23.14
N GLN I 1 5.13 41.27 -6.08
CA GLN I 1 4.52 41.12 -7.44
C GLN I 1 3.00 40.98 -7.31
N VAL I 2 2.38 41.88 -6.55
CA VAL I 2 0.93 41.93 -6.41
C VAL I 2 0.50 43.39 -6.50
N GLN I 3 0.07 43.80 -7.69
CA GLN I 3 -0.43 45.15 -7.91
C GLN I 3 -1.90 45.19 -7.49
N LEU I 4 -2.19 46.01 -6.48
CA LEU I 4 -3.53 46.13 -5.91
C LEU I 4 -4.06 47.52 -6.21
N VAL I 5 -5.30 47.58 -6.73
CA VAL I 5 -5.98 48.83 -7.02
C VAL I 5 -7.37 48.76 -6.39
N GLU I 6 -7.64 49.67 -5.47
CA GLU I 6 -8.93 49.76 -4.79
C GLU I 6 -9.70 50.94 -5.34
N SER I 7 -11.00 50.75 -5.55
CA SER I 7 -11.87 51.79 -6.09
C SER I 7 -13.20 51.77 -5.36
N GLY I 8 -13.87 52.92 -5.34
CA GLY I 8 -15.16 53.07 -4.71
C GLY I 8 -15.14 54.05 -3.54
N GLY I 9 -15.86 55.16 -3.68
CA GLY I 9 -15.93 56.16 -2.63
C GLY I 9 -14.59 56.79 -2.31
N LEU I 405 -21.98 51.82 0.77
CA LEU I 405 -21.11 52.11 -0.36
C LEU I 405 -20.30 50.87 -0.72
N ARG I 406 -20.09 50.64 -2.01
CA ARG I 406 -19.39 49.46 -2.50
C ARG I 406 -17.97 49.83 -2.89
N LEU I 407 -17.01 49.04 -2.41
CA LEU I 407 -15.61 49.14 -2.78
C LEU I 407 -15.19 47.84 -3.45
N SER I 408 -14.23 47.94 -4.37
CA SER I 408 -13.69 46.77 -5.07
C SER I 408 -12.18 46.89 -5.14
N CYS I 409 -11.48 45.82 -4.76
CA CYS I 409 -10.02 45.79 -4.77
C CYS I 409 -9.54 44.71 -5.73
N ALA I 410 -9.02 45.14 -6.88
CA ALA I 410 -8.54 44.24 -7.93
C ALA I 410 -7.06 44.00 -7.73
N ALA I 411 -6.67 42.72 -7.80
CA ALA I 411 -5.28 42.29 -7.63
C ALA I 411 -4.78 41.65 -8.91
N SER I 412 -3.55 41.97 -9.29
CA SER I 412 -2.91 41.42 -10.49
C SER I 412 -1.51 40.96 -10.13
N GLY I 413 -1.17 39.73 -10.52
CA GLY I 413 0.15 39.18 -10.29
C GLY I 413 0.12 37.79 -9.69
N HIS I 414 1.10 37.47 -8.85
CA HIS I 414 1.17 36.18 -8.18
C HIS I 414 0.27 36.21 -6.94
N THR I 415 -1.04 36.23 -7.21
CA THR I 415 -2.02 36.36 -6.14
C THR I 415 -2.12 35.11 -5.28
N PHE I 416 -1.71 33.95 -5.80
CA PHE I 416 -1.77 32.73 -4.99
C PHE I 416 -0.80 32.79 -3.82
N ASN I 417 0.39 33.38 -4.05
CA ASN I 417 1.39 33.46 -3.00
C ASN I 417 0.95 34.37 -1.85
N TYR I 418 -0.09 35.18 -2.04
CA TYR I 418 -0.56 36.12 -1.02
C TYR I 418 -2.06 35.88 -0.84
N PRO I 419 -2.44 34.74 -0.24
CA PRO I 419 -3.84 34.32 -0.24
C PRO I 419 -4.81 35.24 0.50
N ILE I 420 -4.55 35.50 1.78
CA ILE I 420 -5.49 36.26 2.61
C ILE I 420 -5.34 37.73 2.29
N MET I 421 -6.44 38.39 1.93
CA MET I 421 -6.45 39.84 1.69
C MET I 421 -7.50 40.50 2.57
N GLY I 422 -7.17 41.69 3.06
CA GLY I 422 -8.03 42.41 3.98
C GLY I 422 -8.03 43.91 3.78
N TRP I 423 -8.76 44.60 4.65
CA TRP I 423 -8.98 46.03 4.57
C TRP I 423 -8.52 46.70 5.86
N PHE I 424 -7.94 47.88 5.73
CA PHE I 424 -7.57 48.71 6.86
C PHE I 424 -8.07 50.12 6.60
N ARG I 425 -8.26 50.88 7.68
CA ARG I 425 -8.72 52.26 7.57
C ARG I 425 -7.88 53.16 8.46
N GLN I 426 -7.56 54.35 7.95
CA GLN I 426 -6.74 55.34 8.65
C GLN I 426 -7.47 56.67 8.66
N ALA I 427 -7.91 57.09 9.83
CA ALA I 427 -8.48 58.42 10.00
C ALA I 427 -7.36 59.45 10.12
N PRO I 428 -7.67 60.74 9.93
CA PRO I 428 -6.64 61.76 10.13
C PRO I 428 -6.12 61.74 11.56
N GLY I 429 -4.79 61.84 11.69
CA GLY I 429 -4.17 61.79 13.01
C GLY I 429 -4.40 60.49 13.73
N LYS I 430 -4.47 59.36 13.01
CA LYS I 430 -4.68 58.06 13.61
C LYS I 430 -3.91 57.02 12.83
N GLU I 431 -3.71 55.86 13.45
CA GLU I 431 -3.02 54.74 12.84
C GLU I 431 -4.01 53.86 12.08
N ARG I 432 -3.49 53.09 11.12
CA ARG I 432 -4.31 52.13 10.39
C ARG I 432 -4.88 51.09 11.35
N GLU I 433 -6.17 50.82 11.21
CA GLU I 433 -6.87 49.83 12.03
C GLU I 433 -7.57 48.83 11.12
N PHE I 434 -7.56 47.57 11.56
CA PHE I 434 -8.14 46.47 10.79
C PHE I 434 -9.65 46.67 10.62
N VAL I 435 -10.16 46.22 9.47
CA VAL I 435 -11.59 46.31 9.18
C VAL I 435 -12.20 44.99 8.76
N GLY I 436 -11.42 44.04 8.22
CA GLY I 436 -11.97 42.76 7.81
C GLY I 436 -11.10 42.08 6.78
N ALA I 437 -10.96 40.75 6.91
CA ALA I 437 -10.08 39.95 6.06
C ALA I 437 -10.86 38.79 5.47
N ILE I 438 -10.40 38.31 4.32
CA ILE I 438 -11.03 37.23 3.57
C ILE I 438 -9.94 36.30 3.06
N SER I 439 -10.20 34.99 3.11
CA SER I 439 -9.25 33.99 2.67
C SER I 439 -9.28 33.83 1.15
N TRP I 440 -8.44 32.93 0.65
CA TRP I 440 -8.31 32.74 -0.78
C TRP I 440 -9.51 32.00 -1.37
N SER I 441 -9.92 30.91 -0.73
CA SER I 441 -10.90 29.98 -1.28
C SER I 441 -12.25 30.18 -0.61
N GLY I 442 -13.26 30.50 -1.42
CA GLY I 442 -14.63 30.55 -0.95
C GLY I 442 -14.87 31.60 0.13
N GLY I 443 -15.90 31.34 0.92
CA GLY I 443 -16.30 32.24 1.98
C GLY I 443 -15.70 31.87 3.32
N SER I 444 -14.63 32.57 3.70
CA SER I 444 -14.01 32.40 5.01
C SER I 444 -13.41 33.75 5.38
N THR I 445 -14.16 34.52 6.17
CA THR I 445 -13.84 35.91 6.46
C THR I 445 -13.90 36.17 7.96
N SER I 446 -13.19 37.21 8.38
CA SER I 446 -13.22 37.70 9.75
C SER I 446 -13.41 39.20 9.73
N TYR I 447 -14.08 39.72 10.77
CA TYR I 447 -14.40 41.14 10.87
C TYR I 447 -14.06 41.64 12.27
N ALA I 448 -13.78 42.94 12.34
CA ALA I 448 -13.54 43.57 13.64
C ALA I 448 -14.85 43.77 14.38
N ASP I 449 -14.81 43.62 15.70
CA ASP I 449 -16.02 43.75 16.51
C ASP I 449 -16.56 45.18 16.46
N SER I 450 -15.68 46.17 16.35
CA SER I 450 -16.12 47.57 16.37
C SER I 450 -16.97 47.92 15.15
N VAL I 451 -16.84 47.18 14.06
CA VAL I 451 -17.55 47.49 12.81
C VAL I 451 -18.29 46.26 12.28
N LYS I 452 -18.56 45.29 13.15
CA LYS I 452 -19.26 44.10 12.72
C LYS I 452 -20.70 44.42 12.33
N ASP I 453 -21.23 43.66 11.37
CA ASP I 453 -22.61 43.78 10.90
C ASP I 453 -22.92 45.12 10.22
N ARG I 454 -21.88 45.90 9.90
CA ARG I 454 -22.02 47.12 9.12
C ARG I 454 -21.01 47.19 7.97
N PHE I 455 -19.97 46.36 8.00
CA PHE I 455 -19.11 46.15 6.85
C PHE I 455 -19.15 44.67 6.50
N THR I 456 -19.28 44.37 5.21
CA THR I 456 -19.32 43.00 4.71
C THR I 456 -18.28 42.86 3.61
N ILE I 457 -17.66 41.68 3.51
CA ILE I 457 -16.63 41.39 2.54
C ILE I 457 -16.99 40.11 1.80
N SER I 458 -16.84 40.13 0.47
CA SER I 458 -17.08 38.96 -0.37
C SER I 458 -15.95 38.86 -1.38
N ARG I 459 -15.83 37.68 -2.00
CA ARG I 459 -14.76 37.37 -2.93
C ARG I 459 -15.33 36.85 -4.24
N ASP I 460 -14.63 37.12 -5.34
CA ASP I 460 -14.89 36.52 -6.63
C ASP I 460 -13.59 35.95 -7.18
N ASN I 461 -13.68 34.84 -7.90
CA ASN I 461 -12.51 34.20 -8.51
C ASN I 461 -12.19 34.91 -9.82
N ALA I 462 -11.70 36.14 -9.68
CA ALA I 462 -11.43 37.00 -10.83
C ALA I 462 -10.38 38.02 -10.44
N LYS I 463 -9.94 38.79 -11.44
CA LYS I 463 -8.95 39.84 -11.18
C LYS I 463 -9.53 40.93 -10.28
N ASN I 464 -10.84 41.21 -10.44
CA ASN I 464 -11.50 42.15 -9.55
C ASN I 464 -11.43 41.69 -8.10
N THR I 465 -11.48 40.37 -7.88
CA THR I 465 -11.13 39.76 -6.59
C THR I 465 -12.17 40.16 -5.55
N VAL I 466 -11.82 40.99 -4.56
CA VAL I 466 -12.67 41.14 -3.38
C VAL I 466 -13.50 42.42 -3.46
N TYR I 467 -14.71 42.33 -2.91
CA TYR I 467 -15.65 43.44 -2.81
C TYR I 467 -15.98 43.68 -1.34
N LEU I 468 -16.23 44.95 -1.00
CA LEU I 468 -16.61 45.37 0.34
C LEU I 468 -17.90 46.19 0.24
N GLU I 469 -18.79 45.99 1.20
CA GLU I 469 -20.08 46.69 1.27
C GLU I 469 -20.15 47.40 2.60
N MET I 470 -20.56 48.67 2.57
CA MET I 470 -20.58 49.56 3.72
C MET I 470 -22.00 50.00 4.03
N ASN I 471 -22.31 50.04 5.33
CA ASN I 471 -23.59 50.55 5.81
C ASN I 471 -23.33 51.40 7.05
N ASN I 472 -24.34 52.16 7.46
CA ASN I 472 -24.30 52.95 8.69
C ASN I 472 -23.14 53.94 8.69
N LEU I 473 -23.18 54.92 7.78
CA LEU I 473 -22.15 55.94 7.76
C LEU I 473 -22.18 56.75 9.06
N LYS I 474 -20.99 57.05 9.58
CA LYS I 474 -20.86 57.72 10.87
C LYS I 474 -19.66 58.65 10.79
N PRO I 475 -19.56 59.61 11.72
CA PRO I 475 -18.37 60.47 11.74
C PRO I 475 -17.08 59.75 12.10
N GLU I 476 -17.15 58.51 12.59
CA GLU I 476 -15.97 57.70 12.85
C GLU I 476 -15.53 56.89 11.63
N ASP I 477 -16.22 57.04 10.50
CA ASP I 477 -15.86 56.40 9.24
C ASP I 477 -15.10 57.34 8.30
N THR I 478 -14.68 58.51 8.80
CA THR I 478 -13.94 59.48 7.99
C THR I 478 -12.47 59.09 7.92
N ALA I 479 -12.22 57.96 7.24
CA ALA I 479 -10.89 57.38 7.14
C ALA I 479 -10.64 56.91 5.71
N VAL I 480 -9.39 57.02 5.28
CA VAL I 480 -8.98 56.47 4.00
C VAL I 480 -8.80 54.97 4.15
N TYR I 481 -9.35 54.20 3.21
CA TYR I 481 -9.39 52.75 3.28
C TYR I 481 -8.38 52.15 2.32
N TYR I 482 -7.47 51.34 2.86
CA TYR I 482 -6.47 50.63 2.08
C TYR I 482 -6.82 49.15 1.99
N CYS I 483 -6.47 48.56 0.86
CA CYS I 483 -6.60 47.12 0.60
C CYS I 483 -5.21 46.51 0.63
N ALA I 484 -5.06 45.43 1.39
CA ALA I 484 -3.75 44.81 1.60
C ALA I 484 -3.86 43.30 1.42
N ALA I 485 -2.72 42.68 1.13
CA ALA I 485 -2.60 41.23 0.99
C ALA I 485 -1.46 40.75 1.88
N LYS I 486 -1.59 39.52 2.37
CA LYS I 486 -0.67 38.95 3.33
C LYS I 486 -0.12 37.62 2.84
N GLY I 487 1.09 37.29 3.28
CA GLY I 487 1.66 36.00 2.98
C GLY I 487 0.90 34.88 3.66
N ARG I 488 1.15 33.66 3.17
CA ARG I 488 0.43 32.50 3.70
C ARG I 488 0.76 32.26 5.16
N TYR I 489 2.03 32.38 5.53
CA TYR I 489 2.51 32.06 6.87
C TYR I 489 2.80 33.30 7.72
N SER I 490 2.49 34.49 7.22
CA SER I 490 2.70 35.72 8.00
C SER I 490 1.53 35.87 8.96
N GLY I 491 1.68 35.28 10.15
CA GLY I 491 0.58 35.26 11.10
C GLY I 491 0.23 36.63 11.62
N GLY I 492 -1.04 36.80 11.97
CA GLY I 492 -1.55 38.04 12.51
C GLY I 492 -2.34 38.85 11.50
N LEU I 493 -3.66 38.75 11.55
CA LEU I 493 -4.51 39.48 10.61
C LEU I 493 -4.57 40.97 10.95
N TYR I 494 -4.69 41.30 12.23
CA TYR I 494 -5.01 42.66 12.64
C TYR I 494 -3.84 43.62 12.52
N TYR I 495 -2.61 43.12 12.31
CA TYR I 495 -1.42 43.94 12.37
C TYR I 495 -1.01 44.37 10.96
N PRO I 496 -1.00 45.67 10.63
CA PRO I 496 -0.62 46.07 9.26
C PRO I 496 0.78 45.63 8.85
N THR I 497 1.72 45.55 9.79
CA THR I 497 3.11 45.26 9.44
C THR I 497 3.28 43.88 8.81
N ASN I 498 2.39 42.94 9.10
CA ASN I 498 2.46 41.62 8.49
C ASN I 498 2.09 41.63 7.01
N TYR I 499 1.49 42.71 6.51
CA TYR I 499 1.06 42.80 5.12
C TYR I 499 2.17 43.42 4.28
N ASP I 500 2.35 42.91 3.07
CA ASP I 500 3.47 43.29 2.21
C ASP I 500 3.08 44.38 1.21
N TYR I 501 2.07 44.12 0.38
CA TYR I 501 1.70 44.99 -0.73
C TYR I 501 0.36 45.67 -0.43
N TRP I 502 0.35 46.99 -0.49
CA TRP I 502 -0.81 47.81 -0.19
C TRP I 502 -1.34 48.48 -1.44
N GLY I 503 -2.59 48.94 -1.35
CA GLY I 503 -3.21 49.70 -2.42
C GLY I 503 -3.03 51.19 -2.22
N GLN I 504 -4.14 51.93 -2.16
CA GLN I 504 -4.12 53.36 -1.90
C GLN I 504 -5.30 53.71 -0.99
N GLY I 505 -5.36 54.98 -0.61
CA GLY I 505 -6.39 55.46 0.32
C GLY I 505 -7.54 56.09 -0.42
N THR I 506 -8.76 55.72 -0.03
CA THR I 506 -10.00 56.27 -0.56
C THR I 506 -10.75 56.95 0.58
N GLN I 507 -10.80 58.28 0.56
CA GLN I 507 -11.42 59.03 1.64
C GLN I 507 -12.94 58.87 1.57
N VAL I 508 -13.55 58.55 2.72
CA VAL I 508 -14.98 58.28 2.82
C VAL I 508 -15.59 59.25 3.83
N THR I 509 -15.09 60.48 3.87
CA THR I 509 -15.59 61.47 4.82
C THR I 509 -17.08 61.71 4.63
N VAL I 510 -17.78 61.88 5.74
CA VAL I 510 -19.23 62.06 5.72
C VAL I 510 -19.58 63.41 5.09
N GLN J 1 15.36 -31.95 -0.29
CA GLN J 1 16.80 -32.34 -0.47
C GLN J 1 17.27 -32.00 -1.88
N VAL J 2 18.58 -32.16 -2.11
CA VAL J 2 19.18 -32.00 -3.43
C VAL J 2 20.20 -33.10 -3.63
N GLN J 3 20.21 -33.67 -4.83
CA GLN J 3 21.18 -34.68 -5.25
C GLN J 3 22.16 -34.01 -6.21
N LEU J 4 23.44 -34.05 -5.87
CA LEU J 4 24.50 -33.47 -6.67
C LEU J 4 25.35 -34.58 -7.29
N VAL J 5 25.72 -34.37 -8.55
CA VAL J 5 26.57 -35.31 -9.27
C VAL J 5 27.64 -34.53 -10.03
N GLU J 6 28.91 -34.83 -9.74
CA GLU J 6 30.03 -34.21 -10.42
C GLU J 6 30.52 -35.12 -11.54
N SER J 7 30.96 -34.50 -12.63
CA SER J 7 31.45 -35.22 -13.81
C SER J 7 32.72 -34.53 -14.30
N GLY J 8 33.19 -34.94 -15.46
CA GLY J 8 34.42 -34.41 -16.01
C GLY J 8 35.64 -34.96 -15.30
N GLY J 9 36.77 -34.30 -15.56
CA GLY J 9 38.04 -34.70 -14.97
C GLY J 9 38.69 -35.85 -15.70
N GLY J 403 45.91 -26.85 -21.10
CA GLY J 403 45.12 -27.66 -20.18
C GLY J 403 43.79 -27.02 -19.84
N SER J 404 42.84 -27.14 -20.75
CA SER J 404 41.49 -26.59 -20.58
C SER J 404 40.58 -27.71 -20.07
N LEU J 405 40.34 -27.72 -18.75
CA LEU J 405 39.49 -28.71 -18.11
C LEU J 405 38.25 -28.02 -17.58
N ARG J 406 37.09 -28.65 -17.80
CA ARG J 406 35.79 -28.13 -17.38
C ARG J 406 35.07 -29.21 -16.59
N LEU J 407 34.96 -29.02 -15.28
CA LEU J 407 34.15 -29.89 -14.43
C LEU J 407 32.71 -29.38 -14.42
N SER J 408 31.77 -30.30 -14.18
CA SER J 408 30.36 -29.98 -14.18
C SER J 408 29.67 -30.67 -13.01
N CYS J 409 28.99 -29.87 -12.18
CA CYS J 409 28.21 -30.36 -11.05
C CYS J 409 26.74 -30.13 -11.35
N ALA J 410 25.99 -31.22 -11.54
CA ALA J 410 24.58 -31.16 -11.87
C ALA J 410 23.76 -31.43 -10.60
N ALA J 411 22.75 -30.59 -10.37
CA ALA J 411 21.91 -30.66 -9.19
C ALA J 411 20.49 -31.02 -9.59
N SER J 412 19.84 -31.85 -8.77
CA SER J 412 18.45 -32.23 -8.97
C SER J 412 17.72 -32.16 -7.63
N GLY J 413 16.42 -31.86 -7.69
CA GLY J 413 15.58 -31.77 -6.51
C GLY J 413 15.23 -30.35 -6.13
N HIS J 414 15.17 -30.08 -4.83
CA HIS J 414 14.80 -28.75 -4.32
C HIS J 414 16.03 -27.84 -4.35
N THR J 415 16.45 -27.52 -5.58
CA THR J 415 17.66 -26.71 -5.75
C THR J 415 17.48 -25.29 -5.25
N PHE J 416 16.25 -24.78 -5.25
CA PHE J 416 16.01 -23.40 -4.84
C PHE J 416 16.31 -23.21 -3.35
N ASN J 417 15.97 -24.20 -2.52
CA ASN J 417 16.20 -24.07 -1.09
C ASN J 417 17.68 -24.04 -0.72
N TYR J 418 18.56 -24.44 -1.64
CA TYR J 418 20.01 -24.47 -1.41
C TYR J 418 20.67 -23.72 -2.56
N PRO J 419 20.51 -22.39 -2.62
CA PRO J 419 20.93 -21.63 -3.81
C PRO J 419 22.44 -21.64 -4.06
N ILE J 420 23.22 -21.27 -3.04
CA ILE J 420 24.66 -21.16 -3.22
C ILE J 420 25.25 -22.54 -3.45
N MET J 421 26.15 -22.64 -4.43
CA MET J 421 26.87 -23.88 -4.72
C MET J 421 28.37 -23.62 -4.70
N GLY J 422 29.10 -24.47 -4.00
CA GLY J 422 30.52 -24.28 -3.78
C GLY J 422 31.34 -25.47 -4.23
N TRP J 423 32.47 -25.19 -4.85
CA TRP J 423 33.45 -26.19 -5.24
C TRP J 423 34.57 -26.24 -4.21
N PHE J 424 34.95 -27.45 -3.82
CA PHE J 424 36.05 -27.71 -2.90
C PHE J 424 37.02 -28.69 -3.55
N ARG J 425 38.23 -28.75 -3.01
CA ARG J 425 39.23 -29.71 -3.45
C ARG J 425 39.90 -30.35 -2.24
N GLN J 426 40.20 -31.65 -2.35
CA GLN J 426 40.87 -32.41 -1.30
C GLN J 426 41.99 -33.21 -1.95
N ALA J 427 43.21 -32.71 -1.81
CA ALA J 427 44.39 -33.45 -2.25
C ALA J 427 44.67 -34.58 -1.26
N PRO J 428 45.49 -35.57 -1.65
CA PRO J 428 45.83 -36.63 -0.70
C PRO J 428 46.51 -36.08 0.54
N GLY J 429 46.08 -36.57 1.70
CA GLY J 429 46.59 -36.08 2.98
C GLY J 429 45.95 -34.80 3.48
N LYS J 430 45.88 -33.78 2.64
CA LYS J 430 45.32 -32.50 3.04
C LYS J 430 43.80 -32.60 3.22
N GLU J 431 43.27 -31.69 4.02
CA GLU J 431 41.83 -31.59 4.24
C GLU J 431 41.16 -30.82 3.11
N ARG J 432 39.84 -30.79 3.13
CA ARG J 432 39.08 -30.06 2.12
C ARG J 432 39.40 -28.57 2.17
N GLU J 433 39.57 -27.98 0.99
CA GLU J 433 39.86 -26.56 0.83
C GLU J 433 38.82 -25.95 -0.10
N PHE J 434 38.43 -24.71 0.19
CA PHE J 434 37.37 -24.02 -0.54
C PHE J 434 37.95 -23.44 -1.83
N VAL J 435 37.55 -24.00 -2.98
CA VAL J 435 38.03 -23.51 -4.26
C VAL J 435 37.19 -22.32 -4.72
N GLY J 436 35.87 -22.45 -4.69
CA GLY J 436 35.04 -21.35 -5.18
C GLY J 436 33.59 -21.49 -4.78
N ALA J 437 32.83 -20.44 -5.08
CA ALA J 437 31.41 -20.38 -4.73
C ALA J 437 30.67 -19.51 -5.73
N ILE J 438 29.43 -19.90 -6.03
CA ILE J 438 28.57 -19.23 -6.99
C ILE J 438 27.17 -19.12 -6.40
N SER J 439 26.49 -18.02 -6.74
CA SER J 439 25.18 -17.69 -6.20
C SER J 439 24.08 -18.32 -7.05
N TRP J 440 22.84 -17.92 -6.80
CA TRP J 440 21.70 -18.44 -7.55
C TRP J 440 21.53 -17.74 -8.89
N SER J 441 21.54 -16.40 -8.89
CA SER J 441 21.33 -15.64 -10.10
C SER J 441 22.47 -15.74 -11.10
N GLY J 442 23.61 -16.30 -10.71
CA GLY J 442 24.76 -16.45 -11.58
C GLY J 442 25.82 -15.38 -11.41
N GLY J 443 25.49 -14.27 -10.74
CA GLY J 443 26.46 -13.22 -10.47
C GLY J 443 27.11 -13.38 -9.10
N SER J 444 28.09 -12.52 -8.85
CA SER J 444 28.77 -12.45 -7.55
C SER J 444 29.48 -13.76 -7.23
N THR J 445 30.30 -14.23 -8.17
CA THR J 445 31.14 -15.38 -7.92
C THR J 445 32.28 -15.00 -6.97
N SER J 446 32.71 -15.97 -6.15
CA SER J 446 33.77 -15.75 -5.17
C SER J 446 34.78 -16.88 -5.29
N TYR J 447 36.05 -16.52 -5.51
CA TYR J 447 37.14 -17.48 -5.65
C TYR J 447 38.11 -17.34 -4.49
N ALA J 448 38.90 -18.39 -4.28
CA ALA J 448 39.93 -18.37 -3.26
C ALA J 448 41.14 -17.58 -3.73
N ASP J 449 42.00 -17.21 -2.77
CA ASP J 449 43.17 -16.41 -3.09
C ASP J 449 44.13 -17.15 -4.02
N SER J 450 44.30 -18.46 -3.79
CA SER J 450 45.30 -19.22 -4.55
C SER J 450 44.95 -19.29 -6.04
N VAL J 451 43.66 -19.45 -6.35
CA VAL J 451 43.20 -19.74 -7.71
C VAL J 451 42.18 -18.68 -8.17
N LYS J 452 42.39 -17.44 -7.74
CA LYS J 452 41.41 -16.38 -8.01
C LYS J 452 41.25 -16.16 -9.51
N ASP J 453 42.35 -16.07 -10.24
CA ASP J 453 42.31 -15.76 -11.67
C ASP J 453 42.41 -16.97 -12.58
N ARG J 454 42.95 -18.10 -12.09
CA ARG J 454 43.13 -19.26 -12.95
C ARG J 454 41.80 -19.88 -13.33
N PHE J 455 40.93 -20.10 -12.35
CA PHE J 455 39.64 -20.75 -12.57
C PHE J 455 38.54 -19.71 -12.76
N THR J 456 37.44 -20.16 -13.37
CA THR J 456 36.24 -19.34 -13.53
C THR J 456 35.02 -20.24 -13.45
N ILE J 457 34.04 -19.80 -12.68
CA ILE J 457 32.83 -20.58 -12.40
C ILE J 457 31.65 -19.87 -13.04
N SER J 458 30.83 -20.62 -13.78
CA SER J 458 29.63 -20.11 -14.43
C SER J 458 28.42 -20.90 -13.95
N ARG J 459 27.24 -20.46 -14.35
CA ARG J 459 25.99 -21.06 -13.90
C ARG J 459 24.92 -20.85 -14.96
N ASP J 460 23.97 -21.80 -15.01
CA ASP J 460 22.81 -21.69 -15.88
C ASP J 460 21.69 -22.50 -15.23
N ASN J 461 20.72 -21.80 -14.63
CA ASN J 461 19.63 -22.45 -13.93
C ASN J 461 18.64 -23.15 -14.85
N ALA J 462 18.73 -22.94 -16.16
CA ALA J 462 17.84 -23.62 -17.09
C ALA J 462 18.01 -25.14 -17.07
N LYS J 463 19.18 -25.63 -16.64
CA LYS J 463 19.44 -27.06 -16.55
C LYS J 463 20.01 -27.48 -15.20
N ASN J 464 20.17 -26.56 -14.25
CA ASN J 464 20.65 -26.87 -12.90
C ASN J 464 22.02 -27.53 -12.94
N THR J 465 22.99 -26.80 -13.47
CA THR J 465 24.36 -27.28 -13.58
C THR J 465 25.32 -26.12 -13.38
N VAL J 466 26.44 -26.40 -12.73
CA VAL J 466 27.49 -25.42 -12.45
C VAL J 466 28.77 -25.92 -13.10
N TYR J 467 29.41 -25.06 -13.89
CA TYR J 467 30.62 -25.38 -14.62
C TYR J 467 31.82 -24.71 -13.95
N LEU J 468 32.87 -25.50 -13.72
CA LEU J 468 34.13 -25.02 -13.15
C LEU J 468 35.21 -25.20 -14.22
N GLU J 469 35.59 -24.10 -14.87
CA GLU J 469 36.63 -24.11 -15.88
C GLU J 469 38.00 -23.89 -15.25
N MET J 470 39.02 -24.45 -15.88
CA MET J 470 40.41 -24.29 -15.46
C MET J 470 41.26 -23.99 -16.69
N ASN J 471 42.05 -22.92 -16.60
CA ASN J 471 42.86 -22.47 -17.74
C ASN J 471 44.27 -23.05 -17.69
N ASN J 472 45.00 -22.78 -16.61
CA ASN J 472 46.36 -23.27 -16.41
C ASN J 472 46.41 -24.03 -15.10
N LEU J 473 46.85 -25.29 -15.17
CA LEU J 473 46.86 -26.20 -14.03
C LEU J 473 48.28 -26.43 -13.56
N LYS J 474 48.47 -26.45 -12.25
CA LYS J 474 49.74 -26.67 -11.59
C LYS J 474 49.76 -28.06 -10.95
N PRO J 475 50.95 -28.62 -10.70
CA PRO J 475 50.99 -29.99 -10.15
C PRO J 475 50.66 -30.08 -8.67
N GLU J 476 50.41 -28.97 -7.99
CA GLU J 476 49.78 -29.01 -6.67
C GLU J 476 48.26 -29.10 -6.75
N ASP J 477 47.68 -28.94 -7.94
CA ASP J 477 46.23 -28.99 -8.10
C ASP J 477 45.69 -30.41 -8.19
N THR J 478 46.55 -31.42 -8.31
CA THR J 478 46.09 -32.80 -8.34
C THR J 478 45.34 -33.13 -7.06
N ALA J 479 44.07 -33.48 -7.19
CA ALA J 479 43.21 -33.66 -6.03
C ALA J 479 41.84 -34.21 -6.42
N VAL J 480 41.00 -34.49 -5.43
CA VAL J 480 39.62 -34.90 -5.63
C VAL J 480 38.75 -33.67 -5.46
N TYR J 481 38.06 -33.29 -6.53
CA TYR J 481 37.23 -32.08 -6.54
C TYR J 481 35.80 -32.44 -6.19
N TYR J 482 35.25 -31.76 -5.18
CA TYR J 482 33.89 -31.95 -4.70
C TYR J 482 33.03 -30.74 -5.04
N CYS J 483 31.74 -31.00 -5.17
CA CYS J 483 30.71 -29.97 -5.29
C CYS J 483 29.75 -30.09 -4.12
N ALA J 484 29.25 -28.96 -3.65
CA ALA J 484 28.37 -28.93 -2.48
C ALA J 484 27.37 -27.80 -2.63
N ALA J 485 26.27 -27.91 -1.87
CA ALA J 485 25.20 -26.92 -1.86
C ALA J 485 25.06 -26.36 -0.45
N LYS J 486 24.63 -25.10 -0.37
CA LYS J 486 24.54 -24.37 0.89
C LYS J 486 23.19 -23.69 0.99
N GLY J 487 22.68 -23.59 2.22
CA GLY J 487 21.42 -22.93 2.45
C GLY J 487 21.55 -21.42 2.37
N ARG J 488 20.39 -20.76 2.42
CA ARG J 488 20.33 -19.32 2.30
C ARG J 488 20.77 -18.59 3.57
N TYR J 489 20.67 -19.24 4.73
CA TYR J 489 21.10 -18.69 6.00
C TYR J 489 22.02 -19.69 6.72
N SER J 490 22.98 -20.25 6.00
CA SER J 490 23.89 -21.22 6.61
C SER J 490 25.01 -20.52 7.36
N GLY J 491 25.75 -19.64 6.69
CA GLY J 491 26.85 -18.93 7.30
C GLY J 491 27.94 -18.55 6.32
N GLY J 492 29.20 -18.82 6.69
CA GLY J 492 30.31 -18.51 5.82
C GLY J 492 30.45 -19.50 4.67
N LEU J 493 31.25 -19.10 3.68
CA LEU J 493 31.45 -19.89 2.48
C LEU J 493 32.66 -20.83 2.57
N TYR J 494 33.66 -20.49 3.38
CA TYR J 494 34.93 -21.20 3.37
C TYR J 494 34.95 -22.43 4.25
N TYR J 495 33.85 -22.74 4.95
CA TYR J 495 33.82 -23.81 5.94
C TYR J 495 32.95 -24.96 5.44
N PRO J 496 33.48 -26.17 5.20
CA PRO J 496 32.63 -27.22 4.62
C PRO J 496 31.49 -27.68 5.50
N THR J 497 31.56 -27.44 6.81
CA THR J 497 30.51 -27.91 7.71
C THR J 497 29.18 -27.22 7.42
N ASN J 498 29.22 -25.94 7.03
CA ASN J 498 27.99 -25.22 6.73
C ASN J 498 27.25 -25.79 5.52
N TYR J 499 27.95 -26.50 4.64
CA TYR J 499 27.33 -27.07 3.46
C TYR J 499 26.63 -28.37 3.82
N ASP J 500 25.41 -28.53 3.30
CA ASP J 500 24.55 -29.64 3.70
C ASP J 500 24.76 -30.87 2.81
N TYR J 501 24.50 -30.72 1.51
CA TYR J 501 24.53 -31.86 0.59
C TYR J 501 25.80 -31.83 -0.24
N TRP J 502 26.56 -32.93 -0.21
CA TRP J 502 27.82 -33.08 -0.91
C TRP J 502 27.64 -34.03 -2.09
N GLY J 503 28.67 -34.07 -2.95
CA GLY J 503 28.71 -34.98 -4.08
C GLY J 503 29.80 -36.03 -3.90
N GLN J 504 29.79 -37.07 -4.74
CA GLN J 504 30.79 -38.11 -4.62
C GLN J 504 32.19 -37.58 -4.94
N GLY J 505 32.27 -36.60 -5.84
CA GLY J 505 33.53 -35.95 -6.15
C GLY J 505 34.32 -36.66 -7.23
N THR J 506 34.84 -35.89 -8.18
CA THR J 506 35.67 -36.41 -9.25
C THR J 506 37.14 -36.32 -8.86
N GLN J 507 38.00 -36.89 -9.71
CA GLN J 507 39.44 -36.93 -9.49
C GLN J 507 40.14 -36.24 -10.66
N VAL J 508 41.15 -35.41 -10.35
CA VAL J 508 41.96 -34.75 -11.37
C VAL J 508 43.42 -34.89 -10.98
N THR J 509 44.26 -35.22 -11.97
CA THR J 509 45.69 -35.39 -11.77
C THR J 509 46.43 -34.68 -12.90
N VAL J 510 47.47 -33.93 -12.55
CA VAL J 510 48.28 -33.21 -13.52
C VAL J 510 49.72 -33.14 -13.04
C1 NAG K . 12.30 -25.89 4.42
C2 NAG K . 12.31 -27.35 4.85
C3 NAG K . 13.51 -27.61 5.76
C4 NAG K . 14.80 -27.23 5.07
C5 NAG K . 14.70 -25.77 4.62
C6 NAG K . 15.87 -25.34 3.79
C7 NAG K . 9.87 -27.61 5.09
C8 NAG K . 8.77 -27.75 6.10
N2 NAG K . 11.11 -27.75 5.56
O3 NAG K . 13.50 -28.98 6.11
O4 NAG K . 15.92 -27.32 5.96
O5 NAG K . 13.54 -25.58 3.81
O6 NAG K . 17.08 -25.54 4.49
O7 NAG K . 9.65 -27.39 3.91
C1 NAG K . 16.62 -28.49 6.22
C2 NAG K . 17.86 -28.18 7.07
C3 NAG K . 18.61 -29.46 7.39
C4 NAG K . 17.68 -30.46 8.05
C5 NAG K . 16.50 -30.70 7.12
C6 NAG K . 15.47 -31.64 7.71
C7 NAG K . 18.98 -26.03 6.94
C8 NAG K . 19.96 -25.18 6.20
N2 NAG K . 18.76 -27.25 6.44
O3 NAG K . 19.71 -29.16 8.22
O4 NAG K . 18.35 -31.70 8.23
O5 NAG K . 15.82 -29.45 6.90
O6 NAG K . 14.43 -31.88 6.77
O7 NAG K . 18.41 -25.64 7.94
C1 BMA K . 18.57 -32.15 9.52
C2 BMA K . 18.89 -33.61 9.43
C3 BMA K . 19.25 -34.19 10.77
C4 BMA K . 20.36 -33.38 11.40
C5 BMA K . 19.93 -31.94 11.48
C6 BMA K . 21.01 -31.05 12.05
O2 BMA K . 19.96 -33.81 8.50
O3 BMA K . 19.67 -35.54 10.59
O4 BMA K . 20.63 -33.85 12.71
O5 BMA K . 19.64 -31.45 10.16
O6 BMA K . 22.14 -31.11 11.19
C1 MAN K . 23.23 -30.35 11.62
C2 MAN K . 24.26 -30.40 10.53
C3 MAN K . 24.62 -31.84 10.27
C4 MAN K . 25.20 -32.43 11.55
C5 MAN K . 24.15 -32.34 12.64
C6 MAN K . 24.67 -32.83 13.97
O2 MAN K . 25.36 -29.58 10.89
O3 MAN K . 25.49 -32.00 9.14
O4 MAN K . 25.55 -33.80 11.36
O5 MAN K . 23.76 -30.96 12.81
O6 MAN K . 23.68 -32.86 15.01
C1 MAN K . 26.82 -31.56 9.23
C2 MAN K . 27.22 -31.28 7.81
C3 MAN K . 27.17 -32.54 6.97
C4 MAN K . 27.98 -33.66 7.62
C5 MAN K . 27.59 -33.83 9.08
C6 MAN K . 28.50 -34.78 9.83
O2 MAN K . 28.52 -30.69 7.79
O3 MAN K . 27.67 -32.28 5.66
O4 MAN K . 27.74 -34.88 6.94
O5 MAN K . 27.67 -32.57 9.77
O6 MAN K . 28.43 -36.09 9.29
C1 MAN K . 23.23 -31.68 15.64
C2 MAN K . 24.38 -30.95 16.31
C3 MAN K . 24.93 -31.76 17.46
C4 MAN K . 23.81 -32.10 18.43
C5 MAN K . 22.66 -32.79 17.71
C6 MAN K . 21.46 -33.01 18.59
O2 MAN K . 23.96 -29.66 16.73
O3 MAN K . 25.96 -31.03 18.12
O4 MAN K . 24.30 -32.95 19.47
O5 MAN K . 22.21 -31.98 16.60
O6 MAN K . 20.33 -33.45 17.83
C1 MAN K . 18.65 -36.39 10.18
C2 MAN K . 18.01 -36.96 11.42
C3 MAN K . 19.02 -37.72 12.25
C4 MAN K . 19.77 -38.74 11.39
C5 MAN K . 20.29 -38.09 10.12
C6 MAN K . 20.89 -39.08 9.15
O2 MAN K . 16.92 -37.80 11.07
O3 MAN K . 18.35 -38.37 13.33
O4 MAN K . 20.87 -39.27 12.13
O5 MAN K . 19.21 -37.46 9.43
O6 MAN K . 21.17 -38.43 7.91
C1 NAG L . 6.01 -25.16 39.14
C2 NAG L . 4.60 -25.70 39.34
C3 NAG L . 4.62 -27.21 39.26
C4 NAG L . 5.21 -27.65 37.92
C5 NAG L . 6.60 -27.03 37.77
C6 NAG L . 7.22 -27.28 36.42
C7 NAG L . 4.36 -25.57 41.81
C8 NAG L . 3.48 -25.06 42.92
N2 NAG L . 3.98 -25.24 40.58
O3 NAG L . 3.31 -27.72 39.42
O4 NAG L . 5.30 -29.07 37.90
O5 NAG L . 6.52 -25.60 37.89
O6 NAG L . 8.48 -26.63 36.30
O7 NAG L . 5.36 -26.23 42.04
C1 NAG L . 5.09 -29.68 36.67
C2 NAG L . 5.82 -31.02 36.57
C3 NAG L . 5.63 -31.59 35.16
C4 NAG L . 4.16 -31.66 34.80
C5 NAG L . 3.50 -30.29 34.98
C6 NAG L . 2.01 -30.32 34.77
C7 NAG L . 8.25 -30.99 36.09
C8 NAG L . 9.26 -31.99 36.57
N2 NAG L . 7.21 -30.77 36.89
O3 NAG L . 6.24 -32.87 35.11
O4 NAG L . 4.06 -32.03 33.43
O5 NAG L . 3.72 -29.79 36.32
O6 NAG L . 1.45 -29.02 34.86
O7 NAG L . 8.40 -30.38 35.03
C1 BMA L . 3.40 -33.17 32.95
C2 BMA L . 4.16 -34.48 33.09
C3 BMA L . 3.45 -35.58 32.35
C4 BMA L . 2.01 -35.69 32.82
C5 BMA L . 1.31 -34.34 32.69
C6 BMA L . -0.09 -34.34 33.26
O2 BMA L . 4.32 -34.82 34.47
O3 BMA L . 4.12 -36.82 32.56
O4 BMA L . 1.31 -36.66 32.05
O5 BMA L . 2.04 -33.32 33.39
O6 BMA L . -0.70 -33.06 33.14
C1 NAG M . 38.74 27.29 15.14
C2 NAG M . 40.02 27.32 14.31
C3 NAG M . 40.24 28.71 13.72
C4 NAG M . 39.02 29.15 12.94
C5 NAG M . 37.76 29.05 13.81
C6 NAG M . 36.49 29.35 13.06
C7 NAG M . 42.25 26.34 14.59
C8 NAG M . 43.34 25.99 15.57
N2 NAG M . 41.16 26.92 15.11
O3 NAG M . 41.38 28.69 12.87
O4 NAG M . 39.17 30.48 12.49
O5 NAG M . 37.63 27.71 14.32
O6 NAG M . 36.38 28.58 11.86
O7 NAG M . 42.36 26.11 13.40
C1 NAG M . 38.78 30.90 11.16
C2 NAG M . 38.87 32.38 10.79
C3 NAG M . 38.57 32.59 9.31
C4 NAG M . 39.46 31.68 8.46
C5 NAG M . 39.33 30.24 8.93
C6 NAG M . 40.27 29.30 8.20
C7 NAG M . 38.09 33.29 12.94
C8 NAG M . 37.07 34.15 13.62
N2 NAG M . 37.97 33.18 11.61
O3 NAG M . 38.79 33.95 8.96
O4 NAG M . 39.07 31.77 7.10
O5 NAG M . 39.66 30.15 10.32
O6 NAG M . 41.62 29.77 8.25
O7 NAG M . 38.98 32.72 13.56
C1 NAG N . 8.35 32.28 -3.20
C2 NAG N . 9.14 33.54 -3.59
C3 NAG N . 9.29 34.46 -2.40
C4 NAG N . 7.93 34.77 -1.78
C5 NAG N . 7.19 33.48 -1.46
C6 NAG N . 5.79 33.70 -0.95
C7 NAG N . 10.61 32.49 -5.25
C8 NAG N . 12.03 32.21 -5.65
N2 NAG N . 10.44 33.17 -4.11
O3 NAG N . 9.92 35.67 -2.80
O4 NAG N . 8.09 35.54 -0.60
O5 NAG N . 7.09 32.68 -2.65
O6 NAG N . 5.52 35.08 -0.76
O7 NAG N . 9.65 32.12 -5.93
C1 NAG N . 8.53 36.89 -0.39
C2 NAG N . 8.53 37.48 1.02
C3 NAG N . 8.83 38.97 0.98
C4 NAG N . 10.13 39.22 0.22
C5 NAG N . 10.06 38.56 -1.15
C6 NAG N . 11.37 38.66 -1.92
C7 NAG N . 7.08 36.34 2.66
C8 NAG N . 5.69 36.23 3.21
N2 NAG N . 7.25 37.24 1.68
O3 NAG N . 8.93 39.47 2.30
O4 NAG N . 10.33 40.63 0.06
O5 NAG N . 9.78 37.16 -1.01
O6 NAG N . 12.27 39.56 -1.29
O7 NAG N . 8.00 35.63 3.07
C1 BMA N . 10.97 41.36 1.12
C2 BMA N . 11.63 42.52 0.37
C3 BMA N . 12.94 42.91 1.05
C4 BMA N . 12.76 43.08 2.56
C5 BMA N . 12.14 41.82 3.15
C6 BMA N . 11.90 41.92 4.65
O2 BMA N . 10.80 43.67 0.39
O3 BMA N . 13.50 44.09 0.48
O4 BMA N . 14.02 43.33 3.17
O5 BMA N . 10.87 41.61 2.51
O6 BMA N . 10.96 42.96 4.88
C1 MAN N . 10.77 43.29 6.28
C2 MAN N . 9.83 44.50 6.07
C3 MAN N . 10.62 45.71 5.58
C4 MAN N . 11.85 45.96 6.48
C5 MAN N . 12.71 44.69 6.52
C6 MAN N . 13.93 44.84 7.41
O2 MAN N . 9.23 44.90 7.30
O3 MAN N . 9.82 46.88 5.51
O4 MAN N . 12.61 47.04 5.96
O5 MAN N . 11.91 43.62 7.04
O6 MAN N . 14.77 45.83 6.85
C1 MAN N . 9.16 46.86 4.23
C2 MAN N . 9.17 48.24 3.53
C3 MAN N . 8.09 49.13 4.13
C4 MAN N . 6.74 48.40 4.17
C5 MAN N . 6.89 47.09 4.94
C6 MAN N . 5.60 46.28 5.00
O2 MAN N . 8.85 48.12 2.14
O3 MAN N . 7.96 50.36 3.42
O4 MAN N . 5.76 49.22 4.80
O5 MAN N . 7.88 46.28 4.30
O6 MAN N . 4.53 47.16 5.33
C1 MAN N . 13.98 44.05 -0.87
C2 MAN N . 15.28 44.87 -0.82
C3 MAN N . 14.96 46.35 -0.63
C4 MAN N . 13.91 46.82 -1.65
C5 MAN N . 12.65 45.94 -1.53
C6 MAN N . 11.59 46.30 -2.55
O2 MAN N . 15.99 44.79 -2.06
O3 MAN N . 16.12 47.16 -0.72
O4 MAN N . 13.56 48.17 -1.40
O5 MAN N . 13.02 44.57 -1.77
O6 MAN N . 12.08 45.99 -3.84
C1 NAG O . 29.71 2.99 -9.43
C2 NAG O . 31.13 2.41 -9.59
C3 NAG O . 32.11 3.19 -8.73
C4 NAG O . 32.02 4.69 -9.03
C5 NAG O . 30.58 5.16 -8.88
C6 NAG O . 30.39 6.60 -9.26
C7 NAG O . 30.40 0.08 -9.86
C8 NAG O . 30.55 -1.33 -9.37
N2 NAG O . 31.15 1.01 -9.24
O3 NAG O . 33.43 2.73 -8.98
O4 NAG O . 32.85 5.41 -8.12
O5 NAG O . 29.73 4.39 -9.75
O6 NAG O . 31.16 7.46 -8.43
O7 NAG O . 29.66 0.36 -10.80
C1 NAG O . 34.20 5.64 -8.60
C2 NAG O . 34.79 6.55 -7.53
C3 NAG O . 36.28 6.71 -7.74
C4 NAG O . 36.96 5.36 -7.85
C5 NAG O . 36.27 4.51 -8.90
C6 NAG O . 36.82 3.09 -8.97
C7 NAG O . 33.63 8.41 -6.40
C8 NAG O . 32.97 9.75 -6.59
N2 NAG O . 34.12 7.84 -7.51
O3 NAG O . 36.84 7.46 -6.66
O4 NAG O . 38.34 5.52 -8.19
O5 NAG O . 34.87 4.39 -8.60
O6 NAG O . 36.33 2.40 -10.10
O7 NAG O . 33.70 7.87 -5.30
C1 BMA O . 39.25 5.12 -7.18
C2 BMA O . 40.46 4.59 -7.95
C3 BMA O . 41.68 4.62 -7.04
C4 BMA O . 41.86 5.99 -6.39
C5 BMA O . 40.57 6.42 -5.68
C6 BMA O . 40.64 7.82 -5.13
O2 BMA O . 40.73 5.42 -9.06
O3 BMA O . 42.86 4.27 -7.76
O4 BMA O . 42.92 5.94 -5.45
O5 BMA O . 39.49 6.39 -6.62
O6 BMA O . 41.52 7.84 -4.00
C1 MAN O . 41.67 9.12 -3.30
C2 MAN O . 41.90 10.41 -4.10
C3 MAN O . 43.24 10.32 -4.81
C4 MAN O . 44.37 10.02 -3.81
C5 MAN O . 44.05 8.73 -3.04
C6 MAN O . 45.05 8.45 -1.92
O2 MAN O . 42.00 11.55 -3.23
O3 MAN O . 43.54 11.50 -5.56
O4 MAN O . 45.60 9.87 -4.50
O5 MAN O . 42.74 8.83 -2.43
O6 MAN O . 44.76 7.16 -1.39
C1 MAN O . 43.66 11.14 -6.95
C2 MAN O . 44.73 11.28 -8.05
C3 MAN O . 44.62 12.65 -8.71
C4 MAN O . 43.18 12.94 -9.14
C5 MAN O . 42.24 12.81 -7.93
C6 MAN O . 40.78 13.01 -8.29
O2 MAN O . 44.51 10.33 -9.10
O3 MAN O . 45.50 12.77 -9.83
O4 MAN O . 43.08 14.25 -9.66
O5 MAN O . 42.37 11.48 -7.38
O6 MAN O . 40.35 11.89 -9.04
C1 MAN O . 43.03 3.08 -8.55
C2 MAN O . 44.29 2.23 -8.33
C3 MAN O . 45.51 2.94 -8.93
C4 MAN O . 45.23 3.38 -10.37
C5 MAN O . 43.99 4.27 -10.40
C6 MAN O . 43.61 4.72 -11.80
O2 MAN O . 44.21 0.98 -9.02
O3 MAN O . 46.68 2.12 -8.88
O4 MAN O . 46.34 4.10 -10.87
O5 MAN O . 42.87 3.53 -9.87
O6 MAN O . 43.15 3.57 -12.51
C1 NAG P . 39.78 -12.35 22.31
C2 NAG P . 40.82 -13.44 22.50
C3 NAG P . 41.94 -13.28 21.48
C4 NAG P . 41.38 -13.26 20.07
C5 NAG P . 40.31 -12.17 19.96
C6 NAG P . 39.57 -12.19 18.65
C7 NAG P . 41.04 -14.39 24.73
C8 NAG P . 42.18 -15.06 25.42
N2 NAG P . 41.35 -13.45 23.84
O3 NAG P . 42.88 -14.35 21.63
O4 NAG P . 42.46 -12.99 19.18
O5 NAG P . 39.31 -12.36 20.98
O6 NAG P . 38.51 -11.22 18.65
O7 NAG P . 39.87 -14.71 24.94
C1 NAG P . 42.39 -13.46 17.88
C2 NAG P . 43.58 -12.98 17.05
C3 NAG P . 43.49 -13.59 15.65
C4 NAG P . 43.38 -15.10 15.72
C5 NAG P . 42.19 -15.49 16.61
C6 NAG P . 42.11 -16.98 16.84
C7 NAG P . 42.78 -10.65 17.26
C8 NAG P . 42.10 -9.94 16.14
N2 NAG P . 43.70 -11.55 16.92
O3 NAG P . 44.64 -13.19 14.91
O4 NAG P . 43.12 -15.60 14.42
O5 NAG P . 42.31 -14.87 17.91
O6 NAG P . 43.33 -17.48 17.38
O7 NAG P . 42.51 -10.41 18.44
C1 BMA P . 43.99 -16.49 13.79
C2 BMA P . 45.14 -15.86 13.05
C3 BMA P . 45.86 -16.90 12.23
C4 BMA P . 46.30 -18.05 13.13
C5 BMA P . 45.10 -18.62 13.87
C6 BMA P . 45.48 -19.69 14.87
O2 BMA P . 46.03 -15.23 13.96
O3 BMA P . 46.99 -16.31 11.59
O4 BMA P . 46.89 -19.08 12.34
O5 BMA P . 44.44 -17.58 14.61
O6 BMA P . 46.06 -20.82 14.23
C1 NAG Q . 3.50 39.92 30.40
C2 NAG Q . 3.66 41.35 29.88
C3 NAG Q . 2.43 42.19 30.24
C4 NAG Q . 1.17 41.50 29.73
C5 NAG Q . 1.10 40.07 30.27
C6 NAG Q . -0.07 39.29 29.73
C7 NAG Q . 5.71 42.79 29.80
C8 NAG Q . 5.40 43.12 28.36
N2 NAG Q . 4.87 41.96 30.43
O3 NAG Q . 2.52 43.48 29.67
O4 NAG Q . 0.02 42.22 30.15
O5 NAG Q . 2.29 39.35 29.89
O6 NAG Q . -0.84 40.04 28.81
O7 NAG Q . 6.70 43.25 30.36
C1 NAG Q . -1.22 42.90 29.78
C2 NAG Q . -2.32 43.82 30.28
C3 NAG Q . -3.23 44.24 29.12
C4 NAG Q . -2.41 44.83 27.99
C5 NAG Q . -1.30 43.86 27.59
C6 NAG Q . -0.37 44.43 26.55
C7 NAG Q . -3.74 42.03 31.22
C8 NAG Q . -4.49 41.56 32.43
N2 NAG Q . -3.09 43.20 31.35
O3 NAG Q . -4.17 45.20 29.59
O4 NAG Q . -3.24 45.08 26.87
O5 NAG Q . -0.50 43.53 28.73
O6 NAG Q . 0.92 44.69 27.08
O7 NAG Q . -3.72 41.39 30.17
C1 NAG R . -21.93 19.94 13.68
C2 NAG R . -22.29 21.36 14.13
C3 NAG R . -22.26 21.45 15.66
C4 NAG R . -23.12 20.36 16.28
C5 NAG R . -22.71 18.98 15.73
C6 NAG R . -23.59 17.86 16.22
C7 NAG R . -21.65 23.00 12.42
C8 NAG R . -20.60 23.97 11.98
N2 NAG R . -21.39 22.33 13.55
O3 NAG R . -22.72 22.72 16.07
O4 NAG R . -22.97 20.35 17.69
O5 NAG R . -22.80 18.99 14.30
O6 NAG R . -24.96 18.17 16.08
O7 NAG R . -22.68 22.82 11.78
C1 NAG R . -23.97 21.08 18.45
C2 NAG R . -23.92 20.70 19.93
C3 NAG R . -25.12 21.28 20.66
C4 NAG R . -25.22 22.78 20.42
C5 NAG R . -25.22 23.07 18.92
C6 NAG R . -25.18 24.56 18.61
C7 NAG R . -22.73 18.58 20.28
C8 NAG R . -22.88 17.09 20.45
N2 NAG R . -23.86 19.25 20.10
O3 NAG R . -25.01 21.02 22.05
O4 NAG R . -26.41 23.29 21.00
O5 NAG R . -24.04 22.49 18.31
O6 NAG R . -24.85 24.79 17.25
O7 NAG R . -21.64 19.14 20.32
C1 BMA R . -26.03 24.17 22.08
C2 BMA R . -27.27 25.03 21.84
C3 BMA R . -27.17 26.32 22.65
C4 BMA R . -26.81 26.03 24.12
C5 BMA R . -25.53 25.20 24.17
C6 BMA R . -25.11 24.84 25.58
O2 BMA R . -28.44 24.36 22.29
O3 BMA R . -28.37 27.08 22.59
O4 BMA R . -26.62 27.25 24.82
O5 BMA R . -25.76 23.99 23.45
O6 BMA R . -26.12 24.02 26.15
C1 MAN R . -29.59 27.09 21.82
C2 MAN R . -30.00 28.58 21.77
C3 MAN R . -30.45 29.04 23.15
C4 MAN R . -31.49 28.08 23.74
C5 MAN R . -30.91 26.66 23.79
C6 MAN R . -31.90 25.62 24.30
O2 MAN R . -31.12 28.77 20.91
O3 MAN R . -30.97 30.37 23.12
O4 MAN R . -31.84 28.49 25.05
O5 MAN R . -30.54 26.27 22.44
O6 MAN R . -31.18 24.43 24.59
C1 MAN R . -25.98 24.30 27.56
C2 MAN R . -24.96 23.54 28.43
C3 MAN R . -25.43 22.11 28.69
C4 MAN R . -26.88 22.10 29.18
C5 MAN R . -27.78 22.82 28.17
C6 MAN R . -29.22 22.88 28.59
O2 MAN R . -24.82 24.13 29.72
O3 MAN R . -24.58 21.43 29.60
O4 MAN R . -27.32 20.75 29.34
O5 MAN R . -27.30 24.17 28.02
O6 MAN R . -29.33 23.77 29.70
C1 HEX S . 0.88 -23.05 -31.61
C2 HEX S . 0.70 -22.30 -30.31
C3 HEX S . 2.06 -22.03 -29.67
C4 HEX S . 1.88 -21.24 -28.38
C5 HEX S . 3.24 -20.98 -27.74
C6 HEX S . 3.06 -20.14 -26.48
C1 HEX T . -4.06 -26.77 -46.04
C2 HEX T . -3.65 -25.70 -45.03
C3 HEX T . -4.17 -26.07 -43.64
C4 HEX T . -3.80 -24.99 -42.64
C5 HEX T . -4.28 -25.39 -41.25
C6 HEX T . -3.94 -24.29 -40.25
C1 D10 U . -0.40 -16.11 -50.31
C2 D10 U . -1.14 -15.02 -49.53
C3 D10 U . -0.45 -14.78 -48.19
C4 D10 U . -1.24 -13.76 -47.38
C5 D10 U . -0.45 -13.42 -46.12
C6 D10 U . -1.23 -12.44 -45.25
C7 D10 U . -0.47 -12.24 -43.95
C8 D10 U . -0.96 -10.99 -43.21
C9 D10 U . -0.08 -10.75 -41.99
C10 D10 U . 0.66 -9.42 -42.17
CAD PGW V . -9.48 -23.22 -2.98
OAE PGW V . -10.84 -23.02 -3.23
OAF PGW V . -9.86 -24.27 -5.08
P PGW V . -7.28 -27.61 -4.63
C01 PGW V . -6.09 -28.09 -8.74
C1 PGW V . -9.73 -28.24 -8.27
O01 PGW V . -8.43 -28.61 -8.71
C02 PGW V . -7.36 -28.18 -7.89
C2 PGW V . -10.93 -28.38 -9.23
O02 PGW V . -9.90 -27.83 -7.17
C03 PGW V . -7.13 -29.18 -6.77
C3 PGW V . -10.46 -28.82 -10.61
O03 PGW V . -5.75 -29.39 -9.21
C04 PGW V . -8.40 -25.44 -3.59
C4 PGW V . -11.70 -29.04 -11.51
O04 PGW V . -3.91 -29.74 -7.94
C05 PGW V . -8.88 -24.07 -4.10
C5 PGW V . -11.97 -27.75 -12.29
C06 PGW V . -17.29 -25.33 -16.09
C6 PGW V . -13.37 -27.78 -12.95
C07 PGW V . -17.25 -26.15 -17.38
C7 PGW V . -13.69 -26.37 -13.46
C08 PGW V . -18.49 -25.92 -18.27
C8 PGW V . -14.91 -26.37 -14.40
C09 PGW V . -18.12 -24.88 -19.33
C9 PGW V . -14.93 -25.04 -15.18
C10 PGW V . -15.94 -24.60 -15.91
C11 PGW V . -19.37 -24.18 -19.91
O11 PGW V . -7.86 -28.80 -5.63
C12 PGW V . -20.08 -25.09 -20.91
O12 PGW V . -8.33 -26.32 -4.69
C13 PGW V . -21.45 -24.48 -21.25
O13 PGW V . -5.91 -27.17 -5.11
C14 PGW V . -22.26 -25.47 -22.10
O14 PGW V . -7.18 -28.14 -3.23
C15 PGW V . -10.21 -25.77 -15.63
C16 PGW V . -11.26 -26.27 -16.65
C17 PGW V . -11.85 -25.08 -17.44
C18 PGW V . -13.11 -25.48 -18.23
C19 PGW V . -4.40 -29.77 -9.02
C20 PGW V . -3.55 -30.23 -10.23
C21 PGW V . -4.42 -30.36 -11.49
C22 PGW V . -4.69 -28.98 -12.09
C23 PGW V . -5.86 -29.00 -13.09
C24 PGW V . -6.81 -27.83 -12.78
C25 PGW V . -7.95 -27.79 -13.84
C26 PGW V . -8.01 -26.39 -14.52
C27 PGW V . -8.83 -26.43 -15.84
C28 PGW V . -12.79 -26.45 -19.38
C29 PGW V . -13.75 -27.17 -21.58
C30 PGW V . -14.08 -26.76 -20.14
C1 HEX W . -14.88 22.07 -23.52
C2 HEX W . -14.45 22.52 -24.92
C3 HEX W . -15.62 22.32 -25.88
C4 HEX W . -15.19 22.75 -27.29
C5 HEX W . -16.37 22.61 -28.25
C6 HEX W . -15.90 22.92 -29.67
C1 HEX X . -0.87 20.50 -31.61
C2 HEX X . -2.20 20.68 -32.34
C3 HEX X . -2.24 19.79 -33.58
C4 HEX X . -3.51 20.08 -34.38
C5 HEX X . -3.57 19.16 -35.59
C6 HEX X . -4.80 19.49 -36.42
C1 D10 Y . -29.09 13.43 -30.12
C2 D10 Y . -29.97 12.50 -30.93
C3 D10 Y . -29.64 12.56 -32.43
C4 D10 Y . -29.94 13.93 -33.02
C5 D10 Y . -30.64 13.76 -34.37
C6 D10 Y . -30.79 15.12 -35.05
C7 D10 Y . -32.02 15.11 -35.95
C8 D10 Y . -32.07 16.38 -36.77
C9 D10 Y . -33.44 16.53 -37.42
C10 D10 Y . -33.42 17.70 -38.40
C1 D10 Z . -7.26 13.27 -51.21
C2 D10 Z . -7.20 12.97 -49.70
C3 D10 Z . -8.41 12.12 -49.33
C4 D10 Z . -8.59 11.97 -47.82
C5 D10 Z . -7.34 11.40 -47.15
C6 D10 Z . -7.64 10.99 -45.71
C7 D10 Z . -7.53 12.21 -44.79
C8 D10 Z . -7.90 11.81 -43.37
C9 D10 Z . -7.94 13.06 -42.49
C10 D10 Z . -8.31 12.66 -41.07
C1 HEX AA . 7.00 5.33 -38.31
C2 HEX AA . 6.99 6.49 -37.33
C3 HEX AA . 7.74 6.12 -36.06
C4 HEX AA . 7.51 7.19 -35.00
C5 HEX AA . 8.28 6.82 -33.73
C6 HEX AA . 7.99 7.85 -32.64
C1 HEX BA . 7.97 -8.03 -38.51
C2 HEX BA . 8.60 -7.38 -37.27
C3 HEX BA . 9.30 -8.44 -36.44
C4 HEX BA . 10.03 -7.78 -35.26
C5 HEX BA . 10.72 -8.84 -34.42
C6 HEX BA . 11.54 -8.16 -33.33
C1 D10 CA . -35.86 -9.23 -25.45
C2 D10 CA . -37.35 -9.17 -25.73
C3 D10 CA . -37.60 -8.78 -27.20
C4 D10 CA . -39.08 -8.94 -27.52
C5 D10 CA . -39.30 -8.67 -29.01
C6 D10 CA . -40.75 -8.30 -29.30
C7 D10 CA . -41.71 -9.32 -28.68
C8 D10 CA . -43.02 -9.41 -29.48
C9 D10 CA . -43.70 -8.04 -29.60
C10 D10 CA . -45.13 -8.25 -30.06
C1 D10 DA . -25.56 21.27 -14.47
C2 D10 DA . -26.09 19.85 -14.30
C3 D10 DA . -26.58 19.31 -15.64
C4 D10 DA . -27.22 17.94 -15.39
C5 D10 DA . -27.46 17.19 -16.70
C6 D10 DA . -28.41 17.94 -17.63
C7 D10 DA . -29.15 16.91 -18.48
C8 D10 DA . -29.72 17.53 -19.76
C9 D10 DA . -30.52 16.48 -20.51
C10 D10 DA . -30.49 16.78 -22.01
O1 PX2 EA . -18.04 -33.41 -42.75
O2 PX2 EA . -17.89 -31.28 -44.09
P1 PX2 EA . -18.70 -32.10 -43.12
O3 PX2 EA . -20.14 -32.27 -43.55
O4 PX2 EA . -18.77 -31.24 -41.76
C1 PX2 EA . -19.70 -31.63 -40.72
C2 PX2 EA . -19.40 -30.83 -39.48
C3 PX2 EA . -20.48 -30.90 -38.44
O5 PX2 EA . -19.99 -30.25 -37.24
C4 PX2 EA . -20.92 -29.84 -36.37
O6 PX2 EA . -22.03 -30.29 -36.36
C5 PX2 EA . -20.38 -28.78 -35.47
C6 PX2 EA . -21.05 -27.45 -35.65
C7 PX2 EA . -20.38 -26.37 -34.81
C8 PX2 EA . -20.80 -24.96 -35.16
C9 PX2 EA . -20.04 -23.92 -34.39
C10 PX2 EA . -20.28 -23.97 -32.91
C11 PX2 EA . -19.11 -23.50 -32.08
C12 PX2 EA . -17.88 -24.34 -32.26
C13 PX2 EA . -16.85 -24.17 -31.18
C14 PX2 EA . -15.69 -25.12 -31.31
C15 PX2 EA . -16.10 -26.57 -31.43
O7 PX2 EA . -18.15 -31.29 -38.88
C16 PX2 EA . -17.00 -30.79 -39.35
O8 PX2 EA . -16.95 -29.79 -40.01
C17 PX2 EA . -15.80 -31.64 -38.99
C18 PX2 EA . -15.56 -31.75 -37.51
C19 PX2 EA . -15.01 -30.47 -36.92
C20 PX2 EA . -14.98 -30.43 -35.42
C21 PX2 EA . -13.83 -31.17 -34.79
C22 PX2 EA . -13.67 -30.91 -33.31
C23 PX2 EA . -12.62 -31.75 -32.63
C24 PX2 EA . -12.38 -31.37 -31.19
C25 PX2 EA . -11.56 -32.36 -30.38
C26 PX2 EA . -10.06 -32.31 -30.52
C27 PX2 EA . -9.54 -33.03 -31.75
C1 NAG FA . -22.50 -11.25 30.29
C2 NAG FA . -23.59 -12.32 30.38
C3 NAG FA . -24.52 -12.01 31.55
C4 NAG FA . -23.72 -11.84 32.84
C5 NAG FA . -22.63 -10.80 32.64
C6 NAG FA . -21.72 -10.65 33.84
C7 NAG FA . -24.97 -11.40 28.56
C8 NAG FA . -25.68 -11.71 27.28
N2 NAG FA . -24.34 -12.42 29.13
O3 NAG FA . -25.46 -13.07 31.69
O4 NAG FA . -24.59 -11.43 33.89
O5 NAG FA . -21.79 -11.17 31.53
O6 NAG FA . -20.92 -11.80 34.03
O7 NAG FA . -24.98 -10.28 29.06
C27 R16 GA . -30.49 0.74 -0.11
C28 R16 GA . -30.87 0.77 -1.58
C29 R16 GA . -30.00 -0.24 -2.34
C30 R16 GA . -30.33 -0.22 -3.83
C31 R16 GA . -31.43 -1.22 -4.16
C32 R16 GA . -31.69 -1.26 -5.67
C33 R16 GA . -32.56 -0.08 -6.11
C34 R16 GA . -33.03 -0.25 -7.55
C35 R16 GA . -31.86 -0.10 -8.53
C36 R16 GA . -32.37 0.02 -9.96
C37 R16 GA . -32.95 -1.31 -10.46
C38 R16 GA . -33.16 -1.25 -11.97
C39 R16 GA . -33.51 -2.64 -12.50
C40 R16 GA . -33.56 -2.66 -14.04
C41 R16 GA . -34.99 -2.66 -14.56
C42 R16 GA . -35.74 -1.40 -14.15
C27 R16 HA . -31.09 -6.08 -0.33
C28 R16 HA . -32.24 -7.09 -0.45
C29 R16 HA . -31.73 -8.52 -0.68
C30 R16 HA . -30.89 -8.70 -1.95
C31 R16 HA . -31.74 -8.50 -3.21
C32 R16 HA . -30.90 -8.82 -4.44
C33 R16 HA . -31.78 -8.67 -5.68
C34 R16 HA . -30.98 -9.05 -6.93
C35 R16 HA . -31.97 -9.27 -8.08
C36 R16 HA . -31.22 -9.66 -9.35
C37 R16 HA . -32.21 -10.25 -10.36
C38 R16 HA . -32.35 -11.76 -10.15
C39 R16 HA . -33.60 -12.28 -10.85
C40 R16 HA . -33.53 -12.06 -12.36
C41 R16 HA . -34.62 -12.88 -13.05
C42 R16 HA . -34.56 -12.63 -14.56
C1 PLM IA . -44.94 -15.41 -31.85
O1 PLM IA . -45.18 -16.27 -32.74
O2 PLM IA . -45.22 -14.20 -32.05
C2 PLM IA . -44.29 -15.84 -30.54
C3 PLM IA . -42.78 -15.87 -30.72
C4 PLM IA . -42.08 -16.00 -29.36
C5 PLM IA . -42.36 -17.36 -28.71
C6 PLM IA . -41.42 -17.59 -27.53
C7 PLM IA . -41.75 -16.63 -26.39
C8 PLM IA . -41.03 -17.05 -25.11
C9 PLM IA . -41.57 -16.20 -23.96
CA PLM IA . -40.45 -15.86 -22.98
CB PLM IA . -39.69 -14.59 -23.40
CC PLM IA . -38.87 -14.08 -22.22
CD PLM IA . -38.07 -12.85 -22.67
CE PLM IA . -37.06 -12.41 -21.61
CF PLM IA . -37.75 -12.01 -20.29
CG PLM IA . -36.74 -11.35 -19.38
C27 R16 JA . -34.08 -7.81 -14.37
C28 R16 JA . -34.03 -7.52 -15.86
C29 R16 JA . -35.42 -7.66 -16.46
C30 R16 JA . -35.36 -7.33 -17.96
C31 R16 JA . -36.76 -7.41 -18.58
C32 R16 JA . -36.70 -6.90 -20.01
C33 R16 JA . -38.09 -6.77 -20.61
C34 R16 JA . -38.68 -8.12 -20.98
C35 R16 JA . -40.01 -7.87 -21.70
C36 R16 JA . -40.64 -9.18 -22.17
C37 R16 JA . -40.20 -9.50 -23.61
C38 R16 JA . -40.97 -10.70 -24.17
C39 R16 JA . -42.44 -10.34 -24.48
C40 R16 JA . -42.98 -11.18 -25.63
C41 R16 JA . -43.00 -12.66 -25.29
C42 R16 JA . -43.77 -13.41 -26.38
C1 PLM KA . -22.82 -33.92 -34.58
O1 PLM KA . -22.08 -33.96 -33.57
O2 PLM KA . -22.89 -34.90 -35.36
C2 PLM KA . -23.64 -32.66 -34.87
C3 PLM KA . -24.12 -32.04 -33.56
C4 PLM KA . -24.88 -30.74 -33.86
C5 PLM KA . -25.58 -30.16 -32.63
C6 PLM KA . -24.67 -29.96 -31.42
C7 PLM KA . -23.53 -29.01 -31.76
C8 PLM KA . -22.87 -28.48 -30.48
C9 PLM KA . -21.94 -27.32 -30.81
CA PLM KA . -21.55 -26.55 -29.55
CB PLM KA . -20.44 -27.28 -28.78
CC PLM KA . -19.96 -26.36 -27.65
CD PLM KA . -18.74 -26.96 -26.95
CE PLM KA . -18.50 -26.18 -25.66
CF PLM KA . -17.20 -26.66 -25.01
CG PLM KA . -16.99 -25.90 -23.70
C1 CLR LA . -25.05 -24.43 -3.03
C2 CLR LA . -24.46 -24.17 -1.64
C3 CLR LA . -23.03 -24.66 -1.57
C4 CLR LA . -22.19 -23.97 -2.63
C5 CLR LA . -22.79 -24.12 -4.02
C6 CLR LA . -22.04 -24.53 -5.03
C7 CLR LA . -22.51 -24.71 -6.43
C8 CLR LA . -23.84 -24.01 -6.70
C9 CLR LA . -24.81 -24.26 -5.54
C10 CLR LA . -24.26 -23.75 -4.16
C11 CLR LA . -26.23 -23.78 -5.85
C12 CLR LA . -26.77 -24.26 -7.19
C13 CLR LA . -25.83 -23.93 -8.37
C14 CLR LA . -24.46 -24.54 -8.00
C15 CLR LA . -23.67 -24.47 -9.30
C16 CLR LA . -24.72 -24.70 -10.40
C17 CLR LA . -26.09 -24.68 -9.71
C18 CLR LA . -25.76 -22.41 -8.59
C19 CLR LA . -24.39 -22.22 -4.03
C20 CLR LA . -27.21 -24.18 -10.65
C21 CLR LA . -28.56 -24.05 -9.96
C22 CLR LA . -27.32 -25.10 -11.89
C23 CLR LA . -28.30 -24.66 -12.97
C24 CLR LA . -28.04 -25.30 -14.32
C25 CLR LA . -29.22 -25.33 -15.29
C26 CLR LA . -28.80 -25.89 -16.64
C27 CLR LA . -29.87 -23.97 -15.46
O1 CLR LA . -22.49 -24.40 -0.28
C1 D10 MA . -37.33 -25.09 1.61
C2 D10 MA . -36.15 -25.33 0.66
C3 D10 MA . -36.65 -25.29 -0.78
C4 D10 MA . -35.46 -25.40 -1.73
C5 D10 MA . -35.93 -25.32 -3.18
C6 D10 MA . -34.73 -25.22 -4.11
C7 D10 MA . -35.17 -24.98 -5.55
C8 D10 MA . -35.85 -26.22 -6.13
C9 D10 MA . -35.92 -26.09 -7.65
C10 D10 MA . -36.54 -27.36 -8.24
CAD PGW NA . -45.74 -29.33 -31.13
OAE PGW NA . -45.83 -28.73 -32.40
OAF PGW NA . -47.71 -30.56 -31.68
P PGW NA . -49.74 -29.13 -28.47
C01 PGW NA . -47.65 -28.61 -23.91
C1 PGW NA . -48.57 -31.18 -23.18
O01 PGW NA . -49.08 -30.53 -24.33
C02 PGW NA . -48.23 -29.60 -24.94
C2 PGW NA . -47.32 -32.07 -23.29
O02 PGW NA . -49.10 -31.02 -22.14
C03 PGW NA . -49.01 -28.81 -25.98
C3 PGW NA . -47.01 -32.76 -21.95
O03 PGW NA . -48.65 -28.28 -22.95
C04 PGW NA . -48.01 -28.56 -30.41
C4 PGW NA . -46.32 -31.77 -21.00
O04 PGW NA . -48.95 -26.32 -21.88
C05 PGW NA . -47.12 -29.78 -30.67
C5 PGW NA . -46.14 -32.39 -19.60
C06 PGW NA . -46.67 -28.18 -14.34
C6 PGW NA . -46.22 -31.32 -18.49
C07 PGW NA . -45.54 -27.79 -13.40
C7 PGW NA . -44.97 -30.42 -18.47
C08 PGW NA . -45.94 -28.19 -11.98
C8 PGW NA . -45.32 -29.02 -17.92
C09 PGW NA . -45.45 -27.14 -10.97
C9 PGW NA . -45.76 -29.13 -16.45
C10 PGW NA . -46.24 -28.06 -15.82
C11 PGW NA . -45.78 -27.66 -9.55
O11 PGW NA . -49.56 -29.68 -26.93
C12 PGW NA . -44.55 -28.32 -8.90
O12 PGW NA . -48.30 -28.48 -29.02
C13 PGW NA . -44.84 -28.60 -7.42
O13 PGW NA . -50.16 -30.26 -29.37
C14 PGW NA . -44.46 -27.39 -6.55
O14 PGW NA . -50.80 -28.06 -28.50
C15 PGW NA . -40.61 -24.21 -15.60
C16 PGW NA . -40.46 -24.94 -14.24
C17 PGW NA . -41.51 -24.35 -13.26
C18 PGW NA . -41.87 -25.38 -12.17
C19 PGW NA . -48.27 -27.29 -22.01
C20 PGW NA . -46.99 -27.45 -21.14
C21 PGW NA . -45.95 -26.45 -21.64
C22 PGW NA . -44.69 -26.44 -20.78
C23 PGW NA . -44.91 -25.57 -19.52
C24 PGW NA . -43.70 -25.68 -18.57
C25 PGW NA . -42.87 -24.38 -18.64
C26 PGW NA . -41.49 -24.55 -17.95
C27 PGW NA . -41.69 -24.90 -16.47
C28 PGW NA . -40.66 -25.86 -11.36
C29 PGW NA . -38.98 -25.17 -9.62
C30 PGW NA . -39.82 -24.69 -10.81
C1 CLR OA . -14.23 -25.12 -9.43
C2 CLR OA . -13.11 -25.31 -8.40
C3 CLR OA . -13.20 -24.26 -7.32
C4 CLR OA . -14.54 -24.31 -6.64
C5 CLR OA . -15.69 -24.21 -7.63
C6 CLR OA . -16.66 -23.33 -7.46
C7 CLR OA . -17.82 -23.14 -8.37
C8 CLR OA . -18.03 -24.32 -9.31
C9 CLR OA . -16.68 -24.75 -9.90
C10 CLR OA . -15.64 -25.18 -8.82
C11 CLR OA . -16.87 -25.79 -11.02
C12 CLR OA . -17.88 -25.37 -12.09
C13 CLR OA . -19.25 -25.01 -11.50
C14 CLR OA . -18.97 -23.91 -10.45
C15 CLR OA . -20.35 -23.37 -10.12
C16 CLR OA . -21.02 -23.31 -11.49
C17 CLR OA . -20.24 -24.25 -12.44
C18 CLR OA . -19.92 -26.25 -10.88
C19 CLR OA . -15.92 -26.60 -8.29
C20 CLR OA . -21.19 -25.02 -13.38
C21 CLR OA . -20.45 -26.01 -14.30
C22 CLR OA . -22.02 -24.04 -14.23
C23 CLR OA . -22.92 -24.64 -15.30
C24 CLR OA . -23.85 -23.62 -15.93
C25 CLR OA . -24.87 -24.14 -16.94
C26 CLR OA . -25.72 -23.02 -17.50
C27 CLR OA . -24.23 -24.94 -18.06
O1 CLR OA . -12.16 -24.49 -6.35
#